data_3ZUS
#
_entry.id   3ZUS
#
_cell.length_a   89.179
_cell.length_b   204.969
_cell.length_c   130.883
_cell.angle_alpha   90.00
_cell.angle_beta   91.91
_cell.angle_gamma   90.00
#
_symmetry.space_group_name_H-M   'P 1 21 1'
#
loop_
_entity.id
_entity.type
_entity.pdbx_description
1 polymer 'BOTULINUM NEUROTOXIN TYPE A, SYNAPTOSOMAL-ASSOCIATED PROTEIN 23'
2 non-polymer 'ZINC ION'
3 water water
#
_entity_poly.entity_id   1
_entity_poly.type   'polypeptide(L)'
_entity_poly.pdbx_seq_one_letter_code
;AMEFVNKQFNYKDPVNGVDIAYIKIPNAGQMQPVKAFKIHNKIWVIPERDTFTNPEEGDLNPPPEAKQVPVSYYDSTYLS
TDNEKDNYLKGVTKLFERIYSTDLGRMLLTSIVRGIPFWGGSTIDTELKVIDTNCINVIQPDGSYRSEELNLVIIGPSAD
IIQFECKSFGHEVLNLTRNGYGSTQYIRFSPDFTFGFEESLEVDTNPLLGAGKFATDPAVTLAHELIHAGHRLYGIAINP
NRVFKVNTNAYYEMSGLEVSFEELRTFGGHDAKFIDSLQENEFRLYYYNKFKDIASTLNKAKSIVGTTASLQYMKNVFKE
KYLLSEDTSGKFSVDKLKFDKLYKMLTEIYTEDNFVKFFKVLNRKTYLNFDKAVFKINIVPKVNYTIYDGFNLRNTNLAA
NFNGQNTEINNMNFTKLKNFTGLFEFYKLLCVDEMEENLTQVGSILGNLKDMALNIGNEIDAQNRQIKRITDKADTNRDR
IDIANARAKKLIDSANSALALQCIKVNNWDLFFSPSEDNFTNDLNKGEEITSDTNIEAAEENISLDLIQQYYLTFNFDNE
PENISIENLSSDIIGQLELMPNIERFPNGKKYELDKYTMFHYLRAQEFEHGKSRIALTNSVNEALLNPSRVYTFFSSDYV
KKVNKATEAAMFLGWVEQLVYDFTDETSEVSTTDKIADITIIIPYIGPALNIGNMLYKDDFVGALIFSGAVILLEFIPEI
AIPVLGTFALVSYIANKVLTVQTIDNALSKRNEKWDEVYKYIVTNWLAKVNTQIDLIRKKMKEALENQAEATKAIINYQY
NQYTEEEKNNINFNIDDLSSKLNESINKAMININKFLNQCSVSYLMNSMIPYGVKRLEDFDASLKDALLKYIYDNRGTLI
GQVDRLKDKVNNTLSTDIPFQLSKYVDNQRLLSTLEAHHHHHHHHHH
;
_entity_poly.pdbx_strand_id   A,B,C,D
#
# COMPACT_ATOMS: atom_id res chain seq x y z
N MET A 2 19.95 -5.40 11.54
CA MET A 2 21.27 -6.00 11.17
C MET A 2 22.38 -5.60 12.16
N GLU A 3 22.05 -4.76 13.13
CA GLU A 3 23.03 -4.29 14.11
C GLU A 3 23.33 -5.33 15.19
N PHE A 4 22.28 -5.80 15.86
CA PHE A 4 22.45 -6.77 16.94
C PHE A 4 22.43 -8.21 16.43
N VAL A 5 21.35 -8.58 15.75
CA VAL A 5 21.26 -9.89 15.10
C VAL A 5 21.94 -9.79 13.73
N ASN A 6 22.93 -10.63 13.51
CA ASN A 6 23.80 -10.49 12.34
C ASN A 6 23.32 -11.25 11.09
N LYS A 7 22.65 -12.38 11.30
CA LYS A 7 22.10 -13.16 10.18
C LYS A 7 20.59 -13.03 10.07
N GLN A 8 20.10 -13.06 8.83
CA GLN A 8 18.68 -13.03 8.54
C GLN A 8 18.17 -14.47 8.46
N PHE A 9 17.74 -15.00 9.60
CA PHE A 9 17.41 -16.43 9.71
C PHE A 9 16.06 -16.82 9.13
N ASN A 10 16.04 -18.01 8.53
CA ASN A 10 14.80 -18.70 8.20
C ASN A 10 14.79 -20.02 8.97
N TYR A 11 13.60 -20.52 9.31
CA TYR A 11 13.50 -21.78 10.06
C TYR A 11 13.94 -22.99 9.24
N LYS A 12 13.68 -22.96 7.94
CA LYS A 12 14.01 -24.08 7.05
C LYS A 12 15.48 -24.11 6.62
N ASP A 13 16.29 -23.20 7.18
CA ASP A 13 17.73 -23.16 6.91
C ASP A 13 18.45 -24.44 7.37
N PRO A 14 19.45 -24.90 6.60
CA PRO A 14 20.17 -26.13 6.93
C PRO A 14 20.99 -26.02 8.21
N VAL A 15 21.00 -27.10 8.99
CA VAL A 15 21.78 -27.18 10.23
C VAL A 15 23.28 -27.18 9.91
N ASN A 16 24.03 -26.30 10.55
CA ASN A 16 25.47 -26.18 10.32
C ASN A 16 26.35 -26.50 11.54
N GLY A 17 25.79 -26.35 12.73
CA GLY A 17 26.50 -26.70 13.96
C GLY A 17 27.27 -25.56 14.61
N VAL A 18 27.09 -24.35 14.09
CA VAL A 18 27.75 -23.16 14.63
C VAL A 18 26.72 -22.15 15.13
N ASP A 19 25.78 -21.78 14.26
CA ASP A 19 24.70 -20.84 14.62
C ASP A 19 23.31 -21.40 14.32
N ILE A 20 23.25 -22.48 13.56
CA ILE A 20 22.01 -23.23 13.34
C ILE A 20 22.29 -24.70 13.61
N ALA A 21 21.75 -25.21 14.71
CA ALA A 21 22.02 -26.59 15.13
C ALA A 21 20.94 -27.17 16.02
N TYR A 22 20.80 -28.49 16.00
CA TYR A 22 20.02 -29.21 17.00
C TYR A 22 20.80 -29.20 18.31
N ILE A 23 20.19 -28.69 19.37
CA ILE A 23 20.88 -28.56 20.65
C ILE A 23 20.21 -29.37 21.77
N LYS A 24 20.96 -29.60 22.83
CA LYS A 24 20.42 -30.21 24.05
C LYS A 24 20.75 -29.37 25.27
N ILE A 25 19.71 -29.09 26.06
CA ILE A 25 19.85 -28.25 27.25
C ILE A 25 19.82 -29.10 28.52
N PRO A 26 20.24 -28.52 29.67
CA PRO A 26 20.15 -29.24 30.94
C PRO A 26 18.75 -29.80 31.16
N ASN A 27 18.68 -31.10 31.47
CA ASN A 27 17.41 -31.80 31.55
C ASN A 27 17.33 -32.70 32.77
N ALA A 28 16.12 -32.94 33.25
CA ALA A 28 15.89 -33.84 34.37
C ALA A 28 16.15 -35.30 33.98
N GLY A 29 15.74 -35.68 32.78
CA GLY A 29 15.97 -37.02 32.26
C GLY A 29 16.75 -37.00 30.95
N GLN A 30 16.14 -37.54 29.90
CA GLN A 30 16.76 -37.63 28.59
C GLN A 30 15.86 -37.00 27.53
N MET A 31 16.34 -35.90 26.94
CA MET A 31 15.56 -35.16 25.95
C MET A 31 16.03 -35.44 24.52
N GLN A 32 15.13 -35.23 23.57
CA GLN A 32 15.49 -35.27 22.16
C GLN A 32 15.85 -33.87 21.66
N PRO A 33 16.86 -33.78 20.77
CA PRO A 33 17.39 -32.48 20.31
C PRO A 33 16.34 -31.61 19.63
N VAL A 34 16.45 -30.30 19.84
CA VAL A 34 15.58 -29.33 19.20
C VAL A 34 16.39 -28.34 18.36
N LYS A 35 15.85 -27.94 17.21
CA LYS A 35 16.52 -27.01 16.32
C LYS A 35 16.56 -25.61 16.92
N ALA A 36 17.77 -25.05 17.02
CA ALA A 36 17.97 -23.76 17.67
C ALA A 36 18.85 -22.83 16.85
N PHE A 37 18.72 -21.53 17.13
CA PHE A 37 19.36 -20.49 16.32
C PHE A 37 20.09 -19.48 17.20
N LYS A 38 21.38 -19.30 16.93
CA LYS A 38 22.22 -18.36 17.67
C LYS A 38 22.17 -16.97 17.02
N ILE A 39 21.32 -16.10 17.56
CA ILE A 39 21.10 -14.76 16.99
C ILE A 39 22.25 -13.78 17.28
N HIS A 40 22.93 -13.99 18.40
CA HIS A 40 24.05 -13.17 18.82
C HIS A 40 24.95 -14.00 19.71
N ASN A 41 26.15 -13.49 19.99
CA ASN A 41 27.05 -14.12 20.94
C ASN A 41 26.39 -14.33 22.30
N LYS A 42 26.42 -15.58 22.77
CA LYS A 42 25.85 -15.99 24.08
C LYS A 42 24.31 -16.10 24.10
N ILE A 43 23.66 -15.74 23.00
CA ILE A 43 22.18 -15.71 22.95
C ILE A 43 21.60 -16.64 21.89
N TRP A 44 20.79 -17.60 22.34
CA TRP A 44 20.16 -18.60 21.47
C TRP A 44 18.63 -18.49 21.47
N VAL A 45 18.01 -19.04 20.42
CA VAL A 45 16.55 -19.02 20.28
C VAL A 45 16.03 -20.41 19.90
N ILE A 46 15.08 -20.92 20.68
CA ILE A 46 14.43 -22.20 20.40
C ILE A 46 12.93 -21.99 20.09
N PRO A 47 12.56 -22.02 18.79
CA PRO A 47 11.17 -21.82 18.37
C PRO A 47 10.28 -23.04 18.63
N GLU A 48 10.21 -23.47 19.89
CA GLU A 48 9.34 -24.58 20.28
C GLU A 48 8.55 -24.20 21.53
N ARG A 49 7.43 -24.88 21.74
CA ARG A 49 6.70 -24.76 23.00
C ARG A 49 7.51 -25.44 24.09
N ASP A 50 7.67 -24.76 25.23
CA ASP A 50 8.48 -25.26 26.32
C ASP A 50 7.82 -26.45 27.02
N THR A 51 8.38 -27.65 26.78
CA THR A 51 7.90 -28.88 27.39
C THR A 51 9.05 -29.68 28.01
N PHE A 52 10.27 -29.17 27.89
CA PHE A 52 11.47 -29.90 28.31
C PHE A 52 12.17 -29.40 29.58
N THR A 53 12.05 -28.10 29.88
CA THR A 53 12.67 -27.55 31.09
C THR A 53 12.01 -28.05 32.37
N ASN A 54 10.69 -28.24 32.30
CA ASN A 54 9.91 -28.72 33.44
C ASN A 54 9.29 -30.10 33.15
N PRO A 55 9.66 -31.12 33.94
CA PRO A 55 9.10 -32.47 33.79
C PRO A 55 7.60 -32.52 34.09
N GLU A 56 7.12 -31.59 34.91
CA GLU A 56 5.71 -31.52 35.29
C GLU A 56 4.87 -30.62 34.36
N GLU A 57 5.54 -30.00 33.39
CA GLU A 57 4.85 -29.18 32.39
C GLU A 57 5.07 -29.74 30.97
N GLY A 58 4.39 -30.83 30.67
CA GLY A 58 4.41 -31.43 29.33
C GLY A 58 3.11 -31.19 28.60
N ASP A 59 2.01 -31.19 29.36
CA ASP A 59 0.67 -30.97 28.82
C ASP A 59 0.45 -29.49 28.51
N LEU A 60 -0.05 -29.21 27.30
CA LEU A 60 -0.32 -27.84 26.86
C LEU A 60 -1.81 -27.49 26.95
N ASN A 61 -2.56 -28.30 27.71
CA ASN A 61 -3.98 -28.07 27.95
C ASN A 61 -4.23 -27.27 29.23
N PRO A 62 -5.39 -26.59 29.32
CA PRO A 62 -5.76 -25.83 30.52
C PRO A 62 -5.73 -26.68 31.80
N PRO A 63 -5.15 -26.14 32.89
CA PRO A 63 -4.94 -26.88 34.14
C PRO A 63 -6.27 -27.22 34.83
N PRO A 64 -6.26 -28.22 35.74
CA PRO A 64 -7.46 -28.58 36.49
C PRO A 64 -8.07 -27.36 37.19
N GLU A 65 -7.23 -26.60 37.89
CA GLU A 65 -7.64 -25.33 38.50
C GLU A 65 -7.32 -24.17 37.56
N ALA A 66 -8.11 -23.11 37.66
CA ALA A 66 -8.10 -22.01 36.69
C ALA A 66 -6.82 -21.18 36.64
N LYS A 67 -6.18 -20.95 37.79
CA LYS A 67 -4.97 -20.12 37.91
C LYS A 67 -5.30 -18.62 38.08
N GLN A 68 -4.69 -18.02 39.09
CA GLN A 68 -5.08 -16.68 39.57
C GLN A 68 -4.37 -15.52 38.86
N VAL A 69 -4.71 -15.31 37.60
CA VAL A 69 -4.18 -14.20 36.80
C VAL A 69 -5.33 -13.47 36.07
N PRO A 70 -5.19 -12.14 35.86
CA PRO A 70 -6.25 -11.35 35.21
C PRO A 70 -6.62 -11.87 33.83
N VAL A 71 -5.60 -12.16 33.01
CA VAL A 71 -5.80 -12.63 31.65
C VAL A 71 -4.90 -13.84 31.37
N SER A 72 -5.49 -14.91 30.84
CA SER A 72 -4.73 -16.10 30.43
C SER A 72 -5.27 -16.66 29.12
N TYR A 73 -4.42 -17.36 28.38
CA TYR A 73 -4.79 -17.91 27.07
C TYR A 73 -4.16 -19.27 26.82
N TYR A 74 -4.97 -20.21 26.34
CA TYR A 74 -4.55 -21.58 26.12
C TYR A 74 -4.87 -22.05 24.71
N ASP A 75 -3.85 -22.60 24.05
CA ASP A 75 -3.97 -23.14 22.70
C ASP A 75 -2.80 -24.08 22.45
N SER A 76 -3.09 -25.38 22.39
CA SER A 76 -2.06 -26.39 22.21
C SER A 76 -1.52 -26.46 20.79
N THR A 77 -2.30 -25.99 19.82
CA THR A 77 -1.89 -26.04 18.40
C THR A 77 -0.85 -24.99 18.03
N TYR A 78 -0.75 -23.93 18.85
CA TYR A 78 0.20 -22.84 18.60
C TYR A 78 1.65 -23.30 18.67
N LEU A 79 2.44 -22.85 17.70
CA LEU A 79 3.86 -23.21 17.54
C LEU A 79 4.12 -24.68 17.26
N SER A 80 3.37 -25.25 16.31
CA SER A 80 3.58 -26.62 15.86
C SER A 80 3.97 -26.67 14.39
N THR A 81 3.43 -25.75 13.60
CA THR A 81 3.74 -25.64 12.17
C THR A 81 5.10 -24.96 11.96
N ASP A 82 5.78 -25.33 10.88
CA ASP A 82 7.05 -24.70 10.50
C ASP A 82 6.88 -23.23 10.12
N ASN A 83 5.72 -22.88 9.57
CA ASN A 83 5.40 -21.49 9.26
C ASN A 83 5.31 -20.63 10.51
N GLU A 84 4.68 -21.17 11.55
CA GLU A 84 4.58 -20.50 12.84
C GLU A 84 5.94 -20.33 13.50
N LYS A 85 6.78 -21.37 13.43
CA LYS A 85 8.12 -21.34 14.00
C LYS A 85 9.04 -20.36 13.29
N ASP A 86 8.84 -20.22 11.97
CA ASP A 86 9.59 -19.27 11.16
C ASP A 86 9.21 -17.83 11.52
N ASN A 87 7.90 -17.60 11.69
CA ASN A 87 7.39 -16.28 12.05
C ASN A 87 7.71 -15.90 13.48
N TYR A 88 7.86 -16.91 14.34
CA TYR A 88 8.31 -16.71 15.72
C TYR A 88 9.74 -16.20 15.73
N LEU A 89 10.58 -16.85 14.92
CA LEU A 89 12.01 -16.56 14.83
C LEU A 89 12.25 -15.16 14.28
N LYS A 90 11.45 -14.75 13.31
CA LYS A 90 11.54 -13.43 12.72
C LYS A 90 11.01 -12.35 13.65
N GLY A 91 9.96 -12.70 14.40
CA GLY A 91 9.34 -11.78 15.37
C GLY A 91 10.27 -11.45 16.52
N VAL A 92 10.84 -12.49 17.12
CA VAL A 92 11.80 -12.33 18.22
C VAL A 92 13.04 -11.53 17.77
N THR A 93 13.53 -11.84 16.58
CA THR A 93 14.65 -11.13 15.96
C THR A 93 14.34 -9.63 15.80
N LYS A 94 13.14 -9.33 15.34
CA LYS A 94 12.70 -7.95 15.10
C LYS A 94 12.67 -7.13 16.38
N LEU A 95 12.18 -7.76 17.45
CA LEU A 95 12.08 -7.10 18.75
C LEU A 95 13.45 -6.84 19.38
N PHE A 96 14.38 -7.76 19.16
CA PHE A 96 15.76 -7.58 19.59
C PHE A 96 16.40 -6.36 18.93
N GLU A 97 16.11 -6.18 17.65
CA GLU A 97 16.59 -5.02 16.89
C GLU A 97 15.96 -3.72 17.38
N ARG A 98 14.68 -3.77 17.73
CA ARG A 98 13.98 -2.61 18.27
C ARG A 98 14.51 -2.22 19.64
N ILE A 99 14.76 -3.21 20.50
CA ILE A 99 15.37 -2.96 21.81
C ILE A 99 16.75 -2.33 21.65
N TYR A 100 17.55 -2.88 20.72
CA TYR A 100 18.92 -2.41 20.49
C TYR A 100 19.00 -1.01 19.88
N SER A 101 18.01 -0.64 19.08
CA SER A 101 18.03 0.64 18.38
C SER A 101 17.91 1.86 19.30
N THR A 102 17.48 1.62 20.54
CA THR A 102 17.42 2.67 21.57
C THR A 102 18.72 2.69 22.38
N ASP A 103 19.06 3.85 22.94
CA ASP A 103 20.27 4.00 23.75
C ASP A 103 20.26 3.07 24.96
N LEU A 104 19.12 2.97 25.62
CA LEU A 104 18.97 2.18 26.84
C LEU A 104 19.03 0.68 26.56
N GLY A 105 18.43 0.27 25.45
CA GLY A 105 18.43 -1.13 25.03
C GLY A 105 19.81 -1.60 24.61
N ARG A 106 20.53 -0.71 23.92
CA ARG A 106 21.92 -0.97 23.53
C ARG A 106 22.76 -1.31 24.75
N MET A 107 22.59 -0.51 25.80
CA MET A 107 23.27 -0.73 27.08
C MET A 107 22.90 -2.08 27.69
N LEU A 108 21.60 -2.35 27.77
CA LEU A 108 21.09 -3.57 28.41
C LEU A 108 21.61 -4.84 27.74
N LEU A 109 21.49 -4.91 26.42
CA LEU A 109 21.94 -6.08 25.67
C LEU A 109 23.45 -6.32 25.80
N THR A 110 24.23 -5.24 25.92
CA THR A 110 25.66 -5.36 26.16
C THR A 110 25.95 -5.95 27.54
N SER A 111 25.27 -5.43 28.56
CA SER A 111 25.40 -5.92 29.94
C SER A 111 25.05 -7.41 30.07
N ILE A 112 24.07 -7.86 29.28
CA ILE A 112 23.63 -9.27 29.30
C ILE A 112 24.70 -10.20 28.70
N VAL A 113 25.29 -9.81 27.58
CA VAL A 113 26.39 -10.56 26.97
C VAL A 113 27.61 -10.60 27.92
N ARG A 114 27.91 -9.47 28.54
CA ARG A 114 29.00 -9.36 29.53
C ARG A 114 28.79 -10.24 30.76
N GLY A 115 27.54 -10.42 31.15
CA GLY A 115 27.21 -11.10 32.39
C GLY A 115 27.30 -12.62 32.33
N ILE A 116 28.47 -13.11 31.96
CA ILE A 116 28.72 -14.55 31.88
C ILE A 116 28.60 -15.16 33.27
N PRO A 117 27.81 -16.25 33.40
CA PRO A 117 27.66 -16.95 34.67
C PRO A 117 29.02 -17.40 35.23
N PHE A 118 29.20 -17.19 36.53
CA PHE A 118 30.49 -17.40 37.19
C PHE A 118 30.90 -18.86 37.26
N TRP A 119 32.19 -19.10 37.06
CA TRP A 119 32.78 -20.43 37.12
C TRP A 119 33.03 -20.87 38.57
N GLY A 120 31.94 -21.25 39.24
CA GLY A 120 32.02 -21.69 40.64
C GLY A 120 31.52 -23.09 40.87
N GLY A 121 31.83 -23.99 39.94
CA GLY A 121 31.39 -25.39 40.03
C GLY A 121 32.46 -26.33 40.57
N SER A 122 33.55 -25.76 41.06
CA SER A 122 34.67 -26.54 41.59
C SER A 122 34.51 -26.80 43.08
N THR A 123 34.82 -28.03 43.49
CA THR A 123 34.79 -28.42 44.90
C THR A 123 36.05 -27.96 45.63
N ILE A 124 37.17 -27.90 44.89
CA ILE A 124 38.42 -27.35 45.41
C ILE A 124 38.43 -25.84 45.18
N ASP A 125 38.60 -25.08 46.26
CA ASP A 125 38.42 -23.61 46.23
C ASP A 125 39.57 -22.83 45.57
N THR A 126 40.58 -23.55 45.08
CA THR A 126 41.70 -22.92 44.38
C THR A 126 41.66 -23.20 42.87
N GLU A 127 40.55 -23.78 42.41
CA GLU A 127 40.35 -24.07 40.99
C GLU A 127 39.08 -23.43 40.47
N LEU A 128 39.14 -22.92 39.24
CA LEU A 128 37.96 -22.39 38.55
C LEU A 128 37.40 -23.42 37.59
N LYS A 129 36.15 -23.81 37.83
CA LYS A 129 35.47 -24.79 36.98
C LYS A 129 34.06 -24.31 36.60
N VAL A 130 33.69 -24.56 35.34
CA VAL A 130 32.40 -24.16 34.81
C VAL A 130 31.26 -25.03 35.39
N ILE A 131 30.15 -24.40 35.73
CA ILE A 131 28.96 -25.12 36.17
C ILE A 131 28.24 -25.64 34.92
N ASP A 132 28.07 -26.95 34.85
CA ASP A 132 27.57 -27.64 33.66
C ASP A 132 26.20 -27.17 33.15
N THR A 133 25.34 -26.73 34.07
CA THR A 133 23.98 -26.28 33.73
C THR A 133 23.97 -24.90 33.05
N ASN A 134 25.12 -24.23 33.05
CA ASN A 134 25.28 -22.95 32.36
C ASN A 134 25.68 -23.12 30.88
N CYS A 135 25.56 -24.35 30.39
CA CYS A 135 25.99 -24.70 29.04
C CYS A 135 24.94 -25.51 28.28
N ILE A 136 25.09 -25.57 26.96
CA ILE A 136 24.27 -26.43 26.11
C ILE A 136 25.14 -27.29 25.20
N ASN A 137 24.60 -28.40 24.73
CA ASN A 137 25.32 -29.28 23.79
C ASN A 137 24.91 -29.02 22.34
N VAL A 138 25.84 -28.47 21.56
CA VAL A 138 25.59 -28.16 20.16
C VAL A 138 25.98 -29.35 19.28
N ILE A 139 24.97 -29.97 18.67
CA ILE A 139 25.18 -31.14 17.81
C ILE A 139 25.59 -30.73 16.41
N GLN A 140 26.64 -31.38 15.90
CA GLN A 140 27.21 -31.09 14.59
C GLN A 140 26.61 -32.00 13.50
N PRO A 141 26.78 -31.63 12.21
CA PRO A 141 26.28 -32.45 11.10
C PRO A 141 26.84 -33.87 11.07
N ASP A 142 28.08 -34.04 11.51
CA ASP A 142 28.75 -35.35 11.50
C ASP A 142 28.20 -36.35 12.52
N GLY A 143 27.61 -35.84 13.60
CA GLY A 143 27.06 -36.70 14.64
C GLY A 143 27.52 -36.35 16.04
N SER A 144 28.78 -35.94 16.16
CA SER A 144 29.36 -35.55 17.44
C SER A 144 28.79 -34.23 17.96
N TYR A 145 29.01 -33.95 19.24
CA TYR A 145 28.51 -32.73 19.86
C TYR A 145 29.62 -31.89 20.48
N ARG A 146 29.36 -30.59 20.64
CA ARG A 146 30.30 -29.65 21.23
C ARG A 146 29.60 -28.76 22.24
N SER A 147 30.06 -28.81 23.50
CA SER A 147 29.50 -28.00 24.58
C SER A 147 29.89 -26.54 24.43
N GLU A 148 28.98 -25.64 24.81
CA GLU A 148 29.17 -24.20 24.65
C GLU A 148 28.54 -23.41 25.80
N GLU A 149 29.29 -22.42 26.30
CA GLU A 149 28.77 -21.48 27.30
C GLU A 149 27.81 -20.51 26.65
N LEU A 150 26.82 -20.07 27.42
CA LEU A 150 25.84 -19.08 26.99
C LEU A 150 25.19 -18.38 28.17
N ASN A 151 24.54 -17.25 27.90
CA ASN A 151 23.88 -16.44 28.94
C ASN A 151 22.37 -16.51 28.88
N LEU A 152 21.83 -16.54 27.67
CA LEU A 152 20.40 -16.36 27.46
C LEU A 152 19.84 -17.31 26.40
N VAL A 153 18.65 -17.84 26.68
CA VAL A 153 17.91 -18.67 25.73
C VAL A 153 16.45 -18.23 25.66
N ILE A 154 15.96 -17.98 24.46
CA ILE A 154 14.57 -17.61 24.23
C ILE A 154 13.77 -18.82 23.70
N ILE A 155 12.87 -19.31 24.54
CA ILE A 155 11.96 -20.41 24.19
C ILE A 155 10.52 -19.94 24.14
N GLY A 156 9.68 -20.68 23.42
CA GLY A 156 8.25 -20.41 23.36
C GLY A 156 7.56 -20.75 24.67
N PRO A 157 6.28 -20.38 24.80
CA PRO A 157 5.56 -20.50 26.06
C PRO A 157 5.16 -21.93 26.40
N SER A 158 4.84 -22.16 27.68
CA SER A 158 4.30 -23.43 28.14
C SER A 158 2.81 -23.51 27.80
N ALA A 159 2.01 -24.11 28.68
CA ALA A 159 0.57 -24.24 28.46
C ALA A 159 -0.10 -22.87 28.31
N ASP A 160 0.09 -21.99 29.29
CA ASP A 160 -0.40 -20.62 29.23
C ASP A 160 0.51 -19.77 28.33
N ILE A 161 0.00 -19.46 27.15
CA ILE A 161 0.76 -18.82 26.08
C ILE A 161 1.27 -17.42 26.44
N ILE A 162 0.50 -16.67 27.22
CA ILE A 162 0.86 -15.30 27.56
C ILE A 162 1.52 -15.15 28.93
N GLN A 163 1.91 -16.27 29.52
CA GLN A 163 2.67 -16.24 30.77
C GLN A 163 4.17 -16.21 30.45
N PHE A 164 4.76 -15.03 30.54
CA PHE A 164 6.18 -14.86 30.25
C PHE A 164 6.97 -14.79 31.56
N GLU A 165 8.13 -15.45 31.58
CA GLU A 165 8.94 -15.56 32.80
C GLU A 165 10.38 -16.00 32.55
N CYS A 166 11.27 -15.61 33.45
CA CYS A 166 12.65 -16.06 33.44
C CYS A 166 12.82 -17.33 34.27
N LYS A 167 13.40 -18.36 33.66
CA LYS A 167 13.73 -19.60 34.35
C LYS A 167 15.23 -19.85 34.31
N SER A 168 15.74 -20.52 35.33
CA SER A 168 17.15 -20.92 35.38
C SER A 168 17.31 -22.20 36.19
N PHE A 169 18.30 -23.00 35.84
CA PHE A 169 18.60 -24.23 36.55
C PHE A 169 19.44 -23.95 37.79
N GLY A 170 19.10 -24.62 38.88
CA GLY A 170 19.74 -24.38 40.17
C GLY A 170 20.91 -25.29 40.48
N HIS A 171 21.66 -24.92 41.52
CA HIS A 171 22.73 -25.74 42.06
C HIS A 171 22.18 -26.46 43.28
N GLU A 172 22.81 -27.56 43.68
CA GLU A 172 22.33 -28.33 44.82
C GLU A 172 22.56 -27.60 46.15
N VAL A 173 23.60 -26.78 46.20
CA VAL A 173 23.94 -26.05 47.42
C VAL A 173 23.93 -24.52 47.24
N LEU A 174 24.33 -24.04 46.06
CA LEU A 174 24.43 -22.61 45.79
C LEU A 174 23.14 -22.00 45.25
N ASN A 175 22.86 -20.77 45.67
CA ASN A 175 21.74 -19.99 45.12
C ASN A 175 22.28 -19.02 44.08
N LEU A 176 22.40 -19.52 42.85
CA LEU A 176 23.14 -18.84 41.78
C LEU A 176 22.61 -17.46 41.39
N THR A 177 21.30 -17.27 41.50
CA THR A 177 20.66 -16.01 41.13
C THR A 177 20.65 -14.96 42.24
N ARG A 178 21.23 -15.31 43.39
CA ARG A 178 21.19 -14.43 44.56
C ARG A 178 22.53 -14.31 45.29
N ASN A 179 23.56 -14.97 44.76
CA ASN A 179 24.89 -14.95 45.39
C ASN A 179 25.94 -14.16 44.60
N GLY A 180 25.54 -13.63 43.46
CA GLY A 180 26.45 -12.85 42.61
C GLY A 180 27.03 -13.65 41.46
N TYR A 181 26.95 -14.97 41.54
CA TYR A 181 27.48 -15.85 40.50
C TYR A 181 26.73 -15.64 39.18
N GLY A 182 25.44 -15.95 39.19
CA GLY A 182 24.60 -15.88 37.99
C GLY A 182 24.50 -17.23 37.32
N SER A 183 23.40 -17.43 36.59
CA SER A 183 23.17 -18.66 35.82
C SER A 183 22.50 -18.34 34.48
N THR A 184 22.63 -19.26 33.54
CA THR A 184 22.00 -19.13 32.22
C THR A 184 20.49 -19.00 32.34
N GLN A 185 19.93 -18.00 31.65
CA GLN A 185 18.53 -17.66 31.74
C GLN A 185 17.71 -18.14 30.55
N TYR A 186 16.60 -18.82 30.84
CA TYR A 186 15.66 -19.28 29.83
C TYR A 186 14.38 -18.49 29.95
N ILE A 187 14.08 -17.68 28.92
CA ILE A 187 12.89 -16.83 28.92
C ILE A 187 11.80 -17.44 28.05
N ARG A 188 10.63 -17.64 28.66
CA ARG A 188 9.44 -18.08 27.91
C ARG A 188 8.75 -16.86 27.33
N PHE A 189 8.73 -16.76 26.01
CA PHE A 189 8.24 -15.56 25.34
C PHE A 189 7.57 -15.86 24.00
N SER A 190 6.60 -15.03 23.64
CA SER A 190 5.94 -15.09 22.34
C SER A 190 5.70 -13.69 21.75
N PRO A 191 6.16 -13.46 20.50
CA PRO A 191 5.94 -12.18 19.84
C PRO A 191 4.64 -12.13 19.05
N ASP A 192 3.82 -13.18 19.18
CA ASP A 192 2.62 -13.36 18.38
C ASP A 192 1.35 -12.98 19.13
N PHE A 193 1.50 -12.67 20.42
CA PHE A 193 0.40 -12.29 21.28
C PHE A 193 0.81 -11.11 22.15
N THR A 194 -0.16 -10.28 22.52
CA THR A 194 0.07 -9.19 23.46
C THR A 194 -1.13 -8.90 24.37
N PHE A 195 -0.88 -8.09 25.40
CA PHE A 195 -1.90 -7.73 26.39
C PHE A 195 -2.69 -6.49 25.97
N GLY A 196 -3.97 -6.49 26.31
CA GLY A 196 -4.81 -5.31 26.11
C GLY A 196 -5.00 -4.62 27.44
N PHE A 197 -4.63 -3.35 27.50
CA PHE A 197 -4.77 -2.55 28.70
C PHE A 197 -5.55 -1.27 28.42
N GLU A 198 -5.89 -0.54 29.47
CA GLU A 198 -6.61 0.73 29.33
C GLU A 198 -5.89 1.85 30.08
N GLU A 199 -5.75 3.00 29.43
CA GLU A 199 -5.03 4.13 30.00
C GLU A 199 -5.78 5.44 29.78
N SER A 200 -5.66 6.37 30.73
CA SER A 200 -6.39 7.63 30.72
C SER A 200 -5.57 8.80 31.28
N LEU A 201 -4.29 8.54 31.53
CA LEU A 201 -3.44 9.48 32.23
C LEU A 201 -2.71 10.43 31.28
N GLU A 202 -2.67 10.06 30.00
CA GLU A 202 -1.92 10.78 28.97
C GLU A 202 -2.76 11.81 28.22
N VAL A 203 -4.03 11.92 28.61
CA VAL A 203 -5.00 12.81 27.93
C VAL A 203 -4.67 14.30 28.05
N ASP A 204 -3.84 14.65 29.03
CA ASP A 204 -3.37 16.02 29.22
C ASP A 204 -2.57 16.46 27.99
N THR A 205 -1.67 15.58 27.57
CA THR A 205 -0.82 15.82 26.41
C THR A 205 -1.49 15.40 25.11
N ASN A 206 -2.37 14.40 25.18
CA ASN A 206 -3.09 13.89 24.00
C ASN A 206 -4.62 13.93 24.16
N PRO A 207 -5.26 15.05 23.79
CA PRO A 207 -6.71 15.21 23.94
C PRO A 207 -7.55 14.36 22.98
N LEU A 208 -6.97 13.95 21.86
CA LEU A 208 -7.69 13.19 20.84
C LEU A 208 -7.47 11.67 20.95
N LEU A 209 -7.08 11.22 22.14
CA LEU A 209 -6.75 9.81 22.39
C LEU A 209 -7.87 8.85 22.00
N GLY A 210 -7.50 7.70 21.44
CA GLY A 210 -8.44 6.70 20.95
C GLY A 210 -9.36 6.12 21.99
N ALA A 211 -10.44 5.47 21.53
CA ALA A 211 -11.53 5.03 22.39
C ALA A 211 -11.19 3.87 23.34
N GLY A 212 -11.21 2.64 22.82
CA GLY A 212 -11.22 1.45 23.66
C GLY A 212 -9.92 1.06 24.32
N LYS A 213 -9.49 -0.17 24.06
CA LYS A 213 -8.30 -0.74 24.65
C LYS A 213 -7.06 -0.48 23.81
N PHE A 214 -5.91 -0.37 24.47
CA PHE A 214 -4.63 -0.23 23.80
C PHE A 214 -3.81 -1.50 23.94
N ALA A 215 -2.95 -1.75 22.96
CA ALA A 215 -2.14 -2.95 22.93
C ALA A 215 -0.70 -2.66 23.37
N THR A 216 -0.19 -3.53 24.24
CA THR A 216 1.18 -3.42 24.73
C THR A 216 2.15 -3.78 23.62
N ASP A 217 3.04 -2.86 23.31
CA ASP A 217 4.14 -3.11 22.38
C ASP A 217 4.99 -4.25 22.97
N PRO A 218 5.09 -5.38 22.25
CA PRO A 218 5.79 -6.55 22.79
C PRO A 218 7.30 -6.37 23.04
N ALA A 219 7.87 -5.30 22.50
CA ALA A 219 9.28 -4.96 22.77
C ALA A 219 9.46 -4.56 24.23
N VAL A 220 8.49 -3.81 24.76
CA VAL A 220 8.45 -3.42 26.16
C VAL A 220 8.40 -4.68 27.02
N THR A 221 7.51 -5.59 26.66
CA THR A 221 7.34 -6.85 27.36
C THR A 221 8.64 -7.66 27.39
N LEU A 222 9.29 -7.80 26.23
CA LEU A 222 10.55 -8.51 26.11
C LEU A 222 11.63 -7.84 26.95
N ALA A 223 11.76 -6.52 26.80
CA ALA A 223 12.71 -5.73 27.58
C ALA A 223 12.49 -5.92 29.08
N HIS A 224 11.23 -6.13 29.47
CA HIS A 224 10.88 -6.41 30.85
C HIS A 224 11.47 -7.73 31.31
N GLU A 225 11.39 -8.75 30.45
CA GLU A 225 11.92 -10.07 30.80
C GLU A 225 13.45 -10.11 30.73
N LEU A 226 14.03 -9.30 29.85
CA LEU A 226 15.50 -9.17 29.76
C LEU A 226 16.09 -8.51 31.00
N ILE A 227 15.36 -7.58 31.60
CA ILE A 227 15.79 -6.95 32.85
C ILE A 227 15.82 -7.99 33.98
N HIS A 228 14.77 -8.80 34.07
CA HIS A 228 14.73 -9.92 35.00
C HIS A 228 15.94 -10.84 34.80
N ALA A 229 16.27 -11.08 33.52
CA ALA A 229 17.45 -11.87 33.16
C ALA A 229 18.74 -11.15 33.58
N GLY A 230 18.76 -9.83 33.39
CA GLY A 230 19.88 -8.99 33.80
C GLY A 230 20.25 -9.18 35.26
N HIS A 231 19.27 -9.01 36.15
CA HIS A 231 19.49 -9.19 37.59
C HIS A 231 19.98 -10.60 37.90
N ARG A 232 19.40 -11.57 37.20
CA ARG A 232 19.67 -12.98 37.46
C ARG A 232 21.04 -13.45 36.99
N LEU A 233 21.55 -12.83 35.93
CA LEU A 233 22.87 -13.16 35.40
C LEU A 233 23.99 -12.60 36.30
N TYR A 234 23.70 -11.51 36.98
CA TYR A 234 24.65 -10.88 37.90
C TYR A 234 24.42 -11.33 39.33
N GLY A 235 23.51 -12.29 39.51
CA GLY A 235 23.18 -12.84 40.82
C GLY A 235 22.78 -11.79 41.85
N ILE A 236 21.98 -10.82 41.43
CA ILE A 236 21.52 -9.75 42.31
C ILE A 236 20.00 -9.69 42.41
N ALA A 237 19.34 -10.76 41.96
CA ALA A 237 17.89 -10.84 42.00
C ALA A 237 17.40 -11.02 43.44
N ILE A 238 16.36 -10.28 43.80
CA ILE A 238 15.77 -10.33 45.13
C ILE A 238 15.00 -11.65 45.32
N ASN A 239 15.22 -12.30 46.46
CA ASN A 239 14.57 -13.56 46.82
C ASN A 239 13.08 -13.58 46.48
N PRO A 240 12.63 -14.59 45.69
CA PRO A 240 11.21 -14.73 45.37
C PRO A 240 10.31 -14.89 46.60
N ASN A 241 10.93 -15.17 47.75
CA ASN A 241 10.22 -15.16 49.04
C ASN A 241 9.73 -13.77 49.40
N ARG A 242 10.59 -12.76 49.18
CA ARG A 242 10.28 -11.38 49.52
C ARG A 242 9.14 -10.86 48.63
N VAL A 243 7.92 -11.03 49.12
CA VAL A 243 6.72 -10.60 48.42
C VAL A 243 6.09 -9.39 49.13
N PHE A 244 5.26 -8.67 48.40
CA PHE A 244 4.57 -7.51 48.94
C PHE A 244 3.21 -7.96 49.47
N LYS A 245 3.15 -8.19 50.78
CA LYS A 245 1.96 -8.75 51.44
C LYS A 245 0.82 -7.72 51.51
N VAL A 246 -0.39 -8.17 51.18
CA VAL A 246 -1.56 -7.30 51.13
C VAL A 246 -2.65 -7.72 52.14
N ASN A 247 -3.36 -6.72 52.66
CA ASN A 247 -4.54 -6.95 53.50
C ASN A 247 -5.73 -7.41 52.66
N THR A 248 -6.38 -8.48 53.09
CA THR A 248 -7.42 -9.10 52.26
C THR A 248 -8.75 -9.34 53.00
N ASN A 249 -8.93 -8.70 54.16
CA ASN A 249 -10.11 -8.94 55.00
C ASN A 249 -11.32 -8.04 54.75
N ALA A 250 -11.07 -6.80 54.37
CA ALA A 250 -12.14 -5.83 54.11
C ALA A 250 -12.82 -6.10 52.78
N TYR A 251 -14.04 -5.60 52.62
CA TYR A 251 -14.83 -5.83 51.41
C TYR A 251 -14.21 -5.19 50.16
N TYR A 252 -13.57 -4.04 50.34
CA TYR A 252 -13.01 -3.28 49.22
C TYR A 252 -11.62 -3.77 48.83
N GLU A 253 -11.00 -4.52 49.73
CA GLU A 253 -9.67 -5.05 49.49
C GLU A 253 -9.69 -6.25 48.54
N MET A 254 -8.57 -6.48 47.86
CA MET A 254 -8.43 -7.64 46.99
C MET A 254 -8.41 -8.92 47.83
N SER A 255 -8.76 -10.04 47.22
CA SER A 255 -8.69 -11.35 47.89
C SER A 255 -7.24 -11.82 48.01
N GLY A 256 -6.37 -11.19 47.22
CA GLY A 256 -4.95 -11.49 47.24
C GLY A 256 -4.30 -11.05 45.95
N LEU A 257 -3.00 -10.77 46.00
CA LEU A 257 -2.28 -10.35 44.81
C LEU A 257 -0.96 -11.09 44.63
N GLU A 258 -0.09 -11.02 45.64
CA GLU A 258 1.24 -11.65 45.60
C GLU A 258 2.11 -11.06 44.49
N VAL A 259 2.73 -9.91 44.78
CA VAL A 259 3.69 -9.27 43.89
C VAL A 259 5.02 -9.24 44.59
N SER A 260 6.05 -9.76 43.92
CA SER A 260 7.40 -9.79 44.50
C SER A 260 8.06 -8.42 44.46
N PHE A 261 9.02 -8.22 45.36
CA PHE A 261 9.86 -7.02 45.35
C PHE A 261 10.59 -6.92 44.01
N GLU A 262 11.07 -8.07 43.52
CA GLU A 262 11.77 -8.16 42.24
C GLU A 262 10.96 -7.57 41.08
N GLU A 263 9.64 -7.78 41.14
CA GLU A 263 8.72 -7.27 40.12
C GLU A 263 8.59 -5.74 40.19
N LEU A 264 8.42 -5.21 41.41
CA LEU A 264 8.32 -3.76 41.62
C LEU A 264 9.60 -3.02 41.25
N ARG A 265 10.75 -3.68 41.47
CA ARG A 265 12.06 -3.12 41.12
C ARG A 265 12.23 -3.03 39.61
N THR A 266 11.81 -4.09 38.91
CA THR A 266 11.92 -4.19 37.47
C THR A 266 11.07 -3.14 36.74
N PHE A 267 9.93 -2.80 37.33
CA PHE A 267 9.04 -1.81 36.72
C PHE A 267 9.59 -0.38 36.80
N GLY A 268 9.98 0.05 37.99
CA GLY A 268 10.48 1.40 38.21
C GLY A 268 9.37 2.33 38.67
N GLY A 269 9.43 3.58 38.21
CA GLY A 269 8.41 4.58 38.55
C GLY A 269 8.15 4.66 40.03
N HIS A 270 6.88 4.74 40.40
CA HIS A 270 6.48 4.73 41.81
C HIS A 270 6.65 3.35 42.42
N ASP A 271 6.46 2.31 41.59
CA ASP A 271 6.48 0.92 42.06
C ASP A 271 7.77 0.54 42.78
N ALA A 272 8.91 0.99 42.25
CA ALA A 272 10.20 0.75 42.87
C ALA A 272 10.32 1.48 44.21
N LYS A 273 9.63 2.62 44.32
CA LYS A 273 9.66 3.44 45.52
C LYS A 273 8.74 2.94 46.64
N PHE A 274 8.08 1.80 46.43
CA PHE A 274 7.31 1.15 47.50
C PHE A 274 8.24 0.50 48.51
N ILE A 275 9.43 0.11 48.05
CA ILE A 275 10.45 -0.50 48.88
C ILE A 275 11.21 0.59 49.63
N ASP A 276 11.17 0.52 50.96
CA ASP A 276 11.74 1.57 51.82
C ASP A 276 13.27 1.56 51.82
N SER A 277 13.86 2.65 52.30
CA SER A 277 15.32 2.83 52.35
C SER A 277 16.06 1.72 53.08
N LEU A 278 15.52 1.26 54.21
CA LEU A 278 16.19 0.24 55.02
C LEU A 278 16.37 -1.07 54.26
N GLN A 279 15.28 -1.56 53.67
CA GLN A 279 15.29 -2.81 52.91
C GLN A 279 16.16 -2.72 51.66
N GLU A 280 16.14 -1.56 51.02
CA GLU A 280 16.94 -1.31 49.82
C GLU A 280 18.43 -1.24 50.13
N ASN A 281 18.78 -0.64 51.27
CA ASN A 281 20.16 -0.63 51.75
C ASN A 281 20.64 -2.03 52.10
N GLU A 282 19.77 -2.80 52.74
CA GLU A 282 20.02 -4.20 53.07
C GLU A 282 20.42 -5.02 51.83
N PHE A 283 19.67 -4.84 50.74
CA PHE A 283 19.95 -5.54 49.48
C PHE A 283 21.26 -5.09 48.85
N ARG A 284 21.49 -3.77 48.81
CA ARG A 284 22.70 -3.19 48.25
C ARG A 284 23.96 -3.67 48.98
N LEU A 285 23.92 -3.66 50.31
CA LEU A 285 25.03 -4.11 51.13
C LEU A 285 25.24 -5.63 51.04
N TYR A 286 24.14 -6.36 50.88
CA TYR A 286 24.17 -7.82 50.72
C TYR A 286 24.94 -8.25 49.48
N TYR A 287 24.58 -7.70 48.33
CA TYR A 287 25.24 -8.04 47.06
C TYR A 287 26.61 -7.37 46.89
N TYR A 288 26.89 -6.37 47.73
CA TYR A 288 28.22 -5.77 47.82
C TYR A 288 29.21 -6.79 48.41
N ASN A 289 28.78 -7.47 49.47
CA ASN A 289 29.59 -8.49 50.13
C ASN A 289 29.70 -9.77 49.31
N LYS A 290 28.65 -10.07 48.54
CA LYS A 290 28.64 -11.24 47.66
C LYS A 290 29.61 -11.08 46.50
N PHE A 291 29.75 -9.85 46.01
CA PHE A 291 30.72 -9.51 44.97
C PHE A 291 32.14 -9.61 45.50
N LYS A 292 32.32 -9.23 46.77
CA LYS A 292 33.61 -9.32 47.45
C LYS A 292 34.07 -10.77 47.64
N ASP A 293 33.11 -11.67 47.79
CA ASP A 293 33.37 -13.10 47.89
C ASP A 293 33.89 -13.68 46.57
N ILE A 294 33.39 -13.13 45.46
CA ILE A 294 33.89 -13.49 44.13
C ILE A 294 35.30 -12.95 43.93
N ALA A 295 35.57 -11.78 44.51
CA ALA A 295 36.91 -11.19 44.49
C ALA A 295 37.91 -12.01 45.32
N SER A 296 37.44 -12.59 46.43
CA SER A 296 38.26 -13.45 47.28
C SER A 296 38.59 -14.79 46.60
N THR A 297 37.59 -15.36 45.92
CA THR A 297 37.74 -16.62 45.22
C THR A 297 38.64 -16.47 43.97
N LEU A 298 38.62 -15.29 43.37
CA LEU A 298 39.49 -14.99 42.23
C LEU A 298 40.95 -14.76 42.65
N ASN A 299 41.15 -14.39 43.90
CA ASN A 299 42.49 -14.22 44.46
C ASN A 299 43.07 -15.53 44.99
N LYS A 300 42.18 -16.47 45.31
CA LYS A 300 42.57 -17.79 45.78
C LYS A 300 42.68 -18.80 44.63
N ALA A 301 42.18 -18.41 43.46
CA ALA A 301 42.25 -19.24 42.27
C ALA A 301 43.68 -19.39 41.79
N LYS A 302 44.08 -20.64 41.51
CA LYS A 302 45.47 -20.96 41.17
C LYS A 302 45.60 -21.60 39.79
N SER A 303 44.60 -22.41 39.43
CA SER A 303 44.59 -23.09 38.13
C SER A 303 43.19 -23.17 37.54
N ILE A 304 43.12 -23.38 36.23
CA ILE A 304 41.85 -23.53 35.53
C ILE A 304 41.71 -24.94 34.93
N VAL A 305 40.49 -25.49 34.98
CA VAL A 305 40.22 -26.81 34.41
C VAL A 305 39.01 -26.79 33.48
N GLY A 306 39.03 -27.67 32.49
CA GLY A 306 37.89 -27.86 31.58
C GLY A 306 37.85 -26.94 30.38
N THR A 307 38.96 -26.25 30.11
CA THR A 307 39.07 -25.37 28.94
C THR A 307 40.52 -25.16 28.50
N THR A 308 40.70 -24.83 27.22
CA THR A 308 42.02 -24.54 26.66
C THR A 308 42.49 -23.14 27.06
N ALA A 309 41.54 -22.23 27.26
CA ALA A 309 41.83 -20.84 27.62
C ALA A 309 42.54 -20.73 28.97
N SER A 310 43.34 -19.67 29.11
CA SER A 310 44.18 -19.48 30.29
C SER A 310 43.43 -18.93 31.49
N LEU A 311 44.01 -19.11 32.68
CA LEU A 311 43.49 -18.57 33.93
C LEU A 311 43.47 -17.03 33.92
N GLN A 312 44.52 -16.46 33.32
CA GLN A 312 44.67 -15.00 33.23
C GLN A 312 43.54 -14.35 32.43
N TYR A 313 43.07 -15.06 31.39
CA TYR A 313 41.97 -14.59 30.56
C TYR A 313 40.64 -14.65 31.30
N MET A 314 40.40 -15.76 31.99
CA MET A 314 39.14 -15.99 32.70
C MET A 314 38.95 -15.01 33.86
N LYS A 315 40.02 -14.72 34.58
CA LYS A 315 40.00 -13.73 35.65
C LYS A 315 39.69 -12.34 35.11
N ASN A 316 40.16 -12.06 33.90
CA ASN A 316 39.92 -10.76 33.24
C ASN A 316 38.46 -10.61 32.80
N VAL A 317 37.84 -11.71 32.36
CA VAL A 317 36.43 -11.72 31.96
C VAL A 317 35.53 -11.29 33.13
N PHE A 318 35.75 -11.89 34.29
CA PHE A 318 35.00 -11.56 35.49
C PHE A 318 35.41 -10.22 36.11
N LYS A 319 36.59 -9.73 35.73
CA LYS A 319 37.01 -8.37 36.08
C LYS A 319 36.14 -7.35 35.32
N GLU A 320 35.92 -7.62 34.04
CA GLU A 320 35.07 -6.76 33.19
C GLU A 320 33.61 -6.84 33.57
N LYS A 321 33.17 -8.04 34.01
CA LYS A 321 31.78 -8.26 34.40
C LYS A 321 31.41 -7.50 35.69
N TYR A 322 32.23 -7.67 36.72
CA TYR A 322 31.92 -7.11 38.03
C TYR A 322 32.55 -5.74 38.28
N LEU A 323 33.25 -5.20 37.28
CA LEU A 323 33.95 -3.91 37.35
C LEU A 323 34.92 -3.80 38.54
N LEU A 324 35.74 -4.84 38.70
CA LEU A 324 36.68 -4.91 39.81
C LEU A 324 37.93 -4.08 39.55
N SER A 325 38.53 -3.56 40.63
CA SER A 325 39.82 -2.89 40.56
C SER A 325 40.92 -3.90 40.82
N GLU A 326 42.00 -3.83 40.04
CA GLU A 326 43.14 -4.72 40.27
C GLU A 326 44.46 -3.98 40.45
N ASP A 327 45.25 -4.45 41.43
CA ASP A 327 46.58 -3.90 41.69
C ASP A 327 47.59 -4.34 40.63
N THR A 328 48.79 -3.77 40.68
CA THR A 328 49.91 -4.24 39.86
C THR A 328 50.44 -5.55 40.43
N SER A 329 50.06 -5.86 41.67
CA SER A 329 50.38 -7.14 42.31
C SER A 329 49.47 -8.27 41.83
N GLY A 330 48.40 -7.91 41.14
CA GLY A 330 47.48 -8.88 40.54
C GLY A 330 46.26 -9.22 41.39
N LYS A 331 46.16 -8.60 42.55
CA LYS A 331 45.08 -8.87 43.50
C LYS A 331 43.83 -8.09 43.14
N PHE A 332 42.67 -8.74 43.28
CA PHE A 332 41.38 -8.13 42.95
C PHE A 332 40.65 -7.60 44.17
N SER A 333 39.91 -6.50 43.98
CA SER A 333 39.08 -5.92 45.03
C SER A 333 37.84 -5.22 44.45
N VAL A 334 36.83 -5.05 45.28
CA VAL A 334 35.60 -4.37 44.88
C VAL A 334 35.62 -2.90 45.31
N ASP A 335 35.55 -2.01 44.32
CA ASP A 335 35.49 -0.57 44.57
C ASP A 335 34.07 -0.19 44.96
N LYS A 336 33.96 0.53 46.08
CA LYS A 336 32.68 0.91 46.67
C LYS A 336 31.85 1.77 45.73
N LEU A 337 32.46 2.83 45.19
CA LEU A 337 31.80 3.79 44.31
C LEU A 337 31.45 3.20 42.95
N LYS A 338 32.30 2.31 42.45
CA LYS A 338 32.07 1.65 41.16
C LYS A 338 30.96 0.60 41.21
N PHE A 339 30.89 -0.14 42.30
CA PHE A 339 29.82 -1.11 42.51
C PHE A 339 28.46 -0.43 42.53
N ASP A 340 28.38 0.72 43.20
CA ASP A 340 27.16 1.52 43.28
C ASP A 340 26.70 1.98 41.90
N LYS A 341 27.65 2.35 41.03
CA LYS A 341 27.34 2.70 39.65
C LYS A 341 26.74 1.52 38.90
N LEU A 342 27.34 0.34 39.09
CA LEU A 342 26.89 -0.88 38.43
C LEU A 342 25.56 -1.38 39.00
N TYR A 343 25.40 -1.29 40.32
CA TYR A 343 24.16 -1.71 40.98
C TYR A 343 23.00 -0.82 40.55
N LYS A 344 23.17 0.50 40.72
CA LYS A 344 22.13 1.46 40.33
C LYS A 344 21.69 1.25 38.88
N MET A 345 22.65 0.94 38.01
CA MET A 345 22.38 0.74 36.59
C MET A 345 21.46 -0.45 36.35
N LEU A 346 21.82 -1.59 36.92
CA LEU A 346 21.03 -2.81 36.78
C LEU A 346 19.72 -2.75 37.54
N THR A 347 19.68 -1.93 38.59
CA THR A 347 18.54 -1.88 39.51
C THR A 347 17.55 -0.76 39.17
N GLU A 348 18.06 0.44 38.90
CA GLU A 348 17.20 1.63 38.76
C GLU A 348 17.15 2.21 37.36
N ILE A 349 18.18 1.96 36.56
CA ILE A 349 18.22 2.47 35.18
C ILE A 349 17.55 1.49 34.23
N TYR A 350 17.94 0.23 34.28
CA TYR A 350 17.24 -0.81 33.51
C TYR A 350 15.89 -1.12 34.12
N THR A 351 14.89 -0.31 33.78
CA THR A 351 13.52 -0.53 34.24
C THR A 351 12.52 -0.43 33.09
N GLU A 352 11.36 -1.05 33.26
CA GLU A 352 10.29 -1.04 32.27
C GLU A 352 9.84 0.39 31.94
N ASP A 353 9.69 1.21 32.98
CA ASP A 353 9.24 2.60 32.82
C ASP A 353 10.22 3.46 32.01
N ASN A 354 11.52 3.18 32.18
CA ASN A 354 12.56 3.88 31.44
C ASN A 354 12.57 3.50 29.96
N PHE A 355 12.30 2.24 29.67
CA PHE A 355 12.18 1.79 28.29
C PHE A 355 11.04 2.47 27.54
N VAL A 356 9.94 2.72 28.25
CA VAL A 356 8.79 3.40 27.69
C VAL A 356 9.19 4.78 27.16
N LYS A 357 10.01 5.49 27.95
CA LYS A 357 10.56 6.79 27.56
C LYS A 357 11.23 6.72 26.19
N PHE A 358 12.05 5.70 25.98
CA PHE A 358 12.82 5.55 24.75
C PHE A 358 11.99 5.07 23.56
N PHE A 359 11.04 4.17 23.79
CA PHE A 359 10.17 3.67 22.72
C PHE A 359 9.10 4.68 22.31
N LYS A 360 8.79 5.61 23.22
CA LYS A 360 7.72 6.61 23.00
C LYS A 360 6.39 5.93 22.67
N VAL A 361 6.01 4.98 23.52
CA VAL A 361 4.76 4.24 23.36
C VAL A 361 3.87 4.40 24.59
N LEU A 362 2.58 4.15 24.42
CA LEU A 362 1.65 4.11 25.54
C LEU A 362 1.85 2.80 26.28
N ASN A 363 1.85 2.90 27.61
CA ASN A 363 2.08 1.74 28.46
C ASN A 363 1.46 1.98 29.83
N ARG A 364 1.13 0.89 30.53
CA ARG A 364 0.74 0.95 31.93
C ARG A 364 1.74 1.80 32.73
N LYS A 365 1.23 2.64 33.62
CA LYS A 365 2.08 3.51 34.43
C LYS A 365 2.41 2.90 35.79
N THR A 366 1.64 1.89 36.17
CA THR A 366 1.92 1.08 37.37
C THR A 366 1.70 -0.40 37.07
N TYR A 367 2.24 -1.26 37.93
CA TYR A 367 1.97 -2.69 37.88
C TYR A 367 0.50 -2.95 38.16
N LEU A 368 -0.08 -2.11 39.01
CA LEU A 368 -1.47 -2.24 39.46
C LEU A 368 -2.50 -1.85 38.40
N ASN A 369 -2.01 -1.45 37.22
CA ASN A 369 -2.87 -1.22 36.07
C ASN A 369 -2.95 -2.51 35.27
N PHE A 370 -3.82 -3.41 35.73
CA PHE A 370 -3.86 -4.79 35.24
C PHE A 370 -4.39 -4.92 33.82
N ASP A 371 -3.93 -5.96 33.13
CA ASP A 371 -4.35 -6.24 31.77
C ASP A 371 -5.82 -6.66 31.71
N LYS A 372 -6.49 -6.30 30.64
CA LYS A 372 -7.93 -6.56 30.51
C LYS A 372 -8.29 -7.54 29.39
N ALA A 373 -7.41 -7.68 28.39
CA ALA A 373 -7.67 -8.55 27.25
C ALA A 373 -6.39 -9.14 26.63
N VAL A 374 -6.58 -10.02 25.64
CA VAL A 374 -5.47 -10.65 24.92
C VAL A 374 -5.72 -10.62 23.40
N PHE A 375 -4.69 -10.25 22.65
CA PHE A 375 -4.82 -10.05 21.21
C PHE A 375 -3.81 -10.85 20.41
N LYS A 376 -4.26 -11.38 19.28
CA LYS A 376 -3.36 -12.03 18.32
C LYS A 376 -2.77 -10.97 17.40
N ILE A 377 -1.45 -10.97 17.30
CA ILE A 377 -0.75 -9.97 16.51
C ILE A 377 0.23 -10.59 15.52
N ASN A 378 0.57 -9.82 14.49
CA ASN A 378 1.58 -10.19 13.52
C ASN A 378 2.52 -9.01 13.26
N ILE A 379 3.68 -9.04 13.92
CA ILE A 379 4.64 -7.93 13.87
C ILE A 379 5.74 -8.07 12.81
N VAL A 380 5.76 -9.21 12.12
CA VAL A 380 6.80 -9.51 11.14
C VAL A 380 6.76 -8.63 9.86
N PRO A 381 5.56 -8.44 9.26
CA PRO A 381 5.50 -7.54 8.10
C PRO A 381 5.75 -6.07 8.48
N LYS A 382 6.55 -5.39 7.67
CA LYS A 382 6.93 -3.99 7.91
C LYS A 382 5.77 -3.01 7.79
N VAL A 383 4.73 -3.39 7.06
CA VAL A 383 3.51 -2.58 6.97
C VAL A 383 2.72 -2.56 8.28
N ASN A 384 3.05 -3.50 9.17
CA ASN A 384 2.37 -3.66 10.45
C ASN A 384 3.16 -3.11 11.65
N TYR A 385 4.49 -3.26 11.61
CA TYR A 385 5.33 -2.99 12.75
C TYR A 385 6.76 -2.71 12.27
N THR A 386 7.40 -1.71 12.84
CA THR A 386 8.77 -1.37 12.48
C THR A 386 9.69 -1.25 13.69
N ILE A 387 10.99 -1.44 13.44
CA ILE A 387 12.04 -1.36 14.46
C ILE A 387 12.10 0.02 15.10
N TYR A 388 11.73 1.04 14.34
CA TYR A 388 11.80 2.42 14.82
C TYR A 388 10.51 2.94 15.45
N ASP A 389 9.36 2.57 14.89
CA ASP A 389 8.08 3.18 15.27
C ASP A 389 7.13 2.25 16.03
N GLY A 390 7.40 0.95 15.98
CA GLY A 390 6.49 -0.04 16.55
C GLY A 390 5.21 -0.11 15.74
N PHE A 391 4.07 -0.11 16.44
CA PHE A 391 2.76 -0.05 15.79
C PHE A 391 2.46 1.35 15.25
N ASN A 392 2.99 2.35 15.94
CA ASN A 392 2.69 3.75 15.64
C ASN A 392 3.53 4.30 14.50
N LEU A 393 3.23 3.86 13.28
CA LEU A 393 4.03 4.20 12.08
C LEU A 393 4.02 5.68 11.74
N ARG A 394 5.20 6.23 11.45
CA ARG A 394 5.35 7.65 11.14
C ARG A 394 4.76 8.03 9.78
N ASN A 395 4.33 9.29 9.67
CA ASN A 395 3.69 9.83 8.47
C ASN A 395 2.40 9.10 8.10
N THR A 396 1.74 8.57 9.12
CA THR A 396 0.50 7.83 8.96
C THR A 396 -0.52 8.34 9.98
N ASN A 397 -1.77 7.92 9.84
CA ASN A 397 -2.81 8.21 10.81
C ASN A 397 -2.44 7.66 12.18
N LEU A 398 -1.61 6.61 12.17
CA LEU A 398 -1.25 5.87 13.36
C LEU A 398 -0.12 6.50 14.18
N ALA A 399 0.42 7.62 13.68
CA ALA A 399 1.54 8.30 14.33
C ALA A 399 1.14 9.09 15.58
N ALA A 400 0.06 9.86 15.48
CA ALA A 400 -0.37 10.73 16.57
C ALA A 400 -1.28 10.02 17.58
N ASN A 401 -1.18 10.43 18.85
CA ASN A 401 -2.01 9.92 19.94
C ASN A 401 -1.96 8.39 20.14
N PHE A 402 -0.80 7.79 19.83
CA PHE A 402 -0.58 6.35 19.93
C PHE A 402 -1.67 5.53 19.24
N ASN A 403 -2.13 6.03 18.09
CA ASN A 403 -3.24 5.41 17.34
C ASN A 403 -2.96 4.00 16.85
N GLY A 404 -1.70 3.70 16.57
CA GLY A 404 -1.30 2.37 16.12
C GLY A 404 -1.48 1.30 17.18
N GLN A 405 -1.33 1.69 18.45
CA GLN A 405 -1.51 0.79 19.57
C GLN A 405 -2.98 0.60 19.93
N ASN A 406 -3.83 1.51 19.45
CA ASN A 406 -5.27 1.46 19.70
C ASN A 406 -5.93 0.32 18.93
N THR A 407 -6.63 -0.53 19.68
CA THR A 407 -7.24 -1.74 19.14
C THR A 407 -8.32 -1.44 18.09
N GLU A 408 -9.10 -0.41 18.33
CA GLU A 408 -10.26 -0.12 17.48
C GLU A 408 -9.93 0.62 16.18
N ILE A 409 -8.99 1.56 16.26
CA ILE A 409 -8.55 2.32 15.08
C ILE A 409 -7.67 1.44 14.17
N ASN A 410 -6.76 0.69 14.79
CA ASN A 410 -5.87 -0.20 14.06
C ASN A 410 -6.33 -1.66 14.17
N ASN A 411 -7.61 -1.89 13.92
CA ASN A 411 -8.26 -3.18 14.19
C ASN A 411 -7.80 -4.37 13.34
N MET A 412 -7.14 -4.10 12.21
CA MET A 412 -6.64 -5.18 11.35
C MET A 412 -5.35 -5.80 11.88
N ASN A 413 -4.70 -5.11 12.81
CA ASN A 413 -3.49 -5.61 13.44
C ASN A 413 -3.72 -6.40 14.73
N PHE A 414 -4.90 -6.25 15.30
CA PHE A 414 -5.25 -6.94 16.55
C PHE A 414 -6.56 -7.70 16.43
N THR A 415 -6.51 -9.00 16.64
CA THR A 415 -7.70 -9.83 16.71
C THR A 415 -7.93 -10.22 18.16
N LYS A 416 -9.08 -9.84 18.70
CA LYS A 416 -9.40 -10.12 20.10
C LYS A 416 -9.64 -11.61 20.30
N LEU A 417 -9.00 -12.16 21.34
CA LEU A 417 -9.12 -13.57 21.68
C LEU A 417 -9.85 -13.77 22.99
N LYS A 418 -10.39 -14.97 23.18
CA LYS A 418 -11.10 -15.34 24.39
C LYS A 418 -10.16 -15.36 25.58
N ASN A 419 -10.53 -14.62 26.62
CA ASN A 419 -9.84 -14.68 27.90
C ASN A 419 -10.28 -15.96 28.62
N PHE A 420 -9.33 -16.84 28.89
CA PHE A 420 -9.61 -18.11 29.56
C PHE A 420 -9.87 -17.97 31.06
N THR A 421 -9.53 -16.80 31.59
CA THR A 421 -10.00 -16.39 32.91
C THR A 421 -11.35 -15.71 32.72
N GLY A 422 -12.38 -16.32 33.29
CA GLY A 422 -13.73 -15.78 33.24
C GLY A 422 -13.82 -14.46 33.98
N LEU A 423 -14.76 -13.61 33.55
CA LEU A 423 -14.91 -12.27 34.13
C LEU A 423 -15.11 -12.30 35.65
N PHE A 424 -15.75 -13.37 36.15
CA PHE A 424 -15.92 -13.55 37.59
C PHE A 424 -15.44 -14.92 38.09
N GLU A 425 -14.27 -15.34 37.59
CA GLU A 425 -13.58 -16.53 38.08
C GLU A 425 -13.11 -16.28 39.50
N PHE A 426 -12.49 -15.12 39.71
CA PHE A 426 -12.01 -14.71 41.02
C PHE A 426 -12.67 -13.41 41.39
N TYR A 427 -13.40 -13.44 42.50
CA TYR A 427 -14.33 -12.38 42.86
C TYR A 427 -14.60 -12.32 44.35
N LYS A 428 -15.12 -11.19 44.80
CA LYS A 428 -15.77 -11.07 46.09
C LYS A 428 -17.26 -10.87 45.84
N LEU A 429 -18.07 -11.22 46.83
CA LEU A 429 -19.51 -11.05 46.72
C LEU A 429 -20.00 -9.97 47.68
N LEU A 430 -20.42 -8.84 47.12
CA LEU A 430 -20.92 -7.71 47.92
C LEU A 430 -22.44 -7.70 47.94
N CYS A 431 -23.01 -7.78 49.14
CA CYS A 431 -24.45 -7.95 49.31
C CYS A 431 -25.10 -6.83 50.11
N VAL A 432 -26.39 -6.63 49.89
CA VAL A 432 -27.17 -5.62 50.60
C VAL A 432 -28.60 -6.11 50.81
N ASP A 433 -29.28 -5.56 51.83
CA ASP A 433 -30.68 -5.89 52.11
C ASP A 433 -31.59 -5.65 50.91
N GLU A 434 -32.45 -6.61 50.61
CA GLU A 434 -33.37 -6.52 49.48
C GLU A 434 -34.48 -5.51 49.74
N MET A 435 -34.46 -4.41 48.98
CA MET A 435 -35.44 -3.33 49.10
C MET A 435 -35.81 -2.80 47.71
N ALA A 498 -31.98 -9.86 57.63
CA ALA A 498 -31.92 -9.95 56.14
C ALA A 498 -32.63 -11.20 55.63
N LEU A 499 -33.88 -11.04 55.20
CA LEU A 499 -34.69 -12.16 54.72
C LEU A 499 -34.24 -12.64 53.34
N ALA A 500 -33.85 -11.68 52.50
CA ALA A 500 -33.24 -11.96 51.21
C ALA A 500 -32.18 -10.90 50.90
N LEU A 501 -31.18 -11.26 50.08
CA LEU A 501 -30.08 -10.36 49.78
C LEU A 501 -29.95 -10.05 48.28
N GLN A 502 -29.47 -8.85 47.98
CA GLN A 502 -29.13 -8.46 46.62
C GLN A 502 -27.60 -8.37 46.53
N CYS A 503 -27.00 -9.23 45.71
CA CYS A 503 -25.54 -9.35 45.66
C CYS A 503 -24.96 -9.10 44.28
N ILE A 504 -23.84 -8.38 44.25
CA ILE A 504 -23.08 -8.19 43.01
C ILE A 504 -21.69 -8.83 43.14
N LYS A 505 -21.20 -9.38 42.03
CA LYS A 505 -19.86 -9.93 41.99
C LYS A 505 -18.89 -8.85 41.53
N VAL A 506 -17.78 -8.72 42.24
CA VAL A 506 -16.73 -7.78 41.83
C VAL A 506 -15.43 -8.53 41.58
N ASN A 507 -14.92 -8.41 40.35
CA ASN A 507 -13.67 -9.04 39.94
C ASN A 507 -12.50 -8.65 40.84
N ASN A 508 -11.63 -9.61 41.12
CA ASN A 508 -10.51 -9.40 42.05
C ASN A 508 -9.65 -8.18 41.75
N TRP A 509 -9.49 -7.87 40.46
CA TRP A 509 -8.58 -6.80 40.04
C TRP A 509 -9.26 -5.44 39.86
N ASP A 510 -10.52 -5.36 40.29
CA ASP A 510 -11.22 -4.07 40.42
C ASP A 510 -11.23 -3.61 41.87
N LEU A 511 -10.66 -4.44 42.74
CA LEU A 511 -10.61 -4.16 44.17
C LEU A 511 -9.36 -3.37 44.55
N PHE A 512 -9.30 -2.94 45.80
CA PHE A 512 -8.22 -2.08 46.29
C PHE A 512 -7.01 -2.85 46.80
N PHE A 513 -5.84 -2.28 46.54
CA PHE A 513 -4.54 -2.85 46.92
C PHE A 513 -4.44 -3.13 48.42
N SER A 514 -4.16 -2.08 49.20
CA SER A 514 -4.01 -2.17 50.65
C SER A 514 -2.83 -3.06 51.10
N PRO A 515 -1.61 -2.48 51.10
CA PRO A 515 -0.41 -3.18 51.59
C PRO A 515 -0.36 -3.31 53.10
N SER A 516 0.29 -4.37 53.58
CA SER A 516 0.49 -4.59 55.02
C SER A 516 1.50 -3.60 55.60
N GLU A 517 1.44 -3.42 56.92
CA GLU A 517 2.42 -2.59 57.62
C GLU A 517 3.77 -3.31 57.74
N ASP A 518 3.75 -4.62 57.55
CA ASP A 518 4.94 -5.46 57.61
C ASP A 518 5.95 -5.13 56.50
N ASN A 519 5.44 -4.61 55.38
CA ASN A 519 6.26 -4.24 54.23
C ASN A 519 7.06 -2.96 54.45
N PHE A 520 6.66 -2.18 55.45
CA PHE A 520 7.29 -0.89 55.72
C PHE A 520 8.06 -0.92 57.04
N THR A 521 9.37 -1.08 56.93
CA THR A 521 10.27 -1.15 58.07
C THR A 521 11.32 -0.04 58.01
N ASN A 522 11.76 0.43 59.17
CA ASN A 522 12.75 1.49 59.28
C ASN A 522 13.64 1.35 60.51
N ASP A 523 14.80 1.99 60.49
CA ASP A 523 15.70 2.04 61.65
C ASP A 523 15.85 3.47 62.16
N LEU A 524 14.76 4.23 62.07
CA LEU A 524 14.74 5.63 62.50
C LEU A 524 14.86 5.79 64.01
N ASN A 525 14.42 4.76 64.75
CA ASN A 525 14.51 4.74 66.21
C ASN A 525 15.94 4.54 66.72
N LYS A 526 16.76 3.92 65.89
CA LYS A 526 18.15 3.60 66.23
C LYS A 526 19.01 4.86 66.33
N GLY A 527 19.68 5.02 67.46
CA GLY A 527 20.56 6.16 67.69
C GLY A 527 21.82 6.10 66.86
N GLU A 528 22.57 7.19 66.85
CA GLU A 528 23.81 7.27 66.07
C GLU A 528 24.90 8.05 66.80
N GLU A 529 26.14 7.57 66.69
CA GLU A 529 27.28 8.21 67.32
C GLU A 529 28.02 9.10 66.31
N ILE A 530 28.04 10.40 66.58
CA ILE A 530 28.65 11.37 65.68
C ILE A 530 30.09 11.67 66.06
N THR A 531 30.99 11.47 65.10
CA THR A 531 32.41 11.74 65.27
C THR A 531 32.84 12.84 64.30
N SER A 532 34.15 13.05 64.20
CA SER A 532 34.71 13.94 63.19
C SER A 532 34.92 13.20 61.88
N ASP A 533 35.00 11.87 61.97
CA ASP A 533 35.18 10.98 60.82
C ASP A 533 33.86 10.54 60.20
N THR A 534 32.75 11.08 60.70
CA THR A 534 31.40 10.70 60.24
C THR A 534 31.23 10.95 58.74
N ASN A 535 30.85 9.89 58.03
CA ASN A 535 30.69 9.93 56.58
C ASN A 535 29.46 10.73 56.17
N ILE A 536 29.66 11.66 55.24
CA ILE A 536 28.58 12.49 54.72
C ILE A 536 28.00 11.86 53.45
N GLU A 537 26.76 11.41 53.55
CA GLU A 537 26.06 10.76 52.44
C GLU A 537 25.85 11.72 51.27
N ALA A 538 26.40 11.36 50.11
CA ALA A 538 26.20 12.11 48.88
C ALA A 538 24.72 12.05 48.48
N ALA A 539 24.15 13.20 48.16
CA ALA A 539 22.73 13.32 47.81
C ALA A 539 22.35 12.41 46.65
N GLU A 540 21.45 11.46 46.93
CA GLU A 540 21.01 10.47 45.94
C GLU A 540 20.31 11.13 44.75
N GLU A 541 21.05 11.25 43.66
CA GLU A 541 20.54 11.87 42.43
C GLU A 541 19.45 11.01 41.78
N ASN A 542 18.30 11.61 41.57
CA ASN A 542 17.14 10.92 41.02
C ASN A 542 17.25 10.62 39.52
N ILE A 543 16.61 9.53 39.09
CA ILE A 543 16.70 9.02 37.71
C ILE A 543 16.09 9.99 36.70
N SER A 544 16.89 10.31 35.68
CA SER A 544 16.46 11.18 34.59
C SER A 544 17.14 10.76 33.30
N LEU A 545 16.71 11.33 32.17
CA LEU A 545 17.33 11.04 30.88
C LEU A 545 18.76 11.58 30.78
N ASP A 546 19.06 12.65 31.53
CA ASP A 546 20.41 13.21 31.61
C ASP A 546 21.37 12.22 32.25
N LEU A 547 20.89 11.52 33.28
CA LEU A 547 21.69 10.52 33.98
C LEU A 547 21.92 9.30 33.11
N ILE A 548 20.88 8.87 32.41
CA ILE A 548 20.99 7.75 31.47
C ILE A 548 21.98 8.09 30.36
N GLN A 549 21.92 9.33 29.86
CA GLN A 549 22.87 9.84 28.87
C GLN A 549 24.32 9.75 29.37
N GLN A 550 24.53 10.06 30.65
CA GLN A 550 25.86 10.04 31.25
C GLN A 550 26.44 8.63 31.37
N TYR A 551 25.58 7.67 31.72
CA TYR A 551 25.95 6.25 31.77
C TYR A 551 26.25 5.71 30.37
N TYR A 552 25.54 6.23 29.38
CA TYR A 552 25.71 5.85 27.98
C TYR A 552 27.06 6.30 27.43
N LEU A 553 27.51 7.49 27.84
CA LEU A 553 28.77 8.05 27.36
C LEU A 553 29.98 7.38 27.99
N THR A 554 29.81 6.84 29.19
CA THR A 554 30.87 6.15 29.91
C THR A 554 30.94 4.66 29.54
N PHE A 555 30.14 4.27 28.56
CA PHE A 555 29.94 2.86 28.24
C PHE A 555 30.87 2.35 27.14
N ASN A 556 31.53 1.22 27.42
CA ASN A 556 32.42 0.57 26.48
C ASN A 556 31.64 -0.39 25.57
N PHE A 557 31.28 0.09 24.38
CA PHE A 557 30.40 -0.69 23.49
C PHE A 557 31.12 -1.75 22.66
N ASP A 558 32.30 -1.42 22.16
CA ASP A 558 33.14 -2.40 21.47
C ASP A 558 33.80 -3.34 22.49
N ASN A 559 34.22 -4.52 22.00
CA ASN A 559 34.77 -5.60 22.84
C ASN A 559 33.72 -6.33 23.66
N GLU A 560 33.47 -7.58 23.25
CA GLU A 560 32.61 -8.49 23.96
C GLU A 560 33.46 -9.66 24.46
N PRO A 561 32.97 -10.43 25.44
CA PRO A 561 33.64 -11.68 25.79
C PRO A 561 33.56 -12.68 24.64
N GLU A 562 34.60 -13.48 24.46
CA GLU A 562 34.71 -14.39 23.32
C GLU A 562 34.10 -15.76 23.59
N ASN A 563 33.72 -16.45 22.51
CA ASN A 563 33.21 -17.80 22.59
C ASN A 563 34.35 -18.81 22.63
N ILE A 564 34.92 -18.99 23.82
CA ILE A 564 36.08 -19.87 24.01
C ILE A 564 35.70 -21.36 24.03
N SER A 565 36.61 -22.19 23.54
CA SER A 565 36.38 -23.62 23.46
C SER A 565 36.60 -24.31 24.80
N ILE A 566 35.52 -24.88 25.34
CA ILE A 566 35.56 -25.64 26.58
C ILE A 566 35.51 -27.13 26.32
N GLU A 567 36.03 -27.92 27.26
CA GLU A 567 36.04 -29.38 27.14
C GLU A 567 34.63 -29.96 27.20
N ASN A 568 34.39 -31.00 26.40
CA ASN A 568 33.08 -31.63 26.31
C ASN A 568 32.55 -32.16 27.64
N LEU A 569 31.28 -31.90 27.87
CA LEU A 569 30.58 -32.42 29.05
C LEU A 569 29.94 -33.77 28.67
N SER A 570 29.19 -34.35 29.60
CA SER A 570 28.47 -35.60 29.34
C SER A 570 27.40 -35.39 28.27
N SER A 571 27.02 -36.50 27.60
CA SER A 571 26.07 -36.46 26.47
C SER A 571 24.75 -35.75 26.81
N ASP A 572 24.20 -36.07 27.98
CA ASP A 572 23.02 -35.38 28.50
C ASP A 572 23.36 -34.64 29.78
N ILE A 573 23.13 -33.33 29.78
CA ILE A 573 23.40 -32.50 30.95
C ILE A 573 22.27 -32.69 31.97
N ILE A 574 22.62 -33.16 33.15
CA ILE A 574 21.66 -33.37 34.23
C ILE A 574 21.43 -32.05 34.98
N GLY A 575 20.20 -31.57 34.92
CA GLY A 575 19.83 -30.29 35.55
C GLY A 575 18.39 -30.23 36.02
N GLN A 576 18.16 -29.41 37.03
CA GLN A 576 16.85 -29.23 37.61
C GLN A 576 16.59 -27.74 37.80
N LEU A 577 15.37 -27.30 37.53
CA LEU A 577 15.00 -25.89 37.66
C LEU A 577 15.01 -25.41 39.12
N GLU A 578 15.19 -24.11 39.31
CA GLU A 578 15.21 -23.50 40.64
C GLU A 578 13.94 -23.81 41.42
N LEU A 579 14.11 -23.98 42.74
CA LEU A 579 13.07 -24.52 43.62
C LEU A 579 11.72 -23.82 43.55
N MET A 580 11.71 -22.50 43.66
CA MET A 580 10.48 -21.67 43.64
C MET A 580 9.54 -21.89 44.83
N PRO A 581 9.09 -20.79 45.47
CA PRO A 581 8.20 -20.91 46.63
C PRO A 581 6.77 -21.31 46.25
N ASN A 582 6.20 -22.25 47.02
CA ASN A 582 4.82 -22.70 46.82
C ASN A 582 3.82 -21.69 47.35
N ILE A 583 3.14 -21.01 46.44
CA ILE A 583 2.20 -19.94 46.80
C ILE A 583 0.78 -20.48 46.97
N GLU A 584 0.20 -20.20 48.13
CA GLU A 584 -1.17 -20.60 48.45
C GLU A 584 -2.17 -19.82 47.60
N ARG A 585 -3.27 -20.47 47.25
CA ARG A 585 -4.35 -19.83 46.51
C ARG A 585 -5.17 -18.96 47.45
N PHE A 586 -5.65 -17.82 46.94
CA PHE A 586 -6.48 -16.91 47.74
C PHE A 586 -7.82 -17.56 48.07
N PRO A 587 -8.45 -17.14 49.18
CA PRO A 587 -9.86 -17.48 49.39
C PRO A 587 -10.71 -16.82 48.31
N ASN A 588 -11.68 -17.56 47.78
CA ASN A 588 -12.49 -17.06 46.68
C ASN A 588 -13.98 -16.99 46.99
N GLY A 589 -14.62 -15.92 46.54
CA GLY A 589 -16.06 -15.75 46.69
C GLY A 589 -16.51 -15.42 48.11
N LYS A 590 -15.70 -14.64 48.82
CA LYS A 590 -16.06 -14.16 50.15
C LYS A 590 -17.27 -13.25 50.09
N LYS A 591 -18.16 -13.41 51.07
CA LYS A 591 -19.40 -12.65 51.11
C LYS A 591 -19.34 -11.54 52.16
N TYR A 592 -19.86 -10.36 51.80
CA TYR A 592 -19.95 -9.23 52.72
C TYR A 592 -21.36 -8.65 52.70
N GLU A 593 -21.97 -8.53 53.88
CA GLU A 593 -23.30 -7.95 54.01
C GLU A 593 -23.17 -6.51 54.49
N LEU A 594 -23.55 -5.58 53.63
CA LEU A 594 -23.27 -4.17 53.86
C LEU A 594 -24.54 -3.34 54.12
N ASP A 595 -24.39 -2.32 54.96
CA ASP A 595 -25.48 -1.44 55.35
C ASP A 595 -25.87 -0.49 54.22
N LYS A 596 -24.88 -0.08 53.43
CA LYS A 596 -25.08 0.93 52.38
C LYS A 596 -24.63 0.39 51.01
N TYR A 597 -25.10 1.05 49.95
CA TYR A 597 -24.56 0.83 48.61
C TYR A 597 -23.11 1.31 48.57
N THR A 598 -22.27 0.58 47.84
CA THR A 598 -20.87 0.92 47.73
C THR A 598 -20.57 1.53 46.37
N MET A 599 -19.32 1.96 46.21
CA MET A 599 -18.79 2.45 44.94
C MET A 599 -18.97 1.41 43.83
N PHE A 600 -18.78 0.15 44.19
CA PHE A 600 -18.87 -0.95 43.23
C PHE A 600 -20.29 -1.17 42.74
N HIS A 601 -21.26 -0.86 43.59
CA HIS A 601 -22.68 -0.94 43.24
C HIS A 601 -23.07 0.17 42.25
N TYR A 602 -22.63 1.39 42.53
CA TYR A 602 -22.88 2.54 41.69
C TYR A 602 -22.26 2.39 40.31
N LEU A 603 -21.10 1.73 40.27
CA LEU A 603 -20.43 1.45 39.00
C LEU A 603 -21.14 0.33 38.25
N ARG A 604 -21.72 -0.61 38.98
CA ARG A 604 -22.44 -1.74 38.37
C ARG A 604 -23.77 -1.29 37.79
N ALA A 605 -24.43 -0.37 38.49
CA ALA A 605 -25.72 0.19 38.08
C ALA A 605 -25.65 0.86 36.70
N GLN A 606 -24.47 1.34 36.33
CA GLN A 606 -24.24 2.05 35.08
C GLN A 606 -23.95 1.09 33.92
N GLU A 607 -24.03 -0.20 34.20
CA GLU A 607 -23.75 -1.22 33.19
C GLU A 607 -25.03 -1.83 32.63
N PHE A 608 -24.97 -2.25 31.37
CA PHE A 608 -26.09 -2.90 30.71
C PHE A 608 -25.63 -4.03 29.80
N GLU A 609 -26.49 -5.01 29.59
CA GLU A 609 -26.21 -6.14 28.71
C GLU A 609 -25.98 -5.68 27.27
N HIS A 610 -24.74 -5.79 26.84
CA HIS A 610 -24.26 -5.36 25.52
C HIS A 610 -25.02 -6.02 24.37
N GLY A 611 -25.57 -7.21 24.62
CA GLY A 611 -26.22 -8.03 23.60
C GLY A 611 -27.59 -7.58 23.12
N LYS A 612 -28.44 -8.56 22.82
CA LYS A 612 -29.73 -8.37 22.15
C LYS A 612 -30.66 -7.34 22.79
N SER A 613 -30.88 -7.49 24.10
CA SER A 613 -31.88 -6.70 24.83
C SER A 613 -31.77 -5.20 24.56
N ARG A 614 -32.84 -4.64 24.01
CA ARG A 614 -32.89 -3.22 23.65
C ARG A 614 -34.21 -2.58 24.08
N ILE A 615 -34.11 -1.34 24.54
CA ILE A 615 -35.23 -0.51 25.02
C ILE A 615 -34.72 0.37 26.17
N ALA A 616 -33.40 0.28 26.42
CA ALA A 616 -32.73 0.90 27.56
C ALA A 616 -33.20 2.31 27.91
N LEU A 617 -33.51 2.52 29.19
CA LEU A 617 -33.98 3.80 29.68
C LEU A 617 -33.10 4.24 30.85
N THR A 618 -32.48 5.41 30.71
CA THR A 618 -31.59 5.96 31.72
C THR A 618 -32.39 6.55 32.89
N ASN A 619 -31.95 6.32 34.12
CA ASN A 619 -32.57 6.94 35.31
C ASN A 619 -31.59 7.29 36.44
N SER A 620 -32.11 7.92 37.48
CA SER A 620 -31.28 8.50 38.55
C SER A 620 -31.26 7.74 39.88
N VAL A 621 -31.91 6.58 39.94
CA VAL A 621 -31.91 5.74 41.15
C VAL A 621 -31.15 4.42 40.92
N ASN A 622 -30.48 3.94 41.96
CA ASN A 622 -29.73 2.68 41.90
C ASN A 622 -30.57 1.41 41.84
N GLU A 623 -31.85 1.55 41.55
CA GLU A 623 -32.70 0.40 41.25
C GLU A 623 -32.61 0.09 39.75
N ALA A 624 -31.51 0.53 39.15
CA ALA A 624 -31.09 0.11 37.82
C ALA A 624 -30.48 -1.28 37.93
N LEU A 625 -30.10 -1.64 39.16
CA LEU A 625 -29.64 -2.98 39.51
C LEU A 625 -30.73 -4.03 39.33
N LEU A 626 -31.98 -3.64 39.60
CA LEU A 626 -33.11 -4.55 39.46
C LEU A 626 -33.46 -4.82 38.00
N ASN A 627 -33.80 -3.76 37.27
CA ASN A 627 -34.25 -3.86 35.89
C ASN A 627 -33.07 -3.78 34.89
N PRO A 628 -32.91 -4.82 34.04
CA PRO A 628 -31.86 -4.81 33.02
C PRO A 628 -32.00 -3.70 31.98
N SER A 629 -33.24 -3.24 31.76
CA SER A 629 -33.51 -2.13 30.85
C SER A 629 -33.18 -0.77 31.45
N ARG A 630 -33.04 -0.71 32.77
CA ARG A 630 -32.72 0.55 33.46
C ARG A 630 -31.24 0.64 33.80
N VAL A 631 -30.65 1.78 33.47
CA VAL A 631 -29.24 2.05 33.67
C VAL A 631 -29.09 3.36 34.46
N TYR A 632 -28.26 3.34 35.48
CA TYR A 632 -28.07 4.51 36.34
C TYR A 632 -27.25 5.61 35.65
N THR A 633 -27.50 6.85 36.04
CA THR A 633 -26.72 8.00 35.57
C THR A 633 -26.54 9.02 36.70
N PHE A 634 -25.44 9.77 36.63
CA PHE A 634 -25.20 10.85 37.59
C PHE A 634 -25.45 12.23 36.97
N PHE A 635 -25.89 12.24 35.71
CA PHE A 635 -26.27 13.48 35.03
C PHE A 635 -27.62 13.97 35.53
N SER A 636 -27.91 15.25 35.31
CA SER A 636 -29.12 15.90 35.81
C SER A 636 -30.41 15.23 35.31
N SER A 637 -31.53 15.53 35.98
CA SER A 637 -32.81 14.96 35.60
C SER A 637 -33.28 15.44 34.22
N ASP A 638 -32.77 16.58 33.78
CA ASP A 638 -33.08 17.10 32.44
C ASP A 638 -32.42 16.29 31.34
N TYR A 639 -31.25 15.75 31.63
CA TYR A 639 -30.57 14.86 30.70
C TYR A 639 -31.35 13.56 30.52
N VAL A 640 -31.83 12.99 31.62
CA VAL A 640 -32.58 11.73 31.56
C VAL A 640 -33.91 11.90 30.81
N LYS A 641 -34.59 13.01 31.07
CA LYS A 641 -35.86 13.32 30.40
C LYS A 641 -35.70 13.47 28.88
N LYS A 642 -34.60 14.09 28.48
CA LYS A 642 -34.29 14.34 27.08
C LYS A 642 -33.92 13.07 26.33
N VAL A 643 -33.08 12.24 26.95
CA VAL A 643 -32.60 11.01 26.32
C VAL A 643 -33.68 9.92 26.24
N ASN A 644 -34.59 9.92 27.20
CA ASN A 644 -35.68 8.94 27.25
C ASN A 644 -36.89 9.33 26.43
N LYS A 645 -36.86 10.55 25.89
CA LYS A 645 -37.95 11.10 25.09
C LYS A 645 -37.98 10.47 23.71
N ALA A 646 -39.16 9.98 23.33
CA ALA A 646 -39.38 9.43 21.98
C ALA A 646 -39.28 10.55 20.95
N THR A 647 -38.49 10.31 19.91
CA THR A 647 -38.19 11.33 18.92
C THR A 647 -38.52 10.83 17.51
N GLU A 648 -39.19 11.68 16.72
CA GLU A 648 -39.54 11.34 15.35
C GLU A 648 -38.42 11.75 14.38
N ALA A 649 -38.34 11.05 13.26
CA ALA A 649 -37.27 11.19 12.28
C ALA A 649 -36.87 12.65 11.96
N ALA A 650 -37.87 13.51 11.77
CA ALA A 650 -37.64 14.93 11.50
C ALA A 650 -36.80 15.61 12.58
N MET A 651 -37.03 15.24 13.83
CA MET A 651 -36.39 15.88 14.98
C MET A 651 -35.07 15.21 15.39
N PHE A 652 -34.78 14.04 14.81
CA PHE A 652 -33.68 13.18 15.23
C PHE A 652 -32.29 13.84 15.30
N LEU A 653 -31.82 14.38 14.19
CA LEU A 653 -30.47 14.95 14.10
C LEU A 653 -30.26 16.12 15.06
N GLY A 654 -31.28 16.96 15.22
CA GLY A 654 -31.23 18.08 16.14
C GLY A 654 -31.34 17.64 17.59
N TRP A 655 -31.94 16.47 17.79
CA TRP A 655 -32.03 15.83 19.10
C TRP A 655 -30.68 15.21 19.50
N VAL A 656 -30.01 14.61 18.52
CA VAL A 656 -28.69 14.01 18.73
C VAL A 656 -27.65 15.08 19.00
N GLU A 657 -27.66 16.14 18.19
CA GLU A 657 -26.72 17.25 18.33
C GLU A 657 -26.83 17.89 19.72
N GLN A 658 -28.07 17.98 20.21
CA GLN A 658 -28.35 18.57 21.52
C GLN A 658 -27.92 17.67 22.68
N LEU A 659 -27.93 16.35 22.46
CA LEU A 659 -27.48 15.39 23.47
C LEU A 659 -25.96 15.36 23.59
N VAL A 660 -25.26 15.48 22.46
CA VAL A 660 -23.80 15.62 22.44
C VAL A 660 -23.41 16.88 23.21
N TYR A 661 -24.22 17.93 23.07
CA TYR A 661 -24.00 19.20 23.74
C TYR A 661 -24.12 19.07 25.26
N ASP A 662 -25.22 18.48 25.71
CA ASP A 662 -25.47 18.25 27.13
C ASP A 662 -24.42 17.32 27.74
N PHE A 663 -24.05 16.27 26.99
CA PHE A 663 -23.02 15.32 27.44
C PHE A 663 -21.70 16.04 27.73
N THR A 664 -21.34 16.99 26.89
CA THR A 664 -20.15 17.81 27.09
C THR A 664 -20.34 18.74 28.29
N ASP A 665 -21.54 19.30 28.43
CA ASP A 665 -21.82 20.30 29.45
C ASP A 665 -21.84 19.72 30.87
N GLU A 666 -22.42 18.53 31.01
CA GLU A 666 -22.45 17.81 32.29
C GLU A 666 -21.05 17.39 32.73
N THR A 667 -20.24 16.96 31.76
CA THR A 667 -18.90 16.41 32.04
C THR A 667 -17.80 17.48 32.18
N SER A 668 -18.03 18.65 31.62
CA SER A 668 -17.05 19.75 31.66
C SER A 668 -17.18 20.63 32.90
N GLU A 669 -18.11 20.27 33.79
CA GLU A 669 -18.38 21.02 35.01
C GLU A 669 -17.16 21.07 35.92
N VAL A 670 -16.68 22.28 36.19
CA VAL A 670 -15.55 22.51 37.11
C VAL A 670 -15.88 23.64 38.06
N SER A 671 -15.81 23.35 39.36
CA SER A 671 -16.04 24.35 40.39
C SER A 671 -14.71 24.67 41.06
N THR A 672 -14.29 25.93 40.97
CA THR A 672 -13.04 26.37 41.59
C THR A 672 -13.26 26.73 43.06
N THR A 673 -12.21 26.59 43.87
CA THR A 673 -12.25 26.97 45.29
C THR A 673 -10.87 27.37 45.83
N ASP A 674 -10.87 28.15 46.90
CA ASP A 674 -9.64 28.52 47.59
C ASP A 674 -9.72 28.20 49.08
N LYS A 675 -10.89 27.70 49.50
CA LYS A 675 -11.17 27.41 50.90
C LYS A 675 -10.40 26.19 51.41
N ILE A 676 -10.22 25.18 50.56
CA ILE A 676 -9.60 23.92 50.96
C ILE A 676 -8.10 24.03 51.17
N ALA A 677 -7.44 24.67 50.21
CA ALA A 677 -5.99 24.78 50.19
C ALA A 677 -5.51 23.57 49.42
N ASP A 678 -4.27 23.63 48.94
CA ASP A 678 -3.66 22.50 48.21
C ASP A 678 -4.58 22.00 47.08
N ILE A 679 -5.90 22.15 47.27
CA ILE A 679 -6.89 21.80 46.27
C ILE A 679 -7.61 23.06 45.78
N THR A 680 -7.39 23.40 44.51
CA THR A 680 -7.92 24.63 43.93
C THR A 680 -9.15 24.42 43.04
N ILE A 681 -9.35 23.18 42.58
CA ILE A 681 -10.51 22.85 41.75
C ILE A 681 -11.28 21.65 42.30
N ILE A 682 -12.57 21.58 41.98
CA ILE A 682 -13.43 20.47 42.40
C ILE A 682 -14.30 20.00 41.22
N ILE A 683 -14.55 18.70 41.15
CA ILE A 683 -15.48 18.12 40.18
C ILE A 683 -16.63 17.44 40.94
N PRO A 684 -17.79 18.12 41.01
CA PRO A 684 -18.90 17.78 41.89
C PRO A 684 -19.60 16.46 41.55
N TYR A 685 -19.60 16.08 40.28
CA TYR A 685 -20.33 14.88 39.87
C TYR A 685 -19.63 13.55 40.19
N ILE A 686 -18.43 13.64 40.75
CA ILE A 686 -17.72 12.45 41.25
C ILE A 686 -18.49 11.84 42.43
N GLY A 687 -19.07 12.70 43.26
CA GLY A 687 -19.94 12.28 44.37
C GLY A 687 -21.04 11.31 43.95
N PRO A 688 -22.01 11.78 43.15
CA PRO A 688 -23.10 10.92 42.66
C PRO A 688 -22.67 9.81 41.68
N ALA A 689 -21.45 9.89 41.17
CA ALA A 689 -20.93 8.88 40.24
C ALA A 689 -20.41 7.64 40.96
N LEU A 690 -19.85 7.85 42.15
CA LEU A 690 -19.21 6.78 42.90
C LEU A 690 -19.70 6.63 44.34
N ASN A 691 -20.67 7.46 44.72
CA ASN A 691 -21.23 7.48 46.08
C ASN A 691 -20.17 7.78 47.15
N ILE A 692 -19.45 8.89 46.95
CA ILE A 692 -18.35 9.25 47.83
C ILE A 692 -18.85 9.76 49.19
N GLY A 693 -18.63 8.94 50.22
CA GLY A 693 -19.02 9.26 51.59
C GLY A 693 -20.48 9.03 51.93
N ASN A 694 -21.14 8.23 51.08
CA ASN A 694 -22.60 7.96 51.18
C ASN A 694 -23.47 9.22 51.23
N MET A 695 -23.08 10.22 50.45
CA MET A 695 -23.80 11.49 50.40
C MET A 695 -24.19 11.79 48.95
N LEU A 696 -25.32 11.20 48.53
CA LEU A 696 -25.76 11.21 47.13
C LEU A 696 -26.30 12.58 46.64
N TYR A 697 -25.49 13.63 46.82
CA TYR A 697 -25.84 14.98 46.35
C TYR A 697 -24.57 15.68 45.85
N LYS A 698 -24.70 16.38 44.73
CA LYS A 698 -23.61 17.18 44.17
C LYS A 698 -23.19 18.29 45.14
N ASP A 699 -24.17 18.88 45.82
CA ASP A 699 -23.94 19.91 46.83
C ASP A 699 -23.24 19.33 48.06
N ASP A 700 -23.56 18.07 48.38
CA ASP A 700 -23.00 17.39 49.55
C ASP A 700 -21.54 17.00 49.38
N PHE A 701 -21.13 16.73 48.14
CA PHE A 701 -19.74 16.36 47.86
C PHE A 701 -18.80 17.55 47.99
N VAL A 702 -19.16 18.67 47.35
CA VAL A 702 -18.37 19.90 47.41
C VAL A 702 -18.24 20.37 48.86
N GLY A 703 -19.36 20.36 49.58
CA GLY A 703 -19.40 20.77 50.98
C GLY A 703 -18.63 19.85 51.91
N ALA A 704 -18.69 18.55 51.65
CA ALA A 704 -17.99 17.55 52.46
C ALA A 704 -16.48 17.58 52.24
N LEU A 705 -16.06 17.93 51.02
CA LEU A 705 -14.64 18.03 50.69
C LEU A 705 -13.97 19.22 51.37
N ILE A 706 -14.68 20.36 51.43
CA ILE A 706 -14.19 21.55 52.13
C ILE A 706 -14.05 21.30 53.63
N PHE A 707 -15.01 20.56 54.18
CA PHE A 707 -15.10 20.31 55.61
C PHE A 707 -14.02 19.36 56.14
N SER A 708 -13.83 18.22 55.49
CA SER A 708 -12.90 17.20 56.00
C SER A 708 -11.69 16.92 55.09
N GLY A 709 -11.65 17.55 53.92
CA GLY A 709 -10.51 17.43 53.03
C GLY A 709 -10.53 16.17 52.17
N ALA A 710 -9.35 15.80 51.68
CA ALA A 710 -9.21 14.69 50.74
C ALA A 710 -9.55 13.32 51.32
N VAL A 711 -9.40 13.16 52.63
CA VAL A 711 -9.65 11.88 53.31
C VAL A 711 -10.99 11.23 52.91
N ILE A 712 -11.95 12.07 52.52
CA ILE A 712 -13.30 11.60 52.19
C ILE A 712 -13.34 10.73 50.93
N LEU A 713 -12.33 10.89 50.08
CA LEU A 713 -12.19 10.09 48.85
C LEU A 713 -11.61 8.71 49.12
N LEU A 714 -10.84 8.60 50.19
CA LEU A 714 -10.12 7.36 50.52
C LEU A 714 -11.03 6.24 50.95
N GLU A 715 -10.71 5.04 50.49
CA GLU A 715 -11.43 3.83 50.89
C GLU A 715 -10.97 3.37 52.27
N PHE A 716 -9.66 3.44 52.53
CA PHE A 716 -9.11 3.16 53.85
C PHE A 716 -8.10 4.24 54.27
N ILE A 717 -8.12 4.57 55.56
CA ILE A 717 -7.18 5.53 56.12
C ILE A 717 -5.86 4.82 56.40
N PRO A 718 -4.77 5.25 55.73
CA PRO A 718 -3.46 4.61 55.88
C PRO A 718 -2.89 4.81 57.28
N GLU A 719 -2.27 3.76 57.83
CA GLU A 719 -1.58 3.88 59.09
C GLU A 719 -0.11 4.24 58.81
N ILE A 720 0.37 5.26 59.50
CA ILE A 720 1.76 5.69 59.35
C ILE A 720 2.46 5.81 60.72
N ALA A 721 3.40 4.91 60.95
CA ALA A 721 4.08 4.82 62.24
C ALA A 721 5.52 5.32 62.18
N ILE A 722 5.71 6.55 62.63
CA ILE A 722 7.05 7.11 62.82
C ILE A 722 7.36 6.97 64.31
N PRO A 723 8.45 6.26 64.65
CA PRO A 723 8.85 6.09 66.04
C PRO A 723 9.62 7.29 66.58
N VAL A 724 10.00 7.23 67.85
CA VAL A 724 10.86 8.25 68.44
C VAL A 724 12.21 8.19 67.75
N LEU A 725 12.62 9.32 67.16
CA LEU A 725 13.84 9.37 66.37
C LEU A 725 15.10 9.26 67.23
N GLY A 726 16.00 8.37 66.82
CA GLY A 726 17.25 8.12 67.53
C GLY A 726 18.12 9.36 67.64
N THR A 727 18.42 9.74 68.88
CA THR A 727 19.20 10.94 69.18
C THR A 727 20.66 10.75 68.79
N PHE A 728 21.36 11.87 68.60
CA PHE A 728 22.80 11.82 68.32
C PHE A 728 23.62 11.86 69.59
N ALA A 729 24.68 11.05 69.61
CA ALA A 729 25.67 11.06 70.68
C ALA A 729 26.99 11.61 70.14
N LEU A 730 27.56 12.56 70.86
CA LEU A 730 28.78 13.24 70.41
C LEU A 730 30.06 12.67 71.01
N VAL A 731 31.08 12.53 70.16
CA VAL A 731 32.40 12.09 70.59
C VAL A 731 33.28 13.32 70.83
N SER A 732 33.86 13.39 72.03
CA SER A 732 34.64 14.54 72.45
C SER A 732 36.15 14.34 72.24
N TYR A 733 36.82 15.40 71.79
CA TYR A 733 38.28 15.40 71.62
C TYR A 733 38.90 16.52 72.43
N ILE A 734 39.69 16.17 73.44
CA ILE A 734 40.32 17.17 74.32
C ILE A 734 41.59 17.75 73.68
N ALA A 735 41.74 19.06 73.79
CA ALA A 735 42.89 19.82 73.29
C ALA A 735 43.04 19.79 71.76
N ASN A 736 41.91 19.86 71.06
CA ASN A 736 41.91 19.90 69.59
C ASN A 736 40.77 20.75 69.04
N LYS A 737 41.11 21.97 68.64
CA LYS A 737 40.12 22.94 68.15
C LYS A 737 39.55 22.58 66.78
N VAL A 738 40.36 21.97 65.93
CA VAL A 738 39.96 21.63 64.57
C VAL A 738 38.88 20.56 64.54
N LEU A 739 39.12 19.46 65.24
CA LEU A 739 38.21 18.31 65.24
C LEU A 739 36.97 18.49 66.14
N THR A 740 36.99 19.49 67.00
CA THR A 740 35.82 19.83 67.81
C THR A 740 34.79 20.57 66.96
N VAL A 741 35.27 21.46 66.10
CA VAL A 741 34.42 22.20 65.16
C VAL A 741 33.83 21.26 64.10
N GLN A 742 34.62 20.28 63.67
CA GLN A 742 34.19 19.30 62.67
C GLN A 742 33.01 18.44 63.14
N THR A 743 33.06 18.00 64.40
CA THR A 743 32.00 17.16 64.98
C THR A 743 30.68 17.91 65.11
N ILE A 744 30.76 19.20 65.46
CA ILE A 744 29.58 20.07 65.56
C ILE A 744 28.96 20.30 64.17
N ASP A 745 29.80 20.52 63.18
CA ASP A 745 29.37 20.72 61.80
C ASP A 745 28.81 19.44 61.18
N ASN A 746 29.44 18.30 61.51
CA ASN A 746 28.98 17.00 61.04
C ASN A 746 27.62 16.61 61.59
N ALA A 747 27.36 16.96 62.84
CA ALA A 747 26.07 16.69 63.48
C ALA A 747 24.94 17.52 62.86
N LEU A 748 25.25 18.75 62.45
CA LEU A 748 24.27 19.65 61.86
C LEU A 748 23.86 19.24 60.45
N SER A 749 24.82 18.86 59.62
CA SER A 749 24.53 18.40 58.27
C SER A 749 23.93 16.99 58.27
N LYS A 750 24.20 16.23 59.33
CA LYS A 750 23.63 14.90 59.50
C LYS A 750 22.17 14.98 59.93
N ARG A 751 21.79 16.13 60.50
CA ARG A 751 20.40 16.43 60.83
C ARG A 751 19.59 16.64 59.55
N ASN A 752 20.19 17.29 58.56
CA ASN A 752 19.55 17.48 57.25
C ASN A 752 19.19 16.15 56.61
N GLU A 753 20.10 15.18 56.74
CA GLU A 753 19.86 13.82 56.26
C GLU A 753 18.72 13.15 57.01
N LYS A 754 18.58 13.46 58.30
CA LYS A 754 17.52 12.91 59.12
C LYS A 754 16.14 13.41 58.67
N TRP A 755 16.05 14.70 58.34
CA TRP A 755 14.85 15.31 57.78
C TRP A 755 14.55 14.74 56.40
N ASP A 756 15.60 14.51 55.63
CA ASP A 756 15.52 13.91 54.32
C ASP A 756 15.06 12.46 54.39
N GLU A 757 15.54 11.75 55.41
CA GLU A 757 15.23 10.34 55.62
C GLU A 757 13.76 10.13 55.96
N VAL A 758 13.25 10.96 56.88
CA VAL A 758 11.86 10.89 57.33
C VAL A 758 10.92 11.26 56.18
N TYR A 759 11.19 12.39 55.52
CA TYR A 759 10.40 12.82 54.37
C TYR A 759 10.27 11.71 53.33
N LYS A 760 11.38 11.06 53.01
CA LYS A 760 11.39 9.98 52.02
C LYS A 760 10.52 8.81 52.46
N TYR A 761 10.56 8.51 53.75
CA TYR A 761 9.79 7.41 54.33
C TYR A 761 8.28 7.65 54.25
N ILE A 762 7.87 8.89 54.50
CA ILE A 762 6.47 9.29 54.40
C ILE A 762 5.99 9.27 52.95
N VAL A 763 6.86 9.71 52.03
CA VAL A 763 6.57 9.69 50.60
C VAL A 763 6.34 8.26 50.12
N THR A 764 7.12 7.32 50.65
CA THR A 764 6.99 5.90 50.29
C THR A 764 5.64 5.31 50.71
N ASN A 765 5.23 5.60 51.95
CA ASN A 765 3.94 5.12 52.46
C ASN A 765 2.76 5.72 51.71
N TRP A 766 2.84 7.02 51.41
CA TRP A 766 1.82 7.74 50.64
C TRP A 766 1.71 7.18 49.23
N LEU A 767 2.87 6.88 48.64
CA LEU A 767 2.96 6.37 47.29
C LEU A 767 2.34 4.98 47.15
N ALA A 768 2.33 4.21 48.24
CA ALA A 768 1.83 2.84 48.22
C ALA A 768 0.42 2.67 48.83
N LYS A 769 0.12 3.48 49.83
CA LYS A 769 -1.14 3.34 50.58
C LYS A 769 -2.23 4.29 50.10
N VAL A 770 -1.83 5.49 49.68
CA VAL A 770 -2.80 6.53 49.29
C VAL A 770 -2.89 6.71 47.77
N ASN A 771 -1.77 7.01 47.12
CA ASN A 771 -1.75 7.30 45.68
C ASN A 771 -2.30 6.16 44.83
N THR A 772 -2.25 4.94 45.36
CA THR A 772 -2.80 3.77 44.70
C THR A 772 -4.33 3.79 44.73
N GLN A 773 -4.90 4.24 45.84
CA GLN A 773 -6.36 4.38 45.98
C GLN A 773 -6.87 5.39 44.96
N ILE A 774 -6.31 6.60 44.98
CA ILE A 774 -6.64 7.65 44.02
C ILE A 774 -6.46 7.17 42.58
N ASP A 775 -5.38 6.44 42.31
CA ASP A 775 -5.15 5.80 41.01
C ASP A 775 -6.32 4.95 40.55
N LEU A 776 -6.93 4.23 41.49
CA LEU A 776 -8.06 3.35 41.18
C LEU A 776 -9.35 4.15 40.97
N ILE A 777 -9.55 5.20 41.76
CA ILE A 777 -10.73 6.06 41.62
C ILE A 777 -10.80 6.75 40.24
N ARG A 778 -9.67 7.25 39.75
CA ARG A 778 -9.63 7.88 38.41
C ARG A 778 -9.92 6.88 37.29
N LYS A 779 -9.45 5.64 37.47
CA LYS A 779 -9.73 4.56 36.53
C LYS A 779 -11.22 4.25 36.52
N LYS A 780 -11.84 4.30 37.70
CA LYS A 780 -13.25 4.01 37.87
C LYS A 780 -14.13 5.13 37.35
N MET A 781 -13.65 6.37 37.46
CA MET A 781 -14.34 7.51 36.87
C MET A 781 -14.31 7.44 35.35
N LYS A 782 -13.18 6.97 34.81
CA LYS A 782 -13.02 6.72 33.38
C LYS A 782 -14.01 5.67 32.89
N GLU A 783 -14.17 4.61 33.68
CA GLU A 783 -15.17 3.57 33.42
C GLU A 783 -16.59 4.13 33.48
N ALA A 784 -16.85 4.96 34.48
CA ALA A 784 -18.17 5.54 34.69
C ALA A 784 -18.59 6.42 33.52
N LEU A 785 -17.67 7.25 33.03
CA LEU A 785 -17.92 8.10 31.88
C LEU A 785 -18.15 7.28 30.61
N GLU A 786 -17.37 6.21 30.45
CA GLU A 786 -17.52 5.31 29.30
C GLU A 786 -18.88 4.62 29.31
N ASN A 787 -19.33 4.21 30.49
CA ASN A 787 -20.64 3.60 30.68
C ASN A 787 -21.78 4.53 30.26
N GLN A 788 -21.63 5.81 30.60
CA GLN A 788 -22.62 6.83 30.26
C GLN A 788 -22.73 7.04 28.75
N ALA A 789 -21.59 7.10 28.07
CA ALA A 789 -21.55 7.26 26.63
C ALA A 789 -22.12 6.04 25.92
N GLU A 790 -21.82 4.86 26.44
CA GLU A 790 -22.34 3.61 25.87
C GLU A 790 -23.86 3.55 25.97
N ALA A 791 -24.37 3.93 27.14
CA ALA A 791 -25.81 3.94 27.38
C ALA A 791 -26.51 4.96 26.48
N THR A 792 -25.90 6.12 26.32
CA THR A 792 -26.43 7.18 25.46
C THR A 792 -26.43 6.74 23.99
N LYS A 793 -25.33 6.12 23.56
CA LYS A 793 -25.22 5.63 22.19
C LYS A 793 -26.25 4.54 21.90
N ALA A 794 -26.48 3.65 22.87
CA ALA A 794 -27.43 2.57 22.73
C ALA A 794 -28.86 3.08 22.55
N ILE A 795 -29.20 4.14 23.27
CA ILE A 795 -30.53 4.76 23.18
C ILE A 795 -30.72 5.52 21.86
N ILE A 796 -29.71 6.29 21.48
CA ILE A 796 -29.73 7.03 20.20
C ILE A 796 -29.79 6.07 19.01
N ASN A 797 -29.03 4.98 19.07
CA ASN A 797 -29.02 3.99 18.00
C ASN A 797 -30.29 3.16 17.93
N TYR A 798 -30.92 2.96 19.09
CA TYR A 798 -32.20 2.25 19.15
C TYR A 798 -33.31 3.04 18.46
N GLN A 799 -33.38 4.34 18.75
CA GLN A 799 -34.36 5.24 18.14
C GLN A 799 -34.20 5.30 16.61
N TYR A 800 -32.94 5.33 16.17
CA TYR A 800 -32.61 5.35 14.74
C TYR A 800 -33.05 4.07 14.03
N ASN A 801 -32.90 2.92 14.69
CA ASN A 801 -33.30 1.64 14.13
C ASN A 801 -34.80 1.36 14.23
N GLN A 802 -35.52 2.24 14.91
CA GLN A 802 -36.98 2.15 15.02
C GLN A 802 -37.70 2.78 13.83
N TYR A 803 -36.98 3.59 13.06
CA TYR A 803 -37.53 4.21 11.86
C TYR A 803 -37.56 3.21 10.71
N THR A 804 -38.21 3.59 9.60
CA THR A 804 -38.36 2.72 8.44
C THR A 804 -38.11 3.48 7.14
N GLU A 805 -37.04 3.11 6.45
CA GLU A 805 -36.68 3.65 5.12
C GLU A 805 -36.31 5.14 5.09
N GLU A 806 -36.80 5.88 6.08
CA GLU A 806 -36.41 7.28 6.27
C GLU A 806 -34.99 7.37 6.85
N GLU A 807 -34.43 6.21 7.19
CA GLU A 807 -33.05 6.11 7.66
C GLU A 807 -32.05 6.32 6.52
N LYS A 808 -32.48 5.96 5.31
CA LYS A 808 -31.61 5.91 4.14
C LYS A 808 -30.95 7.25 3.82
N ASN A 809 -31.76 8.20 3.32
CA ASN A 809 -31.25 9.51 2.95
C ASN A 809 -31.63 10.60 3.95
N ASN A 810 -32.88 10.58 4.40
CA ASN A 810 -33.43 11.62 5.26
C ASN A 810 -32.58 11.91 6.50
N ILE A 811 -32.05 10.86 7.10
CA ILE A 811 -31.20 11.02 8.28
C ILE A 811 -29.72 10.94 7.93
N ASN A 812 -29.31 9.81 7.35
CA ASN A 812 -27.90 9.53 7.04
C ASN A 812 -27.00 9.78 8.25
N PHE A 813 -27.11 8.87 9.23
CA PHE A 813 -26.48 9.02 10.53
C PHE A 813 -25.30 8.07 10.72
N ASN A 814 -24.17 8.64 11.15
CA ASN A 814 -22.96 7.86 11.39
C ASN A 814 -22.68 7.71 12.89
N ILE A 815 -22.77 6.47 13.37
CA ILE A 815 -22.59 6.18 14.80
C ILE A 815 -21.13 6.30 15.23
N ASP A 816 -20.20 6.08 14.28
CA ASP A 816 -18.78 6.22 14.54
C ASP A 816 -18.39 7.68 14.76
N ASP A 817 -19.15 8.60 14.16
CA ASP A 817 -18.98 10.03 14.39
C ASP A 817 -19.52 10.45 15.76
N LEU A 818 -20.67 9.89 16.15
CA LEU A 818 -21.24 10.11 17.48
C LEU A 818 -20.30 9.57 18.56
N SER A 819 -19.76 8.38 18.32
CA SER A 819 -18.82 7.74 19.24
C SER A 819 -17.53 8.53 19.37
N SER A 820 -17.08 9.11 18.25
CA SER A 820 -15.86 9.90 18.21
C SER A 820 -15.98 11.20 19.00
N LYS A 821 -17.14 11.85 18.90
CA LYS A 821 -17.42 13.10 19.59
C LYS A 821 -17.59 12.92 21.10
N LEU A 822 -18.23 11.81 21.50
CA LEU A 822 -18.41 11.50 22.92
C LEU A 822 -17.08 11.10 23.57
N ASN A 823 -16.28 10.31 22.86
CA ASN A 823 -14.94 9.95 23.31
C ASN A 823 -14.09 11.19 23.59
N GLU A 824 -14.26 12.19 22.73
CA GLU A 824 -13.56 13.48 22.85
C GLU A 824 -13.97 14.22 24.13
N SER A 825 -15.27 14.25 24.41
CA SER A 825 -15.80 14.90 25.61
C SER A 825 -15.37 14.18 26.88
N ILE A 826 -15.24 12.85 26.81
CA ILE A 826 -14.76 12.05 27.93
C ILE A 826 -13.31 12.40 28.25
N ASN A 827 -12.49 12.51 27.22
CA ASN A 827 -11.08 12.88 27.37
C ASN A 827 -10.88 14.24 28.05
N LYS A 828 -11.69 15.21 27.63
CA LYS A 828 -11.64 16.55 28.23
C LYS A 828 -12.07 16.51 29.69
N ALA A 829 -13.06 15.67 29.99
CA ALA A 829 -13.51 15.47 31.37
C ALA A 829 -12.41 14.84 32.23
N MET A 830 -11.70 13.87 31.64
CA MET A 830 -10.59 13.20 32.33
C MET A 830 -9.41 14.14 32.61
N ILE A 831 -9.13 15.06 31.68
CA ILE A 831 -8.13 16.10 31.91
C ILE A 831 -8.40 16.78 33.25
N ASN A 832 -9.64 17.24 33.43
CA ASN A 832 -10.10 17.86 34.68
C ASN A 832 -10.02 16.92 35.88
N ILE A 833 -10.51 15.69 35.71
CA ILE A 833 -10.55 14.69 36.77
C ILE A 833 -9.16 14.30 37.27
N ASN A 834 -8.24 14.06 36.34
CA ASN A 834 -6.85 13.78 36.66
C ASN A 834 -6.19 14.91 37.45
N LYS A 835 -6.44 16.15 37.01
CA LYS A 835 -5.91 17.33 37.66
C LYS A 835 -6.46 17.48 39.07
N PHE A 836 -7.73 17.14 39.25
CA PHE A 836 -8.40 17.22 40.54
C PHE A 836 -7.90 16.14 41.51
N LEU A 837 -7.76 14.91 41.04
CA LEU A 837 -7.40 13.78 41.89
C LEU A 837 -5.92 13.72 42.25
N ASN A 838 -5.07 14.32 41.41
CA ASN A 838 -3.67 14.51 41.75
C ASN A 838 -3.50 15.49 42.90
N GLN A 839 -4.30 16.55 42.89
CA GLN A 839 -4.29 17.55 43.95
C GLN A 839 -4.71 16.96 45.30
N CYS A 840 -5.71 16.08 45.27
CA CYS A 840 -6.20 15.40 46.48
C CYS A 840 -5.14 14.47 47.09
N SER A 841 -4.46 13.73 46.23
CA SER A 841 -3.40 12.83 46.68
C SER A 841 -2.25 13.59 47.35
N VAL A 842 -1.80 14.66 46.70
CA VAL A 842 -0.74 15.52 47.25
C VAL A 842 -1.26 16.30 48.46
N SER A 843 -2.49 16.82 48.37
CA SER A 843 -3.13 17.53 49.46
C SER A 843 -3.10 16.70 50.74
N TYR A 844 -3.43 15.41 50.60
CA TYR A 844 -3.42 14.49 51.73
C TYR A 844 -2.00 14.31 52.27
N LEU A 845 -1.05 14.12 51.36
CA LEU A 845 0.36 13.98 51.75
C LEU A 845 0.86 15.19 52.56
N MET A 846 0.43 16.38 52.16
CA MET A 846 0.91 17.63 52.76
C MET A 846 0.29 17.95 54.11
N ASN A 847 -1.00 17.66 54.27
CA ASN A 847 -1.76 18.08 55.44
C ASN A 847 -2.10 16.96 56.42
N SER A 848 -1.91 15.72 56.01
CA SER A 848 -2.34 14.57 56.80
C SER A 848 -1.25 13.52 57.05
N MET A 849 -0.11 13.67 56.37
CA MET A 849 0.96 12.67 56.47
C MET A 849 2.33 13.28 56.79
N ILE A 850 2.63 14.39 56.15
CA ILE A 850 3.89 15.12 56.39
C ILE A 850 3.97 15.75 57.80
N PRO A 851 2.88 16.38 58.28
CA PRO A 851 2.92 17.00 59.61
C PRO A 851 3.34 16.04 60.72
N TYR A 852 2.92 14.77 60.61
CA TYR A 852 3.29 13.72 61.57
C TYR A 852 4.80 13.58 61.71
N GLY A 853 5.49 13.60 60.57
CA GLY A 853 6.95 13.53 60.55
C GLY A 853 7.60 14.80 61.07
N VAL A 854 7.05 15.95 60.68
CA VAL A 854 7.61 17.25 61.05
C VAL A 854 7.70 17.44 62.55
N LYS A 855 6.60 17.21 63.28
CA LYS A 855 6.62 17.40 64.73
C LYS A 855 7.42 16.32 65.47
N ARG A 856 7.56 15.16 64.84
CA ARG A 856 8.47 14.11 65.32
C ARG A 856 9.92 14.58 65.11
N LEU A 857 10.15 15.26 63.99
CA LEU A 857 11.47 15.81 63.64
C LEU A 857 11.86 17.03 64.48
N GLU A 858 10.87 17.82 64.86
CA GLU A 858 11.10 19.01 65.67
C GLU A 858 11.50 18.64 67.10
N ASP A 859 10.99 17.49 67.56
CA ASP A 859 11.36 16.94 68.86
C ASP A 859 12.79 16.40 68.87
N PHE A 860 13.23 15.92 67.71
CA PHE A 860 14.61 15.49 67.51
C PHE A 860 15.56 16.67 67.51
N ASP A 861 15.12 17.78 66.92
CA ASP A 861 15.89 19.04 66.88
C ASP A 861 16.10 19.59 68.27
N ALA A 862 15.13 19.31 69.15
CA ALA A 862 15.18 19.70 70.55
C ALA A 862 16.26 18.91 71.29
N SER A 863 16.33 17.61 71.03
CA SER A 863 17.32 16.74 71.66
C SER A 863 18.74 17.09 71.23
N LEU A 864 18.91 17.39 69.95
CA LEU A 864 20.20 17.77 69.39
C LEU A 864 20.60 19.19 69.81
N LYS A 865 19.60 20.06 69.98
CA LYS A 865 19.81 21.43 70.45
C LYS A 865 20.59 21.42 71.76
N ASP A 866 20.07 20.71 72.75
CA ASP A 866 20.67 20.66 74.09
C ASP A 866 21.95 19.84 74.13
N ALA A 867 22.05 18.84 73.27
CA ALA A 867 23.25 18.03 73.16
C ALA A 867 24.44 18.84 72.64
N LEU A 868 24.19 19.67 71.63
CA LEU A 868 25.24 20.51 71.03
C LEU A 868 25.60 21.71 71.90
N LEU A 869 24.62 22.26 72.61
CA LEU A 869 24.85 23.39 73.51
C LEU A 869 25.65 22.99 74.75
N LYS A 870 25.43 21.76 75.21
CA LYS A 870 26.20 21.21 76.33
C LYS A 870 27.60 20.82 75.87
N TYR A 871 27.69 20.34 74.63
CA TYR A 871 28.97 19.98 74.02
C TYR A 871 29.87 21.21 73.86
N ILE A 872 29.31 22.29 73.32
CA ILE A 872 30.02 23.56 73.15
C ILE A 872 30.49 24.11 74.48
N TYR A 873 29.62 24.02 75.50
CA TYR A 873 29.94 24.45 76.84
C TYR A 873 31.09 23.63 77.45
N ASP A 874 31.03 22.31 77.25
CA ASP A 874 32.02 21.39 77.82
C ASP A 874 33.40 21.48 77.16
N ASN A 875 33.47 22.13 76.00
CA ASN A 875 34.74 22.32 75.29
C ASN A 875 35.06 23.79 75.02
N ARG A 876 34.65 24.66 75.93
CA ARG A 876 34.79 26.10 75.75
C ARG A 876 36.23 26.60 75.95
N GLY A 877 37.05 25.79 76.63
CA GLY A 877 38.47 26.09 76.79
C GLY A 877 39.24 25.83 75.51
N THR A 878 38.74 24.89 74.71
CA THR A 878 39.34 24.54 73.43
C THR A 878 38.87 25.49 72.32
N LEU A 879 37.66 26.03 72.47
CA LEU A 879 37.03 26.85 71.44
C LEU A 879 36.94 28.34 71.80
N ILE A 880 37.78 28.79 72.73
CA ILE A 880 37.73 30.15 73.29
C ILE A 880 37.23 31.25 72.33
N GLY A 881 37.92 31.42 71.21
CA GLY A 881 37.64 32.51 70.28
C GLY A 881 36.40 32.33 69.40
N GLN A 882 35.80 31.15 69.44
CA GLN A 882 34.70 30.81 68.52
C GLN A 882 33.41 30.35 69.22
N VAL A 883 33.37 30.45 70.54
CA VAL A 883 32.22 29.96 71.33
C VAL A 883 30.92 30.70 71.00
N ASP A 884 30.99 32.03 70.96
CA ASP A 884 29.82 32.87 70.69
C ASP A 884 29.25 32.64 69.29
N ARG A 885 30.14 32.43 68.33
CA ARG A 885 29.78 32.17 66.93
C ARG A 885 29.09 30.80 66.78
N LEU A 886 29.69 29.77 67.38
CA LEU A 886 29.15 28.41 67.32
C LEU A 886 27.86 28.25 68.12
N LYS A 887 27.66 29.10 69.12
CA LYS A 887 26.45 29.10 69.93
C LYS A 887 25.25 29.58 69.10
N ASP A 888 25.49 30.58 68.24
CA ASP A 888 24.45 31.17 67.42
C ASP A 888 24.03 30.28 66.25
N LYS A 889 24.99 29.56 65.68
CA LYS A 889 24.74 28.67 64.54
C LYS A 889 23.85 27.50 64.95
N VAL A 890 24.11 26.94 66.14
CA VAL A 890 23.31 25.83 66.67
C VAL A 890 21.90 26.29 66.99
N ASN A 891 21.77 27.51 67.53
CA ASN A 891 20.47 28.10 67.86
C ASN A 891 19.65 28.52 66.64
N ASN A 892 20.31 28.90 65.56
CA ASN A 892 19.63 29.33 64.34
C ASN A 892 19.14 28.16 63.49
N THR A 893 20.05 27.24 63.16
CA THR A 893 19.76 26.14 62.24
C THR A 893 18.77 25.11 62.80
N LEU A 894 18.77 24.94 64.12
CA LEU A 894 17.92 23.92 64.77
C LEU A 894 16.55 24.45 65.20
N SER A 895 16.28 25.73 64.90
CA SER A 895 15.01 26.35 65.24
C SER A 895 14.05 26.39 64.05
N THR A 896 14.60 26.23 62.85
CA THR A 896 13.81 26.31 61.62
C THR A 896 13.66 24.92 61.00
N ASP A 897 12.45 24.64 60.51
CA ASP A 897 12.17 23.41 59.79
C ASP A 897 12.84 23.42 58.42
N ILE A 898 13.13 22.23 57.90
CA ILE A 898 13.62 22.08 56.53
C ILE A 898 12.43 21.94 55.58
N PRO A 899 12.30 22.86 54.61
CA PRO A 899 11.17 22.87 53.68
C PRO A 899 11.05 21.56 52.91
N PHE A 900 9.81 21.05 52.81
CA PHE A 900 9.53 19.81 52.11
C PHE A 900 9.35 20.08 50.62
N GLN A 901 10.22 19.49 49.81
CA GLN A 901 10.16 19.62 48.36
C GLN A 901 9.77 18.29 47.73
N LEU A 902 8.64 18.29 47.04
CA LEU A 902 8.10 17.09 46.41
C LEU A 902 8.99 16.60 45.25
N SER A 903 9.63 17.55 44.57
CA SER A 903 10.51 17.27 43.44
C SER A 903 11.80 16.52 43.82
N LYS A 904 12.06 16.45 45.13
CA LYS A 904 13.26 15.80 45.66
C LYS A 904 13.08 14.28 45.80
N TYR A 905 11.84 13.84 45.89
CA TYR A 905 11.53 12.44 46.19
C TYR A 905 10.66 11.76 45.13
N VAL A 906 9.90 12.58 44.40
CA VAL A 906 9.03 12.08 43.33
C VAL A 906 9.48 12.62 41.97
N ASP A 907 9.84 11.71 41.08
CA ASP A 907 10.33 12.06 39.75
C ASP A 907 9.18 12.34 38.78
N ASN A 908 8.02 11.76 39.08
CA ASN A 908 6.80 11.89 38.29
C ASN A 908 6.38 13.36 38.08
N GLN A 909 6.66 13.89 36.89
CA GLN A 909 6.48 15.33 36.62
C GLN A 909 5.02 15.78 36.43
N ARG A 910 4.09 14.82 36.36
CA ARG A 910 2.67 15.15 36.33
C ARG A 910 2.05 15.11 37.73
N LEU A 911 2.80 14.52 38.69
CA LEU A 911 2.49 14.64 40.11
C LEU A 911 3.08 15.94 40.66
N LEU A 912 4.16 16.40 40.04
CA LEU A 912 4.84 17.64 40.42
C LEU A 912 4.11 18.88 39.89
N SER A 913 3.17 18.67 38.97
CA SER A 913 2.41 19.76 38.33
C SER A 913 1.49 20.52 39.29
N THR A 914 1.30 19.97 40.49
CA THR A 914 0.51 20.61 41.54
C THR A 914 1.32 21.73 42.21
N MET B 2 -11.08 -1.94 -6.01
CA MET B 2 -9.67 -2.46 -5.96
C MET B 2 -9.66 -3.95 -6.32
N GLU B 3 -9.38 -4.24 -7.59
CA GLU B 3 -9.37 -5.62 -8.06
C GLU B 3 -7.97 -6.11 -8.42
N PHE B 4 -7.31 -5.42 -9.34
CA PHE B 4 -5.96 -5.76 -9.75
C PHE B 4 -4.93 -5.04 -8.89
N VAL B 5 -5.09 -3.72 -8.76
CA VAL B 5 -4.30 -2.92 -7.84
C VAL B 5 -4.98 -3.01 -6.48
N ASN B 6 -4.27 -3.58 -5.51
CA ASN B 6 -4.85 -3.87 -4.20
C ASN B 6 -4.94 -2.69 -3.23
N LYS B 7 -4.13 -1.66 -3.46
CA LYS B 7 -4.08 -0.50 -2.57
C LYS B 7 -4.33 0.82 -3.30
N GLN B 8 -5.05 1.72 -2.64
CA GLN B 8 -5.22 3.06 -3.16
C GLN B 8 -3.98 3.81 -2.70
N PHE B 9 -3.27 4.37 -3.66
CA PHE B 9 -2.01 5.06 -3.37
C PHE B 9 -2.14 6.58 -3.42
N ASN B 10 -1.61 7.22 -2.38
CA ASN B 10 -1.39 8.65 -2.37
C ASN B 10 0.11 8.88 -2.44
N TYR B 11 0.54 9.91 -3.16
CA TYR B 11 1.97 10.13 -3.38
C TYR B 11 2.73 10.51 -2.12
N LYS B 12 2.05 11.22 -1.22
CA LYS B 12 2.66 11.66 0.03
C LYS B 12 2.72 10.56 1.11
N ASP B 13 2.32 9.35 0.73
CA ASP B 13 2.40 8.17 1.61
C ASP B 13 3.85 7.84 1.97
N PRO B 14 4.10 7.48 3.24
CA PRO B 14 5.45 7.20 3.74
C PRO B 14 6.08 5.96 3.10
N VAL B 15 7.41 5.96 3.02
CA VAL B 15 8.17 4.84 2.50
C VAL B 15 8.23 3.70 3.52
N ASN B 16 7.97 2.48 3.07
CA ASN B 16 8.02 1.30 3.92
C ASN B 16 9.01 0.22 3.47
N GLY B 17 9.48 0.34 2.24
CA GLY B 17 10.45 -0.60 1.68
C GLY B 17 9.85 -1.90 1.19
N VAL B 18 8.52 -1.93 1.10
CA VAL B 18 7.80 -3.10 0.61
C VAL B 18 7.02 -2.76 -0.67
N ASP B 19 6.05 -1.85 -0.54
CA ASP B 19 5.20 -1.44 -1.67
C ASP B 19 5.32 0.04 -2.00
N ILE B 20 5.87 0.81 -1.07
CA ILE B 20 6.22 2.21 -1.32
C ILE B 20 7.66 2.41 -0.85
N ALA B 21 8.55 2.67 -1.81
CA ALA B 21 9.98 2.70 -1.52
C ALA B 21 10.76 3.57 -2.50
N TYR B 22 11.93 4.01 -2.07
CA TYR B 22 12.92 4.61 -2.97
C TYR B 22 13.69 3.47 -3.63
N ILE B 23 13.70 3.44 -4.96
CA ILE B 23 14.33 2.33 -5.68
C ILE B 23 15.46 2.80 -6.60
N LYS B 24 16.31 1.86 -7.01
CA LYS B 24 17.36 2.11 -7.98
C LYS B 24 17.28 1.11 -9.13
N ILE B 25 17.30 1.63 -10.34
CA ILE B 25 17.21 0.79 -11.55
C ILE B 25 18.57 0.70 -12.27
N PRO B 26 18.73 -0.28 -13.19
CA PRO B 26 19.97 -0.37 -13.96
C PRO B 26 20.31 0.96 -14.65
N ASN B 27 21.54 1.40 -14.51
CA ASN B 27 21.96 2.71 -14.98
C ASN B 27 23.36 2.70 -15.58
N ALA B 28 23.61 3.62 -16.51
CA ALA B 28 24.91 3.75 -17.16
C ALA B 28 26.00 4.22 -16.20
N GLY B 29 25.70 5.23 -15.40
CA GLY B 29 26.63 5.75 -14.41
C GLY B 29 26.16 5.49 -12.99
N GLN B 30 25.92 6.57 -12.25
CA GLN B 30 25.37 6.47 -10.91
C GLN B 30 24.12 7.35 -10.80
N MET B 31 22.99 6.72 -10.52
CA MET B 31 21.72 7.43 -10.38
C MET B 31 21.30 7.53 -8.92
N GLN B 32 20.49 8.54 -8.62
CA GLN B 32 19.97 8.72 -7.27
C GLN B 32 18.53 8.22 -7.17
N PRO B 33 18.17 7.57 -6.04
CA PRO B 33 16.91 6.83 -5.85
C PRO B 33 15.64 7.63 -6.11
N VAL B 34 14.70 7.01 -6.84
CA VAL B 34 13.38 7.61 -7.08
C VAL B 34 12.28 6.91 -6.29
N LYS B 35 11.27 7.67 -5.87
CA LYS B 35 10.15 7.12 -5.13
C LYS B 35 9.21 6.35 -6.06
N ALA B 36 9.06 5.06 -5.81
CA ALA B 36 8.23 4.20 -6.63
C ALA B 36 7.14 3.49 -5.84
N PHE B 37 6.13 3.00 -6.55
CA PHE B 37 4.98 2.34 -5.93
C PHE B 37 4.70 1.00 -6.60
N LYS B 38 4.61 -0.05 -5.79
CA LYS B 38 4.32 -1.40 -6.29
C LYS B 38 2.81 -1.64 -6.32
N ILE B 39 2.23 -1.57 -7.53
CA ILE B 39 0.77 -1.65 -7.69
C ILE B 39 0.25 -3.08 -7.76
N HIS B 40 1.15 -4.02 -8.06
CA HIS B 40 0.83 -5.44 -8.13
C HIS B 40 2.14 -6.23 -8.09
N ASN B 41 2.04 -7.54 -7.84
CA ASN B 41 3.18 -8.43 -7.90
C ASN B 41 3.89 -8.32 -9.25
N LYS B 42 5.20 -8.05 -9.20
CA LYS B 42 6.08 -7.92 -10.38
C LYS B 42 5.92 -6.61 -11.18
N ILE B 43 5.06 -5.71 -10.71
CA ILE B 43 4.76 -4.48 -11.43
C ILE B 43 4.94 -3.24 -10.54
N TRP B 44 5.74 -2.29 -11.03
CA TRP B 44 6.04 -1.07 -10.29
C TRP B 44 5.71 0.18 -11.09
N VAL B 45 5.57 1.31 -10.39
CA VAL B 45 5.21 2.59 -11.00
C VAL B 45 6.12 3.70 -10.46
N ILE B 46 6.79 4.41 -11.37
CA ILE B 46 7.61 5.56 -11.01
C ILE B 46 7.00 6.85 -11.58
N PRO B 47 6.36 7.66 -10.71
CA PRO B 47 5.75 8.92 -11.14
C PRO B 47 6.80 10.01 -11.31
N GLU B 48 7.73 9.80 -12.25
CA GLU B 48 8.80 10.74 -12.55
C GLU B 48 9.01 10.80 -14.05
N ARG B 49 9.44 11.97 -14.53
CA ARG B 49 9.86 12.10 -15.92
C ARG B 49 11.14 11.30 -16.15
N ASP B 50 11.16 10.51 -17.21
CA ASP B 50 12.30 9.64 -17.53
C ASP B 50 13.52 10.43 -18.01
N THR B 51 14.49 10.55 -17.12
CA THR B 51 15.74 11.25 -17.42
C THR B 51 16.97 10.41 -17.08
N PHE B 52 16.74 9.19 -16.60
CA PHE B 52 17.81 8.32 -16.10
C PHE B 52 18.12 7.10 -16.97
N THR B 53 17.11 6.52 -17.60
CA THR B 53 17.29 5.32 -18.44
C THR B 53 18.24 5.57 -19.61
N ASN B 54 18.10 6.75 -20.22
CA ASN B 54 18.92 7.13 -21.37
C ASN B 54 19.91 8.23 -20.97
N PRO B 55 21.23 7.95 -21.13
CA PRO B 55 22.28 8.94 -20.83
C PRO B 55 22.24 10.14 -21.77
N GLU B 56 21.62 9.96 -22.93
CA GLU B 56 21.52 11.02 -23.94
C GLU B 56 20.19 11.78 -23.89
N GLU B 57 19.28 11.34 -23.02
CA GLU B 57 18.00 12.00 -22.81
C GLU B 57 17.87 12.53 -21.37
N GLY B 58 18.74 13.48 -21.03
CA GLY B 58 18.71 14.12 -19.71
C GLY B 58 17.96 15.44 -19.75
N ASP B 59 17.80 15.98 -20.96
CA ASP B 59 17.12 17.25 -21.18
C ASP B 59 15.65 17.01 -21.53
N LEU B 60 14.77 17.88 -21.03
CA LEU B 60 13.33 17.77 -21.29
C LEU B 60 12.82 18.79 -22.31
N ASN B 61 13.73 19.63 -22.81
CA ASN B 61 13.40 20.63 -23.81
C ASN B 61 13.27 20.04 -25.22
N PRO B 62 12.54 20.74 -26.12
CA PRO B 62 12.45 20.33 -27.52
C PRO B 62 13.84 20.14 -28.16
N PRO B 63 13.99 19.12 -29.03
CA PRO B 63 15.28 18.78 -29.63
C PRO B 63 15.72 19.83 -30.65
N PRO B 64 17.05 19.95 -30.89
CA PRO B 64 17.58 20.89 -31.88
C PRO B 64 16.88 20.77 -33.23
N GLU B 65 16.78 19.54 -33.74
CA GLU B 65 16.00 19.25 -34.94
C GLU B 65 14.66 18.62 -34.54
N ALA B 66 13.61 18.93 -35.30
CA ALA B 66 12.27 18.42 -35.02
C ALA B 66 12.22 16.89 -35.06
N LYS B 67 11.15 16.33 -34.52
CA LYS B 67 10.98 14.88 -34.47
C LYS B 67 9.96 14.46 -35.53
N GLN B 68 10.28 13.39 -36.25
CA GLN B 68 9.49 12.96 -37.41
C GLN B 68 8.23 12.19 -37.01
N VAL B 69 7.29 12.91 -36.39
CA VAL B 69 6.02 12.37 -35.94
C VAL B 69 4.87 13.36 -36.24
N PRO B 70 3.66 12.84 -36.51
CA PRO B 70 2.50 13.69 -36.79
C PRO B 70 2.18 14.69 -35.67
N VAL B 71 2.19 14.22 -34.42
CA VAL B 71 1.85 15.03 -33.27
C VAL B 71 2.91 14.89 -32.16
N SER B 72 3.31 16.02 -31.59
CA SER B 72 4.27 16.04 -30.48
C SER B 72 3.97 17.20 -29.52
N TYR B 73 4.29 16.99 -28.24
CA TYR B 73 4.08 18.01 -27.21
C TYR B 73 5.23 18.02 -26.20
N TYR B 74 5.68 19.23 -25.86
CA TYR B 74 6.83 19.41 -24.97
C TYR B 74 6.50 20.37 -23.84
N ASP B 75 6.75 19.93 -22.61
CA ASP B 75 6.54 20.74 -21.42
C ASP B 75 7.36 20.17 -20.26
N SER B 76 8.46 20.84 -19.94
CA SER B 76 9.34 20.41 -18.85
C SER B 76 8.72 20.63 -17.46
N THR B 77 7.74 21.53 -17.40
CA THR B 77 6.99 21.81 -16.18
C THR B 77 6.19 20.59 -15.68
N TYR B 78 5.65 19.83 -16.62
CA TYR B 78 4.83 18.65 -16.32
C TYR B 78 5.57 17.59 -15.49
N LEU B 79 4.85 17.00 -14.53
CA LEU B 79 5.38 16.01 -13.57
C LEU B 79 6.55 16.47 -12.71
N SER B 80 6.36 17.62 -12.06
CA SER B 80 7.34 18.13 -11.10
C SER B 80 6.68 18.34 -9.74
N THR B 81 5.38 18.65 -9.76
CA THR B 81 4.59 18.87 -8.55
C THR B 81 4.10 17.54 -7.99
N ASP B 82 4.08 17.43 -6.66
CA ASP B 82 3.56 16.25 -5.97
C ASP B 82 2.10 15.97 -6.34
N ASN B 83 1.30 17.04 -6.46
CA ASN B 83 -0.10 16.92 -6.86
C ASN B 83 -0.27 16.28 -8.24
N GLU B 84 0.59 16.65 -9.18
CA GLU B 84 0.63 16.06 -10.51
C GLU B 84 1.05 14.59 -10.46
N LYS B 85 2.03 14.31 -9.61
CA LYS B 85 2.54 12.95 -9.43
C LYS B 85 1.51 12.03 -8.76
N ASP B 86 0.72 12.61 -7.85
CA ASP B 86 -0.36 11.88 -7.19
C ASP B 86 -1.49 11.58 -8.16
N ASN B 87 -1.76 12.54 -9.04
CA ASN B 87 -2.78 12.42 -10.08
C ASN B 87 -2.32 11.44 -11.17
N TYR B 88 -1.00 11.39 -11.39
CA TYR B 88 -0.38 10.42 -12.29
C TYR B 88 -0.54 9.00 -11.77
N LEU B 89 -0.23 8.83 -10.47
CA LEU B 89 -0.29 7.54 -9.81
C LEU B 89 -1.70 6.96 -9.79
N LYS B 90 -2.68 7.80 -9.46
CA LYS B 90 -4.09 7.43 -9.48
C LYS B 90 -4.60 7.19 -10.91
N GLY B 91 -4.00 7.90 -11.88
CA GLY B 91 -4.36 7.77 -13.28
C GLY B 91 -3.97 6.42 -13.85
N VAL B 92 -2.72 6.04 -13.62
CA VAL B 92 -2.20 4.74 -14.08
C VAL B 92 -2.96 3.59 -13.41
N THR B 93 -3.17 3.71 -12.10
CA THR B 93 -3.97 2.76 -11.32
C THR B 93 -5.34 2.53 -11.95
N LYS B 94 -6.05 3.62 -12.24
CA LYS B 94 -7.40 3.56 -12.78
C LYS B 94 -7.46 2.82 -14.11
N LEU B 95 -6.46 3.06 -14.97
CA LEU B 95 -6.38 2.42 -16.28
C LEU B 95 -6.10 0.91 -16.19
N PHE B 96 -5.25 0.52 -15.24
CA PHE B 96 -4.96 -0.90 -14.98
C PHE B 96 -6.23 -1.65 -14.57
N GLU B 97 -7.06 -0.99 -13.76
CA GLU B 97 -8.34 -1.54 -13.33
C GLU B 97 -9.33 -1.63 -14.49
N ARG B 98 -9.30 -0.63 -15.38
CA ARG B 98 -10.16 -0.63 -16.56
C ARG B 98 -9.77 -1.75 -17.52
N ILE B 99 -8.46 -1.95 -17.69
CA ILE B 99 -7.92 -3.04 -18.50
C ILE B 99 -8.31 -4.40 -17.89
N TYR B 100 -8.17 -4.52 -16.58
CA TYR B 100 -8.43 -5.78 -15.88
C TYR B 100 -9.90 -6.17 -15.87
N SER B 101 -10.78 -5.16 -15.93
CA SER B 101 -12.23 -5.37 -15.87
C SER B 101 -12.80 -6.07 -17.11
N THR B 102 -12.04 -6.05 -18.20
CA THR B 102 -12.43 -6.74 -19.43
C THR B 102 -11.83 -8.15 -19.45
N ASP B 103 -12.51 -9.06 -20.15
CA ASP B 103 -12.04 -10.45 -20.28
C ASP B 103 -10.62 -10.51 -20.84
N LEU B 104 -10.40 -9.79 -21.95
CA LEU B 104 -9.12 -9.78 -22.64
C LEU B 104 -8.00 -9.19 -21.79
N GLY B 105 -8.32 -8.12 -21.06
CA GLY B 105 -7.35 -7.45 -20.20
C GLY B 105 -6.90 -8.29 -19.02
N ARG B 106 -7.84 -9.08 -18.48
CA ARG B 106 -7.55 -10.01 -17.39
C ARG B 106 -6.54 -11.06 -17.84
N MET B 107 -6.74 -11.58 -19.05
CA MET B 107 -5.80 -12.51 -19.68
C MET B 107 -4.41 -11.90 -19.83
N LEU B 108 -4.34 -10.73 -20.47
CA LEU B 108 -3.07 -10.05 -20.73
C LEU B 108 -2.30 -9.71 -19.46
N LEU B 109 -3.00 -9.18 -18.46
CA LEU B 109 -2.37 -8.79 -17.20
C LEU B 109 -1.86 -9.99 -16.40
N THR B 110 -2.42 -11.18 -16.65
CA THR B 110 -1.95 -12.40 -16.02
C THR B 110 -0.74 -12.97 -16.75
N SER B 111 -0.77 -12.93 -18.08
CA SER B 111 0.36 -13.37 -18.91
C SER B 111 1.64 -12.59 -18.60
N ILE B 112 1.47 -11.29 -18.31
CA ILE B 112 2.60 -10.39 -18.03
C ILE B 112 3.30 -10.73 -16.70
N VAL B 113 2.51 -11.02 -15.67
CA VAL B 113 3.07 -11.41 -14.37
C VAL B 113 3.80 -12.76 -14.47
N ARG B 114 3.20 -13.71 -15.19
CA ARG B 114 3.81 -15.02 -15.45
C ARG B 114 5.11 -14.91 -16.22
N GLY B 115 5.19 -13.94 -17.12
CA GLY B 115 6.32 -13.78 -18.03
C GLY B 115 7.61 -13.29 -17.38
N ILE B 116 8.10 -14.06 -16.41
CA ILE B 116 9.35 -13.74 -15.71
C ILE B 116 10.55 -13.86 -16.66
N PRO B 117 11.40 -12.81 -16.71
CA PRO B 117 12.62 -12.84 -17.52
C PRO B 117 13.50 -14.05 -17.16
N PHE B 118 13.94 -14.78 -18.17
CA PHE B 118 14.67 -16.02 -17.99
C PHE B 118 16.00 -15.84 -17.25
N TRP B 119 16.36 -16.86 -16.46
CA TRP B 119 17.58 -16.84 -15.65
C TRP B 119 18.77 -17.41 -16.42
N GLY B 120 19.14 -16.76 -17.52
CA GLY B 120 20.26 -17.18 -18.33
C GLY B 120 21.44 -16.24 -18.26
N GLY B 121 21.75 -15.77 -17.05
CA GLY B 121 22.83 -14.81 -16.85
C GLY B 121 24.14 -15.45 -16.43
N SER B 122 24.22 -16.77 -16.57
CA SER B 122 25.40 -17.53 -16.18
C SER B 122 26.28 -17.87 -17.38
N THR B 123 27.59 -17.72 -17.20
CA THR B 123 28.58 -18.12 -18.20
C THR B 123 28.77 -19.63 -18.21
N ILE B 124 28.50 -20.26 -17.07
CA ILE B 124 28.47 -21.72 -16.97
C ILE B 124 27.07 -22.21 -17.37
N ASP B 125 27.03 -23.13 -18.32
CA ASP B 125 25.76 -23.61 -18.91
C ASP B 125 24.93 -24.50 -17.98
N THR B 126 25.55 -25.02 -16.93
CA THR B 126 24.87 -25.89 -15.97
C THR B 126 24.28 -25.14 -14.79
N GLU B 127 24.40 -23.81 -14.81
CA GLU B 127 23.90 -22.97 -13.72
C GLU B 127 22.80 -22.00 -14.17
N LEU B 128 21.76 -21.88 -13.35
CA LEU B 128 20.73 -20.88 -13.54
C LEU B 128 21.04 -19.67 -12.66
N LYS B 129 21.30 -18.54 -13.31
CA LYS B 129 21.62 -17.30 -12.60
C LYS B 129 20.78 -16.15 -13.16
N VAL B 130 20.21 -15.36 -12.25
CA VAL B 130 19.40 -14.20 -12.63
C VAL B 130 20.27 -13.14 -13.28
N ILE B 131 19.77 -12.57 -14.38
CA ILE B 131 20.42 -11.42 -15.01
C ILE B 131 20.08 -10.19 -14.19
N ASP B 132 21.12 -9.50 -13.73
CA ASP B 132 20.97 -8.38 -12.79
C ASP B 132 20.17 -7.18 -13.33
N THR B 133 20.17 -7.01 -14.66
CA THR B 133 19.44 -5.91 -15.30
C THR B 133 17.92 -6.11 -15.30
N ASN B 134 17.50 -7.32 -14.90
CA ASN B 134 16.08 -7.64 -14.77
C ASN B 134 15.59 -7.53 -13.33
N CYS B 135 16.28 -6.69 -12.54
CA CYS B 135 15.95 -6.50 -11.13
C CYS B 135 16.05 -5.03 -10.72
N ILE B 136 15.52 -4.72 -9.54
CA ILE B 136 15.65 -3.40 -8.93
C ILE B 136 16.09 -3.51 -7.48
N ASN B 137 16.81 -2.49 -7.00
CA ASN B 137 17.20 -2.43 -5.60
C ASN B 137 16.19 -1.64 -4.77
N VAL B 138 15.53 -2.33 -3.84
CA VAL B 138 14.49 -1.72 -3.01
C VAL B 138 15.09 -1.24 -1.68
N ILE B 139 15.19 0.08 -1.54
CA ILE B 139 15.83 0.70 -0.37
C ILE B 139 14.90 0.75 0.83
N GLN B 140 15.41 0.26 1.96
CA GLN B 140 14.67 0.17 3.22
C GLN B 140 14.82 1.46 4.05
N PRO B 141 13.85 1.73 4.96
CA PRO B 141 13.91 2.88 5.87
C PRO B 141 15.17 2.96 6.72
N ASP B 142 15.72 1.81 7.13
CA ASP B 142 16.94 1.77 7.95
C ASP B 142 18.18 2.27 7.19
N GLY B 143 18.25 1.97 5.90
CA GLY B 143 19.37 2.39 5.06
C GLY B 143 19.81 1.34 4.06
N SER B 144 19.65 0.06 4.44
CA SER B 144 20.04 -1.06 3.58
C SER B 144 19.05 -1.29 2.44
N TYR B 145 19.35 -2.26 1.58
CA TYR B 145 18.52 -2.56 0.43
C TYR B 145 18.44 -4.07 0.16
N ARG B 146 17.41 -4.48 -0.56
CA ARG B 146 17.27 -5.85 -1.05
C ARG B 146 16.93 -5.85 -2.54
N SER B 147 17.59 -6.72 -3.30
CA SER B 147 17.34 -6.83 -4.73
C SER B 147 16.07 -7.64 -4.98
N GLU B 148 15.16 -7.06 -5.78
CA GLU B 148 13.91 -7.71 -6.10
C GLU B 148 13.73 -7.77 -7.62
N GLU B 149 13.38 -8.94 -8.13
CA GLU B 149 13.11 -9.10 -9.57
C GLU B 149 11.68 -8.71 -9.90
N LEU B 150 11.48 -8.21 -11.12
CA LEU B 150 10.18 -7.71 -11.57
C LEU B 150 10.02 -7.86 -13.09
N ASN B 151 8.82 -7.59 -13.58
CA ASN B 151 8.52 -7.74 -15.00
C ASN B 151 8.24 -6.42 -15.72
N LEU B 152 7.64 -5.48 -14.99
CA LEU B 152 7.13 -4.25 -15.59
C LEU B 152 7.35 -3.03 -14.69
N VAL B 153 7.80 -1.93 -15.30
CA VAL B 153 7.92 -0.65 -14.63
C VAL B 153 7.24 0.43 -15.46
N ILE B 154 6.34 1.21 -14.84
CA ILE B 154 5.68 2.32 -15.51
C ILE B 154 6.31 3.65 -15.09
N ILE B 155 7.06 4.24 -16.01
CA ILE B 155 7.70 5.54 -15.80
C ILE B 155 7.00 6.64 -16.60
N GLY B 156 7.18 7.88 -16.18
CA GLY B 156 6.68 9.05 -16.92
C GLY B 156 7.50 9.26 -18.18
N PRO B 157 6.93 9.97 -19.17
CA PRO B 157 7.57 10.12 -20.47
C PRO B 157 8.79 11.03 -20.43
N SER B 158 9.55 10.97 -21.52
CA SER B 158 10.71 11.78 -21.83
C SER B 158 10.28 13.07 -22.51
N ALA B 159 11.27 13.85 -22.95
CA ALA B 159 11.04 15.19 -23.50
C ALA B 159 9.70 15.29 -24.23
N ASP B 160 9.47 14.38 -25.18
CA ASP B 160 8.20 14.29 -25.90
C ASP B 160 7.20 13.54 -25.04
N ILE B 161 6.31 14.29 -24.40
CA ILE B 161 5.36 13.76 -23.42
C ILE B 161 4.43 12.68 -23.99
N ILE B 162 4.02 12.83 -25.24
CA ILE B 162 3.09 11.87 -25.85
C ILE B 162 3.80 10.78 -26.67
N GLN B 163 5.06 10.54 -26.36
CA GLN B 163 5.83 9.45 -26.98
C GLN B 163 5.88 8.25 -26.02
N PHE B 164 5.02 7.27 -26.29
CA PHE B 164 4.91 6.09 -25.44
C PHE B 164 5.59 4.90 -26.09
N GLU B 165 6.48 4.24 -25.32
CA GLU B 165 7.28 3.14 -25.85
C GLU B 165 7.76 2.17 -24.76
N CYS B 166 8.07 0.95 -25.17
CA CYS B 166 8.67 -0.04 -24.29
C CYS B 166 10.17 -0.06 -24.44
N LYS B 167 10.87 0.13 -23.33
CA LYS B 167 12.33 0.06 -23.30
C LYS B 167 12.79 -1.04 -22.35
N SER B 168 13.89 -1.70 -22.71
CA SER B 168 14.49 -2.72 -21.86
C SER B 168 16.00 -2.65 -21.93
N PHE B 169 16.66 -3.10 -20.86
CA PHE B 169 18.11 -3.10 -20.78
C PHE B 169 18.71 -4.35 -21.41
N GLY B 170 19.64 -4.13 -22.33
CA GLY B 170 20.22 -5.20 -23.13
C GLY B 170 21.37 -5.92 -22.48
N HIS B 171 21.62 -7.14 -22.93
CA HIS B 171 22.78 -7.92 -22.53
C HIS B 171 23.88 -7.69 -23.57
N GLU B 172 25.13 -7.94 -23.17
CA GLU B 172 26.28 -7.69 -24.05
C GLU B 172 26.36 -8.68 -25.21
N VAL B 173 25.86 -9.90 -24.98
CA VAL B 173 25.93 -10.96 -25.98
C VAL B 173 24.53 -11.46 -26.42
N LEU B 174 23.60 -11.55 -25.48
CA LEU B 174 22.26 -12.07 -25.75
C LEU B 174 21.26 -10.99 -26.12
N ASN B 175 20.44 -11.27 -27.13
CA ASN B 175 19.32 -10.40 -27.49
C ASN B 175 18.06 -10.86 -26.76
N LEU B 176 17.86 -10.32 -25.55
CA LEU B 176 16.83 -10.81 -24.62
C LEU B 176 15.39 -10.67 -25.11
N THR B 177 15.13 -9.66 -25.94
CA THR B 177 13.78 -9.41 -26.44
C THR B 177 13.39 -10.29 -27.63
N ARG B 178 14.35 -11.05 -28.17
CA ARG B 178 14.12 -11.83 -29.38
C ARG B 178 14.49 -13.32 -29.27
N ASN B 179 15.12 -13.71 -28.17
CA ASN B 179 15.60 -15.10 -28.03
C ASN B 179 14.80 -15.96 -27.05
N GLY B 180 13.55 -15.56 -26.79
CA GLY B 180 12.67 -16.31 -25.90
C GLY B 180 12.87 -16.00 -24.42
N TYR B 181 14.05 -15.49 -24.07
CA TYR B 181 14.40 -15.18 -22.68
C TYR B 181 13.43 -14.16 -22.07
N GLY B 182 13.50 -12.92 -22.55
CA GLY B 182 12.69 -11.83 -22.01
C GLY B 182 13.48 -10.97 -21.04
N SER B 183 13.04 -9.73 -20.87
CA SER B 183 13.68 -8.79 -19.93
C SER B 183 12.65 -7.86 -19.30
N THR B 184 13.03 -7.20 -18.21
CA THR B 184 12.15 -6.25 -17.52
C THR B 184 11.87 -5.04 -18.41
N GLN B 185 10.59 -4.79 -18.65
CA GLN B 185 10.16 -3.73 -19.57
C GLN B 185 9.81 -2.44 -18.85
N TYR B 186 10.38 -1.34 -19.36
CA TYR B 186 10.10 -0.01 -18.86
C TYR B 186 9.24 0.72 -19.87
N ILE B 187 8.07 1.16 -19.44
CA ILE B 187 7.11 1.84 -20.31
C ILE B 187 6.99 3.32 -19.97
N ARG B 188 7.41 4.18 -20.90
CA ARG B 188 7.16 5.61 -20.80
C ARG B 188 5.69 5.83 -21.13
N PHE B 189 4.96 6.43 -20.19
CA PHE B 189 3.52 6.60 -20.33
C PHE B 189 3.02 7.76 -19.47
N SER B 190 1.90 8.36 -19.90
CA SER B 190 1.20 9.38 -19.13
C SER B 190 -0.30 9.24 -19.32
N PRO B 191 -1.09 9.28 -18.22
CA PRO B 191 -2.54 9.23 -18.30
C PRO B 191 -3.18 10.62 -18.30
N ASP B 192 -2.36 11.66 -18.45
CA ASP B 192 -2.82 13.04 -18.37
C ASP B 192 -2.97 13.69 -19.75
N PHE B 193 -2.55 12.95 -20.78
CA PHE B 193 -2.63 13.40 -22.16
C PHE B 193 -3.14 12.29 -23.06
N THR B 194 -3.82 12.66 -24.14
CA THR B 194 -4.27 11.70 -25.14
C THR B 194 -4.37 12.31 -26.55
N PHE B 195 -4.35 11.45 -27.56
CA PHE B 195 -4.35 11.87 -28.96
C PHE B 195 -5.74 12.22 -29.46
N GLY B 196 -5.80 13.14 -30.40
CA GLY B 196 -7.04 13.47 -31.10
C GLY B 196 -6.97 12.93 -32.51
N PHE B 197 -7.97 12.12 -32.86
CA PHE B 197 -8.04 11.52 -34.20
C PHE B 197 -9.38 11.85 -34.85
N GLU B 198 -9.54 11.45 -36.11
CA GLU B 198 -10.78 11.69 -36.82
C GLU B 198 -11.30 10.41 -37.46
N GLU B 199 -12.55 10.07 -37.14
CA GLU B 199 -13.17 8.84 -37.65
C GLU B 199 -14.48 9.15 -38.37
N SER B 200 -14.69 8.47 -39.51
CA SER B 200 -15.88 8.68 -40.32
C SER B 200 -16.37 7.36 -40.94
N LEU B 201 -15.98 6.27 -40.32
CA LEU B 201 -16.28 4.93 -40.83
C LEU B 201 -17.45 4.30 -40.07
N GLU B 202 -17.81 4.90 -38.94
CA GLU B 202 -18.80 4.35 -38.02
C GLU B 202 -20.21 4.87 -38.27
N VAL B 203 -20.32 5.93 -39.06
CA VAL B 203 -21.61 6.60 -39.34
C VAL B 203 -22.73 5.66 -39.81
N ASP B 204 -22.34 4.47 -40.28
CA ASP B 204 -23.28 3.44 -40.70
C ASP B 204 -24.12 2.98 -39.52
N THR B 205 -23.45 2.73 -38.39
CA THR B 205 -24.10 2.27 -37.17
C THR B 205 -24.54 3.44 -36.29
N ASN B 206 -23.78 4.54 -36.34
CA ASN B 206 -24.06 5.72 -35.54
C ASN B 206 -24.21 6.99 -36.37
N PRO B 207 -25.42 7.25 -36.90
CA PRO B 207 -25.68 8.39 -37.78
C PRO B 207 -25.61 9.75 -37.09
N LEU B 208 -25.83 9.77 -35.77
CA LEU B 208 -25.83 11.01 -34.98
C LEU B 208 -24.46 11.34 -34.38
N LEU B 209 -23.40 10.84 -35.02
CA LEU B 209 -22.03 11.00 -34.56
C LEU B 209 -21.58 12.47 -34.48
N GLY B 210 -20.68 12.76 -33.54
CA GLY B 210 -20.16 14.11 -33.33
C GLY B 210 -19.33 14.65 -34.49
N ALA B 211 -19.20 15.99 -34.54
CA ALA B 211 -18.61 16.68 -35.69
C ALA B 211 -17.08 16.61 -35.75
N GLY B 212 -16.41 17.13 -34.74
CA GLY B 212 -14.96 17.35 -34.79
C GLY B 212 -14.09 16.13 -34.54
N LYS B 213 -13.06 16.33 -33.73
CA LYS B 213 -12.10 15.27 -33.41
C LYS B 213 -12.53 14.49 -32.17
N PHE B 214 -12.19 13.20 -32.16
CA PHE B 214 -12.45 12.34 -31.02
C PHE B 214 -11.14 12.04 -30.30
N ALA B 215 -11.25 11.76 -29.00
CA ALA B 215 -10.08 11.45 -28.19
C ALA B 215 -9.91 9.95 -27.99
N THR B 216 -8.66 9.49 -28.13
CA THR B 216 -8.28 8.10 -27.88
C THR B 216 -8.45 7.79 -26.39
N ASP B 217 -9.08 6.66 -26.08
CA ASP B 217 -9.23 6.21 -24.71
C ASP B 217 -7.87 5.74 -24.19
N PRO B 218 -7.31 6.41 -23.17
CA PRO B 218 -5.96 6.11 -22.68
C PRO B 218 -5.78 4.65 -22.24
N ALA B 219 -6.89 3.95 -21.98
CA ALA B 219 -6.88 2.53 -21.65
C ALA B 219 -6.35 1.70 -22.82
N VAL B 220 -6.77 2.06 -24.04
CA VAL B 220 -6.31 1.42 -25.27
C VAL B 220 -4.80 1.66 -25.44
N THR B 221 -4.37 2.90 -25.26
CA THR B 221 -2.97 3.27 -25.37
C THR B 221 -2.08 2.44 -24.45
N LEU B 222 -2.45 2.37 -23.17
CA LEU B 222 -1.72 1.56 -22.20
C LEU B 222 -1.69 0.09 -22.62
N ALA B 223 -2.86 -0.45 -22.96
CA ALA B 223 -2.99 -1.82 -23.46
C ALA B 223 -2.09 -2.08 -24.67
N HIS B 224 -1.96 -1.07 -25.53
CA HIS B 224 -1.09 -1.16 -26.70
C HIS B 224 0.37 -1.33 -26.28
N GLU B 225 0.79 -0.55 -25.27
CA GLU B 225 2.15 -0.63 -24.75
C GLU B 225 2.38 -1.92 -23.96
N LEU B 226 1.36 -2.38 -23.25
CA LEU B 226 1.43 -3.64 -22.51
C LEU B 226 1.56 -4.86 -23.44
N ILE B 227 0.96 -4.77 -24.62
CA ILE B 227 1.10 -5.83 -25.63
C ILE B 227 2.54 -5.88 -26.14
N HIS B 228 3.14 -4.71 -26.39
CA HIS B 228 4.55 -4.63 -26.75
C HIS B 228 5.41 -5.26 -25.66
N ALA B 229 5.10 -4.92 -24.42
CA ALA B 229 5.78 -5.49 -23.25
C ALA B 229 5.60 -7.00 -23.20
N GLY B 230 4.39 -7.45 -23.52
CA GLY B 230 4.04 -8.88 -23.56
C GLY B 230 4.95 -9.69 -24.47
N HIS B 231 5.10 -9.24 -25.72
CA HIS B 231 5.99 -9.88 -26.67
C HIS B 231 7.42 -9.88 -26.12
N ARG B 232 7.83 -8.72 -25.62
CA ARG B 232 9.19 -8.50 -25.14
C ARG B 232 9.55 -9.33 -23.91
N LEU B 233 8.58 -9.56 -23.02
CA LEU B 233 8.77 -10.38 -21.83
C LEU B 233 8.91 -11.87 -22.14
N TYR B 234 8.32 -12.28 -23.25
CA TYR B 234 8.38 -13.67 -23.69
C TYR B 234 9.46 -13.87 -24.76
N GLY B 235 10.16 -12.79 -25.08
CA GLY B 235 11.24 -12.81 -26.07
C GLY B 235 10.79 -13.19 -27.46
N ILE B 236 9.60 -12.74 -27.85
CA ILE B 236 9.05 -13.05 -29.17
C ILE B 236 8.81 -11.80 -30.04
N ALA B 237 9.31 -10.66 -29.58
CA ALA B 237 9.21 -9.40 -30.33
C ALA B 237 10.06 -9.49 -31.60
N ILE B 238 9.52 -8.96 -32.70
CA ILE B 238 10.20 -8.96 -33.99
C ILE B 238 11.27 -7.87 -34.03
N ASN B 239 12.40 -8.18 -34.67
CA ASN B 239 13.53 -7.25 -34.81
C ASN B 239 13.10 -5.86 -35.28
N PRO B 240 13.55 -4.81 -34.57
CA PRO B 240 13.25 -3.41 -34.94
C PRO B 240 13.73 -3.04 -36.35
N ASN B 241 14.70 -3.77 -36.89
CA ASN B 241 15.17 -3.52 -38.25
C ASN B 241 14.24 -4.06 -39.34
N ARG B 242 13.33 -4.97 -38.96
CA ARG B 242 12.30 -5.44 -39.88
C ARG B 242 11.22 -4.37 -40.05
N VAL B 243 11.47 -3.45 -40.98
CA VAL B 243 10.58 -2.32 -41.22
C VAL B 243 9.81 -2.47 -42.54
N PHE B 244 8.60 -1.93 -42.56
CA PHE B 244 7.77 -1.94 -43.75
C PHE B 244 8.19 -0.77 -44.64
N LYS B 245 9.13 -1.05 -45.54
CA LYS B 245 9.72 -0.02 -46.41
C LYS B 245 8.71 0.54 -47.40
N VAL B 246 8.80 1.84 -47.67
CA VAL B 246 7.86 2.53 -48.56
C VAL B 246 8.54 3.25 -49.72
N ASN B 247 7.82 3.36 -50.84
CA ASN B 247 8.27 4.16 -51.98
C ASN B 247 8.04 5.64 -51.73
N THR B 248 9.01 6.47 -52.10
CA THR B 248 9.01 7.89 -51.73
C THR B 248 9.30 8.85 -52.89
N ASN B 249 9.42 8.33 -54.11
CA ASN B 249 9.84 9.14 -55.26
C ASN B 249 8.72 9.92 -55.97
N ALA B 250 7.50 9.39 -55.94
CA ALA B 250 6.36 10.03 -56.62
C ALA B 250 5.81 11.22 -55.83
N TYR B 251 5.13 12.13 -56.54
CA TYR B 251 4.61 13.36 -55.93
C TYR B 251 3.55 13.10 -54.86
N TYR B 252 2.79 12.02 -55.01
CA TYR B 252 1.71 11.68 -54.10
C TYR B 252 2.17 10.86 -52.89
N GLU B 253 3.35 10.27 -53.01
CA GLU B 253 3.90 9.41 -51.95
C GLU B 253 4.45 10.19 -50.76
N MET B 254 4.44 9.55 -49.60
CA MET B 254 5.02 10.13 -48.39
C MET B 254 6.53 10.25 -48.56
N SER B 255 7.13 11.24 -47.89
CA SER B 255 8.58 11.41 -47.88
C SER B 255 9.27 10.29 -47.10
N GLY B 256 8.54 9.69 -46.16
CA GLY B 256 9.03 8.59 -45.35
C GLY B 256 8.02 8.27 -44.26
N LEU B 257 8.13 7.09 -43.68
CA LEU B 257 7.20 6.66 -42.64
C LEU B 257 7.83 5.70 -41.62
N GLU B 258 8.38 4.59 -42.12
CA GLU B 258 9.01 3.56 -41.29
C GLU B 258 8.15 3.05 -40.13
N VAL B 259 7.29 2.08 -40.45
CA VAL B 259 6.49 1.38 -39.45
C VAL B 259 7.08 -0.03 -39.32
N SER B 260 7.32 -0.45 -38.09
CA SER B 260 7.91 -1.77 -37.84
C SER B 260 6.89 -2.91 -37.97
N PHE B 261 7.39 -4.10 -38.29
CA PHE B 261 6.57 -5.31 -38.34
C PHE B 261 5.98 -5.63 -36.96
N GLU B 262 6.77 -5.39 -35.91
CA GLU B 262 6.30 -5.47 -34.53
C GLU B 262 5.06 -4.61 -34.32
N GLU B 263 5.11 -3.38 -34.83
CA GLU B 263 4.03 -2.40 -34.68
C GLU B 263 2.75 -2.80 -35.40
N LEU B 264 2.88 -3.33 -36.62
CA LEU B 264 1.74 -3.82 -37.41
C LEU B 264 1.07 -5.04 -36.78
N ARG B 265 1.89 -5.97 -36.32
CA ARG B 265 1.44 -7.17 -35.61
C ARG B 265 0.66 -6.80 -34.34
N THR B 266 1.18 -5.82 -33.62
CA THR B 266 0.58 -5.36 -32.37
C THR B 266 -0.81 -4.75 -32.58
N PHE B 267 -1.00 -3.99 -33.65
CA PHE B 267 -2.29 -3.37 -33.93
C PHE B 267 -3.39 -4.37 -34.29
N GLY B 268 -3.05 -5.37 -35.09
CA GLY B 268 -4.03 -6.36 -35.55
C GLY B 268 -4.90 -5.81 -36.66
N GLY B 269 -6.06 -6.42 -36.88
CA GLY B 269 -6.96 -6.04 -37.97
C GLY B 269 -6.33 -6.28 -39.32
N HIS B 270 -6.52 -5.33 -40.24
CA HIS B 270 -5.88 -5.38 -41.56
C HIS B 270 -4.37 -5.29 -41.44
N ASP B 271 -3.93 -4.43 -40.51
CA ASP B 271 -2.50 -4.08 -40.36
C ASP B 271 -1.59 -5.28 -40.18
N ALA B 272 -2.03 -6.26 -39.39
CA ALA B 272 -1.28 -7.49 -39.19
C ALA B 272 -1.18 -8.30 -40.48
N LYS B 273 -2.25 -8.28 -41.27
CA LYS B 273 -2.33 -9.06 -42.51
C LYS B 273 -1.51 -8.47 -43.67
N PHE B 274 -0.74 -7.42 -43.39
CA PHE B 274 0.20 -6.84 -44.37
C PHE B 274 1.43 -7.74 -44.50
N ILE B 275 1.76 -8.45 -43.42
CA ILE B 275 2.85 -9.41 -43.40
C ILE B 275 2.33 -10.72 -43.97
N ASP B 276 2.92 -11.14 -45.09
CA ASP B 276 2.49 -12.36 -45.81
C ASP B 276 2.84 -13.64 -45.04
N SER B 277 2.33 -14.77 -45.54
CA SER B 277 2.48 -16.06 -44.88
C SER B 277 3.93 -16.53 -44.71
N LEU B 278 4.73 -16.38 -45.76
CA LEU B 278 6.12 -16.84 -45.75
C LEU B 278 6.95 -16.19 -44.63
N GLN B 279 6.74 -14.91 -44.39
CA GLN B 279 7.43 -14.20 -43.33
C GLN B 279 6.82 -14.54 -41.96
N GLU B 280 5.49 -14.68 -41.93
CA GLU B 280 4.76 -15.01 -40.70
C GLU B 280 5.13 -16.40 -40.16
N ASN B 281 5.33 -17.35 -41.08
CA ASN B 281 5.76 -18.70 -40.71
C ASN B 281 7.22 -18.75 -40.27
N GLU B 282 8.06 -17.89 -40.86
CA GLU B 282 9.46 -17.74 -40.47
C GLU B 282 9.59 -17.38 -38.99
N PHE B 283 8.80 -16.40 -38.54
CA PHE B 283 8.83 -15.94 -37.16
C PHE B 283 8.34 -16.99 -36.17
N ARG B 284 7.24 -17.66 -36.52
CA ARG B 284 6.68 -18.72 -35.68
C ARG B 284 7.65 -19.88 -35.50
N LEU B 285 8.34 -20.26 -36.58
CA LEU B 285 9.36 -21.30 -36.52
C LEU B 285 10.62 -20.83 -35.79
N TYR B 286 10.93 -19.54 -35.91
CA TYR B 286 12.12 -18.96 -35.30
C TYR B 286 12.06 -18.99 -33.77
N TYR B 287 10.95 -18.52 -33.20
CA TYR B 287 10.77 -18.50 -31.75
C TYR B 287 10.44 -19.87 -31.18
N TYR B 288 9.97 -20.76 -32.05
CA TYR B 288 9.73 -22.16 -31.67
C TYR B 288 11.03 -22.85 -31.24
N ASN B 289 12.09 -22.63 -32.01
CA ASN B 289 13.40 -23.18 -31.70
C ASN B 289 14.09 -22.46 -30.56
N LYS B 290 13.80 -21.17 -30.41
CA LYS B 290 14.30 -20.39 -29.27
C LYS B 290 13.68 -20.89 -27.96
N PHE B 291 12.44 -21.35 -28.04
CA PHE B 291 11.77 -22.01 -26.92
C PHE B 291 12.38 -23.38 -26.65
N LYS B 292 12.81 -24.07 -27.71
CA LYS B 292 13.45 -25.38 -27.59
C LYS B 292 14.84 -25.29 -26.96
N ASP B 293 15.54 -24.18 -27.23
CA ASP B 293 16.87 -23.95 -26.68
C ASP B 293 16.80 -23.63 -25.20
N ILE B 294 15.69 -23.04 -24.77
CA ILE B 294 15.41 -22.82 -23.35
C ILE B 294 15.15 -24.16 -22.66
N ALA B 295 14.49 -25.06 -23.37
CA ALA B 295 14.23 -26.42 -22.87
C ALA B 295 15.52 -27.23 -22.72
N SER B 296 16.49 -26.98 -23.61
CA SER B 296 17.80 -27.63 -23.56
C SER B 296 18.64 -27.11 -22.40
N THR B 297 18.50 -25.80 -22.11
CA THR B 297 19.24 -25.14 -21.05
C THR B 297 18.71 -25.56 -19.67
N LEU B 298 17.41 -25.82 -19.58
CA LEU B 298 16.79 -26.27 -18.33
C LEU B 298 17.15 -27.73 -18.01
N ASN B 299 17.29 -28.54 -19.06
CA ASN B 299 17.66 -29.95 -18.91
C ASN B 299 19.13 -30.13 -18.51
N LYS B 300 19.96 -29.17 -18.87
CA LYS B 300 21.38 -29.19 -18.53
C LYS B 300 21.66 -28.47 -17.21
N ALA B 301 20.64 -27.78 -16.69
CA ALA B 301 20.75 -27.06 -15.43
C ALA B 301 20.87 -28.03 -14.24
N LYS B 302 21.94 -27.87 -13.47
CA LYS B 302 22.24 -28.77 -12.35
C LYS B 302 22.07 -28.09 -11.00
N SER B 303 22.44 -26.80 -10.95
CA SER B 303 22.39 -26.04 -9.70
C SER B 303 21.84 -24.63 -9.92
N ILE B 304 21.43 -24.00 -8.82
CA ILE B 304 20.94 -22.63 -8.84
C ILE B 304 21.77 -21.75 -7.89
N VAL B 305 22.14 -20.55 -8.36
CA VAL B 305 22.94 -19.62 -7.56
C VAL B 305 22.23 -18.28 -7.32
N GLY B 306 22.63 -17.61 -6.24
CA GLY B 306 22.14 -16.28 -5.93
C GLY B 306 20.70 -16.20 -5.42
N THR B 307 20.21 -17.29 -4.83
CA THR B 307 18.86 -17.33 -4.27
C THR B 307 18.67 -18.46 -3.24
N THR B 308 17.72 -18.26 -2.33
CA THR B 308 17.37 -19.27 -1.34
C THR B 308 16.47 -20.36 -1.91
N ALA B 309 15.70 -20.00 -2.95
CA ALA B 309 14.75 -20.91 -3.59
C ALA B 309 15.45 -22.05 -4.32
N SER B 310 14.74 -23.19 -4.42
CA SER B 310 15.31 -24.40 -5.02
C SER B 310 15.34 -24.35 -6.55
N LEU B 311 16.05 -25.30 -7.14
CA LEU B 311 16.13 -25.44 -8.60
C LEU B 311 14.82 -26.00 -9.16
N GLN B 312 14.23 -26.95 -8.42
CA GLN B 312 12.98 -27.60 -8.81
C GLN B 312 11.83 -26.60 -8.88
N TYR B 313 11.86 -25.61 -7.99
CA TYR B 313 10.87 -24.54 -7.99
C TYR B 313 11.02 -23.65 -9.22
N MET B 314 12.27 -23.29 -9.53
CA MET B 314 12.59 -22.39 -10.63
C MET B 314 12.26 -23.02 -11.99
N LYS B 315 12.62 -24.29 -12.18
CA LYS B 315 12.29 -25.04 -13.39
C LYS B 315 10.77 -25.10 -13.60
N ASN B 316 10.03 -25.17 -12.50
CA ASN B 316 8.57 -25.21 -12.55
C ASN B 316 7.95 -23.86 -12.92
N VAL B 317 8.63 -22.77 -12.56
CA VAL B 317 8.18 -21.43 -12.89
C VAL B 317 8.24 -21.19 -14.40
N PHE B 318 9.36 -21.57 -15.00
CA PHE B 318 9.55 -21.42 -16.45
C PHE B 318 8.78 -22.47 -17.26
N LYS B 319 8.38 -23.56 -16.60
CA LYS B 319 7.50 -24.55 -17.21
C LYS B 319 6.11 -23.97 -17.40
N GLU B 320 5.62 -23.25 -16.39
CA GLU B 320 4.32 -22.58 -16.45
C GLU B 320 4.31 -21.41 -17.42
N LYS B 321 5.45 -20.75 -17.57
CA LYS B 321 5.59 -19.60 -18.45
C LYS B 321 5.57 -20.01 -19.94
N TYR B 322 6.40 -20.99 -20.28
CA TYR B 322 6.56 -21.40 -21.67
C TYR B 322 5.67 -22.59 -22.07
N LEU B 323 4.79 -22.99 -21.15
CA LEU B 323 3.85 -24.12 -21.35
C LEU B 323 4.54 -25.39 -21.85
N LEU B 324 5.57 -25.81 -21.13
CA LEU B 324 6.40 -26.96 -21.51
C LEU B 324 5.79 -28.28 -21.04
N SER B 325 6.10 -29.36 -21.76
CA SER B 325 5.71 -30.71 -21.38
C SER B 325 6.86 -31.41 -20.67
N GLU B 326 6.55 -32.16 -19.62
CA GLU B 326 7.58 -32.87 -18.85
C GLU B 326 7.29 -34.36 -18.62
N ASP B 327 8.36 -35.15 -18.61
CA ASP B 327 8.27 -36.59 -18.37
C ASP B 327 8.36 -36.91 -16.88
N THR B 328 8.09 -38.17 -16.54
CA THR B 328 8.29 -38.68 -15.17
C THR B 328 9.78 -38.73 -14.81
N SER B 329 10.63 -38.84 -15.83
CA SER B 329 12.09 -38.79 -15.67
C SER B 329 12.58 -37.38 -15.29
N GLY B 330 11.80 -36.37 -15.64
CA GLY B 330 12.09 -34.99 -15.25
C GLY B 330 12.51 -34.07 -16.39
N LYS B 331 12.65 -34.65 -17.59
CA LYS B 331 13.09 -33.88 -18.77
C LYS B 331 11.99 -32.98 -19.31
N PHE B 332 12.39 -31.83 -19.84
CA PHE B 332 11.47 -30.86 -20.43
C PHE B 332 11.50 -30.89 -21.97
N SER B 333 10.37 -30.60 -22.59
CA SER B 333 10.26 -30.50 -24.05
C SER B 333 9.16 -29.51 -24.46
N VAL B 334 9.27 -28.98 -25.68
CA VAL B 334 8.28 -28.07 -26.23
C VAL B 334 7.26 -28.82 -27.07
N ASP B 335 5.98 -28.63 -26.77
CA ASP B 335 4.90 -29.24 -27.54
C ASP B 335 4.46 -28.30 -28.67
N LYS B 336 4.48 -28.82 -29.89
CA LYS B 336 4.14 -28.04 -31.10
C LYS B 336 2.78 -27.36 -30.99
N LEU B 337 1.78 -28.12 -30.56
CA LEU B 337 0.39 -27.64 -30.51
C LEU B 337 0.17 -26.63 -29.38
N LYS B 338 0.82 -26.85 -28.24
CA LYS B 338 0.74 -25.93 -27.11
C LYS B 338 1.48 -24.62 -27.36
N PHE B 339 2.55 -24.69 -28.15
CA PHE B 339 3.31 -23.49 -28.52
C PHE B 339 2.49 -22.62 -29.46
N ASP B 340 1.87 -23.25 -30.45
CA ASP B 340 1.02 -22.55 -31.41
C ASP B 340 -0.13 -21.81 -30.75
N LYS B 341 -0.76 -22.44 -29.76
CA LYS B 341 -1.82 -21.81 -28.96
C LYS B 341 -1.29 -20.58 -28.24
N LEU B 342 -0.13 -20.72 -27.60
CA LEU B 342 0.49 -19.64 -26.84
C LEU B 342 0.97 -18.49 -27.73
N TYR B 343 1.66 -18.84 -28.83
CA TYR B 343 2.14 -17.85 -29.79
C TYR B 343 0.97 -17.05 -30.36
N LYS B 344 -0.02 -17.77 -30.91
CA LYS B 344 -1.23 -17.16 -31.43
C LYS B 344 -1.86 -16.20 -30.43
N MET B 345 -1.91 -16.59 -29.16
CA MET B 345 -2.48 -15.76 -28.09
C MET B 345 -1.75 -14.43 -27.95
N LEU B 346 -0.42 -14.49 -27.79
CA LEU B 346 0.40 -13.30 -27.61
C LEU B 346 0.49 -12.44 -28.86
N THR B 347 0.27 -13.06 -30.02
CA THR B 347 0.48 -12.43 -31.32
C THR B 347 -0.82 -11.91 -31.96
N GLU B 348 -1.89 -12.69 -31.89
CA GLU B 348 -3.12 -12.40 -32.62
C GLU B 348 -4.31 -12.05 -31.75
N ILE B 349 -4.31 -12.54 -30.51
CA ILE B 349 -5.41 -12.26 -29.58
C ILE B 349 -5.16 -10.95 -28.83
N TYR B 350 -3.99 -10.81 -28.20
CA TYR B 350 -3.61 -9.55 -27.59
C TYR B 350 -3.21 -8.54 -28.68
N THR B 351 -4.20 -7.87 -29.25
CA THR B 351 -3.98 -6.80 -30.23
C THR B 351 -4.81 -5.57 -29.86
N GLU B 352 -4.39 -4.40 -30.34
CA GLU B 352 -5.11 -3.15 -30.12
C GLU B 352 -6.57 -3.27 -30.57
N ASP B 353 -6.79 -3.77 -31.79
CA ASP B 353 -8.12 -3.84 -32.38
C ASP B 353 -9.09 -4.70 -31.56
N ASN B 354 -8.56 -5.75 -30.93
CA ASN B 354 -9.37 -6.61 -30.07
C ASN B 354 -9.78 -5.93 -28.78
N PHE B 355 -8.89 -5.12 -28.22
CA PHE B 355 -9.20 -4.35 -27.02
C PHE B 355 -10.32 -3.33 -27.26
N VAL B 356 -10.34 -2.77 -28.47
CA VAL B 356 -11.40 -1.84 -28.86
C VAL B 356 -12.78 -2.52 -28.72
N LYS B 357 -12.87 -3.77 -29.14
CA LYS B 357 -14.11 -4.56 -29.02
C LYS B 357 -14.57 -4.72 -27.56
N PHE B 358 -13.61 -4.92 -26.65
CA PHE B 358 -13.91 -5.11 -25.23
C PHE B 358 -14.18 -3.81 -24.48
N PHE B 359 -13.60 -2.71 -24.94
CA PHE B 359 -13.83 -1.41 -24.31
C PHE B 359 -15.07 -0.71 -24.86
N LYS B 360 -15.50 -1.10 -26.05
CA LYS B 360 -16.65 -0.49 -26.76
C LYS B 360 -16.47 1.02 -26.95
N VAL B 361 -15.26 1.40 -27.36
CA VAL B 361 -14.91 2.80 -27.60
C VAL B 361 -14.64 3.07 -29.07
N LEU B 362 -14.62 4.34 -29.45
CA LEU B 362 -14.20 4.74 -30.79
C LEU B 362 -12.68 4.82 -30.83
N ASN B 363 -12.11 4.27 -31.90
CA ASN B 363 -10.66 4.19 -32.05
C ASN B 363 -10.29 4.15 -33.53
N ARG B 364 -9.04 4.50 -33.85
CA ARG B 364 -8.50 4.35 -35.20
C ARG B 364 -8.61 2.89 -35.65
N LYS B 365 -9.07 2.68 -36.89
CA LYS B 365 -9.26 1.32 -37.42
C LYS B 365 -8.01 0.78 -38.10
N THR B 366 -7.03 1.65 -38.32
CA THR B 366 -5.76 1.30 -38.95
C THR B 366 -4.65 2.23 -38.45
N TYR B 367 -3.41 1.78 -38.56
CA TYR B 367 -2.25 2.56 -38.13
C TYR B 367 -2.12 3.81 -39.00
N LEU B 368 -2.55 3.70 -40.25
CA LEU B 368 -2.46 4.78 -41.24
C LEU B 368 -3.52 5.87 -41.07
N ASN B 369 -4.29 5.77 -39.99
CA ASN B 369 -5.16 6.84 -39.54
C ASN B 369 -4.41 7.63 -38.48
N PHE B 370 -3.63 8.62 -38.94
CA PHE B 370 -2.68 9.33 -38.09
C PHE B 370 -3.35 10.30 -37.12
N ASP B 371 -2.72 10.47 -35.96
CA ASP B 371 -3.15 11.44 -34.96
C ASP B 371 -3.07 12.84 -35.54
N LYS B 372 -4.01 13.69 -35.15
CA LYS B 372 -4.07 15.04 -35.68
C LYS B 372 -3.92 16.12 -34.61
N ALA B 373 -4.24 15.77 -33.36
CA ALA B 373 -4.16 16.72 -32.24
C ALA B 373 -3.77 16.04 -30.93
N VAL B 374 -3.52 16.86 -29.91
CA VAL B 374 -3.15 16.39 -28.58
C VAL B 374 -3.93 17.19 -27.52
N PHE B 375 -4.51 16.47 -26.56
CA PHE B 375 -5.38 17.09 -25.56
C PHE B 375 -4.91 16.81 -24.14
N LYS B 376 -5.05 17.81 -23.27
CA LYS B 376 -4.82 17.63 -21.84
C LYS B 376 -6.08 17.08 -21.20
N ILE B 377 -5.92 16.00 -20.44
CA ILE B 377 -7.07 15.32 -19.80
C ILE B 377 -6.88 15.10 -18.31
N ASN B 378 -7.96 14.72 -17.64
CA ASN B 378 -7.94 14.38 -16.23
C ASN B 378 -8.94 13.26 -15.96
N ILE B 379 -8.44 12.02 -15.92
CA ILE B 379 -9.30 10.84 -15.80
C ILE B 379 -9.58 10.39 -14.36
N VAL B 380 -8.91 11.02 -13.40
CA VAL B 380 -9.03 10.64 -11.99
C VAL B 380 -10.44 10.89 -11.40
N PRO B 381 -10.99 12.12 -11.52
CA PRO B 381 -12.36 12.36 -11.04
C PRO B 381 -13.38 11.42 -11.65
N LYS B 382 -14.27 10.90 -10.80
CA LYS B 382 -15.24 9.88 -11.20
C LYS B 382 -16.37 10.45 -12.07
N VAL B 383 -16.52 11.77 -12.02
CA VAL B 383 -17.49 12.47 -12.88
C VAL B 383 -16.99 12.60 -14.32
N ASN B 384 -15.70 12.35 -14.52
CA ASN B 384 -15.06 12.45 -15.83
C ASN B 384 -14.88 11.11 -16.54
N TYR B 385 -14.46 10.10 -15.79
CA TYR B 385 -14.01 8.83 -16.36
C TYR B 385 -14.27 7.70 -15.37
N THR B 386 -14.92 6.63 -15.82
CA THR B 386 -15.15 5.46 -14.97
C THR B 386 -14.47 4.19 -15.51
N ILE B 387 -14.21 3.25 -14.61
CA ILE B 387 -13.57 1.98 -14.94
C ILE B 387 -14.37 1.17 -15.98
N TYR B 388 -15.69 1.29 -15.95
CA TYR B 388 -16.56 0.53 -16.84
C TYR B 388 -16.88 1.24 -18.17
N ASP B 389 -17.12 2.54 -18.11
CA ASP B 389 -17.62 3.29 -19.27
C ASP B 389 -16.55 4.12 -19.99
N GLY B 390 -15.47 4.46 -19.29
CA GLY B 390 -14.46 5.37 -19.82
C GLY B 390 -14.98 6.79 -19.82
N PHE B 391 -14.81 7.50 -20.93
CA PHE B 391 -15.37 8.83 -21.09
C PHE B 391 -16.88 8.77 -21.31
N ASN B 392 -17.34 7.68 -21.92
CA ASN B 392 -18.73 7.54 -22.34
C ASN B 392 -19.65 7.06 -21.22
N LEU B 393 -19.87 7.93 -20.24
CA LEU B 393 -20.61 7.59 -19.02
C LEU B 393 -22.06 7.22 -19.25
N ARG B 394 -22.46 6.08 -18.71
CA ARG B 394 -23.83 5.56 -18.82
C ARG B 394 -24.86 6.46 -18.13
N ASN B 395 -26.10 6.42 -18.61
CA ASN B 395 -27.22 7.23 -18.09
C ASN B 395 -26.95 8.74 -18.19
N THR B 396 -26.29 9.14 -19.27
CA THR B 396 -25.96 10.53 -19.55
C THR B 396 -26.02 10.74 -21.06
N ASN B 397 -25.92 11.99 -21.49
CA ASN B 397 -25.88 12.32 -22.92
C ASN B 397 -24.58 11.86 -23.60
N LEU B 398 -23.60 11.47 -22.78
CA LEU B 398 -22.30 11.01 -23.27
C LEU B 398 -22.25 9.51 -23.55
N ALA B 399 -23.36 8.82 -23.30
CA ALA B 399 -23.42 7.36 -23.43
C ALA B 399 -23.64 6.89 -24.88
N ALA B 400 -24.35 7.70 -25.66
CA ALA B 400 -24.71 7.35 -27.03
C ALA B 400 -23.74 7.92 -28.06
N ASN B 401 -23.48 7.16 -29.12
CA ASN B 401 -22.65 7.59 -30.25
C ASN B 401 -21.22 8.04 -29.91
N PHE B 402 -20.65 7.42 -28.88
CA PHE B 402 -19.31 7.74 -28.37
C PHE B 402 -19.15 9.25 -28.09
N ASN B 403 -20.17 9.85 -27.48
CA ASN B 403 -20.21 11.28 -27.23
C ASN B 403 -19.21 11.78 -26.19
N GLY B 404 -18.84 10.89 -25.27
CA GLY B 404 -17.85 11.22 -24.24
C GLY B 404 -16.46 11.45 -24.81
N GLN B 405 -16.17 10.78 -25.92
CA GLN B 405 -14.90 10.93 -26.62
C GLN B 405 -14.86 12.13 -27.56
N ASN B 406 -16.03 12.68 -27.88
CA ASN B 406 -16.12 13.86 -28.75
C ASN B 406 -15.58 15.10 -28.03
N THR B 407 -14.59 15.73 -28.65
CA THR B 407 -13.89 16.89 -28.08
C THR B 407 -14.78 18.14 -27.96
N GLU B 408 -15.74 18.27 -28.87
CA GLU B 408 -16.63 19.43 -28.89
C GLU B 408 -17.80 19.30 -27.90
N ILE B 409 -18.44 18.13 -27.87
CA ILE B 409 -19.57 17.87 -26.96
C ILE B 409 -19.10 17.77 -25.51
N ASN B 410 -18.00 17.06 -25.28
CA ASN B 410 -17.42 16.92 -23.94
C ASN B 410 -16.21 17.85 -23.76
N ASN B 411 -16.36 19.10 -24.17
CA ASN B 411 -15.26 20.06 -24.23
C ASN B 411 -14.58 20.41 -22.89
N MET B 412 -15.28 20.14 -21.79
CA MET B 412 -14.75 20.37 -20.46
C MET B 412 -13.64 19.37 -20.13
N ASN B 413 -13.76 18.16 -20.69
CA ASN B 413 -12.83 17.07 -20.43
C ASN B 413 -11.59 17.09 -21.30
N PHE B 414 -11.57 17.96 -22.31
CA PHE B 414 -10.44 18.04 -23.24
C PHE B 414 -9.97 19.47 -23.47
N THR B 415 -8.71 19.74 -23.12
CA THR B 415 -8.08 21.01 -23.42
C THR B 415 -7.08 20.82 -24.56
N LYS B 416 -7.43 21.34 -25.73
CA LYS B 416 -6.58 21.27 -26.91
C LYS B 416 -5.29 22.04 -26.66
N LEU B 417 -4.16 21.41 -27.00
CA LEU B 417 -2.86 22.01 -26.77
C LEU B 417 -2.12 22.25 -28.08
N LYS B 418 -1.06 23.05 -28.01
CA LYS B 418 -0.22 23.37 -29.16
C LYS B 418 0.56 22.15 -29.62
N ASN B 419 0.33 21.73 -30.87
CA ASN B 419 1.11 20.67 -31.48
C ASN B 419 2.46 21.23 -31.88
N PHE B 420 3.52 20.74 -31.23
CA PHE B 420 4.88 21.23 -31.48
C PHE B 420 5.45 20.80 -32.84
N THR B 421 4.74 19.93 -33.54
CA THR B 421 5.04 19.65 -34.94
C THR B 421 4.21 20.58 -35.82
N GLY B 422 4.90 21.47 -36.52
CA GLY B 422 4.25 22.43 -37.41
C GLY B 422 3.53 21.74 -38.56
N LEU B 423 2.42 22.34 -39.00
CA LEU B 423 1.58 21.75 -40.03
C LEU B 423 2.37 21.45 -41.31
N PHE B 424 3.37 22.28 -41.60
CA PHE B 424 4.23 22.07 -42.77
C PHE B 424 5.71 21.98 -42.39
N GLU B 425 5.98 21.31 -41.27
CA GLU B 425 7.35 20.97 -40.86
C GLU B 425 7.92 19.92 -41.80
N PHE B 426 7.19 18.83 -41.99
CA PHE B 426 7.55 17.77 -42.92
C PHE B 426 6.55 17.78 -44.07
N TYR B 427 7.03 18.08 -45.26
CA TYR B 427 6.16 18.35 -46.39
C TYR B 427 6.81 18.03 -47.73
N LYS B 428 5.97 17.95 -48.76
CA LYS B 428 6.43 17.98 -50.13
C LYS B 428 5.88 19.24 -50.78
N LEU B 429 6.53 19.70 -51.84
CA LEU B 429 6.10 20.88 -52.54
C LEU B 429 5.53 20.51 -53.91
N LEU B 430 4.24 20.77 -54.10
CA LEU B 430 3.58 20.52 -55.37
C LEU B 430 3.37 21.82 -56.11
N CYS B 431 4.06 21.95 -57.24
CA CYS B 431 4.08 23.19 -58.00
C CYS B 431 3.41 23.05 -59.35
N VAL B 432 2.81 24.15 -59.80
CA VAL B 432 2.15 24.23 -61.10
C VAL B 432 2.56 25.55 -61.76
N ASP B 433 2.47 25.62 -63.08
CA ASP B 433 2.77 26.83 -63.83
C ASP B 433 1.84 27.98 -63.43
N GLU B 434 2.43 29.15 -63.22
CA GLU B 434 1.68 30.34 -62.83
C GLU B 434 0.87 30.89 -64.00
N MET B 435 -0.45 30.93 -63.82
CA MET B 435 -1.38 31.42 -64.84
C MET B 435 -2.31 32.48 -64.27
N ALA B 498 7.15 28.91 -68.08
CA ALA B 498 7.53 28.45 -66.71
C ALA B 498 8.43 29.47 -66.00
N LEU B 499 8.14 30.75 -66.20
CA LEU B 499 8.88 31.85 -65.57
C LEU B 499 8.62 31.92 -64.05
N ALA B 500 7.39 31.64 -63.66
CA ALA B 500 7.01 31.60 -62.24
C ALA B 500 6.18 30.36 -61.95
N LEU B 501 6.15 29.96 -60.67
CA LEU B 501 5.40 28.79 -60.26
C LEU B 501 4.45 29.09 -59.10
N GLN B 502 3.39 28.30 -59.02
CA GLN B 502 2.47 28.35 -57.88
C GLN B 502 2.61 27.04 -57.10
N CYS B 503 3.04 27.16 -55.85
CA CYS B 503 3.39 25.99 -55.05
C CYS B 503 2.64 25.91 -53.74
N ILE B 504 2.19 24.70 -53.40
CA ILE B 504 1.55 24.41 -52.12
C ILE B 504 2.36 23.40 -51.31
N LYS B 505 2.37 23.57 -50.00
CA LYS B 505 2.99 22.60 -49.10
C LYS B 505 1.95 21.55 -48.73
N VAL B 506 2.34 20.28 -48.80
CA VAL B 506 1.48 19.19 -48.37
C VAL B 506 2.15 18.42 -47.23
N ASN B 507 1.52 18.44 -46.06
CA ASN B 507 2.01 17.73 -44.88
C ASN B 507 2.26 16.26 -45.19
N ASN B 508 3.37 15.75 -44.68
CA ASN B 508 3.81 14.38 -44.98
C ASN B 508 2.74 13.32 -44.78
N TRP B 509 1.95 13.45 -43.71
CA TRP B 509 0.97 12.43 -43.34
C TRP B 509 -0.38 12.60 -44.03
N ASP B 510 -0.46 13.58 -44.94
CA ASP B 510 -1.60 13.72 -45.85
C ASP B 510 -1.34 13.01 -47.17
N LEU B 511 -0.14 12.48 -47.33
CA LEU B 511 0.29 11.82 -48.56
C LEU B 511 0.02 10.30 -48.54
N PHE B 512 0.28 9.63 -49.66
CA PHE B 512 -0.08 8.23 -49.85
C PHE B 512 0.97 7.24 -49.38
N PHE B 513 0.49 6.09 -48.90
CA PHE B 513 1.32 5.03 -48.32
C PHE B 513 2.35 4.46 -49.30
N SER B 514 1.88 3.64 -50.24
CA SER B 514 2.75 3.04 -51.27
C SER B 514 3.94 2.25 -50.70
N PRO B 515 3.73 0.96 -50.37
CA PRO B 515 4.82 0.13 -49.87
C PRO B 515 5.72 -0.43 -50.98
N SER B 516 6.96 -0.76 -50.62
CA SER B 516 7.93 -1.33 -51.56
C SER B 516 7.57 -2.76 -51.93
N GLU B 517 8.16 -3.26 -53.01
CA GLU B 517 7.95 -4.63 -53.45
C GLU B 517 8.80 -5.61 -52.63
N ASP B 518 9.85 -5.08 -52.00
CA ASP B 518 10.73 -5.87 -51.13
C ASP B 518 9.98 -6.45 -49.92
N ASN B 519 8.88 -5.80 -49.55
CA ASN B 519 8.06 -6.21 -48.42
C ASN B 519 7.29 -7.50 -48.67
N PHE B 520 7.01 -7.78 -49.93
CA PHE B 520 6.21 -8.95 -50.32
C PHE B 520 7.07 -10.04 -50.96
N THR B 521 7.19 -11.16 -50.25
CA THR B 521 7.96 -12.31 -50.72
C THR B 521 7.15 -13.60 -50.62
N ASN B 522 7.34 -14.50 -51.58
CA ASN B 522 6.62 -15.77 -51.62
C ASN B 522 7.47 -16.92 -52.16
N ASP B 523 7.05 -18.14 -51.85
CA ASP B 523 7.67 -19.34 -52.39
C ASP B 523 6.69 -20.12 -53.26
N LEU B 524 5.89 -19.39 -54.03
CA LEU B 524 4.85 -19.97 -54.89
C LEU B 524 5.44 -20.68 -56.11
N ASN B 525 6.60 -20.22 -56.57
CA ASN B 525 7.31 -20.81 -57.69
C ASN B 525 8.07 -22.09 -57.31
N LYS B 526 8.26 -22.28 -56.01
CA LYS B 526 8.98 -23.42 -55.46
C LYS B 526 8.15 -24.69 -55.61
N GLY B 527 8.71 -25.68 -56.30
CA GLY B 527 8.05 -26.97 -56.50
C GLY B 527 7.93 -27.78 -55.23
N GLU B 528 7.01 -28.74 -55.23
CA GLU B 528 6.74 -29.56 -54.05
C GLU B 528 6.64 -31.04 -54.42
N GLU B 529 7.10 -31.91 -53.52
CA GLU B 529 7.08 -33.35 -53.74
C GLU B 529 5.98 -34.02 -52.93
N ILE B 530 4.99 -34.55 -53.62
CA ILE B 530 3.82 -35.17 -52.99
C ILE B 530 4.07 -36.65 -52.70
N THR B 531 3.89 -37.04 -51.44
CA THR B 531 4.03 -38.43 -51.01
C THR B 531 2.73 -38.90 -50.36
N SER B 532 2.79 -40.04 -49.66
CA SER B 532 1.67 -40.52 -48.86
C SER B 532 1.74 -39.97 -47.44
N ASP B 533 2.91 -39.44 -47.08
CA ASP B 533 3.15 -38.86 -45.75
C ASP B 533 2.95 -37.34 -45.76
N THR B 534 2.51 -36.81 -46.90
CA THR B 534 2.34 -35.36 -47.09
C THR B 534 1.47 -34.75 -45.99
N ASN B 535 2.04 -33.76 -45.31
CA ASN B 535 1.38 -33.09 -44.19
C ASN B 535 0.21 -32.23 -44.65
N ILE B 536 -0.97 -32.55 -44.14
CA ILE B 536 -2.20 -31.81 -44.46
C ILE B 536 -2.38 -30.66 -43.49
N GLU B 537 -2.29 -29.43 -43.99
CA GLU B 537 -2.41 -28.22 -43.20
C GLU B 537 -3.84 -28.03 -42.67
N ALA B 538 -3.96 -27.82 -41.36
CA ALA B 538 -5.24 -27.52 -40.74
C ALA B 538 -5.66 -26.08 -41.06
N ALA B 539 -6.95 -25.93 -41.40
CA ALA B 539 -7.51 -24.63 -41.83
C ALA B 539 -7.34 -23.55 -40.76
N GLU B 540 -6.68 -22.46 -41.15
CA GLU B 540 -6.39 -21.35 -40.24
C GLU B 540 -7.67 -20.59 -39.88
N GLU B 541 -8.13 -20.79 -38.65
CA GLU B 541 -9.37 -20.17 -38.16
C GLU B 541 -9.19 -18.68 -37.88
N ASN B 542 -10.09 -17.87 -38.42
CA ASN B 542 -10.02 -16.41 -38.27
C ASN B 542 -10.40 -15.94 -36.87
N ILE B 543 -9.73 -14.88 -36.41
CA ILE B 543 -9.89 -14.34 -35.05
C ILE B 543 -11.26 -13.71 -34.86
N SER B 544 -11.98 -14.17 -33.84
CA SER B 544 -13.29 -13.62 -33.47
C SER B 544 -13.47 -13.64 -31.96
N LEU B 545 -14.59 -13.10 -31.48
CA LEU B 545 -14.90 -13.08 -30.06
C LEU B 545 -15.19 -14.47 -29.48
N ASP B 546 -15.59 -15.41 -30.35
CA ASP B 546 -15.83 -16.78 -29.96
C ASP B 546 -14.52 -17.51 -29.69
N LEU B 547 -13.48 -17.14 -30.44
CA LEU B 547 -12.14 -17.71 -30.27
C LEU B 547 -11.51 -17.21 -28.98
N ILE B 548 -11.61 -15.90 -28.74
CA ILE B 548 -11.10 -15.28 -27.52
C ILE B 548 -11.81 -15.84 -26.28
N GLN B 549 -13.10 -16.10 -26.41
CA GLN B 549 -13.91 -16.74 -25.37
C GLN B 549 -13.37 -18.13 -25.03
N GLN B 550 -13.03 -18.91 -26.05
CA GLN B 550 -12.48 -20.26 -25.87
C GLN B 550 -11.13 -20.24 -25.17
N TYR B 551 -10.26 -19.32 -25.56
CA TYR B 551 -8.95 -19.15 -24.93
C TYR B 551 -9.09 -18.73 -23.46
N TYR B 552 -10.12 -17.95 -23.18
CA TYR B 552 -10.43 -17.49 -21.82
C TYR B 552 -10.83 -18.64 -20.91
N LEU B 553 -11.62 -19.57 -21.44
CA LEU B 553 -12.10 -20.73 -20.67
C LEU B 553 -10.99 -21.73 -20.38
N THR B 554 -10.01 -21.81 -21.28
CA THR B 554 -8.85 -22.68 -21.11
C THR B 554 -7.78 -22.03 -20.22
N PHE B 555 -8.08 -20.83 -19.74
CA PHE B 555 -7.08 -20.02 -19.04
C PHE B 555 -7.09 -20.24 -17.53
N ASN B 556 -5.91 -20.52 -17.00
CA ASN B 556 -5.71 -20.67 -15.56
C ASN B 556 -5.43 -19.31 -14.93
N PHE B 557 -6.37 -18.83 -14.12
CA PHE B 557 -6.24 -17.53 -13.47
C PHE B 557 -5.68 -17.63 -12.05
N ASP B 558 -5.81 -18.83 -11.47
CA ASP B 558 -5.26 -19.11 -10.14
C ASP B 558 -3.75 -19.33 -10.20
N ASN B 559 -3.07 -18.90 -9.14
CA ASN B 559 -1.62 -19.07 -8.98
C ASN B 559 -0.76 -18.18 -9.85
N GLU B 560 0.08 -17.39 -9.19
CA GLU B 560 1.06 -16.53 -9.85
C GLU B 560 2.46 -16.92 -9.37
N PRO B 561 3.49 -16.69 -10.21
CA PRO B 561 4.87 -16.92 -9.77
C PRO B 561 5.22 -16.02 -8.58
N GLU B 562 5.70 -16.63 -7.50
CA GLU B 562 5.94 -15.93 -6.23
C GLU B 562 7.15 -15.00 -6.24
N ASN B 563 7.21 -14.13 -5.23
CA ASN B 563 8.32 -13.22 -5.03
C ASN B 563 9.38 -13.85 -4.12
N ILE B 564 10.18 -14.74 -4.70
CA ILE B 564 11.21 -15.47 -3.95
C ILE B 564 12.44 -14.62 -3.64
N SER B 565 13.05 -14.88 -2.49
CA SER B 565 14.21 -14.13 -2.03
C SER B 565 15.48 -14.52 -2.79
N ILE B 566 16.13 -13.52 -3.37
CA ILE B 566 17.39 -13.72 -4.08
C ILE B 566 18.56 -13.04 -3.35
N GLU B 567 19.75 -13.61 -3.49
CA GLU B 567 20.96 -13.03 -2.89
C GLU B 567 21.25 -11.64 -3.45
N ASN B 568 21.81 -10.79 -2.61
CA ASN B 568 22.11 -9.40 -3.00
C ASN B 568 23.08 -9.28 -4.17
N LEU B 569 22.70 -8.43 -5.12
CA LEU B 569 23.56 -8.10 -6.25
C LEU B 569 24.40 -6.88 -5.88
N SER B 570 25.21 -6.40 -6.82
CA SER B 570 26.03 -5.20 -6.60
C SER B 570 25.17 -3.98 -6.26
N SER B 571 25.76 -3.05 -5.51
CA SER B 571 25.06 -1.85 -5.02
C SER B 571 24.43 -1.03 -6.15
N ASP B 572 25.17 -0.84 -7.23
CA ASP B 572 24.65 -0.22 -8.44
C ASP B 572 24.68 -1.20 -9.60
N ILE B 573 23.52 -1.45 -10.19
CA ILE B 573 23.39 -2.39 -11.30
C ILE B 573 23.89 -1.77 -12.60
N ILE B 574 24.87 -2.41 -13.22
CA ILE B 574 25.45 -1.95 -14.48
C ILE B 574 24.58 -2.43 -15.65
N GLY B 575 23.97 -1.48 -16.35
CA GLY B 575 23.07 -1.80 -17.45
C GLY B 575 22.97 -0.73 -18.52
N GLN B 576 22.86 -1.18 -19.77
CA GLN B 576 22.72 -0.31 -20.93
C GLN B 576 21.49 -0.75 -21.73
N LEU B 577 20.82 0.21 -22.36
CA LEU B 577 19.60 -0.07 -23.12
C LEU B 577 19.86 -0.86 -24.40
N GLU B 578 18.80 -1.48 -24.93
CA GLU B 578 18.86 -2.23 -26.19
C GLU B 578 19.49 -1.40 -27.30
N LEU B 579 20.31 -2.06 -28.13
CA LEU B 579 21.11 -1.40 -29.16
C LEU B 579 20.30 -0.45 -30.05
N MET B 580 19.17 -0.93 -30.56
CA MET B 580 18.20 -0.13 -31.33
C MET B 580 18.76 0.49 -32.62
N PRO B 581 18.38 -0.07 -33.79
CA PRO B 581 18.88 0.36 -35.10
C PRO B 581 18.77 1.86 -35.37
N ASN B 582 19.86 2.45 -35.86
CA ASN B 582 19.91 3.86 -36.24
C ASN B 582 19.11 4.10 -37.53
N ILE B 583 18.16 5.02 -37.45
CA ILE B 583 17.30 5.30 -38.60
C ILE B 583 17.68 6.63 -39.27
N GLU B 584 17.80 6.60 -40.60
CA GLU B 584 18.17 7.78 -41.37
C GLU B 584 16.97 8.72 -41.53
N ARG B 585 17.26 10.01 -41.51
CA ARG B 585 16.23 11.04 -41.57
C ARG B 585 15.70 11.20 -43.00
N PHE B 586 14.41 11.53 -43.13
CA PHE B 586 13.77 11.67 -44.45
C PHE B 586 14.29 12.89 -45.20
N PRO B 587 14.36 12.80 -46.55
CA PRO B 587 14.55 14.00 -47.35
C PRO B 587 13.29 14.86 -47.30
N ASN B 588 13.44 16.11 -46.89
CA ASN B 588 12.31 17.01 -46.72
C ASN B 588 12.24 18.08 -47.81
N GLY B 589 11.03 18.53 -48.11
CA GLY B 589 10.81 19.63 -49.05
C GLY B 589 11.15 19.31 -50.49
N LYS B 590 10.92 18.06 -50.89
CA LYS B 590 11.11 17.63 -52.26
C LYS B 590 10.13 18.34 -53.17
N LYS B 591 10.65 18.93 -54.24
CA LYS B 591 9.85 19.73 -55.17
C LYS B 591 9.35 18.89 -56.34
N TYR B 592 8.12 19.18 -56.79
CA TYR B 592 7.53 18.52 -57.95
C TYR B 592 6.83 19.54 -58.83
N GLU B 593 7.26 19.62 -60.09
CA GLU B 593 6.62 20.50 -61.08
C GLU B 593 5.59 19.73 -61.89
N LEU B 594 4.33 20.13 -61.79
CA LEU B 594 3.22 19.33 -62.31
C LEU B 594 2.47 19.98 -63.47
N ASP B 595 1.98 19.14 -64.38
CA ASP B 595 1.25 19.56 -65.58
C ASP B 595 -0.19 19.92 -65.29
N LYS B 596 -0.74 19.34 -64.22
CA LYS B 596 -2.16 19.51 -63.89
C LYS B 596 -2.37 19.79 -62.41
N TYR B 597 -3.59 20.20 -62.07
CA TYR B 597 -4.00 20.34 -60.67
C TYR B 597 -4.21 18.96 -60.06
N THR B 598 -3.71 18.79 -58.84
CA THR B 598 -3.83 17.52 -58.13
C THR B 598 -4.94 17.54 -57.09
N MET B 599 -5.25 16.35 -56.58
CA MET B 599 -6.17 16.14 -55.46
C MET B 599 -5.83 17.05 -54.27
N PHE B 600 -4.54 17.25 -54.05
CA PHE B 600 -4.06 18.06 -52.94
C PHE B 600 -4.33 19.54 -53.16
N HIS B 601 -4.27 19.98 -54.43
CA HIS B 601 -4.61 21.36 -54.80
C HIS B 601 -6.08 21.64 -54.58
N TYR B 602 -6.94 20.74 -55.04
CA TYR B 602 -8.39 20.87 -54.86
C TYR B 602 -8.77 20.95 -53.39
N LEU B 603 -8.17 20.08 -52.58
CA LEU B 603 -8.41 20.10 -51.14
C LEU B 603 -7.90 21.39 -50.49
N ARG B 604 -6.77 21.89 -50.98
CA ARG B 604 -6.19 23.13 -50.46
C ARG B 604 -7.04 24.34 -50.81
N ALA B 605 -7.60 24.35 -52.02
CA ALA B 605 -8.45 25.43 -52.51
C ALA B 605 -9.72 25.59 -51.67
N GLN B 606 -10.08 24.53 -50.94
CA GLN B 606 -11.26 24.51 -50.10
C GLN B 606 -11.00 25.05 -48.69
N GLU B 607 -9.81 25.60 -48.47
CA GLU B 607 -9.39 26.08 -47.16
C GLU B 607 -9.34 27.60 -47.07
N PHE B 608 -9.49 28.10 -45.86
CA PHE B 608 -9.41 29.54 -45.58
C PHE B 608 -8.89 29.78 -44.16
N GLU B 609 -8.30 30.96 -43.95
CA GLU B 609 -7.85 31.36 -42.61
C GLU B 609 -9.04 31.69 -41.72
N HIS B 610 -9.16 30.97 -40.61
CA HIS B 610 -10.19 31.22 -39.59
C HIS B 610 -10.03 32.62 -39.00
N GLY B 611 -8.85 33.21 -39.23
CA GLY B 611 -8.52 34.55 -38.74
C GLY B 611 -9.48 35.65 -39.13
N LYS B 612 -9.30 36.79 -38.47
CA LYS B 612 -10.17 37.97 -38.54
C LYS B 612 -10.71 38.30 -39.94
N SER B 613 -9.81 38.31 -40.93
CA SER B 613 -10.14 38.70 -42.31
C SER B 613 -11.42 38.03 -42.81
N ARG B 614 -12.42 38.84 -43.12
CA ARG B 614 -13.74 38.35 -43.51
C ARG B 614 -14.26 39.00 -44.78
N ILE B 615 -15.14 38.27 -45.46
CA ILE B 615 -15.79 38.66 -46.72
C ILE B 615 -15.79 37.47 -47.69
N ALA B 616 -15.40 36.31 -47.15
CA ALA B 616 -15.20 35.08 -47.93
C ALA B 616 -16.36 34.74 -48.87
N LEU B 617 -16.08 34.75 -50.17
CA LEU B 617 -17.04 34.32 -51.18
C LEU B 617 -16.71 32.91 -51.65
N THR B 618 -17.73 32.06 -51.70
CA THR B 618 -17.61 30.72 -52.25
C THR B 618 -17.67 30.81 -53.78
N ASN B 619 -16.80 30.06 -54.47
CA ASN B 619 -16.85 29.99 -55.94
C ASN B 619 -16.43 28.63 -56.52
N SER B 620 -16.52 28.51 -57.84
CA SER B 620 -16.30 27.22 -58.51
C SER B 620 -14.97 27.08 -59.27
N VAL B 621 -14.12 28.10 -59.22
CA VAL B 621 -12.80 28.01 -59.86
C VAL B 621 -11.69 27.78 -58.84
N ASN B 622 -10.68 27.00 -59.26
CA ASN B 622 -9.54 26.67 -58.40
C ASN B 622 -8.67 27.85 -58.02
N GLU B 623 -8.77 28.94 -58.80
CA GLU B 623 -8.13 30.19 -58.45
C GLU B 623 -8.75 30.85 -57.21
N ALA B 624 -9.23 29.99 -56.30
CA ALA B 624 -9.45 30.33 -54.91
C ALA B 624 -8.12 30.19 -54.18
N LEU B 625 -7.15 29.60 -54.87
CA LEU B 625 -5.78 29.47 -54.37
C LEU B 625 -5.06 30.81 -54.33
N LEU B 626 -5.42 31.71 -55.26
CA LEU B 626 -4.85 33.05 -55.30
C LEU B 626 -5.35 33.93 -54.16
N ASN B 627 -6.68 34.03 -54.04
CA ASN B 627 -7.30 34.94 -53.09
C ASN B 627 -7.71 34.26 -51.78
N PRO B 628 -7.22 34.77 -50.63
CA PRO B 628 -7.59 34.25 -49.31
C PRO B 628 -9.05 34.54 -48.92
N SER B 629 -9.78 35.21 -49.81
CA SER B 629 -11.19 35.50 -49.59
C SER B 629 -12.08 34.64 -50.48
N ARG B 630 -11.46 33.93 -51.42
CA ARG B 630 -12.19 32.97 -52.25
C ARG B 630 -11.93 31.55 -51.79
N VAL B 631 -13.01 30.77 -51.65
CA VAL B 631 -12.94 29.36 -51.27
C VAL B 631 -13.67 28.53 -52.33
N TYR B 632 -13.10 27.38 -52.65
CA TYR B 632 -13.63 26.53 -53.71
C TYR B 632 -14.74 25.60 -53.20
N THR B 633 -15.76 25.38 -54.05
CA THR B 633 -16.83 24.42 -53.77
C THR B 633 -17.10 23.56 -54.99
N PHE B 634 -17.48 22.31 -54.73
CA PHE B 634 -17.91 21.38 -55.77
C PHE B 634 -19.44 21.33 -55.86
N PHE B 635 -20.10 22.19 -55.09
CA PHE B 635 -21.56 22.32 -55.16
C PHE B 635 -21.97 23.16 -56.37
N SER B 636 -23.23 23.03 -56.78
CA SER B 636 -23.75 23.67 -57.99
C SER B 636 -23.76 25.20 -57.91
N SER B 637 -23.94 25.84 -59.07
CA SER B 637 -23.92 27.29 -59.16
C SER B 637 -25.08 27.98 -58.43
N ASP B 638 -26.20 27.27 -58.26
CA ASP B 638 -27.33 27.79 -57.49
C ASP B 638 -27.01 27.91 -56.00
N TYR B 639 -26.15 27.02 -55.52
CA TYR B 639 -25.67 27.08 -54.14
C TYR B 639 -24.73 28.26 -53.92
N VAL B 640 -23.79 28.48 -54.85
CA VAL B 640 -22.81 29.54 -54.71
C VAL B 640 -23.44 30.94 -54.84
N LYS B 641 -24.46 31.06 -55.69
CA LYS B 641 -25.20 32.33 -55.82
C LYS B 641 -25.95 32.65 -54.52
N LYS B 642 -26.50 31.62 -53.90
CA LYS B 642 -27.33 31.75 -52.70
C LYS B 642 -26.52 32.09 -51.45
N VAL B 643 -25.36 31.47 -51.30
CA VAL B 643 -24.50 31.70 -50.14
C VAL B 643 -23.74 33.03 -50.20
N ASN B 644 -23.53 33.55 -51.41
CA ASN B 644 -22.85 34.83 -51.61
C ASN B 644 -23.78 36.03 -51.62
N LYS B 645 -25.08 35.78 -51.48
CA LYS B 645 -26.10 36.83 -51.52
C LYS B 645 -26.15 37.61 -50.21
N ALA B 646 -26.14 38.92 -50.30
CA ALA B 646 -26.30 39.79 -49.14
C ALA B 646 -27.74 39.70 -48.62
N THR B 647 -27.87 39.25 -47.37
CA THR B 647 -29.18 39.00 -46.76
C THR B 647 -29.47 40.05 -45.68
N GLU B 648 -30.72 40.47 -45.62
N GLU B 648 -30.71 40.50 -45.62
CA GLU B 648 -31.20 41.43 -44.62
CA GLU B 648 -31.13 41.45 -44.59
C GLU B 648 -31.62 40.68 -43.36
C GLU B 648 -31.75 40.72 -43.41
N ALA B 649 -31.81 41.41 -42.26
CA ALA B 649 -32.24 40.82 -40.98
C ALA B 649 -33.54 40.01 -41.03
N ALA B 650 -34.56 40.56 -41.69
CA ALA B 650 -35.87 39.92 -41.80
C ALA B 650 -35.83 38.58 -42.56
N MET B 651 -34.95 38.48 -43.54
CA MET B 651 -34.86 37.30 -44.38
C MET B 651 -33.77 36.30 -43.95
N PHE B 652 -33.07 36.63 -42.86
CA PHE B 652 -31.90 35.84 -42.40
C PHE B 652 -32.19 34.38 -42.06
N LEU B 653 -33.12 34.14 -41.13
CA LEU B 653 -33.43 32.78 -40.68
C LEU B 653 -33.95 31.87 -41.80
N GLY B 654 -34.78 32.43 -42.68
CA GLY B 654 -35.30 31.71 -43.84
C GLY B 654 -34.21 31.37 -44.83
N TRP B 655 -33.23 32.27 -44.95
CA TRP B 655 -32.04 32.08 -45.77
C TRP B 655 -31.13 31.00 -45.18
N VAL B 656 -31.04 30.96 -43.85
CA VAL B 656 -30.27 29.94 -43.15
C VAL B 656 -30.95 28.58 -43.28
N GLU B 657 -32.26 28.53 -43.03
CA GLU B 657 -33.04 27.28 -43.13
C GLU B 657 -32.97 26.70 -44.54
N GLN B 658 -33.03 27.56 -45.54
CA GLN B 658 -32.96 27.14 -46.94
C GLN B 658 -31.57 26.60 -47.32
N LEU B 659 -30.52 27.19 -46.76
CA LEU B 659 -29.14 26.76 -47.01
C LEU B 659 -28.83 25.39 -46.42
N VAL B 660 -29.40 25.11 -45.25
CA VAL B 660 -29.28 23.79 -44.60
C VAL B 660 -29.87 22.70 -45.49
N TYR B 661 -31.04 23.00 -46.07
CA TYR B 661 -31.69 22.12 -47.04
C TYR B 661 -30.81 21.88 -48.25
N ASP B 662 -30.37 22.97 -48.88
CA ASP B 662 -29.52 22.91 -50.07
C ASP B 662 -28.24 22.12 -49.82
N PHE B 663 -27.65 22.29 -48.63
CA PHE B 663 -26.46 21.54 -48.24
C PHE B 663 -26.72 20.04 -48.20
N THR B 664 -27.89 19.65 -47.72
CA THR B 664 -28.27 18.22 -47.66
C THR B 664 -28.54 17.67 -49.06
N ASP B 665 -29.21 18.46 -49.91
CA ASP B 665 -29.52 18.05 -51.28
C ASP B 665 -28.30 17.82 -52.14
N GLU B 666 -27.29 18.69 -51.97
CA GLU B 666 -26.04 18.61 -52.71
C GLU B 666 -25.22 17.38 -52.31
N THR B 667 -25.23 17.07 -51.01
CA THR B 667 -24.39 16.00 -50.44
C THR B 667 -25.02 14.62 -50.49
N SER B 668 -26.35 14.56 -50.51
CA SER B 668 -27.08 13.28 -50.53
C SER B 668 -27.26 12.70 -51.94
N GLU B 669 -26.64 13.31 -52.94
CA GLU B 669 -26.74 12.87 -54.32
C GLU B 669 -26.07 11.52 -54.50
N VAL B 670 -26.87 10.52 -54.88
CA VAL B 670 -26.40 9.15 -55.13
C VAL B 670 -27.08 8.59 -56.39
N SER B 671 -26.27 8.30 -57.40
CA SER B 671 -26.76 7.68 -58.63
C SER B 671 -26.63 6.17 -58.56
N THR B 672 -27.57 5.46 -59.16
CA THR B 672 -27.52 3.99 -59.22
C THR B 672 -27.14 3.51 -60.61
N THR B 673 -26.51 2.34 -60.68
CA THR B 673 -26.07 1.74 -61.94
C THR B 673 -26.01 0.22 -61.86
N ASP B 674 -26.13 -0.43 -63.01
CA ASP B 674 -25.95 -1.88 -63.13
C ASP B 674 -25.03 -2.19 -64.32
N LYS B 675 -24.33 -1.16 -64.78
CA LYS B 675 -23.44 -1.27 -65.94
C LYS B 675 -22.00 -1.62 -65.56
N ILE B 676 -21.59 -1.26 -64.34
CA ILE B 676 -20.24 -1.53 -63.88
C ILE B 676 -20.10 -2.91 -63.25
N ALA B 677 -21.09 -3.31 -62.45
CA ALA B 677 -21.08 -4.57 -61.68
C ALA B 677 -20.01 -4.56 -60.58
N ASP B 678 -20.36 -5.16 -59.44
CA ASP B 678 -19.62 -5.00 -58.18
C ASP B 678 -19.86 -3.61 -57.58
N ILE B 679 -19.94 -2.61 -58.44
CA ILE B 679 -20.31 -1.25 -58.06
C ILE B 679 -21.72 -0.96 -58.56
N THR B 680 -22.64 -0.79 -57.63
CA THR B 680 -24.04 -0.53 -57.96
C THR B 680 -24.44 0.93 -57.75
N ILE B 681 -23.75 1.61 -56.84
CA ILE B 681 -24.00 3.03 -56.56
C ILE B 681 -22.82 3.90 -56.96
N ILE B 682 -23.10 5.13 -57.37
CA ILE B 682 -22.07 6.12 -57.73
C ILE B 682 -22.37 7.45 -57.08
N ILE B 683 -21.33 8.11 -56.57
CA ILE B 683 -21.45 9.47 -56.04
C ILE B 683 -20.70 10.44 -56.96
N PRO B 684 -21.45 11.16 -57.81
CA PRO B 684 -20.90 11.95 -58.90
C PRO B 684 -20.02 13.12 -58.47
N TYR B 685 -20.27 13.69 -57.29
CA TYR B 685 -19.55 14.89 -56.87
C TYR B 685 -18.14 14.65 -56.30
N ILE B 686 -17.77 13.38 -56.13
CA ILE B 686 -16.42 13.00 -55.73
C ILE B 686 -15.39 13.46 -56.77
N GLY B 687 -15.80 13.42 -58.04
CA GLY B 687 -14.99 13.95 -59.14
C GLY B 687 -14.55 15.38 -58.95
N PRO B 688 -15.50 16.35 -59.00
CA PRO B 688 -15.15 17.76 -58.83
C PRO B 688 -14.60 18.13 -57.45
N ALA B 689 -14.82 17.27 -56.46
CA ALA B 689 -14.31 17.51 -55.11
C ALA B 689 -12.82 17.22 -55.00
N LEU B 690 -12.33 16.28 -55.82
CA LEU B 690 -10.94 15.82 -55.72
C LEU B 690 -10.20 15.75 -57.05
N ASN B 691 -10.85 16.19 -58.13
CA ASN B 691 -10.27 16.13 -59.48
C ASN B 691 -9.86 14.73 -59.90
N ILE B 692 -10.79 13.79 -59.76
CA ILE B 692 -10.52 12.38 -60.03
C ILE B 692 -10.22 12.16 -61.52
N GLY B 693 -8.93 11.93 -61.81
CA GLY B 693 -8.45 11.68 -63.17
C GLY B 693 -8.48 12.89 -64.09
N ASN B 694 -8.35 14.08 -63.50
CA ASN B 694 -8.42 15.37 -64.23
C ASN B 694 -9.60 15.46 -65.20
N MET B 695 -10.80 15.64 -64.64
CA MET B 695 -12.02 15.69 -65.43
C MET B 695 -12.87 16.92 -65.14
N LEU B 696 -12.86 17.37 -63.88
CA LEU B 696 -13.61 18.55 -63.40
C LEU B 696 -15.06 18.70 -63.93
N TYR B 697 -15.74 17.57 -64.08
CA TYR B 697 -17.16 17.53 -64.44
C TYR B 697 -17.84 16.34 -63.76
N LYS B 698 -19.05 16.55 -63.24
CA LYS B 698 -19.82 15.50 -62.58
C LYS B 698 -20.20 14.37 -63.55
N ASP B 699 -20.71 14.75 -64.72
CA ASP B 699 -21.14 13.81 -65.76
C ASP B 699 -19.97 13.07 -66.42
N ASP B 700 -18.78 13.68 -66.37
CA ASP B 700 -17.57 13.03 -66.86
C ASP B 700 -17.12 11.92 -65.90
N PHE B 701 -17.20 12.18 -64.60
CA PHE B 701 -16.79 11.21 -63.58
C PHE B 701 -17.61 9.92 -63.65
N VAL B 702 -18.93 10.06 -63.75
CA VAL B 702 -19.84 8.92 -63.86
C VAL B 702 -19.51 8.09 -65.11
N GLY B 703 -19.33 8.78 -66.24
CA GLY B 703 -19.01 8.13 -67.51
C GLY B 703 -17.64 7.47 -67.55
N ALA B 704 -16.67 8.08 -66.88
CA ALA B 704 -15.30 7.56 -66.83
C ALA B 704 -15.16 6.38 -65.87
N LEU B 705 -16.03 6.31 -64.87
CA LEU B 705 -16.04 5.20 -63.93
C LEU B 705 -16.64 3.95 -64.56
N ILE B 706 -17.69 4.13 -65.35
CA ILE B 706 -18.33 3.02 -66.08
C ILE B 706 -17.38 2.46 -67.13
N PHE B 707 -16.62 3.36 -67.76
CA PHE B 707 -15.71 3.00 -68.84
C PHE B 707 -14.54 2.12 -68.38
N SER B 708 -13.87 2.51 -67.29
CA SER B 708 -12.64 1.82 -66.87
C SER B 708 -12.61 1.34 -65.42
N GLY B 709 -13.74 1.41 -64.72
CA GLY B 709 -13.85 0.86 -63.37
C GLY B 709 -13.18 1.68 -62.29
N ALA B 710 -12.88 1.02 -61.17
CA ALA B 710 -12.37 1.67 -59.96
C ALA B 710 -10.91 2.14 -60.04
N VAL B 711 -10.19 1.71 -61.08
CA VAL B 711 -8.79 2.11 -61.28
C VAL B 711 -8.65 3.63 -61.40
N ILE B 712 -9.71 4.28 -61.85
CA ILE B 712 -9.72 5.72 -62.06
C ILE B 712 -9.57 6.51 -60.75
N LEU B 713 -9.85 5.84 -59.63
CA LEU B 713 -9.70 6.42 -58.30
C LEU B 713 -8.26 6.30 -57.77
N LEU B 714 -7.60 5.21 -58.14
CA LEU B 714 -6.26 4.90 -57.64
C LEU B 714 -5.22 5.93 -58.03
N GLU B 715 -4.43 6.33 -57.04
CA GLU B 715 -3.34 7.26 -57.25
C GLU B 715 -2.16 6.57 -57.96
N PHE B 716 -1.96 5.29 -57.63
CA PHE B 716 -0.96 4.46 -58.30
C PHE B 716 -1.46 3.04 -58.54
N ILE B 717 -1.02 2.42 -59.62
CA ILE B 717 -1.43 1.06 -59.96
C ILE B 717 -0.51 0.03 -59.31
N PRO B 718 -1.07 -0.85 -58.45
CA PRO B 718 -0.29 -1.82 -57.68
C PRO B 718 0.33 -2.90 -58.55
N GLU B 719 1.64 -3.08 -58.44
CA GLU B 719 2.32 -4.11 -59.21
C GLU B 719 2.09 -5.46 -58.53
N ILE B 720 1.46 -6.37 -59.26
CA ILE B 720 1.13 -7.69 -58.72
C ILE B 720 1.87 -8.80 -59.49
N ALA B 721 2.91 -9.34 -58.86
CA ALA B 721 3.76 -10.33 -59.50
C ALA B 721 3.48 -11.75 -58.99
N ILE B 722 2.69 -12.48 -59.77
CA ILE B 722 2.47 -13.90 -59.52
C ILE B 722 3.30 -14.69 -60.54
N PRO B 723 4.35 -15.38 -60.07
CA PRO B 723 5.24 -16.11 -60.97
C PRO B 723 4.63 -17.42 -61.45
N VAL B 724 5.37 -18.15 -62.28
CA VAL B 724 4.96 -19.49 -62.71
C VAL B 724 4.96 -20.40 -61.48
N LEU B 725 3.80 -20.94 -61.16
CA LEU B 725 3.61 -21.74 -59.95
C LEU B 725 4.31 -23.09 -60.04
N GLY B 726 5.01 -23.45 -58.97
CA GLY B 726 5.76 -24.70 -58.89
C GLY B 726 4.90 -25.94 -58.93
N THR B 727 5.17 -26.80 -59.90
CA THR B 727 4.38 -28.01 -60.15
C THR B 727 4.68 -29.11 -59.13
N PHE B 728 3.73 -30.02 -58.95
CA PHE B 728 3.89 -31.15 -58.04
C PHE B 728 4.64 -32.31 -58.68
N ALA B 729 5.55 -32.92 -57.92
CA ALA B 729 6.25 -34.13 -58.34
C ALA B 729 5.76 -35.31 -57.52
N LEU B 730 5.29 -36.35 -58.22
CA LEU B 730 4.64 -37.50 -57.57
C LEU B 730 5.61 -38.65 -57.25
N VAL B 731 5.37 -39.30 -56.12
CA VAL B 731 6.15 -40.47 -55.71
C VAL B 731 5.29 -41.72 -55.78
N SER B 732 5.66 -42.64 -56.68
CA SER B 732 4.90 -43.86 -56.90
C SER B 732 5.40 -45.01 -56.04
N TYR B 733 4.48 -45.90 -55.66
CA TYR B 733 4.80 -47.09 -54.88
C TYR B 733 4.27 -48.32 -55.60
N ILE B 734 5.19 -49.16 -56.07
CA ILE B 734 4.83 -50.35 -56.85
C ILE B 734 4.14 -51.39 -55.97
N ALA B 735 3.01 -51.91 -56.47
CA ALA B 735 2.25 -53.00 -55.82
C ALA B 735 1.64 -52.64 -54.46
N ASN B 736 1.31 -51.37 -54.27
CA ASN B 736 0.68 -50.90 -53.04
C ASN B 736 -0.53 -50.00 -53.33
N LYS B 737 -1.71 -50.62 -53.40
CA LYS B 737 -2.93 -49.92 -53.81
C LYS B 737 -3.41 -48.87 -52.81
N VAL B 738 -3.17 -49.12 -51.52
CA VAL B 738 -3.58 -48.21 -50.45
C VAL B 738 -2.77 -46.91 -50.52
N LEU B 739 -1.45 -47.05 -50.67
CA LEU B 739 -0.55 -45.89 -50.72
C LEU B 739 -0.57 -45.12 -52.04
N THR B 740 -1.03 -45.78 -53.11
CA THR B 740 -1.15 -45.13 -54.42
C THR B 740 -2.32 -44.13 -54.44
N VAL B 741 -3.47 -44.56 -53.91
CA VAL B 741 -4.65 -43.71 -53.80
C VAL B 741 -4.41 -42.53 -52.84
N GLN B 742 -3.63 -42.79 -51.79
CA GLN B 742 -3.25 -41.77 -50.81
C GLN B 742 -2.47 -40.60 -51.44
N THR B 743 -1.54 -40.93 -52.34
CA THR B 743 -0.71 -39.93 -53.00
C THR B 743 -1.51 -39.08 -54.00
N ILE B 744 -2.49 -39.70 -54.65
CA ILE B 744 -3.39 -38.99 -55.57
C ILE B 744 -4.34 -38.08 -54.80
N ASP B 745 -4.90 -38.59 -53.70
CA ASP B 745 -5.82 -37.83 -52.86
C ASP B 745 -5.13 -36.66 -52.14
N ASN B 746 -3.90 -36.87 -51.71
CA ASN B 746 -3.11 -35.82 -51.06
C ASN B 746 -2.71 -34.71 -52.04
N ALA B 747 -2.64 -35.04 -53.32
CA ALA B 747 -2.28 -34.07 -54.37
C ALA B 747 -3.42 -33.11 -54.69
N LEU B 748 -4.65 -33.63 -54.68
CA LEU B 748 -5.84 -32.84 -55.00
C LEU B 748 -6.23 -31.87 -53.89
N SER B 749 -6.08 -32.32 -52.64
CA SER B 749 -6.34 -31.46 -51.48
C SER B 749 -5.22 -30.45 -51.27
N LYS B 750 -4.02 -30.77 -51.77
CA LYS B 750 -2.87 -29.85 -51.72
C LYS B 750 -3.01 -28.77 -52.77
N ARG B 751 -3.73 -29.08 -53.87
CA ARG B 751 -4.04 -28.10 -54.90
C ARG B 751 -4.97 -27.01 -54.36
N ASN B 752 -5.97 -27.44 -53.58
CA ASN B 752 -6.87 -26.51 -52.91
C ASN B 752 -6.11 -25.54 -52.01
N GLU B 753 -5.11 -26.06 -51.31
CA GLU B 753 -4.22 -25.24 -50.47
C GLU B 753 -3.42 -24.25 -51.29
N LYS B 754 -3.05 -24.65 -52.52
CA LYS B 754 -2.33 -23.76 -53.44
C LYS B 754 -3.24 -22.64 -53.96
N TRP B 755 -4.48 -23.00 -54.31
CA TRP B 755 -5.49 -22.01 -54.69
C TRP B 755 -5.76 -21.04 -53.56
N ASP B 756 -5.77 -21.55 -52.34
CA ASP B 756 -5.95 -20.75 -51.14
C ASP B 756 -4.71 -19.92 -50.84
N GLU B 757 -3.54 -20.45 -51.22
CA GLU B 757 -2.25 -19.79 -50.98
C GLU B 757 -2.11 -18.57 -51.88
N VAL B 758 -2.53 -18.69 -53.13
CA VAL B 758 -2.49 -17.59 -54.10
C VAL B 758 -3.51 -16.50 -53.73
N TYR B 759 -4.74 -16.91 -53.47
CA TYR B 759 -5.79 -15.99 -53.05
C TYR B 759 -5.37 -15.13 -51.86
N LYS B 760 -4.82 -15.79 -50.84
CA LYS B 760 -4.37 -15.11 -49.61
C LYS B 760 -3.30 -14.05 -49.91
N TYR B 761 -2.35 -14.41 -50.77
CA TYR B 761 -1.26 -13.52 -51.15
C TYR B 761 -1.77 -12.23 -51.80
N ILE B 762 -2.66 -12.38 -52.77
CA ILE B 762 -3.26 -11.25 -53.48
C ILE B 762 -4.04 -10.35 -52.52
N VAL B 763 -4.84 -10.97 -51.65
CA VAL B 763 -5.61 -10.25 -50.63
C VAL B 763 -4.71 -9.39 -49.73
N THR B 764 -3.49 -9.89 -49.45
CA THR B 764 -2.48 -9.12 -48.72
C THR B 764 -2.04 -7.87 -49.51
N ASN B 765 -1.65 -8.08 -50.76
CA ASN B 765 -1.25 -6.99 -51.65
C ASN B 765 -2.34 -5.95 -51.82
N TRP B 766 -3.57 -6.42 -52.06
CA TRP B 766 -4.74 -5.56 -52.17
C TRP B 766 -4.93 -4.72 -50.91
N LEU B 767 -4.89 -5.40 -49.77
CA LEU B 767 -5.09 -4.78 -48.46
C LEU B 767 -4.06 -3.68 -48.18
N ALA B 768 -2.82 -3.92 -48.58
CA ALA B 768 -1.72 -2.98 -48.32
C ALA B 768 -1.59 -1.90 -49.40
N LYS B 769 -1.77 -2.26 -50.66
CA LYS B 769 -1.52 -1.34 -51.77
C LYS B 769 -2.76 -0.58 -52.24
N VAL B 770 -3.88 -1.27 -52.36
CA VAL B 770 -5.11 -0.69 -52.91
C VAL B 770 -6.01 -0.11 -51.83
N ASN B 771 -6.40 -0.94 -50.87
CA ASN B 771 -7.33 -0.55 -49.83
C ASN B 771 -6.90 0.68 -49.03
N THR B 772 -5.60 0.86 -48.86
CA THR B 772 -5.02 2.01 -48.17
C THR B 772 -5.23 3.32 -48.93
N GLN B 773 -5.19 3.25 -50.26
CA GLN B 773 -5.48 4.40 -51.12
C GLN B 773 -6.94 4.84 -50.97
N ILE B 774 -7.84 3.86 -51.00
CA ILE B 774 -9.28 4.10 -50.82
C ILE B 774 -9.54 4.65 -49.42
N ASP B 775 -8.86 4.10 -48.42
CA ASP B 775 -8.92 4.60 -47.05
C ASP B 775 -8.59 6.09 -46.98
N LEU B 776 -7.55 6.50 -47.69
CA LEU B 776 -7.11 7.89 -47.67
C LEU B 776 -8.08 8.81 -48.41
N ILE B 777 -8.59 8.34 -49.55
CA ILE B 777 -9.57 9.09 -50.33
C ILE B 777 -10.86 9.37 -49.54
N ARG B 778 -11.38 8.36 -48.84
CA ARG B 778 -12.59 8.52 -48.02
C ARG B 778 -12.37 9.52 -46.88
N LYS B 779 -11.17 9.49 -46.30
CA LYS B 779 -10.78 10.45 -45.27
C LYS B 779 -10.69 11.87 -45.84
N LYS B 780 -10.29 11.97 -47.10
CA LYS B 780 -10.20 13.27 -47.80
C LYS B 780 -11.58 13.80 -48.23
N MET B 781 -12.48 12.89 -48.59
CA MET B 781 -13.87 13.24 -48.88
C MET B 781 -14.59 13.78 -47.65
N LYS B 782 -14.20 13.27 -46.48
CA LYS B 782 -14.67 13.78 -45.21
C LYS B 782 -14.08 15.17 -44.93
N GLU B 783 -12.80 15.34 -45.23
CA GLU B 783 -12.13 16.63 -45.09
C GLU B 783 -12.78 17.69 -46.01
N ALA B 784 -13.09 17.27 -47.23
CA ALA B 784 -13.69 18.15 -48.24
C ALA B 784 -15.08 18.62 -47.80
N LEU B 785 -15.85 17.72 -47.21
CA LEU B 785 -17.20 18.05 -46.73
C LEU B 785 -17.16 19.00 -45.54
N GLU B 786 -16.27 18.72 -44.59
CA GLU B 786 -16.10 19.57 -43.41
C GLU B 786 -15.67 20.99 -43.80
N ASN B 787 -14.82 21.09 -44.82
CA ASN B 787 -14.40 22.38 -45.35
C ASN B 787 -15.56 23.19 -45.92
N GLN B 788 -16.47 22.50 -46.61
CA GLN B 788 -17.68 23.13 -47.14
C GLN B 788 -18.60 23.64 -46.04
N ALA B 789 -18.75 22.83 -44.99
CA ALA B 789 -19.55 23.20 -43.83
C ALA B 789 -18.93 24.39 -43.10
N GLU B 790 -17.60 24.37 -42.97
CA GLU B 790 -16.86 25.46 -42.31
C GLU B 790 -17.01 26.76 -43.09
N ALA B 791 -16.88 26.67 -44.41
CA ALA B 791 -17.03 27.82 -45.30
C ALA B 791 -18.44 28.39 -45.24
N THR B 792 -19.44 27.51 -45.31
CA THR B 792 -20.84 27.91 -45.20
C THR B 792 -21.11 28.62 -43.88
N LYS B 793 -20.64 28.00 -42.79
CA LYS B 793 -20.82 28.55 -41.44
C LYS B 793 -20.15 29.91 -41.25
N ALA B 794 -18.98 30.08 -41.87
CA ALA B 794 -18.22 31.34 -41.79
C ALA B 794 -18.93 32.50 -42.44
N ILE B 795 -19.53 32.24 -43.60
CA ILE B 795 -20.25 33.26 -44.37
C ILE B 795 -21.54 33.68 -43.65
N ILE B 796 -22.31 32.70 -43.20
CA ILE B 796 -23.55 32.95 -42.45
C ILE B 796 -23.28 33.73 -41.15
N ASN B 797 -22.20 33.36 -40.47
CA ASN B 797 -21.81 34.02 -39.23
C ASN B 797 -21.33 35.46 -39.44
N TYR B 798 -20.72 35.71 -40.60
CA TYR B 798 -20.30 37.06 -40.97
C TYR B 798 -21.49 37.96 -41.25
N GLN B 799 -22.49 37.42 -41.93
CA GLN B 799 -23.72 38.14 -42.27
C GLN B 799 -24.49 38.56 -41.02
N TYR B 800 -24.56 37.66 -40.03
CA TYR B 800 -25.22 37.92 -38.76
C TYR B 800 -24.56 39.06 -38.00
N ASN B 801 -23.22 39.09 -38.05
CA ASN B 801 -22.44 40.11 -37.35
C ASN B 801 -22.45 41.49 -38.02
N GLN B 802 -23.05 41.59 -39.20
CA GLN B 802 -23.19 42.87 -39.90
C GLN B 802 -24.42 43.64 -39.43
N TYR B 803 -25.39 42.92 -38.87
CA TYR B 803 -26.59 43.54 -38.33
C TYR B 803 -26.29 44.26 -37.02
N THR B 804 -27.17 45.18 -36.64
CA THR B 804 -27.00 45.96 -35.42
C THR B 804 -28.26 45.93 -34.57
N GLU B 805 -28.15 45.36 -33.38
CA GLU B 805 -29.22 45.38 -32.36
C GLU B 805 -30.45 44.57 -32.73
N GLU B 806 -30.72 44.46 -34.03
CA GLU B 806 -31.75 43.57 -34.56
C GLU B 806 -31.32 42.10 -34.42
N GLU B 807 -30.07 41.91 -34.02
CA GLU B 807 -29.54 40.60 -33.65
C GLU B 807 -30.19 40.05 -32.39
N LYS B 808 -30.56 40.97 -31.49
CA LYS B 808 -30.96 40.63 -30.13
C LYS B 808 -32.18 39.71 -30.05
N ASN B 809 -33.38 40.24 -30.30
CA ASN B 809 -34.60 39.46 -30.15
C ASN B 809 -35.13 38.83 -31.44
N ASN B 810 -35.21 39.63 -32.50
CA ASN B 810 -35.80 39.21 -33.78
C ASN B 810 -35.16 37.97 -34.36
N ILE B 811 -33.84 37.96 -34.40
CA ILE B 811 -33.09 36.90 -35.07
C ILE B 811 -32.68 35.80 -34.10
N ASN B 812 -32.08 36.20 -32.97
CA ASN B 812 -31.56 35.26 -31.96
C ASN B 812 -31.20 33.89 -32.53
N PHE B 813 -29.96 33.79 -32.98
CA PHE B 813 -29.49 32.65 -33.75
C PHE B 813 -28.38 31.89 -33.03
N ASN B 814 -28.50 30.57 -32.99
CA ASN B 814 -27.50 29.69 -32.40
C ASN B 814 -26.65 29.00 -33.46
N ILE B 815 -25.35 29.24 -33.41
CA ILE B 815 -24.41 28.67 -34.39
C ILE B 815 -24.17 27.17 -34.16
N ASP B 816 -24.30 26.73 -32.91
CA ASP B 816 -24.13 25.30 -32.57
C ASP B 816 -25.28 24.45 -33.09
N ASP B 817 -26.46 25.05 -33.23
CA ASP B 817 -27.61 24.40 -33.87
C ASP B 817 -27.37 24.24 -35.37
N LEU B 818 -26.82 25.28 -36.01
CA LEU B 818 -26.45 25.23 -37.42
C LEU B 818 -25.35 24.20 -37.64
N SER B 819 -24.37 24.19 -36.73
CA SER B 819 -23.22 23.28 -36.82
C SER B 819 -23.64 21.82 -36.70
N SER B 820 -24.61 21.53 -35.84
CA SER B 820 -25.12 20.17 -35.64
C SER B 820 -25.93 19.66 -36.81
N LYS B 821 -26.72 20.56 -37.42
CA LYS B 821 -27.54 20.22 -38.59
C LYS B 821 -26.69 19.93 -39.82
N LEU B 822 -25.61 20.68 -39.99
CA LEU B 822 -24.67 20.46 -41.09
C LEU B 822 -23.81 19.22 -40.88
N ASN B 823 -23.47 18.94 -39.62
CA ASN B 823 -22.76 17.70 -39.25
C ASN B 823 -23.58 16.45 -39.56
N GLU B 824 -24.88 16.50 -39.26
CA GLU B 824 -25.80 15.39 -39.54
C GLU B 824 -25.89 15.09 -41.03
N SER B 825 -25.93 16.14 -41.85
CA SER B 825 -25.91 16.00 -43.30
C SER B 825 -24.60 15.38 -43.78
N ILE B 826 -23.48 15.83 -43.19
CA ILE B 826 -22.16 15.29 -43.49
C ILE B 826 -22.14 13.79 -43.21
N ASN B 827 -22.65 13.40 -42.04
CA ASN B 827 -22.67 12.01 -41.63
C ASN B 827 -23.45 11.11 -42.60
N LYS B 828 -24.61 11.57 -43.03
CA LYS B 828 -25.44 10.82 -43.97
C LYS B 828 -24.80 10.75 -45.35
N ALA B 829 -24.08 11.80 -45.74
CA ALA B 829 -23.32 11.81 -46.99
C ALA B 829 -22.18 10.78 -46.91
N MET B 830 -21.52 10.71 -45.76
CA MET B 830 -20.44 9.76 -45.53
C MET B 830 -20.89 8.30 -45.51
N ILE B 831 -22.13 8.06 -45.07
CA ILE B 831 -22.74 6.72 -45.15
C ILE B 831 -22.70 6.21 -46.59
N ASN B 832 -23.09 7.07 -47.52
CA ASN B 832 -23.05 6.76 -48.95
C ASN B 832 -21.62 6.63 -49.48
N ILE B 833 -20.76 7.59 -49.14
CA ILE B 833 -19.36 7.60 -49.59
C ILE B 833 -18.59 6.36 -49.13
N ASN B 834 -18.75 6.00 -47.86
CA ASN B 834 -18.18 4.76 -47.33
C ASN B 834 -18.66 3.53 -48.10
N LYS B 835 -19.97 3.49 -48.37
CA LYS B 835 -20.57 2.38 -49.11
C LYS B 835 -19.99 2.31 -50.53
N PHE B 836 -19.87 3.46 -51.17
CA PHE B 836 -19.37 3.55 -52.54
C PHE B 836 -17.90 3.13 -52.68
N LEU B 837 -17.04 3.67 -51.82
CA LEU B 837 -15.60 3.45 -51.92
C LEU B 837 -15.18 2.06 -51.49
N ASN B 838 -15.96 1.47 -50.59
CA ASN B 838 -15.75 0.08 -50.19
C ASN B 838 -16.06 -0.86 -51.35
N GLN B 839 -17.11 -0.53 -52.11
CA GLN B 839 -17.47 -1.28 -53.32
C GLN B 839 -16.40 -1.17 -54.40
N CYS B 840 -15.76 0.00 -54.48
CA CYS B 840 -14.69 0.25 -55.44
C CYS B 840 -13.42 -0.54 -55.11
N SER B 841 -13.02 -0.52 -53.85
CA SER B 841 -11.84 -1.24 -53.40
C SER B 841 -11.96 -2.73 -53.68
N VAL B 842 -13.12 -3.29 -53.38
CA VAL B 842 -13.39 -4.72 -53.61
C VAL B 842 -13.51 -5.02 -55.10
N SER B 843 -14.21 -4.14 -55.84
CA SER B 843 -14.33 -4.27 -57.30
C SER B 843 -12.98 -4.41 -57.97
N TYR B 844 -12.02 -3.58 -57.55
CA TYR B 844 -10.67 -3.64 -58.11
C TYR B 844 -9.99 -4.97 -57.80
N LEU B 845 -10.18 -5.47 -56.58
CA LEU B 845 -9.65 -6.78 -56.20
C LEU B 845 -10.23 -7.90 -57.06
N MET B 846 -11.56 -7.89 -57.21
CA MET B 846 -12.30 -8.92 -57.93
C MET B 846 -12.00 -8.97 -59.43
N ASN B 847 -11.81 -7.80 -60.02
CA ASN B 847 -11.74 -7.68 -61.48
C ASN B 847 -10.34 -7.41 -62.04
N SER B 848 -9.48 -6.79 -61.24
CA SER B 848 -8.16 -6.35 -61.71
C SER B 848 -6.98 -7.07 -61.07
N MET B 849 -7.20 -7.70 -59.92
CA MET B 849 -6.13 -8.36 -59.18
C MET B 849 -6.28 -9.88 -59.14
N ILE B 850 -7.47 -10.35 -58.75
CA ILE B 850 -7.75 -11.79 -58.66
C ILE B 850 -7.56 -12.54 -59.98
N PRO B 851 -8.06 -12.01 -61.12
CA PRO B 851 -7.86 -12.68 -62.41
C PRO B 851 -6.41 -13.05 -62.75
N TYR B 852 -5.46 -12.22 -62.34
CA TYR B 852 -4.03 -12.49 -62.52
C TYR B 852 -3.60 -13.82 -61.90
N GLY B 853 -4.09 -14.07 -60.68
CA GLY B 853 -3.81 -15.32 -59.98
C GLY B 853 -4.56 -16.50 -60.57
N VAL B 854 -5.79 -16.25 -61.03
CA VAL B 854 -6.66 -17.29 -61.61
C VAL B 854 -6.00 -17.96 -62.82
N LYS B 855 -5.47 -17.14 -63.73
CA LYS B 855 -4.78 -17.63 -64.92
C LYS B 855 -3.54 -18.47 -64.59
N ARG B 856 -2.78 -18.03 -63.58
CA ARG B 856 -1.61 -18.76 -63.09
C ARG B 856 -2.01 -20.09 -62.48
N LEU B 857 -3.14 -20.09 -61.75
CA LEU B 857 -3.67 -21.29 -61.12
C LEU B 857 -4.29 -22.25 -62.13
N GLU B 858 -4.77 -21.71 -63.25
CA GLU B 858 -5.34 -22.52 -64.33
C GLU B 858 -4.26 -23.21 -65.14
N ASP B 859 -3.09 -22.57 -65.24
CA ASP B 859 -1.91 -23.16 -65.87
C ASP B 859 -1.34 -24.29 -65.01
N PHE B 860 -1.35 -24.08 -63.69
CA PHE B 860 -0.91 -25.09 -62.73
C PHE B 860 -1.83 -26.30 -62.70
N ASP B 861 -3.13 -26.05 -62.89
CA ASP B 861 -4.14 -27.11 -62.96
C ASP B 861 -3.90 -28.02 -64.17
N ALA B 862 -3.54 -27.41 -65.30
CA ALA B 862 -3.26 -28.14 -66.53
C ALA B 862 -2.00 -29.01 -66.42
N SER B 863 -1.01 -28.50 -65.70
CA SER B 863 0.24 -29.23 -65.47
C SER B 863 0.02 -30.42 -64.53
N LEU B 864 -0.79 -30.21 -63.49
CA LEU B 864 -1.14 -31.27 -62.56
C LEU B 864 -2.16 -32.24 -63.17
N LYS B 865 -2.96 -31.72 -64.11
CA LYS B 865 -3.89 -32.53 -64.89
C LYS B 865 -3.17 -33.68 -65.59
N ASP B 866 -2.13 -33.33 -66.35
CA ASP B 866 -1.36 -34.30 -67.13
C ASP B 866 -0.44 -35.13 -66.26
N ALA B 867 0.05 -34.54 -65.16
CA ALA B 867 0.91 -35.23 -64.22
C ALA B 867 0.21 -36.42 -63.56
N LEU B 868 -1.03 -36.20 -63.13
CA LEU B 868 -1.84 -37.23 -62.49
C LEU B 868 -2.38 -38.26 -63.49
N LEU B 869 -2.72 -37.80 -64.69
CA LEU B 869 -3.22 -38.70 -65.75
C LEU B 869 -2.16 -39.68 -66.23
N LYS B 870 -0.90 -39.26 -66.21
CA LYS B 870 0.23 -40.14 -66.51
C LYS B 870 0.53 -41.06 -65.33
N TYR B 871 0.38 -40.52 -64.11
CA TYR B 871 0.59 -41.27 -62.87
C TYR B 871 -0.44 -42.40 -62.72
N ILE B 872 -1.68 -42.10 -63.09
CA ILE B 872 -2.78 -43.07 -63.00
C ILE B 872 -2.66 -44.12 -64.11
N TYR B 873 -2.08 -43.73 -65.23
CA TYR B 873 -1.82 -44.62 -66.36
C TYR B 873 -0.67 -45.57 -66.02
N ASP B 874 0.35 -45.02 -65.39
CA ASP B 874 1.60 -45.75 -65.09
C ASP B 874 1.41 -46.81 -64.01
N ASN B 875 0.38 -46.64 -63.18
CA ASN B 875 0.15 -47.50 -62.04
C ASN B 875 -1.17 -48.28 -62.14
N ARG B 876 -1.48 -48.71 -63.36
CA ARG B 876 -2.73 -49.39 -63.66
C ARG B 876 -2.91 -50.75 -62.96
N GLY B 877 -1.84 -51.53 -62.88
CA GLY B 877 -1.94 -52.84 -62.29
C GLY B 877 -2.33 -52.81 -60.83
N THR B 878 -1.72 -51.90 -60.07
CA THR B 878 -2.08 -51.74 -58.66
C THR B 878 -3.52 -51.25 -58.55
N LEU B 879 -3.87 -50.30 -59.42
CA LEU B 879 -5.20 -49.71 -59.43
C LEU B 879 -6.31 -50.70 -59.79
N ILE B 880 -6.05 -51.57 -60.75
CA ILE B 880 -7.07 -52.50 -61.22
C ILE B 880 -8.28 -51.73 -61.74
N GLY B 881 -9.46 -52.13 -61.28
CA GLY B 881 -10.70 -51.50 -61.67
C GLY B 881 -10.92 -50.05 -61.27
N GLN B 882 -10.51 -49.70 -60.06
CA GLN B 882 -10.80 -48.37 -59.51
C GLN B 882 -10.25 -47.23 -60.39
N VAL B 883 -9.58 -47.61 -61.48
CA VAL B 883 -8.99 -46.65 -62.43
C VAL B 883 -10.04 -45.73 -63.04
N ASP B 884 -11.15 -46.31 -63.50
CA ASP B 884 -12.26 -45.55 -64.10
C ASP B 884 -12.81 -44.49 -63.15
N ARG B 885 -12.94 -44.84 -61.88
CA ARG B 885 -13.44 -43.94 -60.84
C ARG B 885 -12.45 -42.80 -60.55
N LEU B 886 -11.17 -43.15 -60.40
CA LEU B 886 -10.12 -42.17 -60.12
C LEU B 886 -9.81 -41.28 -61.32
N LYS B 887 -10.08 -41.80 -62.53
CA LYS B 887 -9.89 -41.05 -63.77
C LYS B 887 -10.91 -39.92 -63.88
N ASP B 888 -12.14 -40.19 -63.45
CA ASP B 888 -13.23 -39.22 -63.52
C ASP B 888 -13.12 -38.14 -62.44
N LYS B 889 -12.60 -38.52 -61.27
CA LYS B 889 -12.42 -37.58 -60.16
C LYS B 889 -11.38 -36.52 -60.47
N VAL B 890 -10.21 -36.97 -60.93
CA VAL B 890 -9.11 -36.09 -61.36
C VAL B 890 -9.55 -35.17 -62.51
N ASN B 891 -10.31 -35.74 -63.45
CA ASN B 891 -10.82 -34.99 -64.60
C ASN B 891 -11.86 -33.94 -64.21
N ASN B 892 -12.65 -34.24 -63.18
CA ASN B 892 -13.73 -33.38 -62.73
C ASN B 892 -13.25 -32.22 -61.85
N THR B 893 -12.44 -32.55 -60.83
CA THR B 893 -12.01 -31.59 -59.82
C THR B 893 -10.98 -30.57 -60.33
N LEU B 894 -10.25 -30.93 -61.39
CA LEU B 894 -9.21 -30.04 -61.95
C LEU B 894 -9.70 -29.19 -63.11
N SER B 895 -10.92 -29.47 -63.58
CA SER B 895 -11.51 -28.71 -64.69
C SER B 895 -12.22 -27.45 -64.21
N THR B 896 -12.61 -27.45 -62.93
CA THR B 896 -13.34 -26.34 -62.33
C THR B 896 -12.48 -25.52 -61.37
N ASP B 897 -12.77 -24.22 -61.30
CA ASP B 897 -12.06 -23.30 -60.42
C ASP B 897 -12.63 -23.34 -59.01
N ILE B 898 -11.81 -22.95 -58.03
CA ILE B 898 -12.30 -22.74 -56.67
C ILE B 898 -12.73 -21.28 -56.55
N PRO B 899 -14.03 -21.04 -56.30
CA PRO B 899 -14.58 -19.68 -56.21
C PRO B 899 -13.95 -18.87 -55.08
N PHE B 900 -13.76 -17.59 -55.32
CA PHE B 900 -13.13 -16.68 -54.37
C PHE B 900 -14.12 -16.23 -53.29
N GLN B 901 -13.81 -16.53 -52.05
CA GLN B 901 -14.60 -16.07 -50.90
C GLN B 901 -13.78 -15.09 -50.06
N LEU B 902 -14.21 -13.82 -50.06
CA LEU B 902 -13.53 -12.76 -49.33
C LEU B 902 -13.58 -12.96 -47.81
N SER B 903 -14.57 -13.72 -47.35
CA SER B 903 -14.78 -13.99 -45.94
C SER B 903 -13.79 -15.00 -45.33
N LYS B 904 -12.96 -15.61 -46.19
CA LYS B 904 -11.94 -16.57 -45.74
C LYS B 904 -10.59 -15.93 -45.44
N TYR B 905 -10.40 -14.69 -45.89
CA TYR B 905 -9.11 -14.00 -45.77
C TYR B 905 -9.22 -12.66 -45.07
N VAL B 906 -10.43 -12.09 -45.08
CA VAL B 906 -10.70 -10.80 -44.46
C VAL B 906 -11.66 -10.96 -43.28
N ASP B 907 -11.21 -10.54 -42.11
CA ASP B 907 -12.01 -10.61 -40.89
C ASP B 907 -12.89 -9.38 -40.74
N ASN B 908 -12.48 -8.29 -41.40
CA ASN B 908 -13.18 -7.01 -41.30
C ASN B 908 -14.61 -7.05 -41.85
N GLN B 909 -15.55 -6.74 -40.96
CA GLN B 909 -16.97 -6.83 -41.22
C GLN B 909 -17.47 -5.85 -42.29
N ARG B 910 -16.84 -4.69 -42.36
CA ARG B 910 -17.17 -3.66 -43.35
C ARG B 910 -16.84 -4.13 -44.76
N LEU B 911 -15.72 -4.83 -44.90
CA LEU B 911 -15.31 -5.40 -46.18
C LEU B 911 -16.11 -6.66 -46.53
N LEU B 912 -16.73 -7.28 -45.52
CA LEU B 912 -17.59 -8.46 -45.72
C LEU B 912 -18.91 -8.10 -46.39
N SER B 913 -19.41 -6.89 -46.13
CA SER B 913 -20.74 -6.46 -46.58
C SER B 913 -20.87 -6.27 -48.09
N THR B 914 -19.73 -6.15 -48.78
CA THR B 914 -19.71 -5.99 -50.23
C THR B 914 -19.94 -7.33 -50.94
N MET C 2 -27.51 -2.39 -7.43
CA MET C 2 -28.64 -1.41 -7.44
C MET C 2 -28.67 -0.61 -8.76
N GLU C 3 -28.56 -1.34 -9.87
CA GLU C 3 -28.56 -0.73 -11.20
C GLU C 3 -29.91 -0.90 -11.89
N PHE C 4 -30.43 -2.13 -11.88
CA PHE C 4 -31.75 -2.43 -12.45
C PHE C 4 -32.85 -2.29 -11.40
N VAL C 5 -32.62 -2.86 -10.21
CA VAL C 5 -33.53 -2.70 -9.08
C VAL C 5 -32.98 -1.59 -8.18
N ASN C 6 -33.66 -0.44 -8.21
CA ASN C 6 -33.18 0.76 -7.52
C ASN C 6 -33.41 0.80 -6.01
N LYS C 7 -34.19 -0.14 -5.49
CA LYS C 7 -34.52 -0.18 -4.06
C LYS C 7 -34.15 -1.51 -3.42
N GLN C 8 -33.46 -1.44 -2.29
CA GLN C 8 -33.11 -2.60 -1.48
C GLN C 8 -34.26 -2.95 -0.53
N PHE C 9 -35.15 -3.82 -0.99
CA PHE C 9 -36.40 -4.11 -0.28
C PHE C 9 -36.23 -5.05 0.91
N ASN C 10 -36.98 -4.76 1.97
CA ASN C 10 -37.21 -5.69 3.07
C ASN C 10 -38.69 -6.05 3.10
N TYR C 11 -39.02 -7.25 3.56
CA TYR C 11 -40.41 -7.69 3.59
C TYR C 11 -41.23 -6.99 4.67
N LYS C 12 -40.56 -6.52 5.73
CA LYS C 12 -41.22 -5.82 6.81
C LYS C 12 -41.31 -4.30 6.57
N ASP C 13 -41.04 -3.88 5.34
CA ASP C 13 -41.19 -2.48 4.93
C ASP C 13 -42.66 -2.08 4.82
N PRO C 14 -43.01 -0.86 5.27
CA PRO C 14 -44.39 -0.38 5.26
C PRO C 14 -44.99 -0.22 3.86
N VAL C 15 -46.30 -0.42 3.76
CA VAL C 15 -47.04 -0.26 2.52
C VAL C 15 -47.21 1.22 2.18
N ASN C 16 -46.79 1.61 0.98
CA ASN C 16 -46.93 2.99 0.51
C ASN C 16 -47.95 3.16 -0.60
N GLY C 17 -48.18 2.10 -1.37
CA GLY C 17 -49.17 2.12 -2.46
C GLY C 17 -48.62 2.52 -3.81
N VAL C 18 -47.29 2.64 -3.89
CA VAL C 18 -46.62 2.99 -5.14
C VAL C 18 -45.71 1.85 -5.61
N ASP C 19 -44.80 1.43 -4.73
CA ASP C 19 -43.85 0.36 -5.03
C ASP C 19 -43.93 -0.80 -4.04
N ILE C 20 -44.49 -0.54 -2.86
CA ILE C 20 -44.77 -1.58 -1.87
C ILE C 20 -46.24 -1.49 -1.50
N ALA C 21 -47.02 -2.48 -1.94
CA ALA C 21 -48.47 -2.46 -1.74
C ALA C 21 -49.12 -3.84 -1.76
N TYR C 22 -50.31 -3.93 -1.17
CA TYR C 22 -51.17 -5.09 -1.34
C TYR C 22 -51.84 -5.00 -2.70
N ILE C 23 -51.68 -6.04 -3.52
CA ILE C 23 -52.26 -6.03 -4.86
C ILE C 23 -53.18 -7.21 -5.12
N LYS C 24 -54.05 -7.06 -6.12
CA LYS C 24 -54.93 -8.14 -6.57
C LYS C 24 -54.81 -8.35 -8.07
N ILE C 25 -54.57 -9.60 -8.46
CA ILE C 25 -54.41 -10.00 -9.86
C ILE C 25 -55.71 -10.62 -10.39
N PRO C 26 -55.82 -10.81 -11.73
CA PRO C 26 -56.95 -11.55 -12.29
C PRO C 26 -57.12 -12.92 -11.63
N ASN C 27 -58.37 -13.26 -11.31
CA ASN C 27 -58.67 -14.44 -10.51
C ASN C 27 -60.00 -15.08 -10.88
N ALA C 28 -60.15 -16.36 -10.55
CA ALA C 28 -61.36 -17.13 -10.88
C ALA C 28 -62.62 -16.58 -10.19
N GLY C 29 -62.53 -16.34 -8.89
CA GLY C 29 -63.65 -15.80 -8.12
C GLY C 29 -63.25 -14.57 -7.33
N GLN C 30 -63.09 -14.75 -6.02
CA GLN C 30 -62.73 -13.67 -5.12
C GLN C 30 -61.45 -14.01 -4.37
N MET C 31 -60.44 -13.15 -4.49
CA MET C 31 -59.16 -13.35 -3.82
C MET C 31 -58.86 -12.23 -2.83
N GLN C 32 -58.10 -12.57 -1.79
CA GLN C 32 -57.66 -11.58 -0.80
C GLN C 32 -56.26 -11.08 -1.15
N PRO C 33 -56.04 -9.75 -1.05
CA PRO C 33 -54.80 -9.10 -1.49
C PRO C 33 -53.54 -9.62 -0.81
N VAL C 34 -52.47 -9.73 -1.60
CA VAL C 34 -51.16 -10.15 -1.09
C VAL C 34 -50.15 -9.02 -1.20
N LYS C 35 -49.23 -8.96 -0.25
CA LYS C 35 -48.20 -7.92 -0.22
C LYS C 35 -47.17 -8.15 -1.32
N ALA C 36 -47.06 -7.18 -2.23
CA ALA C 36 -46.18 -7.29 -3.38
C ALA C 36 -45.24 -6.09 -3.51
N PHE C 37 -44.14 -6.28 -4.23
CA PHE C 37 -43.12 -5.26 -4.38
C PHE C 37 -42.82 -4.98 -5.85
N LYS C 38 -42.61 -3.71 -6.19
CA LYS C 38 -42.24 -3.31 -7.54
C LYS C 38 -40.74 -3.05 -7.61
N ILE C 39 -40.00 -4.02 -8.14
CA ILE C 39 -38.54 -3.93 -8.23
C ILE C 39 -38.08 -3.08 -9.41
N HIS C 40 -38.89 -3.04 -10.47
CA HIS C 40 -38.61 -2.23 -11.65
C HIS C 40 -39.91 -1.85 -12.36
N ASN C 41 -39.83 -0.82 -13.19
CA ASN C 41 -40.95 -0.38 -14.01
C ASN C 41 -41.55 -1.52 -14.82
N LYS C 42 -42.86 -1.75 -14.65
CA LYS C 42 -43.61 -2.83 -15.31
C LYS C 42 -43.31 -4.24 -14.76
N ILE C 43 -42.47 -4.32 -13.74
CA ILE C 43 -42.05 -5.61 -13.16
C ILE C 43 -42.36 -5.69 -11.66
N TRP C 44 -43.14 -6.70 -11.28
CA TRP C 44 -43.54 -6.90 -9.88
C TRP C 44 -43.07 -8.23 -9.31
N VAL C 45 -42.98 -8.29 -7.98
CA VAL C 45 -42.53 -9.49 -7.27
C VAL C 45 -43.48 -9.80 -6.11
N ILE C 46 -44.07 -10.99 -6.13
CA ILE C 46 -44.93 -11.46 -5.04
C ILE C 46 -44.27 -12.63 -4.31
N PRO C 47 -43.71 -12.38 -3.11
CA PRO C 47 -43.07 -13.44 -2.32
C PRO C 47 -44.10 -14.32 -1.60
N GLU C 48 -44.90 -15.03 -2.39
CA GLU C 48 -45.88 -15.96 -1.87
C GLU C 48 -45.93 -17.20 -2.76
N ARG C 49 -46.31 -18.34 -2.18
CA ARG C 49 -46.55 -19.54 -2.97
C ARG C 49 -47.79 -19.32 -3.82
N ASP C 50 -47.68 -19.69 -5.10
CA ASP C 50 -48.77 -19.47 -6.06
C ASP C 50 -49.96 -20.38 -5.78
N THR C 51 -51.00 -19.79 -5.20
CA THR C 51 -52.23 -20.51 -4.87
C THR C 51 -53.47 -19.76 -5.37
N PHE C 52 -53.26 -18.65 -6.08
CA PHE C 52 -54.38 -17.82 -6.56
C PHE C 52 -54.63 -17.83 -8.07
N THR C 53 -53.61 -18.14 -8.87
CA THR C 53 -53.75 -18.19 -10.33
C THR C 53 -54.61 -19.36 -10.79
N ASN C 54 -54.40 -20.54 -10.19
CA ASN C 54 -55.12 -21.75 -10.55
C ASN C 54 -56.08 -22.19 -9.45
N PRO C 55 -57.39 -22.27 -9.76
CA PRO C 55 -58.41 -22.71 -8.81
C PRO C 55 -58.25 -24.19 -8.43
N GLU C 56 -57.57 -24.95 -9.29
CA GLU C 56 -57.33 -26.37 -9.08
C GLU C 56 -56.08 -26.63 -8.24
N GLU C 57 -55.12 -25.71 -8.31
CA GLU C 57 -53.89 -25.81 -7.52
C GLU C 57 -53.96 -24.97 -6.24
N GLY C 58 -54.71 -25.48 -5.27
CA GLY C 58 -54.81 -24.86 -3.95
C GLY C 58 -54.00 -25.61 -2.91
N ASP C 59 -53.97 -26.94 -3.06
CA ASP C 59 -53.21 -27.81 -2.18
C ASP C 59 -51.72 -27.78 -2.56
N LEU C 60 -50.86 -27.72 -1.54
CA LEU C 60 -49.41 -27.69 -1.75
C LEU C 60 -48.75 -29.03 -1.45
N ASN C 61 -49.56 -30.03 -1.10
CA ASN C 61 -49.08 -31.38 -0.84
C ASN C 61 -48.81 -32.15 -2.14
N PRO C 62 -47.94 -33.18 -2.07
CA PRO C 62 -47.68 -34.03 -3.25
C PRO C 62 -48.98 -34.62 -3.82
N PRO C 63 -49.08 -34.68 -5.16
CA PRO C 63 -50.27 -35.21 -5.82
C PRO C 63 -50.43 -36.71 -5.59
N PRO C 64 -51.64 -37.26 -5.82
CA PRO C 64 -51.84 -38.71 -5.73
C PRO C 64 -50.84 -39.51 -6.56
N GLU C 65 -50.64 -39.10 -7.82
CA GLU C 65 -49.65 -39.73 -8.70
C GLU C 65 -48.33 -38.97 -8.68
N ALA C 66 -47.27 -39.61 -9.18
CA ALA C 66 -45.89 -39.12 -9.05
C ALA C 66 -45.56 -37.91 -9.91
N LYS C 67 -46.14 -37.83 -11.11
CA LYS C 67 -45.79 -36.80 -12.11
C LYS C 67 -44.50 -37.17 -12.83
N GLN C 68 -44.54 -37.15 -14.15
CA GLN C 68 -43.48 -37.72 -14.99
C GLN C 68 -42.33 -36.75 -15.30
N VAL C 69 -41.48 -36.55 -14.29
CA VAL C 69 -40.32 -35.67 -14.39
C VAL C 69 -39.13 -36.33 -13.70
N PRO C 70 -37.89 -36.01 -14.14
CA PRO C 70 -36.69 -36.60 -13.52
C PRO C 70 -36.53 -36.23 -12.05
N VAL C 71 -36.70 -34.96 -11.72
CA VAL C 71 -36.55 -34.47 -10.35
C VAL C 71 -37.74 -33.58 -9.96
N SER C 72 -38.32 -33.86 -8.79
CA SER C 72 -39.37 -33.02 -8.23
C SER C 72 -39.22 -32.92 -6.71
N TYR C 73 -39.77 -31.87 -6.12
CA TYR C 73 -39.68 -31.66 -4.68
C TYR C 73 -40.95 -31.01 -4.13
N TYR C 74 -41.32 -31.41 -2.91
CA TYR C 74 -42.53 -30.92 -2.27
C TYR C 74 -42.29 -30.58 -0.80
N ASP C 75 -42.68 -29.36 -0.43
CA ASP C 75 -42.61 -28.89 0.96
C ASP C 75 -43.60 -27.76 1.17
N SER C 76 -44.70 -28.06 1.85
CA SER C 76 -45.77 -27.09 2.11
C SER C 76 -45.35 -26.01 3.10
N THR C 77 -44.31 -26.30 3.89
CA THR C 77 -43.75 -25.35 4.86
C THR C 77 -43.08 -24.16 4.17
N TYR C 78 -42.37 -24.42 3.08
CA TYR C 78 -41.59 -23.42 2.37
C TYR C 78 -42.38 -22.16 1.99
N LEU C 79 -41.75 -21.00 2.22
CA LEU C 79 -42.28 -19.67 1.87
C LEU C 79 -43.53 -19.28 2.68
N SER C 80 -43.46 -19.51 3.99
CA SER C 80 -44.54 -19.15 4.91
C SER C 80 -44.06 -18.20 6.03
N THR C 81 -42.77 -18.25 6.32
CA THR C 81 -42.14 -17.38 7.31
C THR C 81 -41.80 -16.02 6.67
N ASP C 82 -41.93 -14.95 7.46
CA ASP C 82 -41.56 -13.61 7.02
C ASP C 82 -40.07 -13.53 6.67
N ASN C 83 -39.24 -14.26 7.43
CA ASN C 83 -37.81 -14.36 7.16
C ASN C 83 -37.52 -15.03 5.83
N GLU C 84 -38.34 -16.03 5.48
CA GLU C 84 -38.22 -16.73 4.20
C GLU C 84 -38.72 -15.87 3.04
N LYS C 85 -39.75 -15.07 3.28
CA LYS C 85 -40.30 -14.16 2.28
C LYS C 85 -39.36 -12.96 2.04
N ASP C 86 -38.65 -12.56 3.08
CA ASP C 86 -37.64 -11.50 2.98
C ASP C 86 -36.42 -11.98 2.20
N ASN C 87 -36.01 -13.22 2.46
CA ASN C 87 -34.85 -13.81 1.81
C ASN C 87 -35.15 -14.16 0.35
N TYR C 88 -36.41 -14.45 0.06
CA TYR C 88 -36.86 -14.69 -1.32
C TYR C 88 -36.77 -13.40 -2.13
N LEU C 89 -37.28 -12.32 -1.54
CA LEU C 89 -37.30 -11.01 -2.16
C LEU C 89 -35.88 -10.54 -2.52
N LYS C 90 -34.94 -10.74 -1.59
CA LYS C 90 -33.54 -10.38 -1.79
C LYS C 90 -32.87 -11.27 -2.83
N GLY C 91 -33.26 -12.55 -2.83
CA GLY C 91 -32.73 -13.53 -3.79
C GLY C 91 -33.08 -13.21 -5.23
N VAL C 92 -34.37 -12.98 -5.49
CA VAL C 92 -34.86 -12.60 -6.81
C VAL C 92 -34.22 -11.28 -7.27
N THR C 93 -34.14 -10.32 -6.35
CA THR C 93 -33.49 -9.03 -6.60
C THR C 93 -32.04 -9.22 -7.06
N LYS C 94 -31.32 -10.09 -6.38
CA LYS C 94 -29.90 -10.32 -6.64
C LYS C 94 -29.66 -10.89 -8.03
N LEU C 95 -30.53 -11.82 -8.44
CA LEU C 95 -30.40 -12.50 -9.73
C LEU C 95 -30.66 -11.55 -10.91
N PHE C 96 -31.63 -10.65 -10.75
CA PHE C 96 -31.93 -9.64 -11.76
C PHE C 96 -30.72 -8.74 -12.03
N GLU C 97 -29.97 -8.43 -10.98
CA GLU C 97 -28.74 -7.64 -11.11
C GLU C 97 -27.62 -8.44 -11.77
N ARG C 98 -27.58 -9.74 -11.50
CA ARG C 98 -26.60 -10.62 -12.12
C ARG C 98 -26.84 -10.71 -13.63
N ILE C 99 -28.09 -10.87 -14.01
CA ILE C 99 -28.51 -10.89 -15.42
C ILE C 99 -28.21 -9.53 -16.09
N TYR C 100 -28.62 -8.44 -15.44
CA TYR C 100 -28.44 -7.08 -15.98
C TYR C 100 -26.99 -6.71 -16.21
N SER C 101 -26.08 -7.29 -15.42
CA SER C 101 -24.65 -6.95 -15.49
C SER C 101 -23.97 -7.42 -16.78
N THR C 102 -24.61 -8.34 -17.48
CA THR C 102 -24.12 -8.82 -18.77
C THR C 102 -24.78 -8.06 -19.92
N ASP C 103 -24.11 -8.04 -21.07
CA ASP C 103 -24.61 -7.33 -22.25
C ASP C 103 -25.93 -7.89 -22.78
N LEU C 104 -26.04 -9.22 -22.77
CA LEU C 104 -27.24 -9.91 -23.24
C LEU C 104 -28.39 -9.77 -22.25
N GLY C 105 -28.05 -9.72 -20.97
CA GLY C 105 -29.04 -9.55 -19.91
C GLY C 105 -29.60 -8.15 -19.85
N ARG C 106 -28.74 -7.17 -20.14
CA ARG C 106 -29.16 -5.77 -20.23
C ARG C 106 -30.08 -5.59 -21.43
N MET C 107 -29.76 -6.28 -22.53
CA MET C 107 -30.59 -6.28 -23.72
C MET C 107 -31.98 -6.88 -23.46
N LEU C 108 -32.00 -8.10 -22.90
CA LEU C 108 -33.24 -8.83 -22.66
C LEU C 108 -34.21 -8.06 -21.76
N LEU C 109 -33.70 -7.58 -20.63
CA LEU C 109 -34.52 -6.88 -19.65
C LEU C 109 -35.13 -5.58 -20.18
N THR C 110 -34.44 -4.93 -21.11
CA THR C 110 -34.97 -3.73 -21.75
C THR C 110 -36.10 -4.08 -22.73
N SER C 111 -35.93 -5.19 -23.45
CA SER C 111 -36.95 -5.70 -24.37
C SER C 111 -38.23 -6.12 -23.64
N ILE C 112 -38.07 -6.64 -22.43
CA ILE C 112 -39.20 -7.07 -21.59
C ILE C 112 -40.04 -5.89 -21.11
N VAL C 113 -39.38 -4.80 -20.74
CA VAL C 113 -40.07 -3.57 -20.32
C VAL C 113 -40.70 -2.86 -21.52
N ARG C 114 -40.04 -2.93 -22.67
CA ARG C 114 -40.58 -2.41 -23.93
C ARG C 114 -41.85 -3.15 -24.35
N GLY C 115 -41.84 -4.47 -24.20
CA GLY C 115 -42.94 -5.32 -24.64
C GLY C 115 -44.20 -5.21 -23.82
N ILE C 116 -44.82 -4.03 -23.86
CA ILE C 116 -46.07 -3.77 -23.17
C ILE C 116 -47.21 -4.51 -23.90
N PRO C 117 -48.07 -5.23 -23.15
CA PRO C 117 -49.16 -5.97 -23.77
C PRO C 117 -50.11 -5.05 -24.56
N PHE C 118 -50.54 -5.52 -25.73
CA PHE C 118 -51.31 -4.72 -26.66
C PHE C 118 -52.71 -4.37 -26.16
N TRP C 119 -53.29 -3.32 -26.75
CA TRP C 119 -54.61 -2.83 -26.40
C TRP C 119 -55.66 -3.28 -27.43
N GLY C 120 -55.98 -4.57 -27.39
CA GLY C 120 -56.94 -5.15 -28.34
C GLY C 120 -58.19 -5.73 -27.68
N GLY C 121 -58.60 -5.13 -26.57
CA GLY C 121 -59.76 -5.60 -25.83
C GLY C 121 -61.06 -4.88 -26.18
N SER C 122 -61.07 -4.22 -27.33
CA SER C 122 -62.23 -3.47 -27.78
C SER C 122 -62.95 -4.21 -28.91
N THR C 123 -64.27 -4.34 -28.78
CA THR C 123 -65.11 -4.98 -29.80
C THR C 123 -65.28 -4.10 -31.04
N ILE C 124 -65.23 -2.78 -30.84
CA ILE C 124 -65.21 -1.82 -31.94
C ILE C 124 -63.77 -1.69 -32.43
N ASP C 125 -63.56 -1.99 -33.71
CA ASP C 125 -62.22 -2.10 -34.29
C ASP C 125 -61.44 -0.79 -34.37
N THR C 126 -62.15 0.33 -34.28
CA THR C 126 -61.54 1.66 -34.40
C THR C 126 -61.05 2.22 -33.06
N GLU C 127 -61.35 1.52 -31.96
CA GLU C 127 -60.96 1.97 -30.63
C GLU C 127 -59.85 1.11 -30.02
N LEU C 128 -58.95 1.76 -29.29
CA LEU C 128 -57.89 1.08 -28.55
C LEU C 128 -58.24 1.02 -27.07
N LYS C 129 -58.41 -0.19 -26.56
CA LYS C 129 -58.77 -0.42 -25.16
C LYS C 129 -57.92 -1.53 -24.55
N VAL C 130 -57.37 -1.25 -23.37
CA VAL C 130 -56.52 -2.22 -22.65
C VAL C 130 -57.34 -3.39 -22.11
N ILE C 131 -56.80 -4.60 -22.27
CA ILE C 131 -57.44 -5.80 -21.75
C ILE C 131 -57.23 -5.86 -20.23
N ASP C 132 -58.32 -6.03 -19.50
CA ASP C 132 -58.31 -5.96 -18.03
C ASP C 132 -57.48 -7.02 -17.33
N THR C 133 -57.19 -8.13 -18.03
CA THR C 133 -56.36 -9.20 -17.49
C THR C 133 -54.86 -8.89 -17.56
N ASN C 134 -54.51 -7.82 -18.27
CA ASN C 134 -53.13 -7.37 -18.39
C ASN C 134 -52.71 -6.39 -17.27
N CYS C 135 -53.60 -6.18 -16.31
CA CYS C 135 -53.40 -5.18 -15.26
C CYS C 135 -53.55 -5.74 -13.85
N ILE C 136 -53.12 -4.96 -12.86
CA ILE C 136 -53.30 -5.29 -11.44
C ILE C 136 -53.89 -4.12 -10.66
N ASN C 137 -54.61 -4.42 -9.58
CA ASN C 137 -55.16 -3.39 -8.70
C ASN C 137 -54.23 -3.12 -7.52
N VAL C 138 -53.70 -1.90 -7.46
CA VAL C 138 -52.77 -1.49 -6.41
C VAL C 138 -53.52 -0.79 -5.27
N ILE C 139 -53.61 -1.46 -4.12
CA ILE C 139 -54.35 -0.93 -2.97
C ILE C 139 -53.53 0.08 -2.17
N GLN C 140 -54.14 1.24 -1.91
CA GLN C 140 -53.49 2.34 -1.20
C GLN C 140 -53.68 2.21 0.32
N PRO C 141 -52.90 2.97 1.11
CA PRO C 141 -53.06 2.99 2.58
C PRO C 141 -54.40 3.56 3.03
N ASP C 142 -54.99 4.46 2.24
CA ASP C 142 -56.27 5.09 2.57
C ASP C 142 -57.46 4.14 2.47
N GLY C 143 -57.38 3.16 1.58
CA GLY C 143 -58.45 2.18 1.39
C GLY C 143 -58.82 1.96 -0.07
N SER C 144 -58.73 3.02 -0.86
CA SER C 144 -59.04 2.95 -2.30
C SER C 144 -57.90 2.29 -3.08
N TYR C 145 -58.10 2.14 -4.39
CA TYR C 145 -57.13 1.49 -5.26
C TYR C 145 -57.03 2.14 -6.63
N ARG C 146 -55.98 1.80 -7.37
CA ARG C 146 -55.83 2.21 -8.76
C ARG C 146 -55.30 1.06 -9.61
N SER C 147 -55.88 0.90 -10.81
CA SER C 147 -55.44 -0.11 -11.75
C SER C 147 -54.14 0.32 -12.42
N GLU C 148 -53.31 -0.66 -12.76
CA GLU C 148 -51.97 -0.40 -13.30
C GLU C 148 -51.52 -1.46 -14.30
N GLU C 149 -51.02 -1.01 -15.45
CA GLU C 149 -50.45 -1.89 -16.47
C GLU C 149 -49.10 -2.45 -16.04
N LEU C 150 -48.84 -3.70 -16.43
CA LEU C 150 -47.57 -4.35 -16.15
C LEU C 150 -47.26 -5.47 -17.15
N ASN C 151 -45.99 -5.87 -17.19
CA ASN C 151 -45.52 -6.87 -18.13
C ASN C 151 -45.18 -8.20 -17.46
N LEU C 152 -44.59 -8.11 -16.27
CA LEU C 152 -44.03 -9.27 -15.60
C LEU C 152 -44.32 -9.30 -14.10
N VAL C 153 -44.64 -10.50 -13.60
CA VAL C 153 -44.79 -10.74 -12.17
C VAL C 153 -44.05 -12.00 -11.78
N ILE C 154 -43.18 -11.89 -10.77
CA ILE C 154 -42.46 -13.04 -10.23
C ILE C 154 -43.15 -13.52 -8.95
N ILE C 155 -43.68 -14.75 -9.01
CA ILE C 155 -44.34 -15.36 -7.87
C ILE C 155 -43.59 -16.62 -7.47
N GLY C 156 -43.74 -17.01 -6.20
CA GLY C 156 -43.16 -18.26 -5.69
C GLY C 156 -43.82 -19.48 -6.32
N PRO C 157 -43.17 -20.66 -6.19
CA PRO C 157 -43.64 -21.88 -6.87
C PRO C 157 -44.97 -22.42 -6.34
N SER C 158 -45.57 -23.34 -7.11
CA SER C 158 -46.81 -23.99 -6.74
C SER C 158 -46.55 -25.16 -5.76
N ALA C 159 -47.22 -26.29 -5.98
CA ALA C 159 -47.01 -27.48 -5.16
C ALA C 159 -45.59 -28.03 -5.38
N ASP C 160 -45.27 -28.33 -6.62
CA ASP C 160 -43.92 -28.73 -7.01
C ASP C 160 -43.01 -27.50 -6.94
N ILE C 161 -42.09 -27.52 -5.99
CA ILE C 161 -41.24 -26.37 -5.70
C ILE C 161 -40.26 -26.03 -6.83
N ILE C 162 -39.80 -27.04 -7.56
CA ILE C 162 -38.82 -26.83 -8.62
C ILE C 162 -39.39 -26.90 -10.05
N GLN C 163 -40.68 -26.65 -10.17
CA GLN C 163 -41.31 -26.53 -11.49
C GLN C 163 -41.47 -25.06 -11.84
N PHE C 164 -40.57 -24.54 -12.66
CA PHE C 164 -40.59 -23.14 -13.07
C PHE C 164 -41.22 -23.01 -14.45
N GLU C 165 -42.11 -22.03 -14.60
CA GLU C 165 -42.90 -21.87 -15.83
C GLU C 165 -43.46 -20.45 -16.00
N CYS C 166 -43.81 -20.13 -17.25
CA CYS C 166 -44.49 -18.88 -17.58
C CYS C 166 -46.00 -19.10 -17.70
N LYS C 167 -46.77 -18.26 -17.01
CA LYS C 167 -48.23 -18.34 -17.05
C LYS C 167 -48.85 -16.98 -17.38
N SER C 168 -49.97 -17.02 -18.11
CA SER C 168 -50.70 -15.81 -18.48
C SER C 168 -52.20 -16.08 -18.53
N PHE C 169 -52.98 -15.01 -18.56
CA PHE C 169 -54.44 -15.13 -18.62
C PHE C 169 -54.93 -14.98 -20.05
N GLY C 170 -55.75 -15.93 -20.48
CA GLY C 170 -56.22 -15.98 -21.86
C GLY C 170 -57.49 -15.18 -22.09
N HIS C 171 -57.70 -14.80 -23.34
CA HIS C 171 -58.94 -14.16 -23.78
C HIS C 171 -59.83 -15.26 -24.35
N GLU C 172 -61.15 -15.04 -24.31
CA GLU C 172 -62.10 -16.04 -24.80
C GLU C 172 -62.11 -16.17 -26.32
N VAL C 173 -61.71 -15.10 -27.01
CA VAL C 173 -61.68 -15.09 -28.48
C VAL C 173 -60.27 -14.92 -29.07
N LEU C 174 -59.31 -14.51 -28.23
CA LEU C 174 -57.95 -14.25 -28.70
C LEU C 174 -56.88 -15.11 -28.01
N ASN C 175 -55.91 -15.57 -28.80
CA ASN C 175 -54.73 -16.25 -28.28
C ASN C 175 -53.59 -15.23 -28.17
N LEU C 176 -53.52 -14.57 -27.02
CA LEU C 176 -52.66 -13.40 -26.82
C LEU C 176 -51.16 -13.66 -26.94
N THR C 177 -50.72 -14.83 -26.50
CA THR C 177 -49.30 -15.19 -26.54
C THR C 177 -48.84 -15.68 -27.92
N ARG C 178 -49.78 -15.73 -28.87
CA ARG C 178 -49.50 -16.26 -30.21
C ARG C 178 -49.91 -15.35 -31.37
N ASN C 179 -50.68 -14.30 -31.09
CA ASN C 179 -51.20 -13.44 -32.15
C ASN C 179 -50.51 -12.07 -32.28
N GLY C 180 -49.32 -11.94 -31.70
CA GLY C 180 -48.54 -10.70 -31.79
C GLY C 180 -48.88 -9.67 -30.72
N TYR C 181 -50.00 -9.87 -30.04
CA TYR C 181 -50.49 -8.93 -29.02
C TYR C 181 -49.65 -8.96 -27.74
N GLY C 182 -49.51 -10.14 -27.15
CA GLY C 182 -48.81 -10.30 -25.88
C GLY C 182 -49.71 -10.12 -24.68
N SER C 183 -49.30 -10.66 -23.54
CA SER C 183 -50.03 -10.52 -22.28
C SER C 183 -49.09 -10.50 -21.08
N THR C 184 -49.59 -9.98 -19.96
CA THR C 184 -48.85 -9.93 -18.69
C THR C 184 -48.41 -11.34 -18.29
N GLN C 185 -47.12 -11.49 -18.03
CA GLN C 185 -46.53 -12.79 -17.74
C GLN C 185 -46.32 -13.01 -16.26
N TYR C 186 -46.66 -14.21 -15.80
CA TYR C 186 -46.46 -14.62 -14.42
C TYR C 186 -45.48 -15.79 -14.38
N ILE C 187 -44.33 -15.56 -13.74
CA ILE C 187 -43.29 -16.58 -13.64
C ILE C 187 -43.29 -17.19 -12.24
N ARG C 188 -43.42 -18.51 -12.19
CA ARG C 188 -43.22 -19.25 -10.94
C ARG C 188 -41.74 -19.57 -10.84
N PHE C 189 -41.12 -19.14 -9.73
CA PHE C 189 -39.68 -19.30 -9.54
C PHE C 189 -39.30 -19.29 -8.05
N SER C 190 -38.18 -19.94 -7.74
CA SER C 190 -37.61 -19.94 -6.40
C SER C 190 -36.07 -19.91 -6.45
N PRO C 191 -35.44 -18.87 -5.86
CA PRO C 191 -33.98 -18.78 -5.81
C PRO C 191 -33.38 -19.52 -4.60
N ASP C 192 -34.20 -20.30 -3.91
CA ASP C 192 -33.77 -21.03 -2.72
C ASP C 192 -33.54 -22.52 -3.03
N PHE C 193 -33.78 -22.91 -4.29
CA PHE C 193 -33.62 -24.29 -4.74
C PHE C 193 -32.97 -24.31 -6.12
N THR C 194 -32.05 -25.25 -6.33
CA THR C 194 -31.41 -25.42 -7.64
C THR C 194 -31.30 -26.88 -8.07
N PHE C 195 -30.99 -27.08 -9.36
CA PHE C 195 -30.88 -28.41 -9.94
C PHE C 195 -29.45 -28.94 -9.90
N GLY C 196 -29.32 -30.24 -9.68
CA GLY C 196 -28.05 -30.93 -9.75
C GLY C 196 -27.94 -31.69 -11.05
N PHE C 197 -26.88 -31.43 -11.79
CA PHE C 197 -26.61 -32.12 -13.05
C PHE C 197 -25.16 -32.60 -13.08
N GLU C 198 -24.83 -33.41 -14.08
CA GLU C 198 -23.47 -33.88 -14.26
C GLU C 198 -22.96 -33.58 -15.66
N GLU C 199 -21.69 -33.19 -15.73
CA GLU C 199 -21.06 -32.74 -16.97
C GLU C 199 -19.62 -33.25 -17.06
N SER C 200 -19.21 -33.61 -18.27
CA SER C 200 -17.86 -34.10 -18.52
C SER C 200 -17.37 -33.75 -19.93
N LEU C 201 -17.86 -32.62 -20.43
CA LEU C 201 -17.49 -32.15 -21.77
C LEU C 201 -16.44 -31.04 -21.70
N GLU C 202 -16.22 -30.53 -20.48
CA GLU C 202 -15.33 -29.39 -20.25
C GLU C 202 -13.92 -29.81 -19.88
N VAL C 203 -13.71 -31.12 -19.68
CA VAL C 203 -12.44 -31.65 -19.16
C VAL C 203 -11.20 -31.37 -20.01
N ASP C 204 -11.39 -31.14 -21.31
CA ASP C 204 -10.29 -30.76 -22.19
C ASP C 204 -9.74 -29.38 -21.84
N THR C 205 -10.64 -28.49 -21.42
CA THR C 205 -10.29 -27.14 -21.00
C THR C 205 -9.95 -27.12 -19.51
N ASN C 206 -10.65 -27.95 -18.73
CA ASN C 206 -10.46 -28.02 -17.29
C ASN C 206 -10.16 -29.46 -16.81
N PRO C 207 -8.88 -29.87 -16.85
CA PRO C 207 -8.48 -31.22 -16.45
C PRO C 207 -8.57 -31.49 -14.94
N LEU C 208 -8.69 -30.44 -14.13
CA LEU C 208 -8.81 -30.58 -12.68
C LEU C 208 -10.25 -30.50 -12.18
N LEU C 209 -11.21 -30.69 -13.10
CA LEU C 209 -12.64 -30.54 -12.82
C LEU C 209 -13.15 -31.40 -11.65
N GLY C 210 -14.16 -30.88 -10.94
CA GLY C 210 -14.72 -31.54 -9.76
C GLY C 210 -15.27 -32.93 -9.98
N ALA C 211 -15.49 -33.65 -8.88
CA ALA C 211 -15.85 -35.07 -8.94
C ALA C 211 -17.36 -35.34 -9.10
N GLY C 212 -18.15 -34.85 -8.15
CA GLY C 212 -19.56 -35.23 -8.05
C GLY C 212 -20.53 -34.51 -8.97
N LYS C 213 -21.63 -34.04 -8.39
CA LYS C 213 -22.67 -33.33 -9.13
C LYS C 213 -22.44 -31.82 -9.08
N PHE C 214 -22.78 -31.15 -10.18
CA PHE C 214 -22.68 -29.69 -10.28
C PHE C 214 -24.05 -29.03 -10.17
N ALA C 215 -24.08 -27.84 -9.60
CA ALA C 215 -25.31 -27.08 -9.46
C ALA C 215 -25.49 -26.07 -10.60
N THR C 216 -26.74 -25.89 -11.01
CA THR C 216 -27.09 -24.87 -11.99
C THR C 216 -27.12 -23.52 -11.29
N ASP C 217 -26.43 -22.53 -11.87
CA ASP C 217 -26.51 -21.17 -11.38
C ASP C 217 -27.95 -20.69 -11.59
N PRO C 218 -28.62 -20.27 -10.50
CA PRO C 218 -30.04 -19.88 -10.53
C PRO C 218 -30.36 -18.77 -11.51
N ALA C 219 -29.40 -17.88 -11.76
CA ALA C 219 -29.57 -16.77 -12.70
C ALA C 219 -29.87 -17.26 -14.11
N VAL C 220 -29.19 -18.34 -14.52
CA VAL C 220 -29.42 -18.97 -15.81
C VAL C 220 -30.88 -19.43 -15.91
N THR C 221 -31.38 -20.08 -14.86
CA THR C 221 -32.75 -20.57 -14.80
C THR C 221 -33.77 -19.43 -14.86
N LEU C 222 -33.48 -18.33 -14.17
CA LEU C 222 -34.32 -17.14 -14.24
C LEU C 222 -34.32 -16.57 -15.66
N ALA C 223 -33.13 -16.46 -16.25
CA ALA C 223 -32.97 -15.99 -17.63
C ALA C 223 -33.78 -16.85 -18.60
N HIS C 224 -33.72 -18.17 -18.41
CA HIS C 224 -34.47 -19.13 -19.21
C HIS C 224 -35.97 -18.81 -19.22
N GLU C 225 -36.56 -18.59 -18.04
CA GLU C 225 -37.98 -18.26 -17.94
C GLU C 225 -38.29 -16.85 -18.44
N LEU C 226 -37.31 -15.95 -18.33
CA LEU C 226 -37.44 -14.59 -18.87
C LEU C 226 -37.47 -14.58 -20.40
N ILE C 227 -36.75 -15.51 -21.00
CA ILE C 227 -36.76 -15.69 -22.46
C ILE C 227 -38.14 -16.19 -22.90
N HIS C 228 -38.70 -17.14 -22.14
CA HIS C 228 -40.05 -17.64 -22.37
C HIS C 228 -41.08 -16.50 -22.29
N ALA C 229 -40.90 -15.63 -21.29
CA ALA C 229 -41.76 -14.46 -21.13
C ALA C 229 -41.59 -13.49 -22.29
N GLY C 230 -40.37 -13.38 -22.80
CA GLY C 230 -40.05 -12.52 -23.94
C GLY C 230 -40.86 -12.85 -25.17
N HIS C 231 -40.90 -14.13 -25.53
CA HIS C 231 -41.68 -14.61 -26.68
C HIS C 231 -43.18 -14.36 -26.45
N ARG C 232 -43.61 -14.56 -25.21
CA ARG C 232 -45.02 -14.43 -24.85
C ARG C 232 -45.51 -12.98 -24.82
N LEU C 233 -44.64 -12.06 -24.40
CA LEU C 233 -44.99 -10.64 -24.35
C LEU C 233 -45.11 -10.01 -25.74
N TYR C 234 -44.41 -10.59 -26.71
CA TYR C 234 -44.43 -10.11 -28.08
C TYR C 234 -45.40 -10.92 -28.95
N GLY C 235 -46.00 -11.94 -28.36
CA GLY C 235 -46.96 -12.79 -29.04
C GLY C 235 -46.36 -13.63 -30.14
N ILE C 236 -45.15 -14.14 -29.90
CA ILE C 236 -44.45 -14.99 -30.88
C ILE C 236 -44.08 -16.37 -30.33
N ALA C 237 -44.80 -16.79 -29.28
CA ALA C 237 -44.57 -18.10 -28.68
C ALA C 237 -45.20 -19.20 -29.53
N ILE C 238 -44.44 -20.27 -29.76
CA ILE C 238 -44.93 -21.40 -30.55
C ILE C 238 -45.98 -22.16 -29.76
N ASN C 239 -47.06 -22.52 -30.45
CA ASN C 239 -48.17 -23.29 -29.89
C ASN C 239 -47.68 -24.51 -29.10
N PRO C 240 -48.09 -24.63 -27.82
CA PRO C 240 -47.73 -25.75 -26.96
C PRO C 240 -48.11 -27.13 -27.51
N ASN C 241 -49.03 -27.17 -28.47
CA ASN C 241 -49.43 -28.43 -29.11
C ASN C 241 -48.36 -28.96 -30.08
N ARG C 242 -47.48 -28.06 -30.51
CA ARG C 242 -46.34 -28.43 -31.35
C ARG C 242 -45.22 -28.99 -30.47
N VAL C 243 -45.25 -30.30 -30.27
CA VAL C 243 -44.27 -31.01 -29.44
C VAL C 243 -43.42 -31.96 -30.27
N PHE C 244 -42.24 -32.29 -29.75
CA PHE C 244 -41.29 -33.14 -30.45
C PHE C 244 -41.55 -34.62 -30.14
N LYS C 245 -42.21 -35.31 -31.07
CA LYS C 245 -42.65 -36.69 -30.85
C LYS C 245 -41.51 -37.72 -30.91
N VAL C 246 -41.49 -38.65 -29.96
CA VAL C 246 -40.42 -39.64 -29.83
C VAL C 246 -40.88 -41.09 -30.00
N ASN C 247 -40.03 -41.91 -30.62
CA ASN C 247 -40.28 -43.35 -30.74
C ASN C 247 -40.05 -44.07 -29.42
N THR C 248 -40.97 -44.94 -29.04
CA THR C 248 -40.97 -45.53 -27.70
C THR C 248 -41.08 -47.06 -27.70
N ASN C 249 -41.17 -47.66 -28.87
CA ASN C 249 -41.44 -49.10 -28.99
C ASN C 249 -40.26 -50.03 -28.73
N ALA C 250 -39.04 -49.58 -29.05
CA ALA C 250 -37.84 -50.39 -28.88
C ALA C 250 -37.33 -50.41 -27.43
N TYR C 251 -36.43 -51.35 -27.14
CA TYR C 251 -35.95 -51.56 -25.77
C TYR C 251 -35.00 -50.47 -25.26
N TYR C 252 -34.34 -49.79 -26.17
CA TYR C 252 -33.36 -48.76 -25.82
C TYR C 252 -33.97 -47.36 -25.78
N GLU C 253 -35.17 -47.22 -26.34
CA GLU C 253 -35.86 -45.94 -26.41
C GLU C 253 -36.56 -45.62 -25.09
N MET C 254 -36.79 -44.32 -24.85
CA MET C 254 -37.53 -43.86 -23.68
C MET C 254 -38.99 -44.25 -23.81
N SER C 255 -39.68 -44.40 -22.68
CA SER C 255 -41.12 -44.69 -22.68
C SER C 255 -41.92 -43.49 -23.18
N GLY C 256 -41.33 -42.30 -23.05
CA GLY C 256 -41.96 -41.06 -23.48
C GLY C 256 -41.15 -39.89 -22.94
N LEU C 257 -41.20 -38.76 -23.65
CA LEU C 257 -40.48 -37.56 -23.22
C LEU C 257 -41.30 -36.28 -23.34
N GLU C 258 -41.72 -35.96 -24.57
CA GLU C 258 -42.48 -34.75 -24.86
C GLU C 258 -41.74 -33.45 -24.48
N VAL C 259 -41.10 -32.85 -25.48
CA VAL C 259 -40.47 -31.55 -25.35
C VAL C 259 -41.09 -30.64 -26.39
N SER C 260 -41.59 -29.49 -25.95
CA SER C 260 -42.22 -28.53 -26.87
C SER C 260 -41.18 -27.83 -27.73
N PHE C 261 -41.61 -27.40 -28.92
CA PHE C 261 -40.77 -26.63 -29.85
C PHE C 261 -40.28 -25.34 -29.19
N GLU C 262 -41.19 -24.67 -28.48
CA GLU C 262 -40.88 -23.48 -27.67
C GLU C 262 -39.67 -23.72 -26.77
N GLU C 263 -39.62 -24.89 -26.15
CA GLU C 263 -38.54 -25.25 -25.23
C GLU C 263 -37.20 -25.43 -25.93
N LEU C 264 -37.21 -26.08 -27.10
CA LEU C 264 -36.00 -26.26 -27.88
C LEU C 264 -35.44 -24.91 -28.36
N ARG C 265 -36.34 -24.03 -28.79
CA ARG C 265 -35.99 -22.68 -29.24
C ARG C 265 -35.35 -21.85 -28.14
N THR C 266 -35.95 -21.91 -26.95
CA THR C 266 -35.49 -21.16 -25.78
C THR C 266 -34.07 -21.52 -25.36
N PHE C 267 -33.74 -22.81 -25.44
CA PHE C 267 -32.42 -23.29 -25.04
C PHE C 267 -31.33 -22.84 -26.00
N GLY C 268 -31.58 -22.96 -27.29
CA GLY C 268 -30.57 -22.66 -28.31
C GLY C 268 -29.63 -23.85 -28.49
N GLY C 269 -28.40 -23.57 -28.91
CA GLY C 269 -27.40 -24.60 -29.17
C GLY C 269 -27.84 -25.51 -30.30
N HIS C 270 -27.52 -26.80 -30.18
CA HIS C 270 -27.95 -27.81 -31.16
C HIS C 270 -29.46 -28.02 -31.11
N ASP C 271 -30.01 -27.93 -29.91
CA ASP C 271 -31.43 -28.22 -29.68
C ASP C 271 -32.39 -27.37 -30.52
N ALA C 272 -32.04 -26.11 -30.71
CA ALA C 272 -32.83 -25.21 -31.57
C ALA C 272 -32.75 -25.60 -33.04
N LYS C 273 -31.69 -26.32 -33.42
CA LYS C 273 -31.51 -26.78 -34.79
C LYS C 273 -32.13 -28.17 -35.02
N PHE C 274 -33.00 -28.57 -34.11
CA PHE C 274 -33.80 -29.80 -34.26
C PHE C 274 -35.00 -29.52 -35.16
N ILE C 275 -35.42 -28.27 -35.19
CA ILE C 275 -36.49 -27.81 -36.06
C ILE C 275 -35.92 -27.47 -37.44
N ASP C 276 -36.53 -28.02 -38.49
CA ASP C 276 -36.07 -27.86 -39.85
C ASP C 276 -36.41 -26.48 -40.44
N SER C 277 -35.80 -26.18 -41.59
CA SER C 277 -36.00 -24.90 -42.28
C SER C 277 -37.46 -24.60 -42.62
N LEU C 278 -38.18 -25.62 -43.08
CA LEU C 278 -39.57 -25.44 -43.49
C LEU C 278 -40.45 -24.90 -42.37
N GLN C 279 -40.39 -25.55 -41.21
CA GLN C 279 -41.18 -25.14 -40.05
C GLN C 279 -40.66 -23.84 -39.45
N GLU C 280 -39.34 -23.65 -39.50
CA GLU C 280 -38.70 -22.41 -39.05
C GLU C 280 -39.20 -21.20 -39.86
N ASN C 281 -39.28 -21.37 -41.18
CA ASN C 281 -39.83 -20.34 -42.07
C ASN C 281 -41.33 -20.17 -41.91
N GLU C 282 -42.03 -21.27 -41.61
CA GLU C 282 -43.46 -21.27 -41.35
C GLU C 282 -43.82 -20.33 -40.19
N PHE C 283 -43.07 -20.43 -39.10
CA PHE C 283 -43.32 -19.61 -37.90
C PHE C 283 -42.99 -18.12 -38.14
N ARG C 284 -41.84 -17.85 -38.74
CA ARG C 284 -41.41 -16.48 -39.02
C ARG C 284 -42.41 -15.73 -39.91
N LEU C 285 -42.89 -16.42 -40.95
CA LEU C 285 -43.87 -15.84 -41.87
C LEU C 285 -45.26 -15.73 -41.24
N TYR C 286 -45.55 -16.61 -40.28
CA TYR C 286 -46.83 -16.60 -39.58
C TYR C 286 -46.99 -15.39 -38.67
N TYR C 287 -45.94 -15.11 -37.88
CA TYR C 287 -45.94 -13.95 -36.99
C TYR C 287 -45.68 -12.65 -37.75
N TYR C 288 -45.09 -12.76 -38.93
CA TYR C 288 -44.89 -11.63 -39.83
C TYR C 288 -46.24 -11.02 -40.23
N ASN C 289 -47.20 -11.88 -40.57
CA ASN C 289 -48.55 -11.45 -40.92
C ASN C 289 -49.35 -10.97 -39.72
N LYS C 290 -49.10 -11.58 -38.56
CA LYS C 290 -49.75 -11.19 -37.30
C LYS C 290 -49.29 -9.81 -36.85
N PHE C 291 -48.05 -9.46 -37.16
CA PHE C 291 -47.50 -8.13 -36.90
C PHE C 291 -48.12 -7.08 -37.82
N LYS C 292 -48.42 -7.49 -39.05
CA LYS C 292 -49.05 -6.61 -40.03
C LYS C 292 -50.52 -6.31 -39.72
N ASP C 293 -51.17 -7.24 -39.03
CA ASP C 293 -52.56 -7.05 -38.59
C ASP C 293 -52.66 -6.00 -37.50
N ILE C 294 -51.65 -5.94 -36.64
CA ILE C 294 -51.53 -4.92 -35.61
C ILE C 294 -51.30 -3.55 -36.25
N ALA C 295 -50.53 -3.55 -37.35
CA ALA C 295 -50.31 -2.33 -38.14
C ALA C 295 -51.60 -1.87 -38.82
N SER C 296 -52.42 -2.83 -39.26
CA SER C 296 -53.72 -2.53 -39.86
C SER C 296 -54.71 -1.98 -38.82
N THR C 297 -54.61 -2.48 -37.59
CA THR C 297 -55.47 -2.03 -36.50
C THR C 297 -55.06 -0.63 -36.02
N LEU C 298 -53.77 -0.32 -36.09
CA LEU C 298 -53.25 1.00 -35.72
C LEU C 298 -53.61 2.07 -36.75
N ASN C 299 -53.71 1.67 -38.02
CA ASN C 299 -54.12 2.56 -39.09
C ASN C 299 -55.63 2.81 -39.11
N LYS C 300 -56.37 1.93 -38.42
CA LYS C 300 -57.82 2.07 -38.30
C LYS C 300 -58.22 2.66 -36.95
N ALA C 301 -57.25 2.86 -36.07
CA ALA C 301 -57.47 3.43 -34.74
C ALA C 301 -57.84 4.90 -34.82
N LYS C 302 -58.91 5.27 -34.12
CA LYS C 302 -59.41 6.64 -34.13
C LYS C 302 -59.40 7.29 -32.74
N SER C 303 -59.77 6.51 -31.72
CA SER C 303 -59.88 7.03 -30.35
C SER C 303 -59.37 6.06 -29.29
N ILE C 304 -59.00 6.60 -28.14
CA ILE C 304 -58.50 5.82 -27.00
C ILE C 304 -59.41 6.00 -25.79
N VAL C 305 -59.75 4.89 -25.12
CA VAL C 305 -60.68 4.90 -23.99
C VAL C 305 -60.09 4.25 -22.73
N GLY C 306 -60.42 4.80 -21.57
CA GLY C 306 -60.01 4.24 -20.28
C GLY C 306 -58.78 4.87 -19.66
N THR C 307 -58.16 5.80 -20.37
CA THR C 307 -56.95 6.49 -19.88
C THR C 307 -56.95 7.98 -20.22
N THR C 308 -56.11 8.73 -19.52
CA THR C 308 -55.95 10.17 -19.76
C THR C 308 -54.95 10.46 -20.89
N ALA C 309 -54.14 9.47 -21.22
CA ALA C 309 -53.12 9.60 -22.28
C ALA C 309 -53.74 9.73 -23.67
N SER C 310 -52.98 10.32 -24.59
CA SER C 310 -53.44 10.57 -25.95
C SER C 310 -53.22 9.36 -26.87
N LEU C 311 -53.92 9.38 -28.01
CA LEU C 311 -53.79 8.33 -29.03
C LEU C 311 -52.43 8.37 -29.72
N GLN C 312 -51.85 9.56 -29.82
CA GLN C 312 -50.55 9.77 -30.47
C GLN C 312 -49.42 9.08 -29.70
N TYR C 313 -49.42 9.23 -28.37
CA TYR C 313 -48.42 8.62 -27.51
C TYR C 313 -48.48 7.10 -27.56
N MET C 314 -49.69 6.55 -27.50
CA MET C 314 -49.91 5.10 -27.48
C MET C 314 -49.48 4.43 -28.79
N LYS C 315 -49.72 5.11 -29.91
CA LYS C 315 -49.29 4.62 -31.21
C LYS C 315 -47.76 4.59 -31.33
N ASN C 316 -47.10 5.50 -30.63
CA ASN C 316 -45.64 5.57 -30.60
C ASN C 316 -45.00 4.50 -29.71
N VAL C 317 -45.70 4.11 -28.66
CA VAL C 317 -45.25 3.06 -27.74
C VAL C 317 -45.20 1.71 -28.45
N PHE C 318 -46.24 1.41 -29.22
CA PHE C 318 -46.31 0.18 -29.99
C PHE C 318 -45.46 0.23 -31.26
N LYS C 319 -45.10 1.44 -31.69
CA LYS C 319 -44.15 1.62 -32.78
C LYS C 319 -42.77 1.14 -32.35
N GLU C 320 -42.37 1.54 -31.15
CA GLU C 320 -41.05 1.20 -30.59
C GLU C 320 -40.95 -0.26 -30.18
N LYS C 321 -42.08 -0.86 -29.82
CA LYS C 321 -42.13 -2.28 -29.44
C LYS C 321 -41.97 -3.18 -30.66
N TYR C 322 -42.77 -2.92 -31.70
CA TYR C 322 -42.80 -3.77 -32.89
C TYR C 322 -41.85 -3.27 -34.00
N LEU C 323 -41.03 -2.28 -33.68
CA LEU C 323 -40.06 -1.68 -34.62
C LEU C 323 -40.68 -1.34 -35.99
N LEU C 324 -41.81 -0.62 -35.95
CA LEU C 324 -42.56 -0.28 -37.16
C LEU C 324 -41.98 0.94 -37.87
N SER C 325 -42.05 0.92 -39.19
CA SER C 325 -41.69 2.08 -40.02
C SER C 325 -42.94 2.91 -40.29
N GLU C 326 -42.79 4.24 -40.32
CA GLU C 326 -43.92 5.14 -40.52
C GLU C 326 -43.67 6.21 -41.59
N ASP C 327 -44.76 6.64 -42.22
CA ASP C 327 -44.71 7.65 -43.28
C ASP C 327 -44.81 9.07 -42.73
N THR C 328 -44.61 10.04 -43.63
CA THR C 328 -44.83 11.45 -43.31
C THR C 328 -46.32 11.74 -43.16
N SER C 329 -47.14 10.95 -43.85
CA SER C 329 -48.60 11.04 -43.74
C SER C 329 -49.11 10.52 -42.39
N GLY C 330 -48.44 9.50 -41.87
CA GLY C 330 -48.75 8.96 -40.54
C GLY C 330 -49.17 7.50 -40.50
N LYS C 331 -48.95 6.80 -41.60
CA LYS C 331 -49.34 5.39 -41.72
C LYS C 331 -48.25 4.45 -41.21
N PHE C 332 -48.65 3.31 -40.65
CA PHE C 332 -47.71 2.33 -40.10
C PHE C 332 -47.56 1.11 -41.00
N SER C 333 -46.31 0.67 -41.17
CA SER C 333 -46.01 -0.52 -41.97
C SER C 333 -44.83 -1.30 -41.39
N VAL C 334 -44.87 -2.61 -41.56
CA VAL C 334 -43.82 -3.51 -41.06
C VAL C 334 -42.71 -3.64 -42.11
N ASP C 335 -41.47 -3.39 -41.68
CA ASP C 335 -40.30 -3.55 -42.54
C ASP C 335 -39.77 -4.99 -42.47
N LYS C 336 -39.57 -5.59 -43.64
CA LYS C 336 -39.16 -6.99 -43.75
C LYS C 336 -37.81 -7.27 -43.07
N LEU C 337 -36.82 -6.42 -43.36
CA LEU C 337 -35.48 -6.59 -42.82
C LEU C 337 -35.42 -6.28 -41.33
N LYS C 338 -36.17 -5.27 -40.90
CA LYS C 338 -36.23 -4.89 -39.48
C LYS C 338 -37.02 -5.88 -38.61
N PHE C 339 -37.97 -6.58 -39.22
CA PHE C 339 -38.69 -7.65 -38.52
C PHE C 339 -37.79 -8.85 -38.28
N ASP C 340 -37.01 -9.22 -39.29
CA ASP C 340 -36.07 -10.33 -39.22
C ASP C 340 -35.00 -10.11 -38.15
N LYS C 341 -34.54 -8.87 -38.03
CA LYS C 341 -33.58 -8.49 -36.98
C LYS C 341 -34.18 -8.64 -35.57
N LEU C 342 -35.44 -8.25 -35.43
CA LEU C 342 -36.15 -8.39 -34.15
C LEU C 342 -36.49 -9.84 -33.83
N TYR C 343 -37.01 -10.56 -34.83
CA TYR C 343 -37.39 -11.96 -34.67
C TYR C 343 -36.19 -12.85 -34.35
N LYS C 344 -35.07 -12.59 -35.02
CA LYS C 344 -33.82 -13.32 -34.75
C LYS C 344 -33.31 -13.02 -33.33
N MET C 345 -33.49 -11.78 -32.89
CA MET C 345 -33.06 -11.38 -31.55
C MET C 345 -33.83 -12.13 -30.46
N LEU C 346 -35.16 -12.10 -30.55
CA LEU C 346 -36.02 -12.71 -29.55
C LEU C 346 -36.00 -14.24 -29.58
N THR C 347 -35.64 -14.82 -30.73
CA THR C 347 -35.68 -16.26 -30.94
C THR C 347 -34.31 -16.93 -30.83
N GLU C 348 -33.30 -16.34 -31.47
CA GLU C 348 -31.99 -16.99 -31.61
C GLU C 348 -30.89 -16.35 -30.77
N ILE C 349 -31.02 -15.05 -30.48
CA ILE C 349 -30.01 -14.33 -29.68
C ILE C 349 -30.27 -14.45 -28.17
N TYR C 350 -31.53 -14.31 -27.79
CA TYR C 350 -31.93 -14.55 -26.40
C TYR C 350 -32.17 -16.04 -26.17
N THR C 351 -31.10 -16.77 -25.86
CA THR C 351 -31.18 -18.21 -25.59
C THR C 351 -30.39 -18.57 -24.34
N GLU C 352 -30.72 -19.72 -23.75
CA GLU C 352 -30.05 -20.19 -22.53
C GLU C 352 -28.56 -20.43 -22.77
N ASP C 353 -28.24 -21.10 -23.88
CA ASP C 353 -26.85 -21.40 -24.25
C ASP C 353 -26.00 -20.14 -24.41
N ASN C 354 -26.61 -19.08 -24.95
CA ASN C 354 -25.93 -17.79 -25.12
C ASN C 354 -25.66 -17.10 -23.79
N PHE C 355 -26.56 -17.29 -22.83
CA PHE C 355 -26.37 -16.74 -21.50
C PHE C 355 -25.26 -17.46 -20.73
N VAL C 356 -25.11 -18.75 -20.98
CA VAL C 356 -24.05 -19.55 -20.38
C VAL C 356 -22.68 -18.97 -20.76
N LYS C 357 -22.55 -18.55 -22.01
CA LYS C 357 -21.32 -17.90 -22.49
C LYS C 357 -20.99 -16.67 -21.66
N PHE C 358 -21.96 -15.78 -21.48
CA PHE C 358 -21.76 -14.52 -20.76
C PHE C 358 -21.53 -14.69 -19.26
N PHE C 359 -22.13 -15.72 -18.67
CA PHE C 359 -21.99 -15.97 -17.24
C PHE C 359 -20.70 -16.71 -16.87
N LYS C 360 -20.12 -17.41 -17.84
CA LYS C 360 -18.90 -18.22 -17.64
C LYS C 360 -19.08 -19.22 -16.51
N VAL C 361 -20.21 -19.92 -16.55
CA VAL C 361 -20.55 -20.94 -15.56
C VAL C 361 -20.65 -22.30 -16.23
N LEU C 362 -20.79 -23.35 -15.42
CA LEU C 362 -21.01 -24.69 -15.95
C LEU C 362 -22.50 -24.97 -16.05
N ASN C 363 -22.93 -25.36 -17.25
CA ASN C 363 -24.33 -25.62 -17.53
C ASN C 363 -24.48 -26.77 -18.51
N ARG C 364 -25.64 -27.41 -18.48
CA ARG C 364 -26.01 -28.44 -19.45
C ARG C 364 -25.85 -27.90 -20.88
N LYS C 365 -25.33 -28.74 -21.77
CA LYS C 365 -25.13 -28.34 -23.16
C LYS C 365 -26.34 -28.66 -24.02
N THR C 366 -27.20 -29.54 -23.51
CA THR C 366 -28.45 -29.91 -24.17
C THR C 366 -29.59 -30.03 -23.17
N TYR C 367 -30.81 -30.14 -23.69
CA TYR C 367 -31.98 -30.42 -22.87
C TYR C 367 -31.99 -31.90 -22.47
N LEU C 368 -31.28 -32.72 -23.25
CA LEU C 368 -31.24 -34.16 -23.02
C LEU C 368 -30.25 -34.58 -21.93
N ASN C 369 -29.54 -33.59 -21.37
CA ASN C 369 -28.74 -33.79 -20.17
C ASN C 369 -29.62 -33.50 -18.96
N PHE C 370 -30.39 -34.50 -18.56
CA PHE C 370 -31.44 -34.33 -17.55
C PHE C 370 -30.89 -34.14 -16.14
N ASP C 371 -31.67 -33.43 -15.31
CA ASP C 371 -31.32 -33.19 -13.92
C ASP C 371 -31.37 -34.49 -13.11
N LYS C 372 -30.49 -34.58 -12.12
CA LYS C 372 -30.34 -35.80 -11.33
C LYS C 372 -30.72 -35.63 -9.86
N ALA C 373 -30.56 -34.42 -9.33
CA ALA C 373 -30.80 -34.15 -7.91
C ALA C 373 -31.40 -32.76 -7.68
N VAL C 374 -31.66 -32.44 -6.42
CA VAL C 374 -32.20 -31.14 -6.03
C VAL C 374 -31.53 -30.66 -4.73
N PHE C 375 -31.16 -29.37 -4.71
CA PHE C 375 -30.39 -28.82 -3.60
C PHE C 375 -31.00 -27.56 -2.97
N LYS C 376 -30.94 -27.49 -1.65
CA LYS C 376 -31.29 -26.28 -0.91
C LYS C 376 -30.11 -25.32 -0.93
N ILE C 377 -30.38 -24.08 -1.35
CA ILE C 377 -29.33 -23.07 -1.51
C ILE C 377 -29.71 -21.74 -0.85
N ASN C 378 -28.71 -20.92 -0.59
CA ASN C 378 -28.88 -19.60 -0.03
C ASN C 378 -27.93 -18.62 -0.70
N ILE C 379 -28.45 -17.87 -1.67
CA ILE C 379 -27.63 -16.97 -2.50
C ILE C 379 -27.49 -15.54 -1.96
N VAL C 380 -28.26 -15.21 -0.92
CA VAL C 380 -28.33 -13.83 -0.42
C VAL C 380 -27.04 -13.32 0.26
N PRO C 381 -26.47 -14.10 1.21
CA PRO C 381 -25.18 -13.67 1.78
C PRO C 381 -24.09 -13.55 0.71
N LYS C 382 -23.34 -12.47 0.76
CA LYS C 382 -22.34 -12.14 -0.26
C LYS C 382 -21.11 -13.06 -0.23
N VAL C 383 -20.93 -13.76 0.88
CA VAL C 383 -19.86 -14.77 1.01
C VAL C 383 -20.22 -16.08 0.31
N ASN C 384 -21.50 -16.24 -0.05
CA ASN C 384 -22.00 -17.44 -0.73
C ASN C 384 -22.11 -17.27 -2.25
N TYR C 385 -22.53 -16.08 -2.66
CA TYR C 385 -22.93 -15.82 -4.05
C TYR C 385 -22.85 -14.33 -4.31
N THR C 386 -22.23 -13.95 -5.43
CA THR C 386 -22.12 -12.54 -5.81
C THR C 386 -22.75 -12.26 -7.17
N ILE C 387 -23.01 -10.97 -7.42
CA ILE C 387 -23.60 -10.51 -8.68
C ILE C 387 -22.66 -10.78 -9.86
N TYR C 388 -21.35 -10.67 -9.61
CA TYR C 388 -20.34 -10.82 -10.66
C TYR C 388 -19.89 -12.26 -10.89
N ASP C 389 -19.63 -12.99 -9.82
CA ASP C 389 -18.95 -14.29 -9.91
C ASP C 389 -19.87 -15.51 -9.72
N GLY C 390 -21.08 -15.27 -9.21
CA GLY C 390 -22.01 -16.35 -8.91
C GLY C 390 -21.50 -17.19 -7.74
N PHE C 391 -21.46 -18.50 -7.91
CA PHE C 391 -20.91 -19.40 -6.90
C PHE C 391 -19.39 -19.49 -7.00
N ASN C 392 -18.87 -19.23 -8.19
CA ASN C 392 -17.44 -19.34 -8.45
C ASN C 392 -16.70 -18.05 -8.10
N LEU C 393 -16.53 -17.82 -6.80
CA LEU C 393 -15.94 -16.59 -6.30
C LEU C 393 -14.47 -16.45 -6.67
N ARG C 394 -14.11 -15.29 -7.20
CA ARG C 394 -12.72 -14.97 -7.54
C ARG C 394 -11.85 -14.87 -6.27
N ASN C 395 -10.54 -15.02 -6.44
CA ASN C 395 -9.56 -14.97 -5.34
C ASN C 395 -9.79 -16.03 -4.25
N THR C 396 -10.46 -17.11 -4.65
CA THR C 396 -10.82 -18.21 -3.74
C THR C 396 -10.41 -19.53 -4.40
N ASN C 397 -10.50 -20.62 -3.65
CA ASN C 397 -10.32 -21.96 -4.21
C ASN C 397 -11.55 -22.42 -5.01
N LEU C 398 -12.57 -21.57 -5.04
CA LEU C 398 -13.80 -21.83 -5.79
C LEU C 398 -13.80 -21.13 -7.16
N ALA C 399 -12.72 -20.39 -7.43
CA ALA C 399 -12.59 -19.65 -8.69
C ALA C 399 -12.28 -20.56 -9.88
N ALA C 400 -11.38 -21.51 -9.67
CA ALA C 400 -10.93 -22.42 -10.73
C ALA C 400 -11.87 -23.60 -10.90
N ASN C 401 -11.97 -24.09 -12.13
CA ASN C 401 -12.67 -25.34 -12.47
C ASN C 401 -14.13 -25.45 -12.01
N PHE C 402 -14.83 -24.30 -11.99
CA PHE C 402 -16.23 -24.21 -11.56
C PHE C 402 -16.46 -24.91 -10.22
N ASN C 403 -15.47 -24.79 -9.31
CA ASN C 403 -15.50 -25.47 -8.02
C ASN C 403 -16.59 -24.97 -7.09
N GLY C 404 -17.02 -23.72 -7.30
CA GLY C 404 -18.14 -23.14 -6.55
C GLY C 404 -19.46 -23.80 -6.89
N GLN C 405 -19.56 -24.35 -8.09
CA GLN C 405 -20.75 -25.07 -8.54
C GLN C 405 -20.73 -26.54 -8.15
N ASN C 406 -19.56 -27.03 -7.74
CA ASN C 406 -19.42 -28.42 -7.32
C ASN C 406 -20.00 -28.65 -5.93
N THR C 407 -20.90 -29.62 -5.82
CA THR C 407 -21.61 -29.90 -4.58
C THR C 407 -20.73 -30.58 -3.52
N GLU C 408 -19.71 -31.30 -3.97
CA GLU C 408 -18.78 -31.98 -3.05
C GLU C 408 -17.81 -30.99 -2.38
N ILE C 409 -17.16 -30.17 -3.20
CA ILE C 409 -16.19 -29.19 -2.71
C ILE C 409 -16.89 -28.09 -1.92
N ASN C 410 -17.92 -27.50 -2.51
CA ASN C 410 -18.67 -26.41 -1.89
C ASN C 410 -19.92 -26.93 -1.14
N ASN C 411 -19.69 -27.94 -0.29
CA ASN C 411 -20.77 -28.63 0.41
C ASN C 411 -21.58 -27.78 1.40
N MET C 412 -20.98 -26.70 1.89
CA MET C 412 -21.67 -25.75 2.78
C MET C 412 -22.81 -25.00 2.10
N ASN C 413 -22.69 -24.80 0.79
CA ASN C 413 -23.68 -24.06 0.01
C ASN C 413 -24.80 -24.93 -0.55
N PHE C 414 -24.61 -26.24 -0.56
CA PHE C 414 -25.60 -27.16 -1.12
C PHE C 414 -25.96 -28.29 -0.15
N THR C 415 -27.19 -28.25 0.34
CA THR C 415 -27.76 -29.33 1.14
C THR C 415 -28.58 -30.22 0.21
N LYS C 416 -28.19 -31.48 0.07
CA LYS C 416 -28.91 -32.40 -0.80
C LYS C 416 -30.27 -32.76 -0.22
N LEU C 417 -31.29 -32.68 -1.07
CA LEU C 417 -32.67 -32.95 -0.68
C LEU C 417 -33.18 -34.25 -1.28
N LYS C 418 -34.24 -34.79 -0.66
CA LYS C 418 -34.88 -36.01 -1.15
C LYS C 418 -35.67 -35.73 -2.42
N ASN C 419 -35.25 -36.38 -3.51
CA ASN C 419 -35.98 -36.33 -4.77
C ASN C 419 -37.26 -37.15 -4.64
N PHE C 420 -38.40 -36.47 -4.75
CA PHE C 420 -39.71 -37.11 -4.59
C PHE C 420 -40.05 -38.08 -5.73
N THR C 421 -39.30 -37.98 -6.82
CA THR C 421 -39.31 -38.99 -7.87
C THR C 421 -38.30 -40.07 -7.49
N GLY C 422 -38.81 -41.25 -7.16
CA GLY C 422 -37.97 -42.41 -6.84
C GLY C 422 -37.10 -42.81 -8.01
N LEU C 423 -36.03 -43.55 -7.73
CA LEU C 423 -35.06 -43.92 -8.75
C LEU C 423 -35.69 -44.71 -9.89
N PHE C 424 -36.54 -45.68 -9.56
CA PHE C 424 -37.20 -46.50 -10.56
C PHE C 424 -38.73 -46.35 -10.52
N GLU C 425 -39.18 -45.09 -10.47
CA GLU C 425 -40.59 -44.76 -10.62
C GLU C 425 -41.02 -45.03 -12.04
N PHE C 426 -40.27 -44.46 -12.98
CA PHE C 426 -40.54 -44.59 -14.41
C PHE C 426 -39.36 -45.28 -15.06
N TYR C 427 -39.62 -46.50 -15.56
CA TYR C 427 -38.56 -47.41 -15.96
C TYR C 427 -39.02 -48.37 -17.05
N LYS C 428 -38.06 -48.88 -17.80
CA LYS C 428 -38.29 -50.03 -18.67
C LYS C 428 -37.57 -51.24 -18.07
N LEU C 429 -38.08 -52.42 -18.37
CA LEU C 429 -37.54 -53.66 -17.82
C LEU C 429 -36.87 -54.49 -18.90
N LEU C 430 -35.54 -54.60 -18.83
CA LEU C 430 -34.78 -55.39 -19.78
C LEU C 430 -34.41 -56.74 -19.17
N CYS C 431 -34.85 -57.81 -19.81
CA CYS C 431 -34.67 -59.15 -19.27
C CYS C 431 -33.86 -60.04 -20.20
N VAL C 432 -33.17 -61.01 -19.61
CA VAL C 432 -32.40 -62.01 -20.34
C VAL C 432 -32.47 -63.35 -19.61
N ASP C 433 -32.22 -64.44 -20.32
CA ASP C 433 -32.33 -65.79 -19.75
C ASP C 433 -31.20 -66.10 -18.75
N GLU C 434 -31.53 -66.88 -17.72
CA GLU C 434 -30.56 -67.26 -16.70
C GLU C 434 -29.63 -68.38 -17.17
N MET C 435 -28.36 -68.02 -17.36
CA MET C 435 -27.34 -68.96 -17.84
C MET C 435 -26.02 -68.68 -17.12
N GLU C 436 -25.20 -69.72 -16.98
CA GLU C 436 -23.88 -69.60 -16.36
C GLU C 436 -22.80 -70.23 -17.22
N ALA C 498 -36.93 -69.80 -22.38
CA ALA C 498 -36.72 -69.17 -21.04
C ALA C 498 -37.58 -69.85 -19.95
N LEU C 499 -36.91 -70.48 -18.99
CA LEU C 499 -37.57 -71.07 -17.82
C LEU C 499 -37.52 -70.14 -16.61
N ALA C 500 -36.51 -69.26 -16.61
CA ALA C 500 -36.38 -68.21 -15.61
C ALA C 500 -35.57 -67.06 -16.21
N LEU C 501 -35.97 -65.83 -15.89
CA LEU C 501 -35.36 -64.64 -16.48
C LEU C 501 -34.57 -63.81 -15.47
N GLN C 502 -33.51 -63.19 -15.94
CA GLN C 502 -32.74 -62.23 -15.16
C GLN C 502 -33.01 -60.84 -15.71
N CYS C 503 -33.48 -59.94 -14.85
CA CYS C 503 -33.93 -58.62 -15.29
C CYS C 503 -33.26 -57.48 -14.53
N ILE C 504 -33.12 -56.35 -15.21
CA ILE C 504 -32.70 -55.10 -14.59
C ILE C 504 -33.67 -53.96 -14.94
N LYS C 505 -33.85 -53.04 -14.01
CA LYS C 505 -34.67 -51.85 -14.25
C LYS C 505 -33.80 -50.74 -14.81
N VAL C 506 -34.30 -50.06 -15.85
CA VAL C 506 -33.59 -48.93 -16.42
C VAL C 506 -34.43 -47.66 -16.35
N ASN C 507 -33.93 -46.67 -15.61
CA ASN C 507 -34.58 -45.36 -15.51
C ASN C 507 -34.89 -44.78 -16.89
N ASN C 508 -36.06 -44.20 -17.02
CA ASN C 508 -36.52 -43.62 -18.29
C ASN C 508 -35.53 -42.63 -18.90
N TRP C 509 -34.88 -41.85 -18.05
CA TRP C 509 -33.98 -40.79 -18.51
C TRP C 509 -32.53 -41.23 -18.70
N ASP C 510 -32.30 -42.55 -18.65
CA ASP C 510 -31.03 -43.15 -19.04
C ASP C 510 -31.17 -43.82 -20.40
N LEU C 511 -32.39 -43.81 -20.94
CA LEU C 511 -32.68 -44.42 -22.24
C LEU C 511 -32.43 -43.43 -23.40
N PHE C 512 -32.46 -43.95 -24.62
CA PHE C 512 -32.14 -43.16 -25.82
C PHE C 512 -33.31 -42.33 -26.35
N PHE C 513 -32.95 -41.19 -26.95
CA PHE C 513 -33.88 -40.19 -27.46
C PHE C 513 -34.81 -40.73 -28.57
N SER C 514 -34.25 -40.94 -29.77
CA SER C 514 -34.99 -41.45 -30.94
C SER C 514 -36.21 -40.60 -31.35
N PRO C 515 -35.96 -39.52 -32.13
CA PRO C 515 -37.04 -38.69 -32.63
C PRO C 515 -37.79 -39.35 -33.79
N SER C 516 -39.11 -39.22 -33.80
CA SER C 516 -39.94 -39.80 -34.85
C SER C 516 -39.86 -38.97 -36.14
N GLU C 517 -40.17 -39.61 -37.27
CA GLU C 517 -40.03 -38.98 -38.58
C GLU C 517 -41.04 -37.85 -38.83
N ASP C 518 -42.15 -37.88 -38.10
CA ASP C 518 -43.22 -36.88 -38.21
C ASP C 518 -42.75 -35.47 -37.88
N ASN C 519 -41.68 -35.37 -37.11
CA ASN C 519 -41.08 -34.09 -36.72
C ASN C 519 -40.37 -33.36 -37.86
N PHE C 520 -39.87 -34.12 -38.83
CA PHE C 520 -39.07 -33.57 -39.91
C PHE C 520 -39.83 -33.50 -41.24
N THR C 521 -40.45 -32.36 -41.50
CA THR C 521 -41.19 -32.13 -42.74
C THR C 521 -40.43 -31.18 -43.66
N ASN C 522 -40.51 -31.43 -44.96
CA ASN C 522 -39.80 -30.63 -45.95
C ASN C 522 -40.57 -30.46 -47.26
N ASP C 523 -40.46 -29.27 -47.86
CA ASP C 523 -41.02 -29.02 -49.18
C ASP C 523 -39.91 -29.08 -50.25
N LEU C 524 -38.99 -30.02 -50.09
CA LEU C 524 -37.88 -30.22 -51.02
C LEU C 524 -38.35 -30.85 -52.34
N ASN C 525 -39.44 -31.63 -52.25
CA ASN C 525 -40.06 -32.22 -53.44
C ASN C 525 -40.92 -31.22 -54.23
N LYS C 526 -41.27 -30.10 -53.59
CA LYS C 526 -42.08 -29.05 -54.20
C LYS C 526 -41.30 -28.28 -55.27
N GLY C 527 -41.90 -28.14 -56.44
CA GLY C 527 -41.32 -27.37 -57.54
C GLY C 527 -41.48 -25.86 -57.33
N GLU C 528 -40.70 -25.08 -58.06
CA GLU C 528 -40.71 -23.63 -57.91
C GLU C 528 -40.64 -22.93 -59.27
N GLU C 529 -41.25 -21.75 -59.35
CA GLU C 529 -41.19 -20.92 -60.55
C GLU C 529 -40.25 -19.74 -60.32
N ILE C 530 -39.31 -19.55 -61.25
CA ILE C 530 -38.33 -18.47 -61.16
C ILE C 530 -38.69 -17.35 -62.14
N THR C 531 -38.84 -16.14 -61.60
CA THR C 531 -39.09 -14.93 -62.40
C THR C 531 -37.94 -13.95 -62.24
N SER C 532 -38.13 -12.72 -62.72
CA SER C 532 -37.15 -11.65 -62.51
C SER C 532 -37.36 -11.00 -61.15
N ASP C 533 -38.56 -11.17 -60.60
CA ASP C 533 -38.93 -10.59 -59.30
C ASP C 533 -38.71 -11.58 -58.15
N THR C 534 -37.96 -12.65 -58.42
CA THR C 534 -37.67 -13.69 -57.43
C THR C 534 -36.83 -13.13 -56.28
N ASN C 535 -37.32 -13.32 -55.06
CA ASN C 535 -36.68 -12.77 -53.87
C ASN C 535 -35.41 -13.54 -53.47
N ILE C 536 -34.30 -12.80 -53.38
CA ILE C 536 -33.02 -13.38 -52.99
C ILE C 536 -32.85 -13.25 -51.48
N GLU C 537 -32.71 -14.39 -50.80
CA GLU C 537 -32.50 -14.44 -49.36
C GLU C 537 -31.06 -14.02 -49.02
N ALA C 538 -30.93 -13.04 -48.12
CA ALA C 538 -29.63 -12.64 -47.62
C ALA C 538 -29.04 -13.77 -46.77
N ALA C 539 -27.72 -13.93 -46.84
CA ALA C 539 -27.02 -15.01 -46.13
C ALA C 539 -27.25 -14.94 -44.63
N GLU C 540 -27.86 -16.00 -44.09
CA GLU C 540 -28.23 -16.08 -42.67
C GLU C 540 -26.98 -16.04 -41.78
N GLU C 541 -26.72 -14.86 -41.21
CA GLU C 541 -25.57 -14.64 -40.34
C GLU C 541 -25.69 -15.48 -39.07
N ASN C 542 -24.69 -16.32 -38.83
CA ASN C 542 -24.73 -17.30 -37.75
C ASN C 542 -24.54 -16.70 -36.37
N ILE C 543 -25.23 -17.25 -35.39
CA ILE C 543 -25.23 -16.72 -34.02
C ILE C 543 -23.86 -16.83 -33.36
N SER C 544 -23.24 -15.67 -33.12
CA SER C 544 -21.93 -15.58 -32.48
C SER C 544 -21.93 -14.44 -31.46
N LEU C 545 -20.87 -14.35 -30.67
CA LEU C 545 -20.70 -13.26 -29.71
C LEU C 545 -20.49 -11.93 -30.40
N ASP C 546 -19.93 -11.97 -31.62
CA ASP C 546 -19.74 -10.79 -32.45
C ASP C 546 -21.08 -10.22 -32.93
N LEU C 547 -22.02 -11.11 -33.20
CA LEU C 547 -23.36 -10.71 -33.61
C LEU C 547 -24.13 -10.11 -32.43
N ILE C 548 -24.00 -10.73 -31.26
CA ILE C 548 -24.61 -10.24 -30.02
C ILE C 548 -24.01 -8.87 -29.63
N GLN C 549 -22.73 -8.69 -29.94
CA GLN C 549 -22.02 -7.43 -29.73
C GLN C 549 -22.62 -6.30 -30.57
N GLN C 550 -23.00 -6.63 -31.81
CA GLN C 550 -23.55 -5.65 -32.75
C GLN C 550 -24.94 -5.14 -32.36
N TYR C 551 -25.81 -6.06 -31.94
CA TYR C 551 -27.16 -5.72 -31.51
C TYR C 551 -27.16 -4.86 -30.24
N TYR C 552 -26.09 -5.00 -29.45
CA TYR C 552 -25.92 -4.25 -28.21
C TYR C 552 -25.62 -2.79 -28.50
N LEU C 553 -24.91 -2.53 -29.59
CA LEU C 553 -24.53 -1.18 -29.99
C LEU C 553 -25.66 -0.41 -30.67
N THR C 554 -26.65 -1.15 -31.18
CA THR C 554 -27.80 -0.54 -31.85
C THR C 554 -29.06 -0.55 -30.96
N PHE C 555 -28.84 -0.62 -29.65
CA PHE C 555 -29.94 -0.75 -28.69
C PHE C 555 -30.11 0.52 -27.86
N ASN C 556 -31.37 0.97 -27.72
CA ASN C 556 -31.70 2.13 -26.90
C ASN C 556 -32.09 1.70 -25.49
N PHE C 557 -31.28 2.11 -24.52
CA PHE C 557 -31.48 1.74 -23.12
C PHE C 557 -31.99 2.89 -22.26
N ASP C 558 -32.39 3.99 -22.91
CA ASP C 558 -32.83 5.16 -22.18
C ASP C 558 -34.34 5.28 -22.14
N ASN C 559 -34.88 5.41 -20.92
CA ASN C 559 -36.31 5.56 -20.73
C ASN C 559 -37.05 4.22 -20.70
N GLU C 560 -38.37 4.31 -20.57
CA GLU C 560 -39.24 3.14 -20.55
C GLU C 560 -40.70 3.58 -20.57
N PRO C 561 -41.60 2.75 -21.14
CA PRO C 561 -43.04 3.01 -21.10
C PRO C 561 -43.50 3.38 -19.70
N GLU C 562 -44.05 4.58 -19.56
CA GLU C 562 -44.38 5.14 -18.24
C GLU C 562 -45.63 4.55 -17.61
N ASN C 563 -45.64 4.54 -16.28
CA ASN C 563 -46.76 4.02 -15.50
C ASN C 563 -47.90 5.04 -15.42
N ILE C 564 -48.90 4.86 -16.28
CA ILE C 564 -50.03 5.80 -16.38
C ILE C 564 -51.28 5.33 -15.63
N SER C 565 -52.01 6.29 -15.07
CA SER C 565 -53.25 6.01 -14.34
C SER C 565 -54.40 5.64 -15.26
N ILE C 566 -55.06 4.53 -14.94
CA ILE C 566 -56.25 4.08 -15.68
C ILE C 566 -57.44 3.92 -14.75
N GLU C 567 -58.65 3.96 -15.31
CA GLU C 567 -59.88 3.89 -14.54
C GLU C 567 -60.03 2.56 -13.79
N ASN C 568 -60.48 2.66 -12.54
CA ASN C 568 -60.65 1.50 -11.66
C ASN C 568 -61.60 0.45 -12.24
N LEU C 569 -61.20 -0.81 -12.13
CA LEU C 569 -62.03 -1.94 -12.56
C LEU C 569 -62.82 -2.45 -11.36
N SER C 570 -63.25 -3.72 -11.40
CA SER C 570 -63.91 -4.34 -10.26
C SER C 570 -62.88 -4.64 -9.17
N SER C 571 -63.34 -4.62 -7.91
CA SER C 571 -62.46 -4.91 -6.77
C SER C 571 -61.76 -6.26 -6.94
N ASP C 572 -62.52 -7.26 -7.38
CA ASP C 572 -61.97 -8.56 -7.76
C ASP C 572 -62.01 -8.72 -9.28
N ILE C 573 -60.83 -8.90 -9.88
CA ILE C 573 -60.71 -9.07 -11.32
C ILE C 573 -60.94 -10.53 -11.70
N ILE C 574 -61.90 -10.76 -12.59
CA ILE C 574 -62.23 -12.11 -13.05
C ILE C 574 -61.28 -12.53 -14.17
N GLY C 575 -60.56 -13.62 -13.94
CA GLY C 575 -59.59 -14.14 -14.89
C GLY C 575 -59.38 -15.64 -14.81
N GLN C 576 -59.09 -16.24 -15.95
CA GLN C 576 -58.82 -17.67 -16.04
C GLN C 576 -57.50 -17.89 -16.79
N LEU C 577 -56.68 -18.82 -16.28
CA LEU C 577 -55.38 -19.13 -16.87
C LEU C 577 -55.48 -19.73 -18.27
N GLU C 578 -54.35 -19.75 -18.98
CA GLU C 578 -54.25 -20.38 -20.29
C GLU C 578 -54.59 -21.87 -20.21
N LEU C 579 -55.47 -22.32 -21.11
CA LEU C 579 -56.03 -23.66 -21.07
C LEU C 579 -55.01 -24.77 -20.85
N MET C 580 -53.95 -24.78 -21.64
CA MET C 580 -52.84 -25.76 -21.54
C MET C 580 -53.30 -27.19 -21.85
N PRO C 581 -52.76 -27.79 -22.94
CA PRO C 581 -53.20 -29.10 -23.42
C PRO C 581 -52.96 -30.22 -22.39
N ASN C 582 -53.92 -31.12 -22.26
CA ASN C 582 -53.80 -32.27 -21.36
C ASN C 582 -52.98 -33.40 -21.96
N ILE C 583 -51.90 -33.75 -21.26
CA ILE C 583 -50.93 -34.73 -21.73
C ILE C 583 -51.18 -36.09 -21.08
N GLU C 584 -51.34 -37.11 -21.92
CA GLU C 584 -51.50 -38.48 -21.45
C GLU C 584 -50.18 -39.02 -20.92
N ARG C 585 -50.27 -39.76 -19.82
CA ARG C 585 -49.10 -40.36 -19.18
C ARG C 585 -48.58 -41.52 -20.03
N PHE C 586 -47.26 -41.59 -20.21
CA PHE C 586 -46.66 -42.66 -21.01
C PHE C 586 -46.51 -43.99 -20.25
N PRO C 587 -46.60 -45.13 -20.97
CA PRO C 587 -46.57 -46.47 -20.37
C PRO C 587 -45.34 -46.74 -19.51
N ASN C 588 -45.53 -47.48 -18.42
CA ASN C 588 -44.49 -47.71 -17.45
C ASN C 588 -44.24 -49.21 -17.24
N GLY C 589 -42.97 -49.57 -17.03
CA GLY C 589 -42.60 -50.95 -16.73
C GLY C 589 -42.73 -51.92 -17.90
N LYS C 590 -42.48 -51.42 -19.11
CA LYS C 590 -42.54 -52.22 -20.32
C LYS C 590 -41.39 -53.23 -20.35
N LYS C 591 -41.73 -54.49 -20.59
CA LYS C 591 -40.75 -55.58 -20.50
C LYS C 591 -40.23 -56.02 -21.87
N TYR C 592 -38.94 -56.31 -21.94
CA TYR C 592 -38.30 -56.79 -23.16
C TYR C 592 -37.45 -58.02 -22.88
N GLU C 593 -37.66 -59.08 -23.65
CA GLU C 593 -36.86 -60.31 -23.51
C GLU C 593 -35.82 -60.39 -24.63
N LEU C 594 -34.55 -60.34 -24.23
CA LEU C 594 -33.46 -60.16 -25.19
C LEU C 594 -32.58 -61.40 -25.35
N ASP C 595 -31.79 -61.40 -26.42
CA ASP C 595 -30.91 -62.52 -26.75
C ASP C 595 -29.49 -62.33 -26.22
N LYS C 596 -29.07 -61.07 -26.07
CA LYS C 596 -27.71 -60.73 -25.67
C LYS C 596 -27.72 -59.71 -24.52
N TYR C 597 -26.62 -59.64 -23.78
CA TYR C 597 -26.43 -58.58 -22.80
C TYR C 597 -26.30 -57.22 -23.49
N THR C 598 -26.96 -56.21 -22.93
CA THR C 598 -26.95 -54.88 -23.54
C THR C 598 -26.01 -53.92 -22.82
N MET C 599 -25.81 -52.76 -23.45
CA MET C 599 -25.10 -51.63 -22.88
C MET C 599 -25.54 -51.36 -21.43
N PHE C 600 -26.85 -51.47 -21.20
CA PHE C 600 -27.44 -51.20 -19.90
C PHE C 600 -27.10 -52.27 -18.87
N HIS C 601 -26.96 -53.52 -19.34
CA HIS C 601 -26.56 -54.62 -18.47
C HIS C 601 -25.11 -54.48 -17.99
N TYR C 602 -24.21 -54.14 -18.91
CA TYR C 602 -22.80 -53.92 -18.62
C TYR C 602 -22.58 -52.78 -17.62
N LEU C 603 -23.35 -51.70 -17.80
CA LEU C 603 -23.27 -50.55 -16.92
C LEU C 603 -23.79 -50.88 -15.52
N ARG C 604 -24.81 -51.73 -15.46
CA ARG C 604 -25.39 -52.18 -14.19
C ARG C 604 -24.47 -53.13 -13.45
N ALA C 605 -23.76 -53.97 -14.20
CA ALA C 605 -22.80 -54.92 -13.65
C ALA C 605 -21.64 -54.24 -12.94
N GLN C 606 -21.38 -52.99 -13.31
CA GLN C 606 -20.27 -52.21 -12.76
C GLN C 606 -20.64 -51.48 -11.47
N GLU C 607 -21.82 -51.79 -10.94
CA GLU C 607 -22.33 -51.11 -9.75
C GLU C 607 -22.35 -52.02 -8.54
N PHE C 608 -22.22 -51.42 -7.36
CA PHE C 608 -22.34 -52.12 -6.10
C PHE C 608 -23.11 -51.27 -5.09
N GLU C 609 -23.73 -51.93 -4.12
CA GLU C 609 -24.47 -51.25 -3.07
C GLU C 609 -23.51 -50.66 -2.04
N HIS C 610 -23.53 -49.33 -1.92
CA HIS C 610 -22.64 -48.58 -1.01
C HIS C 610 -22.77 -49.04 0.43
N GLY C 611 -24.01 -49.17 0.89
CA GLY C 611 -24.31 -49.56 2.27
C GLY C 611 -23.86 -50.98 2.60
N LYS C 612 -23.47 -51.17 3.86
CA LYS C 612 -23.10 -52.49 4.40
C LYS C 612 -22.07 -53.23 3.54
N SER C 613 -22.24 -54.55 3.41
CA SER C 613 -21.29 -55.43 2.72
C SER C 613 -19.84 -55.07 3.06
N ARG C 614 -18.91 -55.32 2.14
CA ARG C 614 -17.51 -54.84 2.24
C ARG C 614 -16.51 -55.61 1.37
N ILE C 615 -16.67 -56.94 1.29
CA ILE C 615 -15.77 -57.75 0.48
C ILE C 615 -16.13 -57.62 -1.00
N ALA C 616 -15.75 -56.48 -1.58
CA ALA C 616 -15.97 -56.25 -3.00
C ALA C 616 -14.80 -56.83 -3.79
N LEU C 617 -15.12 -57.66 -4.77
CA LEU C 617 -14.12 -58.25 -5.65
C LEU C 617 -14.42 -57.91 -7.10
N THR C 618 -13.41 -57.37 -7.78
CA THR C 618 -13.49 -57.02 -9.18
C THR C 618 -13.30 -58.28 -10.05
N ASN C 619 -14.06 -58.38 -11.14
CA ASN C 619 -13.89 -59.49 -12.09
C ASN C 619 -14.29 -59.16 -13.54
N SER C 620 -13.95 -60.05 -14.47
CA SER C 620 -14.08 -59.78 -15.90
C SER C 620 -15.31 -60.38 -16.60
N VAL C 621 -16.15 -61.09 -15.84
CA VAL C 621 -17.40 -61.64 -16.40
C VAL C 621 -18.64 -60.90 -15.86
N ASN C 622 -19.70 -60.90 -16.65
CA ASN C 622 -20.97 -60.31 -16.22
C ASN C 622 -21.81 -61.22 -15.30
N GLU C 623 -21.12 -62.09 -14.55
CA GLU C 623 -21.75 -62.79 -13.43
C GLU C 623 -21.35 -62.08 -12.13
N ALA C 624 -21.09 -60.79 -12.27
CA ALA C 624 -21.06 -59.84 -11.17
C ALA C 624 -22.49 -59.33 -10.96
N LEU C 625 -23.36 -59.73 -11.89
CA LEU C 625 -24.78 -59.39 -11.88
C LEU C 625 -25.54 -60.32 -10.94
N LEU C 626 -25.00 -61.51 -10.70
CA LEU C 626 -25.59 -62.48 -9.77
C LEU C 626 -25.15 -62.25 -8.33
N ASN C 627 -23.90 -61.82 -8.16
CA ASN C 627 -23.29 -61.66 -6.84
C ASN C 627 -23.15 -60.18 -6.47
N PRO C 628 -23.77 -59.76 -5.35
CA PRO C 628 -23.64 -58.38 -4.87
C PRO C 628 -22.24 -58.03 -4.36
N SER C 629 -21.38 -59.02 -4.22
CA SER C 629 -19.99 -58.80 -3.83
C SER C 629 -19.06 -58.66 -5.03
N ARG C 630 -19.52 -59.10 -6.19
CA ARG C 630 -18.73 -58.99 -7.41
C ARG C 630 -19.14 -57.77 -8.23
N VAL C 631 -18.14 -57.09 -8.78
CA VAL C 631 -18.34 -55.92 -9.63
C VAL C 631 -17.51 -56.08 -10.90
N TYR C 632 -18.15 -55.84 -12.05
CA TYR C 632 -17.51 -55.98 -13.35
C TYR C 632 -16.52 -54.85 -13.65
N THR C 633 -15.41 -55.19 -14.31
CA THR C 633 -14.46 -54.20 -14.84
C THR C 633 -14.06 -54.53 -16.27
N PHE C 634 -13.95 -53.50 -17.09
CA PHE C 634 -13.44 -53.63 -18.46
C PHE C 634 -11.91 -53.52 -18.51
N PHE C 635 -11.30 -53.49 -17.32
CA PHE C 635 -9.85 -53.44 -17.20
C PHE C 635 -9.23 -54.83 -17.41
N SER C 636 -7.92 -54.86 -17.60
CA SER C 636 -7.17 -56.11 -17.83
C SER C 636 -7.27 -57.07 -16.65
N SER C 637 -7.06 -58.36 -16.92
CA SER C 637 -7.07 -59.39 -15.88
C SER C 637 -5.90 -59.22 -14.90
N ASP C 638 -4.90 -58.46 -15.33
CA ASP C 638 -3.75 -58.11 -14.48
C ASP C 638 -4.15 -57.12 -13.41
N TYR C 639 -5.06 -56.21 -13.75
CA TYR C 639 -5.58 -55.23 -12.79
C TYR C 639 -6.48 -55.90 -11.76
N VAL C 640 -7.27 -56.89 -12.19
CA VAL C 640 -8.19 -57.59 -11.28
C VAL C 640 -7.44 -58.48 -10.28
N LYS C 641 -6.32 -59.04 -10.73
CA LYS C 641 -5.45 -59.86 -9.86
C LYS C 641 -4.86 -59.02 -8.73
N LYS C 642 -4.41 -57.82 -9.06
CA LYS C 642 -3.70 -56.94 -8.14
C LYS C 642 -4.62 -56.29 -7.10
N VAL C 643 -5.82 -55.88 -7.53
CA VAL C 643 -6.77 -55.20 -6.66
C VAL C 643 -7.46 -56.16 -5.68
N ASN C 644 -7.63 -57.41 -6.10
CA ASN C 644 -8.25 -58.44 -5.27
C ASN C 644 -7.28 -59.08 -4.29
N LYS C 645 -6.00 -58.76 -4.43
CA LYS C 645 -4.93 -59.32 -3.62
C LYS C 645 -5.00 -58.84 -2.17
N ALA C 646 -4.87 -59.78 -1.24
CA ALA C 646 -4.77 -59.48 0.18
C ALA C 646 -3.41 -58.84 0.47
N THR C 647 -3.43 -57.66 1.09
CA THR C 647 -2.21 -56.88 1.29
C THR C 647 -1.93 -56.60 2.77
N GLU C 648 -0.68 -56.80 3.19
CA GLU C 648 -0.25 -56.49 4.55
C GLU C 648 0.00 -55.00 4.72
N ALA C 649 0.00 -54.54 5.98
CA ALA C 649 0.12 -53.12 6.31
C ALA C 649 1.42 -52.46 5.85
N ALA C 650 2.50 -53.24 5.81
CA ALA C 650 3.80 -52.75 5.36
C ALA C 650 3.82 -52.49 3.85
N MET C 651 3.00 -53.23 3.11
CA MET C 651 2.97 -53.17 1.65
C MET C 651 1.86 -52.25 1.10
N PHE C 652 1.05 -51.69 2.00
CA PHE C 652 -0.16 -50.94 1.64
C PHE C 652 0.07 -49.74 0.73
N LEU C 653 0.95 -48.82 1.14
CA LEU C 653 1.21 -47.59 0.40
C LEU C 653 1.78 -47.83 -0.99
N GLY C 654 2.69 -48.79 -1.10
CA GLY C 654 3.26 -49.19 -2.39
C GLY C 654 2.21 -49.83 -3.29
N TRP C 655 1.29 -50.57 -2.67
CA TRP C 655 0.18 -51.22 -3.35
C TRP C 655 -0.85 -50.20 -3.87
N VAL C 656 -1.13 -49.18 -3.06
CA VAL C 656 -2.05 -48.11 -3.44
C VAL C 656 -1.48 -47.23 -4.56
N GLU C 657 -0.21 -46.86 -4.44
CA GLU C 657 0.47 -46.07 -5.46
C GLU C 657 0.53 -46.83 -6.78
N GLN C 658 0.67 -48.15 -6.70
CA GLN C 658 0.70 -49.00 -7.89
C GLN C 658 -0.67 -49.09 -8.55
N LEU C 659 -1.72 -49.11 -7.74
CA LEU C 659 -3.09 -49.16 -8.25
C LEU C 659 -3.52 -47.86 -8.94
N VAL C 660 -2.98 -46.74 -8.47
CA VAL C 660 -3.22 -45.44 -9.09
C VAL C 660 -2.59 -45.39 -10.49
N TYR C 661 -1.37 -45.91 -10.60
CA TYR C 661 -0.68 -45.99 -11.89
C TYR C 661 -1.37 -46.94 -12.86
N ASP C 662 -1.77 -48.11 -12.36
CA ASP C 662 -2.48 -49.11 -13.15
C ASP C 662 -3.79 -48.55 -13.69
N PHE C 663 -4.52 -47.83 -12.85
CA PHE C 663 -5.76 -47.17 -13.23
C PHE C 663 -5.51 -46.16 -14.36
N THR C 664 -4.48 -45.33 -14.20
CA THR C 664 -4.14 -44.30 -15.18
C THR C 664 -3.66 -44.90 -16.51
N ASP C 665 -3.01 -46.06 -16.43
CA ASP C 665 -2.54 -46.76 -17.64
C ASP C 665 -3.69 -47.30 -18.46
N GLU C 666 -4.64 -47.96 -17.79
CA GLU C 666 -5.82 -48.53 -18.43
C GLU C 666 -6.65 -47.43 -19.07
N THR C 667 -6.82 -46.33 -18.35
CA THR C 667 -7.73 -45.25 -18.76
C THR C 667 -7.15 -44.27 -19.79
N SER C 668 -5.82 -44.18 -19.85
CA SER C 668 -5.14 -43.27 -20.79
C SER C 668 -4.78 -43.94 -22.12
N GLU C 669 -5.21 -45.19 -22.29
CA GLU C 669 -4.91 -45.96 -23.49
C GLU C 669 -5.55 -45.33 -24.74
N VAL C 670 -4.70 -44.95 -25.69
CA VAL C 670 -5.14 -44.34 -26.95
C VAL C 670 -4.40 -44.99 -28.11
N SER C 671 -5.17 -45.45 -29.10
CA SER C 671 -4.61 -46.00 -30.32
C SER C 671 -4.85 -45.05 -31.49
N THR C 672 -3.83 -44.85 -32.32
CA THR C 672 -3.96 -44.01 -33.51
C THR C 672 -4.14 -44.85 -34.77
N THR C 673 -4.84 -44.28 -35.75
CA THR C 673 -5.04 -44.95 -37.04
C THR C 673 -5.19 -43.95 -38.18
N ASP C 674 -5.13 -44.45 -39.42
CA ASP C 674 -5.36 -43.64 -40.61
C ASP C 674 -6.17 -44.41 -41.67
N LYS C 675 -6.78 -45.51 -41.23
CA LYS C 675 -7.52 -46.41 -42.12
C LYS C 675 -9.02 -46.07 -42.19
N ILE C 676 -9.51 -45.40 -41.16
CA ILE C 676 -10.95 -45.10 -41.06
C ILE C 676 -11.36 -43.86 -41.85
N ALA C 677 -10.56 -42.81 -41.76
CA ALA C 677 -10.86 -41.49 -42.36
C ALA C 677 -11.89 -40.72 -41.54
N ASP C 678 -11.60 -39.44 -41.32
CA ASP C 678 -12.34 -38.57 -40.39
C ASP C 678 -12.04 -38.93 -38.93
N ILE C 679 -11.96 -40.22 -38.64
CA ILE C 679 -11.55 -40.71 -37.32
C ILE C 679 -10.06 -41.07 -37.34
N THR C 680 -9.29 -40.50 -36.42
CA THR C 680 -7.84 -40.71 -36.39
C THR C 680 -7.37 -41.42 -35.13
N ILE C 681 -8.12 -41.29 -34.04
CA ILE C 681 -7.79 -41.98 -32.78
C ILE C 681 -8.88 -42.98 -32.40
N ILE C 682 -8.49 -44.01 -31.64
CA ILE C 682 -9.44 -45.00 -31.13
C ILE C 682 -9.17 -45.29 -29.65
N ILE C 683 -10.25 -45.48 -28.90
CA ILE C 683 -10.15 -45.94 -27.51
C ILE C 683 -10.78 -47.32 -27.41
N PRO C 684 -9.93 -48.37 -27.42
CA PRO C 684 -10.37 -49.76 -27.52
C PRO C 684 -11.20 -50.25 -26.34
N TYR C 685 -10.98 -49.69 -25.15
CA TYR C 685 -11.67 -50.16 -23.95
C TYR C 685 -13.13 -49.72 -23.83
N ILE C 686 -13.61 -48.96 -24.81
CA ILE C 686 -15.03 -48.61 -24.90
C ILE C 686 -15.86 -49.85 -25.25
N GLY C 687 -15.26 -50.75 -26.01
CA GLY C 687 -15.88 -52.03 -26.39
C GLY C 687 -16.30 -52.89 -25.20
N PRO C 688 -15.33 -53.33 -24.37
CA PRO C 688 -15.64 -54.15 -23.19
C PRO C 688 -16.35 -53.38 -22.08
N ALA C 689 -16.44 -52.06 -22.22
CA ALA C 689 -17.09 -51.22 -21.22
C ALA C 689 -18.60 -51.19 -21.40
N LEU C 690 -19.05 -51.13 -22.64
CA LEU C 690 -20.46 -50.96 -22.95
C LEU C 690 -21.00 -52.03 -23.90
N ASN C 691 -20.16 -53.03 -24.20
CA ASN C 691 -20.51 -54.12 -25.11
C ASN C 691 -20.94 -53.60 -26.49
N ILE C 692 -20.07 -52.80 -27.10
CA ILE C 692 -20.37 -52.17 -28.39
C ILE C 692 -20.39 -53.22 -29.52
N GLY C 693 -21.60 -53.47 -30.03
CA GLY C 693 -21.83 -54.41 -31.13
C GLY C 693 -21.68 -55.87 -30.76
N ASN C 694 -21.91 -56.18 -29.48
CA ASN C 694 -21.72 -57.54 -28.93
C ASN C 694 -20.39 -58.19 -29.34
N MET C 695 -19.30 -57.43 -29.17
CA MET C 695 -17.97 -57.89 -29.59
C MET C 695 -17.22 -58.60 -28.46
N LEU C 696 -17.17 -57.96 -27.28
CA LEU C 696 -16.57 -58.55 -26.06
C LEU C 696 -15.03 -58.55 -25.99
N TYR C 697 -14.38 -57.98 -27.01
CA TYR C 697 -12.91 -57.94 -27.08
C TYR C 697 -12.38 -56.59 -27.53
N LYS C 698 -11.20 -56.22 -27.03
CA LYS C 698 -10.53 -54.98 -27.42
C LYS C 698 -10.03 -55.04 -28.87
N ASP C 699 -9.52 -56.21 -29.26
CA ASP C 699 -9.05 -56.45 -30.63
C ASP C 699 -10.20 -56.38 -31.63
N ASP C 700 -11.36 -56.89 -31.21
CA ASP C 700 -12.57 -56.91 -32.03
C ASP C 700 -13.12 -55.51 -32.30
N PHE C 701 -13.14 -54.67 -31.26
CA PHE C 701 -13.71 -53.32 -31.36
C PHE C 701 -12.95 -52.45 -32.36
N VAL C 702 -11.62 -52.43 -32.24
CA VAL C 702 -10.77 -51.72 -33.19
C VAL C 702 -10.98 -52.29 -34.61
N GLY C 703 -11.04 -53.62 -34.70
CA GLY C 703 -11.25 -54.32 -35.98
C GLY C 703 -12.61 -54.05 -36.62
N ALA C 704 -13.64 -53.93 -35.79
CA ALA C 704 -14.99 -53.64 -36.27
C ALA C 704 -15.16 -52.18 -36.67
N LEU C 705 -14.50 -51.29 -35.94
CA LEU C 705 -14.58 -49.84 -36.18
C LEU C 705 -13.98 -49.46 -37.53
N ILE C 706 -12.86 -50.10 -37.89
CA ILE C 706 -12.20 -49.87 -39.18
C ILE C 706 -13.03 -50.45 -40.33
N PHE C 707 -13.69 -51.58 -40.07
CA PHE C 707 -14.50 -52.25 -41.09
C PHE C 707 -15.80 -51.51 -41.41
N SER C 708 -16.61 -51.28 -40.38
CA SER C 708 -17.95 -50.73 -40.57
C SER C 708 -18.00 -49.20 -40.48
N GLY C 709 -17.11 -48.62 -39.67
CA GLY C 709 -17.11 -47.19 -39.41
C GLY C 709 -17.80 -46.83 -38.11
N ALA C 710 -18.20 -45.57 -38.00
CA ALA C 710 -18.83 -45.03 -36.79
C ALA C 710 -20.20 -45.64 -36.48
N VAL C 711 -20.83 -46.24 -37.49
CA VAL C 711 -22.16 -46.85 -37.36
C VAL C 711 -22.25 -47.89 -36.24
N ILE C 712 -21.15 -48.63 -36.03
CA ILE C 712 -21.11 -49.71 -35.04
C ILE C 712 -21.36 -49.24 -33.60
N LEU C 713 -21.16 -47.95 -33.36
CA LEU C 713 -21.44 -47.33 -32.07
C LEU C 713 -22.94 -47.07 -31.87
N LEU C 714 -23.63 -46.79 -32.96
CA LEU C 714 -25.04 -46.38 -32.92
C LEU C 714 -25.97 -47.48 -32.42
N GLU C 715 -26.92 -47.08 -31.57
CA GLU C 715 -27.93 -47.97 -31.05
C GLU C 715 -29.01 -48.23 -32.10
N PHE C 716 -29.34 -47.20 -32.88
CA PHE C 716 -30.27 -47.32 -34.00
C PHE C 716 -29.77 -46.55 -35.22
N ILE C 717 -30.13 -47.02 -36.41
CA ILE C 717 -29.73 -46.38 -37.67
C ILE C 717 -30.75 -45.33 -38.07
N PRO C 718 -30.29 -44.08 -38.31
CA PRO C 718 -31.19 -42.99 -38.69
C PRO C 718 -31.73 -43.13 -40.10
N GLU C 719 -33.02 -42.83 -40.26
CA GLU C 719 -33.65 -42.87 -41.58
C GLU C 719 -33.52 -41.51 -42.26
N ILE C 720 -32.62 -41.44 -43.23
CA ILE C 720 -32.41 -40.22 -44.00
C ILE C 720 -33.15 -40.27 -45.34
N ALA C 721 -34.31 -39.63 -45.38
CA ALA C 721 -35.19 -39.67 -46.55
C ALA C 721 -35.12 -38.39 -47.36
N ILE C 722 -34.27 -38.40 -48.39
CA ILE C 722 -34.17 -37.27 -49.33
C ILE C 722 -34.93 -37.63 -50.60
N PRO C 723 -36.02 -36.90 -50.89
CA PRO C 723 -36.83 -37.18 -52.07
C PRO C 723 -36.18 -36.63 -53.34
N VAL C 724 -36.82 -36.86 -54.49
CA VAL C 724 -36.40 -36.25 -55.74
C VAL C 724 -36.70 -34.75 -55.63
N LEU C 725 -35.65 -33.94 -55.72
CA LEU C 725 -35.76 -32.49 -55.52
C LEU C 725 -36.63 -31.81 -56.58
N GLY C 726 -37.37 -30.79 -56.15
CA GLY C 726 -38.25 -30.03 -57.04
C GLY C 726 -37.48 -29.19 -58.04
N THR C 727 -37.78 -29.40 -59.32
CA THR C 727 -37.11 -28.69 -60.40
C THR C 727 -37.66 -27.27 -60.54
N PHE C 728 -36.87 -26.37 -61.11
CA PHE C 728 -37.28 -25.00 -61.36
C PHE C 728 -37.96 -24.85 -62.73
N ALA C 729 -38.92 -23.92 -62.81
CA ALA C 729 -39.59 -23.59 -64.06
C ALA C 729 -39.41 -22.12 -64.39
N LEU C 730 -38.80 -21.85 -65.54
CA LEU C 730 -38.46 -20.48 -65.94
C LEU C 730 -39.59 -19.77 -66.68
N VAL C 731 -39.62 -18.44 -66.56
CA VAL C 731 -40.57 -17.59 -67.27
C VAL C 731 -39.85 -16.84 -68.38
N SER C 732 -40.41 -16.88 -69.58
CA SER C 732 -39.80 -16.27 -70.77
C SER C 732 -40.24 -14.82 -70.95
N TYR C 733 -39.29 -13.97 -71.37
CA TYR C 733 -39.55 -12.56 -71.66
C TYR C 733 -39.01 -12.19 -73.03
N ILE C 734 -39.91 -11.83 -73.94
CA ILE C 734 -39.54 -11.46 -75.30
C ILE C 734 -39.15 -9.98 -75.38
N ALA C 735 -38.06 -9.70 -76.09
CA ALA C 735 -37.52 -8.34 -76.30
C ALA C 735 -37.05 -7.64 -75.02
N ASN C 736 -36.57 -8.44 -74.06
CA ASN C 736 -36.00 -7.92 -72.82
C ASN C 736 -34.58 -8.44 -72.58
N LYS C 737 -33.59 -7.60 -72.89
CA LYS C 737 -32.19 -7.98 -72.84
C LYS C 737 -31.63 -8.04 -71.41
N VAL C 738 -32.12 -7.15 -70.54
CA VAL C 738 -31.67 -7.08 -69.15
C VAL C 738 -32.50 -8.00 -68.25
N LEU C 739 -33.76 -8.16 -68.62
CA LEU C 739 -34.76 -8.87 -67.79
C LEU C 739 -34.63 -10.39 -67.87
N THR C 740 -34.18 -10.90 -69.02
CA THR C 740 -33.98 -12.33 -69.22
C THR C 740 -32.71 -12.83 -68.51
N VAL C 741 -31.68 -11.98 -68.50
CA VAL C 741 -30.42 -12.27 -67.79
C VAL C 741 -30.66 -12.41 -66.28
N GLN C 742 -31.59 -11.60 -65.76
CA GLN C 742 -31.94 -11.61 -64.34
C GLN C 742 -32.58 -12.93 -63.90
N THR C 743 -33.45 -13.47 -64.75
CA THR C 743 -34.14 -14.74 -64.45
C THR C 743 -33.17 -15.92 -64.41
N ILE C 744 -32.13 -15.86 -65.25
CA ILE C 744 -31.04 -16.84 -65.22
C ILE C 744 -30.21 -16.64 -63.95
N ASP C 745 -29.88 -15.39 -63.65
CA ASP C 745 -29.07 -15.04 -62.47
C ASP C 745 -29.78 -15.34 -61.15
N ASN C 746 -31.11 -15.22 -61.16
CA ASN C 746 -31.92 -15.57 -59.99
C ASN C 746 -32.02 -17.08 -59.79
N ALA C 747 -32.06 -17.82 -60.91
CA ALA C 747 -32.14 -19.28 -60.87
C ALA C 747 -30.85 -19.92 -60.36
N LEU C 748 -29.70 -19.34 -60.73
CA LEU C 748 -28.39 -19.83 -60.29
C LEU C 748 -28.17 -19.59 -58.80
N SER C 749 -28.56 -18.42 -58.31
CA SER C 749 -28.46 -18.08 -56.89
C SER C 749 -29.49 -18.85 -56.07
N LYS C 750 -30.56 -19.29 -56.73
CA LYS C 750 -31.59 -20.12 -56.09
C LYS C 750 -31.11 -21.56 -55.94
N ARG C 751 -30.19 -21.97 -56.80
CA ARG C 751 -29.53 -23.28 -56.66
C ARG C 751 -28.62 -23.27 -55.44
N ASN C 752 -27.87 -22.19 -55.27
CA ASN C 752 -26.98 -22.01 -54.13
C ASN C 752 -27.75 -21.96 -52.81
N GLU C 753 -29.02 -21.59 -52.89
CA GLU C 753 -29.93 -21.64 -51.75
C GLU C 753 -30.48 -23.06 -51.57
N LYS C 754 -30.74 -23.76 -52.67
CA LYS C 754 -31.20 -25.14 -52.64
C LYS C 754 -30.18 -26.08 -51.99
N TRP C 755 -28.90 -25.90 -52.33
CA TRP C 755 -27.80 -26.66 -51.73
C TRP C 755 -27.69 -26.40 -50.23
N ASP C 756 -28.00 -25.16 -49.82
CA ASP C 756 -27.99 -24.77 -48.42
C ASP C 756 -29.12 -25.43 -47.64
N GLU C 757 -30.32 -25.47 -48.23
CA GLU C 757 -31.49 -26.06 -47.58
C GLU C 757 -31.30 -27.56 -47.33
N VAL C 758 -30.68 -28.25 -48.28
CA VAL C 758 -30.42 -29.68 -48.19
C VAL C 758 -29.37 -29.99 -47.12
N TYR C 759 -28.26 -29.26 -47.16
CA TYR C 759 -27.19 -29.43 -46.17
C TYR C 759 -27.69 -29.15 -44.74
N LYS C 760 -28.50 -28.11 -44.59
CA LYS C 760 -29.07 -27.74 -43.29
C LYS C 760 -30.04 -28.81 -42.80
N TYR C 761 -30.78 -29.41 -43.72
CA TYR C 761 -31.74 -30.48 -43.40
C TYR C 761 -31.04 -31.73 -42.89
N ILE C 762 -29.98 -32.16 -43.59
CA ILE C 762 -29.22 -33.35 -43.20
C ILE C 762 -28.53 -33.13 -41.85
N VAL C 763 -27.93 -31.95 -41.69
CA VAL C 763 -27.31 -31.57 -40.42
C VAL C 763 -28.31 -31.62 -39.27
N THR C 764 -29.53 -31.11 -39.52
CA THR C 764 -30.62 -31.17 -38.56
C THR C 764 -30.93 -32.62 -38.15
N ASN C 765 -31.14 -33.47 -39.15
CA ASN C 765 -31.38 -34.90 -38.91
C ASN C 765 -30.24 -35.56 -38.13
N TRP C 766 -29.01 -35.22 -38.49
CA TRP C 766 -27.82 -35.71 -37.80
C TRP C 766 -27.79 -35.25 -36.36
N LEU C 767 -28.11 -33.97 -36.17
CA LEU C 767 -28.02 -33.30 -34.88
C LEU C 767 -28.96 -33.88 -33.83
N ALA C 768 -30.08 -34.43 -34.29
CA ALA C 768 -31.13 -34.94 -33.40
C ALA C 768 -31.17 -36.46 -33.32
N LYS C 769 -30.86 -37.13 -34.44
CA LYS C 769 -30.96 -38.59 -34.52
C LYS C 769 -29.65 -39.29 -34.16
N VAL C 770 -28.52 -38.65 -34.49
CA VAL C 770 -27.21 -39.29 -34.30
C VAL C 770 -26.39 -38.66 -33.16
N ASN C 771 -26.16 -37.35 -33.23
CA ASN C 771 -25.35 -36.66 -32.23
C ASN C 771 -25.85 -36.91 -30.80
N THR C 772 -27.16 -37.06 -30.67
CA THR C 772 -27.79 -37.33 -29.37
C THR C 772 -27.43 -38.72 -28.84
N GLN C 773 -27.25 -39.68 -29.75
CA GLN C 773 -26.82 -41.03 -29.37
C GLN C 773 -25.39 -41.00 -28.82
N ILE C 774 -24.48 -40.40 -29.58
CA ILE C 774 -23.08 -40.23 -29.16
C ILE C 774 -23.00 -39.44 -27.85
N ASP C 775 -23.87 -38.44 -27.69
CA ASP C 775 -23.99 -37.67 -26.44
C ASP C 775 -24.25 -38.56 -25.22
N LEU C 776 -25.18 -39.50 -25.36
CA LEU C 776 -25.55 -40.37 -24.26
C LEU C 776 -24.51 -41.47 -24.02
N ILE C 777 -23.83 -41.89 -25.08
CA ILE C 777 -22.73 -42.85 -24.97
C ILE C 777 -21.54 -42.27 -24.19
N ARG C 778 -21.16 -41.02 -24.49
CA ARG C 778 -20.08 -40.35 -23.76
C ARG C 778 -20.44 -40.08 -22.30
N LYS C 779 -21.72 -39.81 -22.07
CA LYS C 779 -22.24 -39.61 -20.73
C LYS C 779 -22.21 -40.94 -19.96
N LYS C 780 -22.41 -42.04 -20.68
CA LYS C 780 -22.36 -43.39 -20.09
C LYS C 780 -20.94 -43.90 -19.87
N MET C 781 -20.00 -43.39 -20.66
CA MET C 781 -18.58 -43.71 -20.47
C MET C 781 -18.02 -43.02 -19.24
N LYS C 782 -18.45 -41.78 -19.01
CA LYS C 782 -18.11 -41.06 -17.78
C LYS C 782 -18.63 -41.83 -16.57
N GLU C 783 -19.86 -42.32 -16.68
CA GLU C 783 -20.50 -43.09 -15.61
C GLU C 783 -19.74 -44.39 -15.33
N ALA C 784 -19.28 -45.04 -16.40
CA ALA C 784 -18.54 -46.29 -16.30
C ALA C 784 -17.23 -46.09 -15.56
N LEU C 785 -16.50 -45.02 -15.90
CA LEU C 785 -15.22 -44.69 -15.28
C LEU C 785 -15.34 -44.36 -13.79
N GLU C 786 -16.42 -43.68 -13.42
CA GLU C 786 -16.73 -43.38 -12.03
C GLU C 786 -16.96 -44.65 -11.21
N ASN C 787 -17.74 -45.57 -11.79
CA ASN C 787 -17.98 -46.88 -11.19
C ASN C 787 -16.69 -47.62 -10.85
N GLN C 788 -15.72 -47.53 -11.77
CA GLN C 788 -14.41 -48.14 -11.58
C GLN C 788 -13.67 -47.57 -10.39
N ALA C 789 -13.61 -46.23 -10.33
CA ALA C 789 -12.95 -45.53 -9.24
C ALA C 789 -13.62 -45.78 -7.90
N GLU C 790 -14.95 -45.88 -7.90
CA GLU C 790 -15.71 -46.17 -6.68
C GLU C 790 -15.44 -47.58 -6.18
N ALA C 791 -15.36 -48.53 -7.12
CA ALA C 791 -15.06 -49.91 -6.79
C ALA C 791 -13.65 -50.07 -6.23
N THR C 792 -12.70 -49.36 -6.86
CA THR C 792 -11.30 -49.39 -6.44
C THR C 792 -11.12 -48.75 -5.07
N LYS C 793 -11.75 -47.59 -4.87
CA LYS C 793 -11.76 -46.92 -3.57
C LYS C 793 -12.41 -47.78 -2.49
N ALA C 794 -13.43 -48.54 -2.87
CA ALA C 794 -14.16 -49.41 -1.95
C ALA C 794 -13.29 -50.56 -1.43
N ILE C 795 -12.46 -51.10 -2.30
CA ILE C 795 -11.57 -52.22 -1.95
C ILE C 795 -10.35 -51.73 -1.16
N ILE C 796 -9.76 -50.63 -1.62
CA ILE C 796 -8.62 -50.02 -0.92
C ILE C 796 -8.99 -49.63 0.50
N ASN C 797 -10.11 -48.92 0.64
CA ASN C 797 -10.56 -48.42 1.94
C ASN C 797 -10.93 -49.51 2.93
N TYR C 798 -11.49 -50.61 2.41
CA TYR C 798 -11.86 -51.76 3.23
C TYR C 798 -10.64 -52.48 3.80
N GLN C 799 -9.61 -52.63 2.96
CA GLN C 799 -8.33 -53.23 3.38
C GLN C 799 -7.67 -52.39 4.48
N TYR C 800 -7.74 -51.07 4.33
CA TYR C 800 -7.23 -50.13 5.32
C TYR C 800 -7.96 -50.29 6.66
N ASN C 801 -9.25 -50.57 6.59
CA ASN C 801 -10.08 -50.73 7.80
C ASN C 801 -9.96 -52.10 8.46
N GLN C 802 -9.22 -53.01 7.82
CA GLN C 802 -8.98 -54.35 8.36
C GLN C 802 -7.77 -54.38 9.31
N TYR C 803 -6.89 -53.39 9.18
CA TYR C 803 -5.72 -53.26 10.03
C TYR C 803 -6.10 -52.76 11.43
N THR C 804 -5.16 -52.84 12.36
CA THR C 804 -5.38 -52.41 13.75
C THR C 804 -4.18 -51.64 14.30
N GLU C 805 -4.43 -50.42 14.76
CA GLU C 805 -3.43 -49.55 15.43
C GLU C 805 -2.26 -49.09 14.55
N GLU C 806 -1.95 -49.87 13.53
CA GLU C 806 -0.96 -49.49 12.52
C GLU C 806 -1.51 -48.43 11.57
N GLU C 807 -2.84 -48.25 11.60
CA GLU C 807 -3.53 -47.22 10.83
C GLU C 807 -3.10 -45.81 11.22
N LYS C 808 -2.77 -45.63 12.50
CA LYS C 808 -2.48 -44.32 13.07
C LYS C 808 -1.20 -43.69 12.52
N ASN C 809 -0.06 -44.33 12.77
CA ASN C 809 1.23 -43.77 12.37
C ASN C 809 1.90 -44.47 11.19
N ASN C 810 1.82 -45.80 11.18
CA ASN C 810 2.52 -46.63 10.20
C ASN C 810 2.04 -46.41 8.76
N ILE C 811 0.73 -46.30 8.58
CA ILE C 811 0.15 -46.13 7.24
C ILE C 811 0.11 -44.68 6.81
N ASN C 812 -0.61 -43.85 7.57
CA ASN C 812 -0.78 -42.42 7.27
C ASN C 812 -1.39 -42.22 5.88
N PHE C 813 -2.68 -42.53 5.76
CA PHE C 813 -3.37 -42.48 4.48
C PHE C 813 -4.69 -41.70 4.51
N ASN C 814 -4.85 -40.85 3.52
CA ASN C 814 -6.07 -40.04 3.37
C ASN C 814 -6.84 -40.46 2.12
N ILE C 815 -8.10 -40.83 2.30
CA ILE C 815 -8.95 -41.32 1.20
C ILE C 815 -9.31 -40.22 0.20
N ASP C 816 -9.46 -38.99 0.71
CA ASP C 816 -9.77 -37.83 -0.13
C ASP C 816 -8.62 -37.51 -1.09
N ASP C 817 -7.40 -37.82 -0.66
CA ASP C 817 -6.21 -37.65 -1.49
C ASP C 817 -6.18 -38.68 -2.61
N LEU C 818 -6.66 -39.89 -2.32
CA LEU C 818 -6.80 -40.95 -3.32
C LEU C 818 -7.95 -40.63 -4.28
N SER C 819 -9.01 -40.05 -3.75
CA SER C 819 -10.22 -39.72 -4.52
C SER C 819 -9.97 -38.64 -5.55
N SER C 820 -9.06 -37.71 -5.24
CA SER C 820 -8.68 -36.64 -6.17
C SER C 820 -7.86 -37.16 -7.33
N LYS C 821 -6.91 -38.05 -7.03
CA LYS C 821 -6.00 -38.62 -8.04
C LYS C 821 -6.74 -39.44 -9.09
N LEU C 822 -7.71 -40.24 -8.65
CA LEU C 822 -8.53 -41.03 -9.55
C LEU C 822 -9.44 -40.16 -10.42
N ASN C 823 -9.98 -39.10 -9.81
CA ASN C 823 -10.78 -38.11 -10.52
C ASN C 823 -10.00 -37.42 -11.64
N GLU C 824 -8.74 -37.09 -11.36
CA GLU C 824 -7.84 -36.50 -12.35
C GLU C 824 -7.54 -37.45 -13.50
N SER C 825 -7.45 -38.74 -13.19
CA SER C 825 -7.25 -39.78 -14.20
C SER C 825 -8.49 -39.99 -15.06
N ILE C 826 -9.67 -39.93 -14.43
CA ILE C 826 -10.94 -40.03 -15.14
C ILE C 826 -11.11 -38.87 -16.12
N ASN C 827 -10.89 -37.65 -15.63
CA ASN C 827 -10.99 -36.45 -16.44
C ASN C 827 -10.07 -36.48 -17.67
N LYS C 828 -8.85 -36.98 -17.48
CA LYS C 828 -7.89 -37.10 -18.57
C LYS C 828 -8.31 -38.17 -19.60
N ALA C 829 -8.95 -39.22 -19.11
CA ALA C 829 -9.52 -40.26 -19.97
C ALA C 829 -10.67 -39.70 -20.81
N MET C 830 -11.50 -38.86 -20.19
CA MET C 830 -12.64 -38.25 -20.85
C MET C 830 -12.25 -37.27 -21.96
N ILE C 831 -11.11 -36.59 -21.79
CA ILE C 831 -10.57 -35.71 -22.85
C ILE C 831 -10.43 -36.50 -24.15
N ASN C 832 -9.82 -37.68 -24.03
CA ASN C 832 -9.67 -38.59 -25.16
C ASN C 832 -11.02 -39.09 -25.67
N ILE C 833 -11.88 -39.52 -24.75
CA ILE C 833 -13.20 -40.07 -25.09
C ILE C 833 -14.05 -39.04 -25.84
N ASN C 834 -14.07 -37.81 -25.33
CA ASN C 834 -14.76 -36.70 -26.00
C ASN C 834 -14.18 -36.45 -27.39
N LYS C 835 -12.86 -36.46 -27.49
CA LYS C 835 -12.16 -36.24 -28.77
C LYS C 835 -12.46 -37.36 -29.77
N PHE C 836 -12.49 -38.59 -29.28
CA PHE C 836 -12.76 -39.76 -30.12
C PHE C 836 -14.20 -39.77 -30.60
N LEU C 837 -15.14 -39.58 -29.67
CA LEU C 837 -16.56 -39.68 -29.97
C LEU C 837 -17.09 -38.50 -30.79
N ASN C 838 -16.44 -37.35 -30.67
CA ASN C 838 -16.75 -36.21 -31.54
C ASN C 838 -16.39 -36.49 -32.98
N GLN C 839 -15.29 -37.21 -33.19
CA GLN C 839 -14.83 -37.59 -34.53
C GLN C 839 -15.76 -38.61 -35.20
N CYS C 840 -16.35 -39.49 -34.39
CA CYS C 840 -17.28 -40.51 -34.88
C CYS C 840 -18.60 -39.90 -35.36
N SER C 841 -19.13 -38.98 -34.56
CA SER C 841 -20.37 -38.29 -34.87
C SER C 841 -20.25 -37.52 -36.19
N VAL C 842 -19.11 -36.86 -36.39
CA VAL C 842 -18.83 -36.10 -37.62
C VAL C 842 -18.58 -37.04 -38.79
N SER C 843 -17.81 -38.10 -38.56
CA SER C 843 -17.54 -39.12 -39.58
C SER C 843 -18.83 -39.67 -40.18
N TYR C 844 -19.82 -39.96 -39.33
CA TYR C 844 -21.10 -40.48 -39.78
C TYR C 844 -21.85 -39.47 -40.63
N LEU C 845 -21.84 -38.21 -40.21
CA LEU C 845 -22.43 -37.12 -40.98
C LEU C 845 -21.75 -37.00 -42.35
N MET C 846 -20.42 -37.01 -42.34
CA MET C 846 -19.63 -36.82 -43.55
C MET C 846 -19.69 -38.02 -44.51
N ASN C 847 -19.61 -39.24 -43.97
CA ASN C 847 -19.47 -40.44 -44.79
C ASN C 847 -20.77 -41.18 -45.09
N SER C 848 -21.75 -41.07 -44.20
CA SER C 848 -22.98 -41.86 -44.32
C SER C 848 -24.24 -41.04 -44.54
N MET C 849 -24.17 -39.73 -44.32
CA MET C 849 -25.35 -38.88 -44.40
C MET C 849 -25.30 -37.82 -45.50
N ILE C 850 -24.13 -37.19 -45.67
CA ILE C 850 -23.93 -36.15 -46.69
C ILE C 850 -23.96 -36.70 -48.14
N PRO C 851 -23.38 -37.89 -48.40
CA PRO C 851 -23.41 -38.44 -49.76
C PRO C 851 -24.81 -38.62 -50.35
N TYR C 852 -25.78 -38.98 -49.52
CA TYR C 852 -27.18 -39.15 -49.95
C TYR C 852 -27.75 -37.86 -50.51
N GLY C 853 -27.42 -36.73 -49.87
CA GLY C 853 -27.90 -35.43 -50.30
C GLY C 853 -27.17 -34.92 -51.54
N VAL C 854 -25.88 -35.21 -51.61
CA VAL C 854 -25.03 -34.75 -52.72
C VAL C 854 -25.46 -35.33 -54.08
N LYS C 855 -25.75 -36.63 -54.12
CA LYS C 855 -26.21 -37.25 -55.37
C LYS C 855 -27.61 -36.80 -55.79
N ARG C 856 -28.43 -36.39 -54.83
CA ARG C 856 -29.74 -35.81 -55.12
C ARG C 856 -29.60 -34.40 -55.70
N LEU C 857 -28.61 -33.66 -55.20
CA LEU C 857 -28.34 -32.29 -55.64
C LEU C 857 -27.64 -32.24 -56.99
N GLU C 858 -26.87 -33.27 -57.33
CA GLU C 858 -26.21 -33.37 -58.62
C GLU C 858 -27.21 -33.69 -59.73
N ASP C 859 -28.22 -34.49 -59.39
CA ASP C 859 -29.32 -34.82 -60.30
C ASP C 859 -30.20 -33.61 -60.56
N PHE C 860 -30.32 -32.75 -59.55
CA PHE C 860 -31.04 -31.48 -59.66
C PHE C 860 -30.25 -30.50 -60.53
N ASP C 861 -28.93 -30.56 -60.44
CA ASP C 861 -28.04 -29.77 -61.28
C ASP C 861 -28.18 -30.15 -62.75
N ALA C 862 -28.32 -31.45 -63.01
CA ALA C 862 -28.54 -31.99 -64.35
C ALA C 862 -29.88 -31.50 -64.93
N SER C 863 -30.91 -31.46 -64.10
CA SER C 863 -32.24 -30.99 -64.51
C SER C 863 -32.23 -29.50 -64.84
N LEU C 864 -31.57 -28.71 -63.99
CA LEU C 864 -31.48 -27.27 -64.15
C LEU C 864 -30.53 -26.88 -65.29
N LYS C 865 -29.51 -27.71 -65.51
CA LYS C 865 -28.53 -27.50 -66.57
C LYS C 865 -29.21 -27.47 -67.94
N ASP C 866 -29.98 -28.52 -68.23
CA ASP C 866 -30.70 -28.64 -69.50
C ASP C 866 -31.87 -27.67 -69.57
N ALA C 867 -32.41 -27.29 -68.41
CA ALA C 867 -33.50 -26.33 -68.33
C ALA C 867 -33.04 -24.93 -68.71
N LEU C 868 -31.80 -24.58 -68.33
CA LEU C 868 -31.22 -23.28 -68.66
C LEU C 868 -30.62 -23.27 -70.06
N LEU C 869 -30.04 -24.39 -70.48
CA LEU C 869 -29.49 -24.53 -71.83
C LEU C 869 -30.58 -24.42 -72.90
N LYS C 870 -31.78 -24.90 -72.57
CA LYS C 870 -32.96 -24.73 -73.42
C LYS C 870 -33.51 -23.30 -73.33
N TYR C 871 -33.38 -22.69 -72.16
CA TYR C 871 -33.87 -21.34 -71.91
C TYR C 871 -33.05 -20.29 -72.65
N ILE C 872 -31.73 -20.49 -72.69
CA ILE C 872 -30.83 -19.62 -73.45
C ILE C 872 -31.03 -19.81 -74.96
N TYR C 873 -31.26 -21.06 -75.37
CA TYR C 873 -31.55 -21.43 -76.76
C TYR C 873 -32.81 -20.73 -77.27
N ASP C 874 -33.84 -20.70 -76.44
CA ASP C 874 -35.15 -20.14 -76.80
C ASP C 874 -35.16 -18.62 -76.99
N ASN C 875 -34.15 -17.95 -76.43
CA ASN C 875 -34.06 -16.49 -76.54
C ASN C 875 -32.72 -16.00 -77.09
N ARG C 876 -32.31 -16.58 -78.21
CA ARG C 876 -31.05 -16.20 -78.88
C ARG C 876 -31.09 -14.79 -79.44
N GLY C 877 -32.24 -14.40 -79.97
CA GLY C 877 -32.43 -13.10 -80.61
C GLY C 877 -32.42 -11.92 -79.65
N THR C 878 -32.53 -12.22 -78.36
CA THR C 878 -32.54 -11.20 -77.31
C THR C 878 -31.17 -11.05 -76.66
N LEU C 879 -30.53 -12.17 -76.35
CA LEU C 879 -29.21 -12.17 -75.71
C LEU C 879 -28.07 -12.35 -76.72
N ILE C 880 -28.26 -11.80 -77.92
CA ILE C 880 -27.30 -11.95 -79.02
C ILE C 880 -25.83 -11.92 -78.55
N GLY C 881 -25.40 -10.81 -77.98
CA GLY C 881 -24.00 -10.63 -77.60
C GLY C 881 -23.61 -11.22 -76.25
N GLN C 882 -24.45 -12.11 -75.72
CA GLN C 882 -24.22 -12.68 -74.38
C GLN C 882 -24.45 -14.19 -74.27
N VAL C 883 -25.04 -14.79 -75.30
CA VAL C 883 -25.29 -16.24 -75.32
C VAL C 883 -24.01 -17.04 -75.08
N ASP C 884 -22.95 -16.66 -75.80
CA ASP C 884 -21.64 -17.31 -75.70
C ASP C 884 -21.05 -17.23 -74.29
N ARG C 885 -21.38 -16.16 -73.57
CA ARG C 885 -20.88 -15.92 -72.22
C ARG C 885 -21.71 -16.64 -71.16
N LEU C 886 -23.03 -16.58 -71.30
CA LEU C 886 -23.96 -17.20 -70.34
C LEU C 886 -23.99 -18.72 -70.45
N LYS C 887 -23.66 -19.24 -71.63
CA LYS C 887 -23.55 -20.68 -71.86
C LYS C 887 -22.41 -21.25 -71.00
N ASP C 888 -21.28 -20.55 -70.99
CA ASP C 888 -20.12 -20.93 -70.18
C ASP C 888 -20.38 -20.77 -68.68
N LYS C 889 -21.13 -19.73 -68.32
CA LYS C 889 -21.47 -19.47 -66.92
C LYS C 889 -22.36 -20.58 -66.35
N VAL C 890 -23.39 -20.95 -67.10
CA VAL C 890 -24.28 -22.05 -66.73
C VAL C 890 -23.51 -23.37 -66.65
N ASN C 891 -22.67 -23.63 -67.66
CA ASN C 891 -21.85 -24.84 -67.71
C ASN C 891 -20.85 -24.98 -66.56
N ASN C 892 -20.21 -23.87 -66.19
CA ASN C 892 -19.16 -23.88 -65.17
C ASN C 892 -19.69 -23.91 -63.73
N THR C 893 -20.82 -23.25 -63.50
CA THR C 893 -21.45 -23.19 -62.18
C THR C 893 -22.11 -24.53 -61.82
N LEU C 894 -22.84 -25.11 -62.77
CA LEU C 894 -23.62 -26.33 -62.53
C LEU C 894 -22.82 -27.62 -62.70
N SER C 895 -21.53 -27.49 -63.01
CA SER C 895 -20.63 -28.65 -63.06
C SER C 895 -19.91 -28.86 -61.73
N THR C 896 -19.88 -27.81 -60.91
CA THR C 896 -19.21 -27.85 -59.62
C THR C 896 -20.21 -28.07 -58.48
N ASP C 897 -19.82 -28.94 -57.55
CA ASP C 897 -20.56 -29.12 -56.31
C ASP C 897 -20.21 -27.99 -55.35
N ILE C 898 -21.17 -27.60 -54.52
CA ILE C 898 -20.92 -26.62 -53.46
C ILE C 898 -20.36 -27.34 -52.23
N PRO C 899 -19.12 -27.00 -51.83
CA PRO C 899 -18.42 -27.70 -50.74
C PRO C 899 -19.10 -27.53 -49.39
N PHE C 900 -19.35 -28.65 -48.72
CA PHE C 900 -19.97 -28.64 -47.40
C PHE C 900 -18.99 -28.12 -46.35
N GLN C 901 -19.41 -27.06 -45.65
CA GLN C 901 -18.64 -26.49 -44.56
C GLN C 901 -19.45 -26.59 -43.27
N LEU C 902 -18.93 -27.36 -42.32
CA LEU C 902 -19.65 -27.65 -41.07
C LEU C 902 -19.88 -26.40 -40.22
N SER C 903 -18.95 -25.46 -40.29
CA SER C 903 -18.99 -24.22 -39.51
C SER C 903 -20.14 -23.29 -39.89
N LYS C 904 -20.65 -23.46 -41.10
CA LYS C 904 -21.75 -22.65 -41.62
C LYS C 904 -23.10 -23.05 -41.00
N TYR C 905 -23.18 -24.26 -40.48
CA TYR C 905 -24.43 -24.82 -39.96
C TYR C 905 -24.37 -25.16 -38.49
N VAL C 906 -23.15 -25.36 -37.96
CA VAL C 906 -22.96 -25.65 -36.55
C VAL C 906 -22.09 -24.58 -35.92
N ASP C 907 -22.51 -24.11 -34.74
CA ASP C 907 -21.76 -23.09 -33.99
C ASP C 907 -20.88 -23.70 -32.93
N ASN C 908 -21.25 -24.90 -32.45
CA ASN C 908 -20.50 -25.62 -31.42
C ASN C 908 -19.02 -25.72 -31.79
N GLN C 909 -18.19 -24.97 -31.10
CA GLN C 909 -16.79 -24.75 -31.48
C GLN C 909 -15.82 -25.89 -31.15
N ARG C 910 -16.21 -26.79 -30.24
CA ARG C 910 -15.40 -27.98 -29.95
C ARG C 910 -15.74 -29.12 -30.91
N LEU C 911 -16.86 -28.99 -31.62
CA LEU C 911 -17.20 -29.86 -32.75
C LEU C 911 -16.67 -29.28 -34.06
N LEU C 912 -16.39 -27.97 -34.05
CA LEU C 912 -15.83 -27.28 -35.20
C LEU C 912 -14.31 -27.44 -35.29
N SER C 913 -13.64 -27.33 -34.14
CA SER C 913 -12.18 -27.47 -34.08
C SER C 913 -11.72 -28.93 -34.23
N THR C 914 -12.60 -29.87 -33.88
CA THR C 914 -12.33 -31.30 -34.01
C THR C 914 -12.82 -31.83 -35.35
N ALA D 1 18.60 7.60 4.66
CA ALA D 1 17.20 8.08 4.83
C ALA D 1 16.93 9.35 4.03
N MET D 2 15.72 9.44 3.47
CA MET D 2 15.29 10.62 2.70
C MET D 2 13.99 11.17 3.27
N GLU D 3 14.06 11.62 4.53
CA GLU D 3 12.87 11.98 5.29
C GLU D 3 12.47 13.45 5.14
N PHE D 4 13.44 14.35 5.28
CA PHE D 4 13.19 15.79 5.21
C PHE D 4 13.35 16.32 3.77
N VAL D 5 14.42 15.91 3.11
CA VAL D 5 14.65 16.25 1.70
C VAL D 5 14.19 15.08 0.85
N ASN D 6 12.96 15.17 0.36
CA ASN D 6 12.32 14.07 -0.37
C ASN D 6 13.00 13.74 -1.70
N LYS D 7 13.40 14.78 -2.42
CA LYS D 7 14.08 14.60 -3.70
C LYS D 7 15.59 14.44 -3.54
N GLN D 8 16.22 14.00 -4.61
CA GLN D 8 17.61 13.60 -4.61
C GLN D 8 18.37 14.28 -5.74
N PHE D 9 18.66 15.56 -5.54
CA PHE D 9 19.15 16.42 -6.62
C PHE D 9 20.59 16.13 -7.05
N ASN D 10 20.78 16.02 -8.36
CA ASN D 10 22.09 16.17 -8.97
C ASN D 10 22.16 17.59 -9.53
N TYR D 11 23.36 18.14 -9.67
CA TYR D 11 23.49 19.51 -10.17
C TYR D 11 23.13 19.61 -11.66
N LYS D 12 23.38 18.54 -12.40
CA LYS D 12 23.10 18.52 -13.83
C LYS D 12 21.66 18.12 -14.17
N ASP D 13 20.77 18.22 -13.17
CA ASP D 13 19.34 17.95 -13.35
C ASP D 13 18.65 19.12 -14.06
N PRO D 14 17.73 18.80 -14.99
CA PRO D 14 17.05 19.81 -15.83
C PRO D 14 16.14 20.75 -15.04
N VAL D 15 16.00 21.97 -15.54
CA VAL D 15 15.19 23.00 -14.92
C VAL D 15 13.70 22.76 -15.21
N ASN D 16 12.90 22.69 -14.14
CA ASN D 16 11.46 22.47 -14.27
C ASN D 16 10.60 23.64 -13.79
N GLY D 17 11.23 24.60 -13.10
CA GLY D 17 10.54 25.80 -12.64
C GLY D 17 9.64 25.61 -11.44
N VAL D 18 9.90 24.55 -10.67
CA VAL D 18 9.14 24.26 -9.46
C VAL D 18 10.09 24.03 -8.27
N ASP D 19 10.98 23.05 -8.42
CA ASP D 19 11.99 22.74 -7.40
C ASP D 19 13.42 22.86 -7.92
N ILE D 20 13.59 22.75 -9.24
CA ILE D 20 14.86 23.02 -9.90
C ILE D 20 14.65 24.15 -10.90
N ALA D 21 15.22 25.32 -10.60
CA ALA D 21 14.99 26.52 -11.41
C ALA D 21 16.10 27.56 -11.31
N TYR D 22 16.12 28.48 -12.28
CA TYR D 22 16.91 29.70 -12.19
C TYR D 22 16.07 30.73 -11.46
N ILE D 23 16.63 31.29 -10.37
CA ILE D 23 15.89 32.26 -9.56
C ILE D 23 16.61 33.60 -9.43
N LYS D 24 15.88 34.60 -8.98
CA LYS D 24 16.45 35.92 -8.66
C LYS D 24 16.01 36.38 -7.27
N ILE D 25 16.99 36.75 -6.46
CA ILE D 25 16.75 37.24 -5.10
C ILE D 25 16.78 38.77 -5.06
N PRO D 26 16.27 39.38 -3.96
CA PRO D 26 16.41 40.82 -3.76
C PRO D 26 17.86 41.29 -3.91
N ASN D 27 18.05 42.39 -4.63
CA ASN D 27 19.38 42.84 -5.01
C ASN D 27 19.50 44.36 -4.97
N ALA D 28 20.73 44.86 -4.87
CA ALA D 28 21.02 46.29 -4.88
C ALA D 28 20.75 46.91 -6.25
N GLY D 29 21.03 46.15 -7.32
CA GLY D 29 20.79 46.61 -8.68
C GLY D 29 20.09 45.56 -9.52
N GLN D 30 20.81 45.05 -10.51
CA GLN D 30 20.29 44.00 -11.39
C GLN D 30 21.21 42.78 -11.34
N MET D 31 20.61 41.60 -11.20
CA MET D 31 21.38 40.35 -11.12
C MET D 31 20.93 39.33 -12.16
N GLN D 32 21.88 38.51 -12.60
CA GLN D 32 21.59 37.41 -13.52
C GLN D 32 21.13 36.18 -12.74
N PRO D 33 20.15 35.43 -13.30
CA PRO D 33 19.55 34.27 -12.63
C PRO D 33 20.56 33.17 -12.29
N VAL D 34 20.41 32.59 -11.11
CA VAL D 34 21.27 31.49 -10.66
C VAL D 34 20.46 30.22 -10.41
N LYS D 35 21.02 29.09 -10.79
CA LYS D 35 20.36 27.80 -10.63
C LYS D 35 20.28 27.42 -9.15
N ALA D 36 19.04 27.24 -8.67
CA ALA D 36 18.77 26.94 -7.27
C ALA D 36 17.88 25.70 -7.11
N PHE D 37 17.92 25.11 -5.92
CA PHE D 37 17.23 23.85 -5.65
C PHE D 37 16.38 23.93 -4.39
N LYS D 38 15.10 23.58 -4.51
CA LYS D 38 14.17 23.56 -3.38
C LYS D 38 14.18 22.18 -2.70
N ILE D 39 14.93 22.07 -1.60
CA ILE D 39 15.07 20.82 -0.88
C ILE D 39 13.84 20.46 -0.05
N HIS D 40 13.20 21.49 0.52
CA HIS D 40 12.00 21.32 1.32
C HIS D 40 11.12 22.56 1.19
N ASN D 41 9.86 22.44 1.57
CA ASN D 41 8.91 23.56 1.55
C ASN D 41 9.46 24.77 2.30
N LYS D 42 9.46 25.92 1.62
CA LYS D 42 9.94 27.20 2.16
C LYS D 42 11.48 27.28 2.31
N ILE D 43 12.18 26.26 1.83
CA ILE D 43 13.65 26.22 1.93
C ILE D 43 14.29 25.99 0.56
N TRP D 44 15.24 26.85 0.22
CA TRP D 44 15.96 26.77 -1.06
C TRP D 44 17.47 26.71 -0.86
N VAL D 45 18.18 26.19 -1.86
CA VAL D 45 19.63 26.03 -1.82
C VAL D 45 20.28 26.53 -3.11
N ILE D 46 21.17 27.51 -2.98
CA ILE D 46 21.92 28.05 -4.12
C ILE D 46 23.40 27.70 -3.98
N PRO D 47 23.89 26.71 -4.78
CA PRO D 47 25.28 26.28 -4.70
C PRO D 47 26.26 27.25 -5.39
N GLU D 48 26.16 28.53 -5.04
CA GLU D 48 27.02 29.58 -5.60
C GLU D 48 27.71 30.34 -4.47
N ARG D 49 28.91 30.83 -4.75
CA ARG D 49 29.61 31.73 -3.84
C ARG D 49 28.86 33.05 -3.74
N ASP D 50 28.56 33.48 -2.51
CA ASP D 50 27.71 34.64 -2.28
C ASP D 50 28.36 35.95 -2.73
N THR D 51 27.95 36.39 -3.93
CA THR D 51 28.43 37.64 -4.50
C THR D 51 27.26 38.54 -4.91
N PHE D 52 26.05 38.15 -4.49
CA PHE D 52 24.82 38.85 -4.87
C PHE D 52 24.28 39.77 -3.79
N THR D 53 24.10 39.22 -2.58
CA THR D 53 23.46 39.92 -1.45
C THR D 53 24.12 41.25 -1.08
N ASN D 54 25.45 41.27 -1.15
CA ASN D 54 26.24 42.45 -0.82
C ASN D 54 26.90 43.01 -2.08
N PRO D 55 26.58 44.27 -2.45
CA PRO D 55 27.21 44.94 -3.58
C PRO D 55 28.68 45.31 -3.32
N GLU D 56 29.10 45.20 -2.06
CA GLU D 56 30.49 45.47 -1.67
C GLU D 56 31.33 44.19 -1.58
N GLU D 57 30.67 43.04 -1.59
CA GLU D 57 31.34 41.74 -1.53
C GLU D 57 31.24 40.98 -2.85
N GLY D 58 31.91 41.49 -3.87
CA GLY D 58 31.97 40.84 -5.18
C GLY D 58 33.32 40.20 -5.45
N ASP D 59 34.29 40.48 -4.58
CA ASP D 59 35.64 39.95 -4.71
C ASP D 59 35.83 38.74 -3.78
N LEU D 60 36.50 37.71 -4.30
CA LEU D 60 36.74 36.49 -3.53
C LEU D 60 38.21 36.35 -3.09
N ASN D 61 38.98 37.43 -3.26
CA ASN D 61 40.37 37.47 -2.85
C ASN D 61 40.54 37.91 -1.39
N PRO D 62 41.67 37.52 -0.76
CA PRO D 62 41.96 37.98 0.61
C PRO D 62 42.02 39.51 0.70
N PRO D 63 41.28 40.10 1.66
CA PRO D 63 41.20 41.55 1.87
C PRO D 63 42.55 42.19 2.18
N PRO D 64 42.68 43.51 1.95
CA PRO D 64 43.92 44.23 2.26
C PRO D 64 44.41 43.98 3.68
N GLU D 65 43.48 43.97 4.64
CA GLU D 65 43.79 43.66 6.03
C GLU D 65 43.40 42.23 6.39
N ALA D 66 43.96 41.72 7.49
CA ALA D 66 43.87 40.30 7.84
C ALA D 66 42.49 39.81 8.28
N LYS D 67 41.74 40.67 8.98
CA LYS D 67 40.46 40.28 9.62
C LYS D 67 40.73 39.59 10.97
N GLN D 68 40.13 40.13 12.02
CA GLN D 68 40.48 39.73 13.40
C GLN D 68 39.73 38.49 13.91
N VAL D 69 40.03 37.34 13.30
CA VAL D 69 39.47 36.06 13.72
C VAL D 69 40.58 35.03 13.92
N PRO D 70 40.37 34.05 14.84
CA PRO D 70 41.37 33.01 15.09
C PRO D 70 41.76 32.22 13.84
N VAL D 71 40.76 31.75 13.09
CA VAL D 71 41.00 30.97 11.88
C VAL D 71 40.20 31.53 10.70
N SER D 72 40.88 31.69 9.56
CA SER D 72 40.24 32.11 8.31
C SER D 72 40.91 31.43 7.12
N TYR D 73 40.16 31.29 6.02
CA TYR D 73 40.66 30.63 4.82
C TYR D 73 40.07 31.26 3.56
N TYR D 74 40.93 31.41 2.54
CA TYR D 74 40.55 32.03 1.28
C TYR D 74 40.97 31.17 0.09
N ASP D 75 40.04 30.96 -0.83
CA ASP D 75 40.31 30.27 -2.09
C ASP D 75 39.22 30.62 -3.10
N SER D 76 39.54 31.52 -4.03
CA SER D 76 38.59 32.01 -5.02
C SER D 76 38.15 30.94 -6.02
N THR D 77 38.96 29.89 -6.16
CA THR D 77 38.70 28.83 -7.13
C THR D 77 37.63 27.84 -6.65
N TYR D 78 37.34 27.84 -5.35
CA TYR D 78 36.35 26.95 -4.74
C TYR D 78 34.91 27.28 -5.17
N LEU D 79 34.14 26.24 -5.45
CA LEU D 79 32.74 26.32 -5.94
C LEU D 79 32.61 26.98 -7.32
N SER D 80 33.50 26.63 -8.24
CA SER D 80 33.44 27.15 -9.60
C SER D 80 33.10 26.07 -10.62
N THR D 81 33.48 24.83 -10.32
CA THR D 81 33.20 23.69 -11.21
C THR D 81 31.91 22.96 -10.83
N ASP D 82 31.27 22.35 -11.82
CA ASP D 82 29.98 21.65 -11.64
C ASP D 82 30.03 20.46 -10.68
N ASN D 83 31.18 19.80 -10.60
CA ASN D 83 31.37 18.67 -9.69
C ASN D 83 31.39 19.11 -8.23
N GLU D 84 32.01 20.26 -7.97
CA GLU D 84 32.05 20.84 -6.62
C GLU D 84 30.67 21.32 -6.18
N LYS D 85 29.90 21.86 -7.12
CA LYS D 85 28.55 22.35 -6.83
C LYS D 85 27.59 21.19 -6.56
N ASP D 86 27.79 20.09 -7.27
CA ASP D 86 27.02 18.86 -7.06
C ASP D 86 27.34 18.23 -5.71
N ASN D 87 28.60 18.29 -5.30
CA ASN D 87 29.03 17.77 -4.02
C ASN D 87 28.68 18.70 -2.87
N TYR D 88 28.53 19.98 -3.19
CA TYR D 88 28.03 20.97 -2.23
C TYR D 88 26.57 20.67 -1.92
N LEU D 89 25.80 20.46 -2.98
CA LEU D 89 24.35 20.23 -2.89
C LEU D 89 24.01 18.95 -2.13
N LYS D 90 24.77 17.89 -2.36
CA LYS D 90 24.58 16.61 -1.67
C LYS D 90 25.00 16.67 -0.20
N GLY D 91 26.02 17.49 0.08
CA GLY D 91 26.55 17.67 1.43
C GLY D 91 25.56 18.35 2.36
N VAL D 92 24.96 19.43 1.88
CA VAL D 92 23.92 20.17 2.62
C VAL D 92 22.66 19.30 2.80
N THR D 93 22.32 18.54 1.75
CA THR D 93 21.20 17.61 1.80
C THR D 93 21.37 16.60 2.95
N LYS D 94 22.57 16.05 3.05
CA LYS D 94 22.91 15.04 4.04
C LYS D 94 22.84 15.62 5.46
N LEU D 95 23.26 16.87 5.60
CA LEU D 95 23.31 17.52 6.91
C LEU D 95 21.92 17.89 7.43
N PHE D 96 21.04 18.31 6.53
CA PHE D 96 19.65 18.58 6.90
C PHE D 96 18.99 17.30 7.42
N GLU D 97 19.29 16.19 6.76
CA GLU D 97 18.77 14.88 7.16
C GLU D 97 19.32 14.43 8.52
N ARG D 98 20.59 14.71 8.77
CA ARG D 98 21.23 14.38 10.06
C ARG D 98 20.65 15.19 11.21
N ILE D 99 20.36 16.46 10.94
CA ILE D 99 19.68 17.33 11.90
C ILE D 99 18.26 16.81 12.15
N TYR D 100 17.53 16.51 11.08
CA TYR D 100 16.14 16.03 11.15
C TYR D 100 15.99 14.67 11.83
N SER D 101 17.02 13.82 11.73
CA SER D 101 16.98 12.47 12.29
C SER D 101 16.94 12.44 13.82
N THR D 102 17.39 13.52 14.46
CA THR D 102 17.31 13.67 15.90
C THR D 102 15.99 14.33 16.29
N ASP D 103 15.58 14.13 17.55
CA ASP D 103 14.34 14.71 18.07
C ASP D 103 14.36 16.24 18.04
N LEU D 104 15.47 16.83 18.47
CA LEU D 104 15.60 18.28 18.59
C LEU D 104 15.63 18.97 17.24
N GLY D 105 16.25 18.33 16.26
CA GLY D 105 16.32 18.85 14.91
C GLY D 105 14.96 18.82 14.21
N ARG D 106 14.23 17.73 14.44
CA ARG D 106 12.89 17.57 13.89
C ARG D 106 11.96 18.68 14.37
N MET D 107 12.15 19.10 15.61
CA MET D 107 11.41 20.22 16.18
C MET D 107 11.80 21.53 15.51
N LEU D 108 13.11 21.79 15.42
CA LEU D 108 13.63 23.06 14.91
C LEU D 108 13.24 23.31 13.46
N LEU D 109 13.41 22.29 12.61
CA LEU D 109 13.09 22.39 11.19
C LEU D 109 11.60 22.54 10.93
N THR D 110 10.77 22.08 11.87
CA THR D 110 9.33 22.29 11.81
C THR D 110 9.00 23.75 12.14
N SER D 111 9.71 24.31 13.13
CA SER D 111 9.54 25.70 13.53
C SER D 111 10.01 26.67 12.44
N ILE D 112 11.09 26.30 11.76
CA ILE D 112 11.67 27.11 10.69
C ILE D 112 10.75 27.25 9.49
N VAL D 113 10.04 26.18 9.16
CA VAL D 113 9.08 26.19 8.05
C VAL D 113 7.83 27.00 8.43
N ARG D 114 7.37 26.82 9.67
CA ARG D 114 6.20 27.54 10.19
C ARG D 114 6.44 29.04 10.32
N GLY D 115 7.71 29.42 10.50
CA GLY D 115 8.09 30.80 10.70
C GLY D 115 8.05 31.66 9.44
N ILE D 116 6.87 31.72 8.82
CA ILE D 116 6.66 32.58 7.65
C ILE D 116 6.72 34.05 8.08
N PRO D 117 7.59 34.84 7.43
CA PRO D 117 7.72 36.28 7.70
C PRO D 117 6.37 37.00 7.60
N PHE D 118 6.13 37.91 8.54
CA PHE D 118 4.83 38.59 8.66
C PHE D 118 4.50 39.49 7.47
N TRP D 119 3.21 39.52 7.12
CA TRP D 119 2.70 40.35 6.03
C TRP D 119 2.42 41.77 6.50
N GLY D 120 3.49 42.53 6.70
CA GLY D 120 3.38 43.91 7.16
C GLY D 120 3.99 44.91 6.19
N GLY D 121 3.82 44.66 4.89
CA GLY D 121 4.36 45.53 3.85
C GLY D 121 3.47 46.70 3.51
N SER D 122 2.21 46.63 3.98
CA SER D 122 1.20 47.65 3.67
C SER D 122 1.40 48.93 4.48
N THR D 123 1.22 50.06 3.81
CA THR D 123 1.27 51.38 4.45
C THR D 123 -0.05 51.72 5.14
N ILE D 124 -1.14 51.19 4.60
CA ILE D 124 -2.47 51.31 5.21
C ILE D 124 -2.57 50.27 6.33
N ASP D 125 -2.98 50.71 7.51
CA ASP D 125 -2.97 49.89 8.73
C ASP D 125 -3.98 48.73 8.74
N THR D 126 -5.00 48.81 7.90
CA THR D 126 -6.07 47.81 7.86
C THR D 126 -5.85 46.73 6.79
N GLU D 127 -4.69 46.76 6.13
CA GLU D 127 -4.38 45.80 5.07
C GLU D 127 -3.17 44.91 5.38
N LEU D 128 -3.22 43.68 4.88
CA LEU D 128 -2.10 42.76 4.95
C LEU D 128 -1.49 42.61 3.56
N LYS D 129 -0.22 43.03 3.44
CA LYS D 129 0.51 42.90 2.18
C LYS D 129 1.89 42.29 2.43
N VAL D 130 2.28 41.37 1.56
CA VAL D 130 3.57 40.69 1.65
C VAL D 130 4.71 41.64 1.30
N ILE D 131 5.75 41.63 2.12
CA ILE D 131 6.97 42.40 1.85
C ILE D 131 7.75 41.69 0.74
N ASP D 132 8.09 42.44 -0.31
CA ASP D 132 8.70 41.86 -1.53
C ASP D 132 10.09 41.25 -1.31
N THR D 133 10.81 41.71 -0.28
CA THR D 133 12.14 41.18 0.03
C THR D 133 12.08 39.78 0.66
N ASN D 134 10.88 39.38 1.09
CA ASN D 134 10.67 38.06 1.68
C ASN D 134 10.32 36.99 0.63
N CYS D 135 10.48 37.33 -0.64
CA CYS D 135 10.11 36.46 -1.75
C CYS D 135 11.27 36.28 -2.73
N ILE D 136 11.12 35.31 -3.64
CA ILE D 136 12.03 35.14 -4.77
C ILE D 136 11.25 35.01 -6.08
N ASN D 137 11.91 35.30 -7.19
CA ASN D 137 11.31 35.12 -8.51
C ASN D 137 11.80 33.84 -9.17
N VAL D 138 10.87 32.89 -9.35
CA VAL D 138 11.19 31.60 -9.95
C VAL D 138 10.92 31.64 -11.46
N ILE D 139 11.99 31.54 -12.24
CA ILE D 139 11.90 31.62 -13.70
C ILE D 139 11.50 30.28 -14.33
N GLN D 140 10.46 30.33 -15.16
CA GLN D 140 9.92 29.17 -15.85
C GLN D 140 10.67 28.91 -17.16
N PRO D 141 10.62 27.65 -17.67
CA PRO D 141 11.24 27.31 -18.96
C PRO D 141 10.67 28.07 -20.16
N ASP D 142 9.40 28.48 -20.09
CA ASP D 142 8.75 29.18 -21.20
C ASP D 142 9.20 30.64 -21.37
N GLY D 143 9.72 31.23 -20.30
CA GLY D 143 10.23 32.61 -20.34
C GLY D 143 9.76 33.49 -19.20
N SER D 144 8.51 33.28 -18.76
CA SER D 144 7.93 34.06 -17.68
C SER D 144 8.42 33.60 -16.30
N TYR D 145 8.01 34.33 -15.27
CA TYR D 145 8.41 34.02 -13.90
C TYR D 145 7.21 34.13 -12.95
N ARG D 146 7.35 33.54 -11.77
CA ARG D 146 6.37 33.70 -10.70
C ARG D 146 7.03 33.96 -9.34
N SER D 147 6.47 34.90 -8.59
CA SER D 147 6.97 35.22 -7.25
C SER D 147 6.55 34.14 -6.25
N GLU D 148 7.49 33.72 -5.41
CA GLU D 148 7.25 32.66 -4.44
C GLU D 148 7.77 33.04 -3.05
N GLU D 149 6.93 32.83 -2.04
CA GLU D 149 7.31 33.03 -0.65
C GLU D 149 8.23 31.93 -0.15
N LEU D 150 9.20 32.30 0.69
CA LEU D 150 10.14 31.35 1.28
C LEU D 150 10.69 31.85 2.61
N ASN D 151 11.25 30.94 3.39
CA ASN D 151 11.76 31.26 4.72
C ASN D 151 13.30 31.20 4.83
N LEU D 152 13.90 30.31 4.04
CA LEU D 152 15.32 30.01 4.18
C LEU D 152 16.02 29.79 2.84
N VAL D 153 17.23 30.34 2.72
CA VAL D 153 18.06 30.13 1.54
C VAL D 153 19.50 29.81 1.97
N ILE D 154 20.00 28.65 1.56
CA ILE D 154 21.37 28.26 1.84
C ILE D 154 22.25 28.53 0.63
N ILE D 155 23.11 29.54 0.75
CA ILE D 155 24.05 29.92 -0.30
C ILE D 155 25.47 29.54 0.11
N GLY D 156 26.40 29.56 -0.83
CA GLY D 156 27.82 29.34 -0.55
C GLY D 156 28.43 30.55 0.16
N PRO D 157 29.66 30.35 0.64
CA PRO D 157 30.41 31.33 1.42
C PRO D 157 30.97 32.53 0.64
N SER D 158 31.33 33.54 1.44
CA SER D 158 31.97 34.80 1.05
C SER D 158 33.48 34.64 0.96
N ALA D 159 34.17 35.71 0.59
CA ALA D 159 35.60 35.62 0.32
C ALA D 159 36.25 34.77 1.41
N ASP D 160 35.85 34.97 2.66
CA ASP D 160 36.25 34.06 3.72
C ASP D 160 35.34 32.85 3.71
N ILE D 161 35.94 31.69 3.43
CA ILE D 161 35.18 30.46 3.18
C ILE D 161 34.55 29.89 4.46
N ILE D 162 35.26 29.96 5.57
CA ILE D 162 34.79 29.36 6.83
C ILE D 162 34.08 30.36 7.76
N GLN D 163 33.59 31.46 7.19
CA GLN D 163 32.77 32.42 7.93
C GLN D 163 31.30 32.18 7.62
N PHE D 164 30.58 31.63 8.59
CA PHE D 164 29.17 31.28 8.42
C PHE D 164 28.26 32.20 9.21
N GLU D 165 27.29 32.81 8.53
CA GLU D 165 26.41 33.81 9.14
C GLU D 165 25.00 33.81 8.56
N CYS D 166 24.06 34.37 9.32
CA CYS D 166 22.71 34.63 8.87
C CYS D 166 22.58 36.06 8.36
N LYS D 167 22.05 36.21 7.16
CA LYS D 167 21.82 37.52 6.57
C LYS D 167 20.37 37.67 6.10
N SER D 168 19.84 38.88 6.22
CA SER D 168 18.48 39.18 5.78
C SER D 168 18.35 40.62 5.28
N PHE D 169 17.41 40.83 4.36
CA PHE D 169 17.15 42.15 3.81
C PHE D 169 16.19 42.93 4.69
N GLY D 170 16.54 44.18 4.99
CA GLY D 170 15.76 45.00 5.90
C GLY D 170 14.78 45.94 5.21
N HIS D 171 13.82 46.44 5.99
CA HIS D 171 12.86 47.42 5.53
C HIS D 171 13.38 48.82 5.86
N GLU D 172 12.90 49.83 5.14
CA GLU D 172 13.36 51.20 5.34
C GLU D 172 12.99 51.75 6.73
N VAL D 173 11.78 51.41 7.20
CA VAL D 173 11.29 51.91 8.48
C VAL D 173 11.19 50.81 9.56
N LEU D 174 11.23 49.55 9.14
CA LEU D 174 11.01 48.43 10.06
C LEU D 174 12.26 47.58 10.32
N ASN D 175 12.37 47.10 11.57
CA ASN D 175 13.40 46.14 11.95
C ASN D 175 12.77 44.75 12.07
N LEU D 176 12.71 44.05 10.94
CA LEU D 176 11.95 42.79 10.81
C LEU D 176 12.44 41.67 11.73
N THR D 177 13.74 41.58 11.94
CA THR D 177 14.32 40.54 12.78
C THR D 177 14.24 40.86 14.28
N ARG D 178 13.74 42.05 14.61
CA ARG D 178 13.65 42.51 16.00
C ARG D 178 12.26 42.97 16.44
N ASN D 179 11.30 43.00 15.52
CA ASN D 179 9.95 43.46 15.84
C ASN D 179 8.89 42.35 15.90
N GLY D 180 9.32 41.11 15.71
CA GLY D 180 8.42 39.96 15.74
C GLY D 180 7.95 39.51 14.37
N TYR D 181 8.14 40.38 13.37
CA TYR D 181 7.68 40.13 12.01
C TYR D 181 8.43 38.98 11.34
N GLY D 182 9.75 39.09 11.29
CA GLY D 182 10.59 38.09 10.63
C GLY D 182 10.82 38.40 9.16
N SER D 183 11.92 37.86 8.63
CA SER D 183 12.29 38.04 7.22
C SER D 183 13.03 36.82 6.70
N THR D 184 12.94 36.58 5.39
CA THR D 184 13.62 35.46 4.73
C THR D 184 15.12 35.44 5.08
N GLN D 185 15.60 34.28 5.50
CA GLN D 185 16.97 34.14 5.99
C GLN D 185 17.91 33.55 4.95
N TYR D 186 19.09 34.15 4.85
CA TYR D 186 20.12 33.71 3.91
C TYR D 186 21.37 33.29 4.68
N ILE D 187 21.64 32.00 4.68
CA ILE D 187 22.78 31.43 5.42
C ILE D 187 23.95 31.09 4.49
N ARG D 188 25.08 31.75 4.72
CA ARG D 188 26.33 31.39 4.07
C ARG D 188 26.90 30.18 4.82
N PHE D 189 27.06 29.07 4.09
CA PHE D 189 27.54 27.83 4.69
C PHE D 189 28.26 26.94 3.69
N SER D 190 29.20 26.14 4.18
CA SER D 190 29.94 25.19 3.37
C SER D 190 30.10 23.85 4.11
N PRO D 191 29.70 22.73 3.47
CA PRO D 191 29.88 21.41 4.09
C PRO D 191 31.18 20.73 3.63
N ASP D 192 32.08 21.49 3.02
CA ASP D 192 33.35 20.95 2.50
C ASP D 192 34.53 21.40 3.34
N PHE D 193 34.27 22.26 4.32
CA PHE D 193 35.28 22.76 5.23
C PHE D 193 34.75 22.73 6.66
N THR D 194 35.62 22.39 7.61
CA THR D 194 35.26 22.41 9.03
C THR D 194 36.41 22.87 9.93
N PHE D 195 36.06 23.29 11.15
CA PHE D 195 37.04 23.82 12.11
C PHE D 195 37.78 22.72 12.85
N GLY D 196 38.95 23.06 13.36
CA GLY D 196 39.73 22.16 14.22
C GLY D 196 39.83 22.75 15.61
N PHE D 197 39.60 21.91 16.61
CA PHE D 197 39.62 22.33 18.01
C PHE D 197 40.24 21.27 18.92
N GLU D 198 40.67 21.69 20.11
CA GLU D 198 41.19 20.77 21.11
C GLU D 198 40.24 20.64 22.29
N GLU D 199 40.13 19.43 22.83
CA GLU D 199 39.28 19.17 23.99
C GLU D 199 39.89 18.14 24.93
N SER D 200 39.68 18.35 26.23
CA SER D 200 40.22 17.49 27.27
C SER D 200 39.38 17.61 28.54
N LEU D 201 38.08 17.86 28.36
CA LEU D 201 37.16 18.08 29.47
C LEU D 201 36.28 16.85 29.75
N GLU D 202 36.28 15.92 28.80
CA GLU D 202 35.49 14.69 28.93
C GLU D 202 36.38 13.44 29.00
N VAL D 203 37.52 13.58 29.66
CA VAL D 203 38.47 12.49 29.79
C VAL D 203 38.03 11.52 30.90
N ASP D 204 37.16 11.98 31.79
CA ASP D 204 36.52 11.15 32.80
C ASP D 204 35.81 9.99 32.11
N THR D 205 35.05 10.34 31.07
CA THR D 205 34.23 9.39 30.33
C THR D 205 35.07 8.59 29.33
N ASN D 206 35.99 9.26 28.65
CA ASN D 206 36.82 8.63 27.62
C ASN D 206 38.33 8.75 27.90
N PRO D 207 38.91 7.76 28.62
CA PRO D 207 40.35 7.78 28.93
C PRO D 207 41.25 7.45 27.73
N LEU D 208 40.66 6.90 26.67
CA LEU D 208 41.41 6.55 25.47
C LEU D 208 41.18 7.56 24.34
N LEU D 209 40.97 8.82 24.72
CA LEU D 209 40.71 9.91 23.79
C LEU D 209 41.94 10.24 22.94
N GLY D 210 41.71 10.59 21.68
CA GLY D 210 42.79 10.85 20.71
C GLY D 210 43.74 11.97 21.06
N ALA D 211 44.88 11.99 20.38
CA ALA D 211 46.00 12.87 20.75
C ALA D 211 45.87 14.33 20.31
N GLY D 212 45.81 14.57 19.00
CA GLY D 212 45.92 15.93 18.46
C GLY D 212 44.64 16.75 18.48
N LYS D 213 44.33 17.38 17.34
CA LYS D 213 43.12 18.17 17.20
C LYS D 213 41.95 17.31 16.74
N PHE D 214 40.74 17.72 17.14
CA PHE D 214 39.52 17.09 16.69
C PHE D 214 38.80 18.02 15.72
N ALA D 215 37.86 17.48 14.96
CA ALA D 215 37.10 18.26 13.99
C ALA D 215 35.64 18.46 14.40
N THR D 216 35.13 19.65 14.15
CA THR D 216 33.73 19.98 14.39
C THR D 216 32.87 19.26 13.35
N ASP D 217 31.78 18.65 13.83
CA ASP D 217 30.80 18.05 12.94
C ASP D 217 30.00 19.18 12.28
N PRO D 218 30.00 19.23 10.93
CA PRO D 218 29.28 20.26 10.17
C PRO D 218 27.79 20.37 10.51
N ALA D 219 27.20 19.26 10.97
CA ALA D 219 25.80 19.24 11.37
C ALA D 219 25.54 20.19 12.55
N VAL D 220 26.50 20.27 13.46
CA VAL D 220 26.43 21.19 14.59
C VAL D 220 26.59 22.63 14.10
N THR D 221 27.45 22.82 13.10
CA THR D 221 27.70 24.14 12.53
C THR D 221 26.46 24.67 11.81
N LEU D 222 25.83 23.81 11.01
CA LEU D 222 24.58 24.16 10.32
C LEU D 222 23.47 24.44 11.34
N ALA D 223 23.35 23.54 12.33
CA ALA D 223 22.37 23.70 13.40
C ALA D 223 22.50 25.04 14.11
N HIS D 224 23.75 25.44 14.36
CA HIS D 224 24.06 26.72 14.99
C HIS D 224 23.47 27.88 14.20
N GLU D 225 23.66 27.85 12.88
CA GLU D 225 23.15 28.91 12.00
C GLU D 225 21.64 28.85 11.81
N LEU D 226 21.08 27.64 11.85
CA LEU D 226 19.62 27.47 11.76
C LEU D 226 18.92 28.04 12.99
N ILE D 227 19.58 27.96 14.15
CA ILE D 227 19.08 28.57 15.39
C ILE D 227 19.05 30.10 15.24
N HIS D 228 20.07 30.66 14.60
CA HIS D 228 20.13 32.09 14.34
C HIS D 228 18.97 32.53 13.45
N ALA D 229 18.65 31.72 12.45
CA ALA D 229 17.51 31.95 11.58
C ALA D 229 16.20 31.84 12.36
N GLY D 230 16.17 30.94 13.35
CA GLY D 230 15.01 30.75 14.22
C GLY D 230 14.61 32.00 14.97
N HIS D 231 15.57 32.65 15.60
CA HIS D 231 15.32 33.91 16.32
C HIS D 231 14.95 35.03 15.36
N ARG D 232 15.44 34.93 14.13
CA ARG D 232 15.27 35.98 13.13
C ARG D 232 13.94 35.88 12.38
N LEU D 233 13.51 34.65 12.09
CA LEU D 233 12.23 34.40 11.40
C LEU D 233 11.03 34.72 12.29
N TYR D 234 11.24 34.65 13.60
CA TYR D 234 10.22 34.97 14.58
C TYR D 234 10.37 36.39 15.12
N GLY D 235 11.39 37.09 14.63
CA GLY D 235 11.64 38.49 14.98
C GLY D 235 11.97 38.71 16.44
N ILE D 236 12.69 37.74 17.04
CA ILE D 236 13.10 37.83 18.44
C ILE D 236 14.62 37.81 18.61
N ALA D 237 15.34 38.28 17.60
CA ALA D 237 16.80 38.35 17.66
C ALA D 237 17.26 39.58 18.43
N ILE D 238 18.25 39.38 19.30
CA ILE D 238 18.81 40.46 20.12
C ILE D 238 19.67 41.38 19.26
N ASN D 239 19.55 42.68 19.49
CA ASN D 239 20.29 43.70 18.74
C ASN D 239 21.78 43.39 18.63
N PRO D 240 22.31 43.33 17.39
CA PRO D 240 23.74 43.17 17.15
C PRO D 240 24.59 44.17 17.96
N ASN D 241 24.00 45.32 18.26
CA ASN D 241 24.61 46.36 19.08
C ASN D 241 24.87 45.92 20.52
N ARG D 242 24.06 44.99 21.02
CA ARG D 242 24.23 44.47 22.38
C ARG D 242 25.34 43.43 22.41
N VAL D 243 26.56 43.89 22.67
CA VAL D 243 27.74 43.02 22.72
C VAL D 243 28.29 42.90 24.14
N PHE D 244 29.01 41.81 24.39
CA PHE D 244 29.64 41.57 25.68
C PHE D 244 31.02 42.22 25.69
N LYS D 245 31.10 43.39 26.32
CA LYS D 245 32.32 44.20 26.33
C LYS D 245 33.38 43.64 27.28
N VAL D 246 34.63 43.61 26.82
CA VAL D 246 35.74 43.04 27.58
C VAL D 246 36.81 44.07 27.95
N ASN D 247 37.46 43.85 29.09
CA ASN D 247 38.62 44.64 29.49
C ASN D 247 39.85 44.22 28.69
N THR D 248 40.65 45.20 28.29
CA THR D 248 41.78 44.94 27.39
C THR D 248 43.10 45.54 27.87
N ASN D 249 43.06 46.19 29.02
CA ASN D 249 44.20 46.98 29.53
C ASN D 249 45.37 46.18 30.12
N ALA D 250 45.07 45.17 30.94
CA ALA D 250 46.10 44.35 31.60
C ALA D 250 46.88 43.45 30.64
N TYR D 251 48.01 42.93 31.10
CA TYR D 251 48.91 42.14 30.24
C TYR D 251 48.37 40.74 29.89
N TYR D 252 47.46 40.25 30.72
CA TYR D 252 46.89 38.91 30.54
C TYR D 252 45.56 38.94 29.79
N GLU D 253 44.99 40.13 29.66
CA GLU D 253 43.72 40.30 28.98
C GLU D 253 43.90 40.32 27.47
N MET D 254 42.88 39.85 26.75
CA MET D 254 42.90 39.86 25.29
C MET D 254 42.94 41.30 24.80
N SER D 255 43.39 41.48 23.56
CA SER D 255 43.42 42.80 22.93
C SER D 255 42.01 43.25 22.56
N GLY D 256 41.09 42.29 22.54
CA GLY D 256 39.68 42.53 22.21
C GLY D 256 39.04 41.26 21.72
N LEU D 257 37.72 41.17 21.84
CA LEU D 257 36.99 39.99 21.39
C LEU D 257 35.65 40.31 20.71
N GLU D 258 34.77 40.98 21.44
CA GLU D 258 33.42 41.36 20.96
C GLU D 258 32.56 40.14 20.58
N VAL D 259 31.80 39.66 21.56
CA VAL D 259 30.85 38.56 21.37
C VAL D 259 29.45 39.10 21.65
N SER D 260 28.56 38.97 20.67
CA SER D 260 27.20 39.46 20.83
C SER D 260 26.39 38.63 21.82
N PHE D 261 25.40 39.26 22.45
CA PHE D 261 24.46 38.60 23.35
C PHE D 261 23.75 37.45 22.63
N GLU D 262 23.31 37.71 21.40
CA GLU D 262 22.68 36.72 20.51
C GLU D 262 23.51 35.44 20.37
N GLU D 263 24.83 35.60 20.30
CA GLU D 263 25.75 34.48 20.12
C GLU D 263 25.86 33.60 21.37
N LEU D 264 25.94 34.23 22.54
CA LEU D 264 25.95 33.52 23.81
C LEU D 264 24.62 32.81 24.04
N ARG D 265 23.54 33.47 23.63
CA ARG D 265 22.19 32.92 23.69
C ARG D 265 22.07 31.65 22.84
N THR D 266 22.65 31.70 21.65
CA THR D 266 22.56 30.63 20.66
C THR D 266 23.35 29.38 21.06
N PHE D 267 24.48 29.57 21.74
CA PHE D 267 25.33 28.45 22.15
C PHE D 267 24.72 27.66 23.32
N GLY D 268 24.21 28.37 24.32
CA GLY D 268 23.63 27.74 25.50
C GLY D 268 24.67 27.51 26.58
N GLY D 269 24.59 26.36 27.25
CA GLY D 269 25.54 25.99 28.30
C GLY D 269 25.66 27.04 29.38
N HIS D 270 26.89 27.32 29.80
CA HIS D 270 27.16 28.41 30.75
C HIS D 270 27.09 29.75 30.05
N ASP D 271 27.44 29.76 28.77
CA ASP D 271 27.57 30.99 27.98
C ASP D 271 26.30 31.84 27.93
N ALA D 272 25.14 31.17 27.91
CA ALA D 272 23.85 31.85 27.94
C ALA D 272 23.55 32.47 29.32
N LYS D 273 24.13 31.87 30.36
CA LYS D 273 23.93 32.32 31.74
C LYS D 273 24.84 33.50 32.12
N PHE D 274 25.63 33.96 31.15
CA PHE D 274 26.44 35.17 31.31
C PHE D 274 25.56 36.41 31.38
N ILE D 275 24.42 36.35 30.69
CA ILE D 275 23.41 37.40 30.71
C ILE D 275 22.55 37.28 31.97
N ASP D 276 22.48 38.36 32.74
CA ASP D 276 21.74 38.38 34.00
C ASP D 276 20.22 38.38 33.82
N SER D 277 19.49 38.15 34.91
CA SER D 277 18.04 38.08 34.90
C SER D 277 17.36 39.37 34.46
N LEU D 278 17.88 40.51 34.90
CA LEU D 278 17.32 41.82 34.58
C LEU D 278 17.26 42.04 33.07
N GLN D 279 18.39 41.84 32.40
CA GLN D 279 18.45 41.95 30.95
C GLN D 279 17.65 40.85 30.28
N GLU D 280 17.71 39.64 30.85
CA GLU D 280 16.98 38.48 30.33
C GLU D 280 15.46 38.74 30.31
N ASN D 281 14.95 39.33 31.39
CA ASN D 281 13.53 39.67 31.49
C ASN D 281 13.14 40.87 30.65
N GLU D 282 14.10 41.75 30.38
CA GLU D 282 13.92 42.91 29.51
C GLU D 282 13.53 42.48 28.10
N PHE D 283 14.24 41.47 27.56
CA PHE D 283 14.00 40.99 26.20
C PHE D 283 12.67 40.23 26.08
N ARG D 284 12.44 39.29 26.98
CA ARG D 284 11.22 38.47 26.96
C ARG D 284 9.96 39.35 27.00
N LEU D 285 9.98 40.38 27.83
CA LEU D 285 8.87 41.33 27.95
C LEU D 285 8.80 42.26 26.73
N TYR D 286 9.95 42.57 26.14
CA TYR D 286 10.03 43.43 24.95
C TYR D 286 9.39 42.74 23.74
N TYR D 287 9.68 41.46 23.58
CA TYR D 287 9.12 40.68 22.48
C TYR D 287 7.71 40.17 22.80
N TYR D 288 7.33 40.24 24.07
CA TYR D 288 5.97 39.95 24.50
C TYR D 288 5.01 41.01 23.97
N ASN D 289 5.40 42.28 24.15
CA ASN D 289 4.63 43.42 23.66
C ASN D 289 4.62 43.52 22.13
N LYS D 290 5.74 43.13 21.52
CA LYS D 290 5.86 43.11 20.06
C LYS D 290 4.96 42.05 19.44
N PHE D 291 4.81 40.92 20.11
CA PHE D 291 3.88 39.86 19.70
C PHE D 291 2.44 40.32 19.80
N LYS D 292 2.16 41.18 20.77
CA LYS D 292 0.82 41.76 20.96
C LYS D 292 0.47 42.77 19.87
N ASP D 293 1.50 43.41 19.30
CA ASP D 293 1.34 44.36 18.19
C ASP D 293 0.91 43.64 16.91
N ILE D 294 1.38 42.40 16.74
CA ILE D 294 0.93 41.55 15.64
C ILE D 294 -0.56 41.20 15.81
N ALA D 295 -0.96 40.92 17.05
CA ALA D 295 -2.35 40.65 17.39
C ALA D 295 -3.24 41.87 17.16
N SER D 296 -2.72 43.05 17.48
CA SER D 296 -3.42 44.33 17.24
C SER D 296 -3.59 44.61 15.75
N THR D 297 -2.58 44.25 14.96
CA THR D 297 -2.61 44.44 13.51
C THR D 297 -3.53 43.41 12.83
N LEU D 298 -3.64 42.23 13.43
CA LEU D 298 -4.52 41.18 12.91
C LEU D 298 -6.00 41.46 13.18
N ASN D 299 -6.28 42.13 14.30
CA ASN D 299 -7.64 42.52 14.66
C ASN D 299 -8.17 43.67 13.83
N LYS D 300 -7.25 44.52 13.35
CA LYS D 300 -7.59 45.66 12.53
C LYS D 300 -7.59 45.33 11.03
N ALA D 301 -7.18 44.10 10.72
CA ALA D 301 -7.11 43.62 9.33
C ALA D 301 -8.50 43.48 8.70
N LYS D 302 -8.67 44.14 7.56
CA LYS D 302 -9.96 44.14 6.85
C LYS D 302 -9.89 43.38 5.53
N SER D 303 -8.80 43.57 4.80
CA SER D 303 -8.62 42.93 3.49
C SER D 303 -7.18 42.50 3.22
N ILE D 304 -7.01 41.66 2.21
CA ILE D 304 -5.70 41.15 1.81
C ILE D 304 -5.43 41.47 0.33
N VAL D 305 -4.19 41.84 0.02
CA VAL D 305 -3.80 42.20 -1.35
C VAL D 305 -2.58 41.42 -1.85
N GLY D 306 -2.60 41.10 -3.14
CA GLY D 306 -1.47 40.45 -3.80
C GLY D 306 -1.50 38.92 -3.78
N THR D 307 -2.66 38.34 -3.51
CA THR D 307 -2.82 36.88 -3.46
C THR D 307 -4.27 36.45 -3.69
N THR D 308 -4.46 35.20 -4.10
CA THR D 308 -5.80 34.64 -4.32
C THR D 308 -6.40 34.09 -3.03
N ALA D 309 -5.54 33.67 -2.09
CA ALA D 309 -5.96 33.10 -0.82
C ALA D 309 -6.73 34.10 0.05
N SER D 310 -7.67 33.59 0.84
CA SER D 310 -8.54 34.43 1.67
C SER D 310 -7.82 35.00 2.90
N LEU D 311 -8.39 36.07 3.44
CA LEU D 311 -7.88 36.73 4.65
C LEU D 311 -7.97 35.81 5.86
N GLN D 312 -9.03 35.00 5.90
CA GLN D 312 -9.28 34.04 6.97
C GLN D 312 -8.14 33.00 7.08
N TYR D 313 -7.70 32.50 5.93
CA TYR D 313 -6.62 31.52 5.87
C TYR D 313 -5.29 32.10 6.37
N MET D 314 -5.00 33.34 5.96
CA MET D 314 -3.76 34.02 6.32
C MET D 314 -3.71 34.36 7.81
N LYS D 315 -4.86 34.69 8.38
CA LYS D 315 -4.98 34.94 9.82
C LYS D 315 -4.71 33.67 10.63
N ASN D 316 -5.00 32.52 10.02
CA ASN D 316 -4.79 31.22 10.65
C ASN D 316 -3.33 30.76 10.61
N VAL D 317 -2.62 31.14 9.56
CA VAL D 317 -1.19 30.82 9.42
C VAL D 317 -0.36 31.50 10.52
N PHE D 318 -0.67 32.77 10.77
CA PHE D 318 0.03 33.54 11.81
C PHE D 318 -0.54 33.26 13.21
N LYS D 319 -1.69 32.60 13.26
CA LYS D 319 -2.25 32.10 14.51
C LYS D 319 -1.43 30.88 14.96
N GLU D 320 -1.03 30.06 13.99
CA GLU D 320 -0.21 28.88 14.24
C GLU D 320 1.24 29.23 14.54
N LYS D 321 1.75 30.25 13.86
CA LYS D 321 3.14 30.67 14.02
C LYS D 321 3.41 31.24 15.42
N TYR D 322 2.58 32.20 15.82
CA TYR D 322 2.80 32.93 17.07
C TYR D 322 2.04 32.33 18.27
N LEU D 323 1.42 31.17 18.05
CA LEU D 323 0.64 30.45 19.06
C LEU D 323 -0.40 31.33 19.76
N LEU D 324 -1.22 32.00 18.96
CA LEU D 324 -2.23 32.94 19.44
C LEU D 324 -3.51 32.24 19.88
N SER D 325 -4.08 32.69 20.99
CA SER D 325 -5.39 32.23 21.42
C SER D 325 -6.45 33.13 20.78
N GLU D 326 -7.54 32.52 20.33
CA GLU D 326 -8.63 33.27 19.71
C GLU D 326 -9.95 33.15 20.46
N ASP D 327 -10.76 34.20 20.39
CA ASP D 327 -12.05 34.26 21.06
C ASP D 327 -13.15 33.68 20.16
N THR D 328 -14.33 33.45 20.73
CA THR D 328 -15.48 32.96 19.95
C THR D 328 -16.01 34.02 18.99
N SER D 329 -15.74 35.29 19.29
CA SER D 329 -16.10 36.40 18.42
C SER D 329 -15.24 36.46 17.16
N GLY D 330 -13.95 36.19 17.32
CA GLY D 330 -13.00 36.19 16.20
C GLY D 330 -11.76 37.03 16.43
N LYS D 331 -11.62 37.53 17.67
CA LYS D 331 -10.48 38.37 18.05
C LYS D 331 -9.25 37.52 18.40
N PHE D 332 -8.07 38.13 18.32
CA PHE D 332 -6.81 37.46 18.68
C PHE D 332 -6.18 38.07 19.93
N SER D 333 -5.53 37.22 20.73
CA SER D 333 -4.79 37.67 21.91
C SER D 333 -3.61 36.74 22.21
N VAL D 334 -2.55 37.31 22.78
CA VAL D 334 -1.35 36.56 23.13
C VAL D 334 -1.45 36.03 24.57
N ASP D 335 -1.31 34.72 24.73
CA ASP D 335 -1.36 34.09 26.05
C ASP D 335 -0.01 34.16 26.75
N LYS D 336 -0.03 34.61 28.00
CA LYS D 336 1.18 34.78 28.82
C LYS D 336 1.95 33.47 28.96
N LEU D 337 1.24 32.39 29.27
CA LEU D 337 1.84 31.09 29.52
C LEU D 337 2.34 30.43 28.23
N LYS D 338 1.55 30.56 27.17
CA LYS D 338 1.90 29.98 25.87
C LYS D 338 3.02 30.72 25.15
N PHE D 339 3.15 32.02 25.41
CA PHE D 339 4.27 32.80 24.86
C PHE D 339 5.58 32.36 25.49
N ASP D 340 5.59 32.25 26.83
CA ASP D 340 6.75 31.81 27.58
C ASP D 340 7.26 30.44 27.10
N LYS D 341 6.32 29.54 26.82
CA LYS D 341 6.64 28.21 26.28
C LYS D 341 7.31 28.30 24.90
N LEU D 342 6.80 29.19 24.06
CA LEU D 342 7.36 29.41 22.72
C LEU D 342 8.72 30.11 22.78
N TYR D 343 8.81 31.12 23.64
CA TYR D 343 10.05 31.89 23.82
C TYR D 343 11.17 31.01 24.36
N LYS D 344 10.88 30.25 25.41
CA LYS D 344 11.84 29.33 26.01
C LYS D 344 12.33 28.28 25.00
N MET D 345 11.45 27.86 24.11
CA MET D 345 11.81 26.88 23.08
C MET D 345 12.84 27.44 22.09
N LEU D 346 12.56 28.62 21.56
CA LEU D 346 13.43 29.25 20.57
C LEU D 346 14.73 29.78 21.17
N THR D 347 14.70 30.13 22.45
CA THR D 347 15.84 30.75 23.14
C THR D 347 16.74 29.74 23.86
N GLU D 348 16.13 28.90 24.70
CA GLU D 348 16.88 28.06 25.63
C GLU D 348 16.86 26.58 25.27
N ILE D 349 15.89 26.17 24.45
CA ILE D 349 15.79 24.77 24.02
C ILE D 349 16.58 24.52 22.73
N TYR D 350 16.37 25.36 21.72
CA TYR D 350 17.19 25.31 20.52
C TYR D 350 18.52 25.99 20.78
N THR D 351 19.47 25.23 21.32
CA THR D 351 20.83 25.73 21.56
C THR D 351 21.86 24.73 21.03
N GLU D 352 23.07 25.23 20.74
CA GLU D 352 24.14 24.41 20.19
C GLU D 352 24.53 23.27 21.14
N ASP D 353 24.64 23.59 22.43
CA ASP D 353 25.02 22.60 23.43
C ASP D 353 24.00 21.47 23.56
N ASN D 354 22.72 21.80 23.37
CA ASN D 354 21.65 20.80 23.35
C ASN D 354 21.74 19.87 22.14
N PHE D 355 22.15 20.41 21.00
CA PHE D 355 22.35 19.60 19.79
C PHE D 355 23.49 18.60 19.96
N VAL D 356 24.55 19.03 20.63
CA VAL D 356 25.70 18.17 20.94
C VAL D 356 25.25 16.94 21.73
N LYS D 357 24.27 17.13 22.60
CA LYS D 357 23.71 16.04 23.40
C LYS D 357 23.03 14.99 22.53
N PHE D 358 22.28 15.44 21.53
CA PHE D 358 21.56 14.56 20.62
C PHE D 358 22.46 13.94 19.55
N PHE D 359 23.52 14.63 19.16
CA PHE D 359 24.42 14.13 18.12
C PHE D 359 25.46 13.13 18.63
N LYS D 360 25.67 13.13 19.94
CA LYS D 360 26.67 12.27 20.58
C LYS D 360 28.05 12.43 19.94
N VAL D 361 28.45 13.68 19.72
CA VAL D 361 29.74 14.02 19.14
C VAL D 361 30.56 14.88 20.09
N LEU D 362 31.83 15.09 19.75
CA LEU D 362 32.70 15.99 20.49
C LEU D 362 32.61 17.40 19.91
N ASN D 363 32.50 18.38 20.81
CA ASN D 363 32.33 19.78 20.44
C ASN D 363 32.92 20.70 21.51
N ARG D 364 33.15 21.96 21.16
CA ARG D 364 33.56 22.98 22.12
C ARG D 364 32.54 23.08 23.26
N LYS D 365 33.03 23.17 24.50
CA LYS D 365 32.14 23.27 25.65
C LYS D 365 31.78 24.72 25.99
N THR D 366 32.57 25.65 25.46
CA THR D 366 32.31 27.08 25.59
C THR D 366 32.71 27.83 24.32
N TYR D 367 32.13 29.02 24.13
CA TYR D 367 32.45 29.87 22.99
C TYR D 367 33.90 30.37 23.06
N LEU D 368 34.47 30.36 24.27
CA LEU D 368 35.85 30.80 24.51
C LEU D 368 36.88 29.72 24.21
N ASN D 369 36.40 28.56 23.75
CA ASN D 369 37.24 27.50 23.22
C ASN D 369 37.37 27.74 21.71
N PHE D 370 38.30 28.62 21.36
CA PHE D 370 38.44 29.09 19.98
C PHE D 370 39.00 28.04 19.03
N ASP D 371 38.57 28.12 17.77
CA ASP D 371 39.06 27.25 16.71
C ASP D 371 40.57 27.45 16.51
N LYS D 372 41.26 26.37 16.14
CA LYS D 372 42.71 26.40 16.03
C LYS D 372 43.23 26.06 14.64
N ALA D 373 42.41 25.40 13.83
CA ALA D 373 42.80 24.98 12.48
C ALA D 373 41.60 24.88 11.54
N VAL D 374 41.88 24.56 10.28
CA VAL D 374 40.85 24.41 9.25
C VAL D 374 41.18 23.21 8.36
N PHE D 375 40.16 22.40 8.08
CA PHE D 375 40.36 21.16 7.31
C PHE D 375 39.44 21.07 6.09
N LYS D 376 39.94 20.40 5.05
CA LYS D 376 39.14 20.07 3.87
C LYS D 376 38.50 18.69 4.08
N ILE D 377 37.19 18.61 3.93
CA ILE D 377 36.43 17.39 4.20
C ILE D 377 35.52 16.99 3.03
N ASN D 378 35.15 15.71 3.00
CA ASN D 378 34.23 15.19 1.99
C ASN D 378 33.22 14.23 2.66
N ILE D 379 32.07 14.79 3.05
CA ILE D 379 31.07 14.05 3.82
C ILE D 379 30.07 13.26 2.96
N VAL D 380 30.09 13.50 1.66
CA VAL D 380 29.12 12.89 0.73
C VAL D 380 29.20 11.34 0.66
N PRO D 381 30.41 10.76 0.51
CA PRO D 381 30.49 9.30 0.50
C PRO D 381 30.10 8.68 1.86
N LYS D 382 29.38 7.58 1.82
CA LYS D 382 28.86 6.92 3.04
C LYS D 382 29.93 6.20 3.86
N VAL D 383 31.07 5.91 3.25
CA VAL D 383 32.20 5.30 3.97
C VAL D 383 32.96 6.35 4.78
N ASN D 384 32.65 7.62 4.52
CA ASN D 384 33.30 8.74 5.19
C ASN D 384 32.44 9.35 6.29
N TYR D 385 31.13 9.37 6.07
CA TYR D 385 30.19 10.11 6.92
C TYR D 385 28.78 9.54 6.74
N THR D 386 28.06 9.38 7.84
CA THR D 386 26.68 8.87 7.80
C THR D 386 25.70 9.79 8.52
N ILE D 387 24.42 9.69 8.14
CA ILE D 387 23.33 10.45 8.74
C ILE D 387 23.16 10.10 10.22
N TYR D 388 23.53 8.87 10.59
CA TYR D 388 23.31 8.38 11.94
C TYR D 388 24.48 8.58 12.91
N ASP D 389 25.70 8.53 12.37
CA ASP D 389 26.89 8.50 13.22
C ASP D 389 27.86 9.65 12.97
N GLY D 390 27.74 10.29 11.80
CA GLY D 390 28.67 11.34 11.40
C GLY D 390 30.00 10.74 10.99
N PHE D 391 31.09 11.26 11.56
CA PHE D 391 32.43 10.72 11.31
C PHE D 391 32.67 9.45 12.12
N ASN D 392 31.96 9.34 13.25
CA ASN D 392 32.17 8.25 14.20
C ASN D 392 31.37 7.00 13.85
N LEU D 393 31.78 6.34 12.76
CA LEU D 393 31.05 5.21 12.19
C LEU D 393 31.05 3.97 13.10
N ARG D 394 29.86 3.42 13.33
CA ARG D 394 29.70 2.23 14.17
C ARG D 394 30.28 0.97 13.52
N ASN D 395 30.56 -0.03 14.36
CA ASN D 395 31.20 -1.29 13.94
C ASN D 395 32.56 -1.07 13.25
N THR D 396 33.28 -0.06 13.71
CA THR D 396 34.59 0.31 13.17
C THR D 396 35.48 0.82 14.31
N ASN D 397 36.77 0.97 14.04
CA ASN D 397 37.71 1.55 14.99
C ASN D 397 37.49 3.05 15.21
N LEU D 398 36.52 3.63 14.50
CA LEU D 398 36.17 5.05 14.62
C LEU D 398 34.93 5.28 15.50
N ALA D 399 34.36 4.19 16.02
CA ALA D 399 33.16 4.26 16.84
C ALA D 399 33.43 4.73 18.27
N ALA D 400 34.58 4.32 18.81
CA ALA D 400 34.93 4.62 20.20
C ALA D 400 35.72 5.91 20.35
N ASN D 401 35.49 6.60 21.47
CA ASN D 401 36.25 7.78 21.89
C ASN D 401 36.33 8.91 20.86
N PHE D 402 35.29 9.03 20.03
CA PHE D 402 35.19 10.05 18.98
C PHE D 402 36.39 10.03 18.03
N ASN D 403 36.88 8.83 17.72
CA ASN D 403 38.05 8.66 16.86
C ASN D 403 37.82 9.09 15.41
N GLY D 404 36.56 9.08 14.97
CA GLY D 404 36.18 9.56 13.65
C GLY D 404 36.40 11.06 13.51
N GLN D 405 36.25 11.78 14.63
CA GLN D 405 36.46 13.23 14.65
C GLN D 405 37.92 13.60 14.85
N ASN D 406 38.75 12.62 15.18
CA ASN D 406 40.17 12.83 15.39
C ASN D 406 40.94 13.03 14.09
N THR D 407 41.77 14.07 14.06
CA THR D 407 42.51 14.47 12.85
C THR D 407 43.62 13.48 12.48
N GLU D 408 44.34 12.97 13.47
CA GLU D 408 45.48 12.08 13.24
C GLU D 408 45.07 10.64 12.94
N ILE D 409 44.10 10.12 13.69
CA ILE D 409 43.63 8.75 13.52
C ILE D 409 42.82 8.60 12.23
N ASN D 410 41.89 9.52 11.99
CA ASN D 410 41.10 9.54 10.77
C ASN D 410 41.67 10.53 9.74
N ASN D 411 42.99 10.49 9.58
CA ASN D 411 43.72 11.43 8.75
C ASN D 411 43.30 11.44 7.28
N MET D 412 42.65 10.35 6.86
CA MET D 412 42.17 10.18 5.50
C MET D 412 40.99 11.11 5.18
N ASN D 413 40.24 11.49 6.21
CA ASN D 413 39.06 12.34 6.06
C ASN D 413 39.32 13.83 6.28
N PHE D 414 40.52 14.17 6.73
CA PHE D 414 40.87 15.56 6.99
C PHE D 414 42.21 15.93 6.37
N THR D 415 42.19 16.92 5.47
CA THR D 415 43.40 17.48 4.89
C THR D 415 43.64 18.85 5.52
N LYS D 416 44.75 18.98 6.23
CA LYS D 416 45.08 20.24 6.91
C LYS D 416 45.44 21.34 5.91
N LEU D 417 44.76 22.47 6.03
CA LEU D 417 44.98 23.62 5.16
C LEU D 417 45.70 24.73 5.89
N LYS D 418 46.26 25.67 5.13
CA LYS D 418 46.94 26.83 5.69
C LYS D 418 45.95 27.85 6.24
N ASN D 419 46.10 28.18 7.52
CA ASN D 419 45.32 29.23 8.15
C ASN D 419 45.84 30.60 7.69
N PHE D 420 44.95 31.40 7.12
CA PHE D 420 45.35 32.71 6.58
C PHE D 420 45.53 33.78 7.66
N THR D 421 45.11 33.47 8.88
CA THR D 421 45.50 34.25 10.05
C THR D 421 46.80 33.66 10.58
N GLY D 422 47.86 34.46 10.53
CA GLY D 422 49.17 34.04 11.05
C GLY D 422 49.13 33.80 12.54
N LEU D 423 50.06 32.97 13.04
CA LEU D 423 50.11 32.62 14.46
C LEU D 423 50.30 33.84 15.37
N PHE D 424 51.09 34.80 14.90
CA PHE D 424 51.27 36.04 15.62
C PHE D 424 50.92 37.26 14.77
N GLU D 425 49.77 37.18 14.11
CA GLU D 425 49.18 38.34 13.43
C GLU D 425 48.62 39.28 14.48
N PHE D 426 47.86 38.72 15.43
CA PHE D 426 47.26 39.49 16.51
C PHE D 426 47.81 38.98 17.84
N TYR D 427 48.47 39.87 18.58
CA TYR D 427 49.25 39.47 19.75
C TYR D 427 49.49 40.62 20.72
N LYS D 428 49.87 40.24 21.95
CA LYS D 428 50.45 41.17 22.90
C LYS D 428 51.89 40.72 23.14
N LEU D 429 52.75 41.68 23.47
CA LEU D 429 54.16 41.39 23.73
C LEU D 429 54.46 41.46 25.22
N LEU D 430 54.98 40.36 25.76
CA LEU D 430 55.32 40.30 27.18
C LEU D 430 56.82 40.20 27.38
N CYS D 431 57.38 41.23 28.00
CA CYS D 431 58.83 41.36 28.13
C CYS D 431 59.25 41.25 29.58
N VAL D 432 60.50 40.82 29.78
CA VAL D 432 61.09 40.75 31.11
C VAL D 432 62.56 41.19 31.01
N ASP D 433 63.09 41.73 32.10
CA ASP D 433 64.48 42.16 32.14
C ASP D 433 65.42 40.97 31.99
N GLU D 434 66.37 41.10 31.06
CA GLU D 434 67.31 40.03 30.75
C GLU D 434 68.42 39.96 31.81
N MET D 435 68.61 38.76 32.38
CA MET D 435 69.59 38.55 33.45
C MET D 435 70.83 37.82 32.95
N ALA D 498 67.40 48.37 33.10
CA ALA D 498 67.28 47.35 32.01
C ALA D 498 67.79 47.91 30.69
N LEU D 499 68.82 47.28 30.14
CA LEU D 499 69.42 47.70 28.88
C LEU D 499 68.94 46.84 27.70
N ALA D 500 68.50 45.63 28.02
CA ALA D 500 67.97 44.69 27.03
C ALA D 500 66.84 43.87 27.64
N LEU D 501 65.83 43.57 26.81
CA LEU D 501 64.66 42.85 27.26
C LEU D 501 64.54 41.50 26.58
N GLN D 502 63.97 40.54 27.30
CA GLN D 502 63.64 39.24 26.74
C GLN D 502 62.13 39.18 26.56
N CYS D 503 61.69 39.04 25.31
CA CYS D 503 60.27 39.18 24.97
C CYS D 503 59.73 37.96 24.24
N ILE D 504 58.48 37.62 24.54
CA ILE D 504 57.76 36.57 23.82
C ILE D 504 56.44 37.10 23.27
N LYS D 505 56.03 36.57 22.13
CA LYS D 505 54.74 36.90 21.53
C LYS D 505 53.67 35.97 22.07
N VAL D 506 52.52 36.52 22.44
CA VAL D 506 51.40 35.72 22.92
C VAL D 506 50.17 36.00 22.06
N ASN D 507 49.71 34.96 21.36
CA ASN D 507 48.51 35.03 20.54
C ASN D 507 47.32 35.57 21.31
N ASN D 508 46.47 36.34 20.61
CA ASN D 508 45.30 36.99 21.19
C ASN D 508 44.30 36.01 21.82
N TRP D 509 44.09 34.87 21.17
CA TRP D 509 43.13 33.88 21.64
C TRP D 509 43.75 32.84 22.59
N ASP D 510 44.85 33.23 23.22
CA ASP D 510 45.45 32.45 24.30
C ASP D 510 45.48 33.26 25.60
N LEU D 511 44.98 34.50 25.51
CA LEU D 511 44.87 35.42 26.65
C LEU D 511 43.51 35.29 27.35
N PHE D 512 43.40 35.91 28.52
CA PHE D 512 42.22 35.74 29.38
C PHE D 512 41.02 36.61 28.99
N PHE D 513 39.83 36.12 29.32
CA PHE D 513 38.56 36.76 29.00
C PHE D 513 38.42 38.17 29.61
N SER D 514 38.14 38.23 30.91
CA SER D 514 38.03 39.49 31.67
C SER D 514 36.91 40.42 31.18
N PRO D 515 35.67 40.18 31.67
CA PRO D 515 34.51 40.97 31.26
C PRO D 515 34.32 42.23 32.09
N SER D 516 33.76 43.27 31.47
CA SER D 516 33.52 44.54 32.13
C SER D 516 32.32 44.48 33.07
N GLU D 517 32.37 45.32 34.11
CA GLU D 517 31.27 45.46 35.07
C GLU D 517 30.01 46.02 34.39
N ASP D 518 30.21 46.67 33.25
CA ASP D 518 29.12 47.26 32.46
C ASP D 518 28.15 46.21 31.93
N ASN D 519 28.60 44.96 31.89
CA ASN D 519 27.79 43.85 31.38
C ASN D 519 26.78 43.34 32.39
N PHE D 520 27.04 43.58 33.67
CA PHE D 520 26.23 43.03 34.76
C PHE D 520 25.42 44.11 35.45
N THR D 521 24.11 44.08 35.26
CA THR D 521 23.20 45.06 35.87
C THR D 521 22.15 44.37 36.73
N ASN D 522 21.82 44.98 37.85
CA ASN D 522 20.82 44.43 38.78
C ASN D 522 19.94 45.52 39.39
N ASP D 523 18.71 45.15 39.74
CA ASP D 523 17.80 46.05 40.44
C ASP D 523 17.54 45.60 41.88
N LEU D 524 18.58 45.08 42.51
CA LEU D 524 18.50 44.58 43.89
C LEU D 524 18.33 45.71 44.91
N ASN D 525 18.80 46.90 44.55
CA ASN D 525 18.67 48.10 45.40
C ASN D 525 17.26 48.71 45.36
N LYS D 526 16.48 48.31 44.36
CA LYS D 526 15.11 48.79 44.19
C LYS D 526 14.17 48.15 45.21
N GLY D 527 13.50 49.00 45.99
CA GLY D 527 12.54 48.55 47.00
C GLY D 527 11.28 47.96 46.38
N GLU D 528 10.49 47.28 47.20
CA GLU D 528 9.27 46.63 46.72
C GLU D 528 8.12 46.77 47.72
N GLU D 529 6.90 46.82 47.21
CA GLU D 529 5.70 46.93 48.03
C GLU D 529 4.92 45.61 48.07
N ILE D 530 4.87 45.00 49.25
CA ILE D 530 4.19 43.72 49.42
C ILE D 530 2.73 43.92 49.82
N THR D 531 1.83 43.33 49.04
CA THR D 531 0.39 43.40 49.28
C THR D 531 -0.20 42.01 49.48
N SER D 532 -1.53 41.93 49.43
CA SER D 532 -2.25 40.67 49.43
C SER D 532 -2.28 40.06 48.03
N ASP D 533 -2.16 40.93 47.02
CA ASP D 533 -2.20 40.54 45.61
C ASP D 533 -0.80 40.24 45.05
N THR D 534 0.20 40.19 45.93
CA THR D 534 1.60 39.98 45.53
C THR D 534 1.75 38.72 44.69
N ASN D 535 2.12 38.91 43.42
CA ASN D 535 2.28 37.82 42.47
C ASN D 535 3.56 37.02 42.75
N ILE D 536 3.38 35.74 43.09
CA ILE D 536 4.51 34.84 43.34
C ILE D 536 4.94 34.13 42.05
N GLU D 537 6.23 34.30 41.73
CA GLU D 537 6.83 33.73 40.52
C GLU D 537 6.95 32.21 40.61
N ALA D 538 6.58 31.53 39.53
CA ALA D 538 6.74 30.09 39.42
C ALA D 538 8.21 29.71 39.32
N ALA D 539 8.61 28.67 40.03
CA ALA D 539 10.01 28.23 40.08
C ALA D 539 10.55 27.88 38.69
N GLU D 540 11.61 28.56 38.30
CA GLU D 540 12.22 28.40 36.97
C GLU D 540 12.85 27.01 36.80
N GLU D 541 12.16 26.15 36.05
CA GLU D 541 12.58 24.77 35.82
C GLU D 541 13.78 24.71 34.87
N ASN D 542 14.90 24.19 35.37
CA ASN D 542 16.15 24.12 34.62
C ASN D 542 16.10 23.18 33.40
N ILE D 543 16.86 23.55 32.36
CA ILE D 543 16.90 22.82 31.09
C ILE D 543 17.54 21.44 31.25
N SER D 544 16.81 20.41 30.83
CA SER D 544 17.31 19.04 30.83
C SER D 544 16.71 18.28 29.66
N LEU D 545 17.20 17.07 29.41
CA LEU D 545 16.67 16.23 28.33
C LEU D 545 15.22 15.81 28.57
N ASP D 546 14.84 15.68 29.84
CA ASP D 546 13.47 15.35 30.22
C ASP D 546 12.50 16.47 29.84
N LEU D 547 12.94 17.72 30.01
CA LEU D 547 12.14 18.88 29.62
C LEU D 547 12.01 18.95 28.09
N ILE D 548 13.10 18.66 27.39
CA ILE D 548 13.09 18.59 25.93
C ILE D 548 12.16 17.46 25.45
N GLN D 549 12.13 16.37 26.21
CA GLN D 549 11.21 15.27 25.96
C GLN D 549 9.75 15.73 26.11
N GLN D 550 9.48 16.47 27.19
CA GLN D 550 8.13 17.00 27.48
C GLN D 550 7.66 17.93 26.38
N TYR D 551 8.54 18.81 25.90
CA TYR D 551 8.24 19.73 24.80
C TYR D 551 8.01 18.98 23.49
N TYR D 552 8.71 17.87 23.32
CA TYR D 552 8.60 17.03 22.13
C TYR D 552 7.24 16.31 22.07
N LEU D 553 6.78 15.85 23.23
CA LEU D 553 5.51 15.11 23.32
C LEU D 553 4.30 16.02 23.16
N THR D 554 4.44 17.29 23.57
CA THR D 554 3.37 18.28 23.47
C THR D 554 3.48 19.10 22.18
N PHE D 555 4.18 18.56 21.19
CA PHE D 555 4.48 19.27 19.96
C PHE D 555 3.65 18.76 18.79
N ASN D 556 3.17 19.69 17.97
CA ASN D 556 2.45 19.36 16.76
C ASN D 556 3.41 19.30 15.57
N PHE D 557 3.56 18.10 15.00
CA PHE D 557 4.47 17.88 13.87
C PHE D 557 3.72 17.85 12.55
N ASP D 558 2.55 17.20 12.59
CA ASP D 558 1.71 16.97 11.42
C ASP D 558 1.17 18.25 10.81
N ASN D 559 1.03 18.24 9.49
CA ASN D 559 0.58 19.42 8.78
C ASN D 559 1.78 20.32 8.49
N GLU D 560 1.51 21.48 7.91
CA GLU D 560 2.57 22.42 7.55
C GLU D 560 2.01 23.55 6.69
N PRO D 561 2.46 24.80 6.95
CA PRO D 561 2.01 25.95 6.15
C PRO D 561 2.30 25.75 4.66
N GLU D 562 1.23 25.69 3.87
CA GLU D 562 1.31 25.34 2.44
C GLU D 562 1.90 26.45 1.58
N ASN D 563 2.25 26.09 0.35
CA ASN D 563 2.80 27.02 -0.62
C ASN D 563 1.69 27.68 -1.44
N ILE D 564 1.19 28.81 -0.96
CA ILE D 564 0.09 29.52 -1.63
C ILE D 564 0.57 30.47 -2.73
N SER D 565 -0.28 30.65 -3.74
CA SER D 565 0.04 31.48 -4.90
C SER D 565 -0.12 32.96 -4.60
N ILE D 566 0.90 33.74 -4.95
CA ILE D 566 0.87 35.20 -4.78
C ILE D 566 1.08 35.93 -6.11
N GLU D 567 0.53 37.14 -6.21
CA GLU D 567 0.67 37.98 -7.40
C GLU D 567 2.12 38.34 -7.67
N ASN D 568 2.47 38.42 -8.96
CA ASN D 568 3.82 38.74 -9.39
C ASN D 568 4.31 40.11 -8.93
N LEU D 569 5.53 40.17 -8.43
CA LEU D 569 6.18 41.41 -8.06
C LEU D 569 7.02 41.91 -9.23
N SER D 570 7.79 42.98 -9.01
CA SER D 570 8.69 43.51 -10.03
C SER D 570 9.74 42.49 -10.46
N SER D 571 10.07 42.47 -11.75
CA SER D 571 10.98 41.46 -12.33
C SER D 571 12.31 41.34 -11.58
N ASP D 572 12.82 42.46 -11.09
CA ASP D 572 14.03 42.47 -10.27
C ASP D 572 13.70 43.14 -8.93
N ILE D 573 13.72 42.35 -7.87
CA ILE D 573 13.37 42.82 -6.53
C ILE D 573 14.51 43.67 -5.94
N ILE D 574 14.15 44.84 -5.41
CA ILE D 574 15.12 45.77 -4.82
C ILE D 574 15.25 45.54 -3.31
N GLY D 575 16.48 45.28 -2.87
CA GLY D 575 16.74 45.01 -1.45
C GLY D 575 18.14 45.33 -0.99
N GLN D 576 18.24 45.79 0.26
CA GLN D 576 19.52 46.01 0.94
C GLN D 576 19.58 45.16 2.20
N LEU D 577 20.75 44.58 2.47
CA LEU D 577 20.99 43.80 3.68
C LEU D 577 20.87 44.68 4.94
N GLU D 578 20.67 44.04 6.08
CA GLU D 578 20.57 44.76 7.35
C GLU D 578 21.83 45.56 7.66
N LEU D 579 21.67 46.72 8.29
CA LEU D 579 22.80 47.64 8.41
C LEU D 579 24.04 47.09 9.14
N MET D 580 23.83 46.45 10.29
CA MET D 580 24.96 45.89 11.04
C MET D 580 25.96 46.98 11.42
N PRO D 581 25.97 47.36 12.68
CA PRO D 581 26.88 48.42 13.14
C PRO D 581 28.35 48.02 13.02
N ASN D 582 29.18 48.98 12.61
CA ASN D 582 30.62 48.75 12.48
C ASN D 582 31.34 48.64 13.82
N ILE D 583 32.39 47.83 13.86
CA ILE D 583 33.19 47.66 15.07
C ILE D 583 34.64 48.09 14.85
N GLU D 584 35.15 48.94 15.74
CA GLU D 584 36.53 49.43 15.64
C GLU D 584 37.55 48.32 15.86
N ARG D 585 38.64 48.35 15.10
CA ARG D 585 39.69 47.35 15.23
C ARG D 585 40.45 47.47 16.55
N PHE D 586 40.74 46.34 17.17
CA PHE D 586 41.49 46.30 18.41
C PHE D 586 42.98 46.64 18.23
N PRO D 587 43.56 47.25 19.25
CA PRO D 587 44.99 47.59 19.23
C PRO D 587 45.85 46.33 19.20
N ASN D 588 46.87 46.35 18.36
CA ASN D 588 47.74 45.19 18.18
C ASN D 588 49.16 45.46 18.71
N GLY D 589 49.83 44.40 19.16
CA GLY D 589 51.22 44.47 19.57
C GLY D 589 51.50 45.27 20.81
N LYS D 590 50.52 45.33 21.72
CA LYS D 590 50.66 46.03 22.99
C LYS D 590 51.77 45.38 23.81
N LYS D 591 52.68 46.21 24.31
CA LYS D 591 53.88 45.74 24.99
C LYS D 591 53.80 45.95 26.51
N TYR D 592 54.24 44.94 27.26
CA TYR D 592 54.21 44.98 28.73
C TYR D 592 55.56 44.58 29.32
N GLU D 593 56.10 45.45 30.17
CA GLU D 593 57.36 45.20 30.86
C GLU D 593 57.10 44.73 32.29
N LEU D 594 57.55 43.52 32.60
CA LEU D 594 57.16 42.85 33.83
C LEU D 594 58.31 42.53 34.77
N ASP D 595 57.99 42.40 36.06
CA ASP D 595 58.98 42.14 37.11
C ASP D 595 59.39 40.66 37.20
N LYS D 596 58.46 39.76 36.86
CA LYS D 596 58.69 38.32 36.98
C LYS D 596 58.24 37.57 35.74
N TYR D 597 58.79 36.37 35.53
CA TYR D 597 58.32 35.46 34.50
C TYR D 597 56.84 35.14 34.73
N THR D 598 56.04 35.18 33.67
CA THR D 598 54.61 34.90 33.77
C THR D 598 54.29 33.47 33.39
N MET D 599 53.01 33.12 33.54
CA MET D 599 52.46 31.85 33.10
C MET D 599 52.81 31.58 31.64
N PHE D 600 52.65 32.59 30.79
CA PHE D 600 52.89 32.49 29.37
C PHE D 600 54.36 32.24 29.03
N HIS D 601 55.24 32.72 29.90
CA HIS D 601 56.67 32.48 29.76
C HIS D 601 57.04 31.02 30.04
N TYR D 602 56.46 30.47 31.11
CA TYR D 602 56.64 29.07 31.50
C TYR D 602 56.11 28.10 30.46
N LEU D 603 55.01 28.48 29.80
CA LEU D 603 54.41 27.67 28.75
C LEU D 603 55.21 27.74 27.45
N ARG D 604 55.81 28.90 27.19
CA ARG D 604 56.66 29.10 26.02
C ARG D 604 57.99 28.37 26.16
N ALA D 605 58.52 28.35 27.38
CA ALA D 605 59.78 27.67 27.71
C ALA D 605 59.74 26.18 27.39
N GLN D 606 58.55 25.60 27.39
CA GLN D 606 58.35 24.17 27.17
C GLN D 606 58.19 23.79 25.70
N GLU D 607 58.57 24.71 24.81
CA GLU D 607 58.42 24.49 23.37
C GLU D 607 59.76 24.39 22.63
N PHE D 608 59.76 23.63 21.54
CA PHE D 608 60.93 23.51 20.66
C PHE D 608 60.50 23.51 19.20
N GLU D 609 61.37 24.01 18.33
CA GLU D 609 61.06 24.09 16.90
C GLU D 609 61.13 22.73 16.21
N HIS D 610 60.04 22.39 15.52
CA HIS D 610 59.85 21.08 14.88
C HIS D 610 60.84 20.77 13.77
N GLY D 611 60.91 21.66 12.78
CA GLY D 611 61.67 21.42 11.56
C GLY D 611 63.16 21.70 11.65
N LYS D 612 63.71 21.69 12.86
CA LYS D 612 65.14 21.94 13.02
C LYS D 612 65.94 20.80 13.63
N SER D 613 67.26 20.92 13.51
CA SER D 613 68.22 19.95 14.02
C SER D 613 67.90 19.51 15.44
N ARG D 614 68.20 18.26 15.74
CA ARG D 614 67.80 17.66 17.00
C ARG D 614 68.99 17.49 17.93
N ILE D 615 68.75 17.78 19.21
CA ILE D 615 69.71 17.65 20.29
C ILE D 615 68.93 17.50 21.60
N ALA D 616 67.76 18.17 21.65
CA ALA D 616 66.90 18.20 22.84
C ALA D 616 67.72 18.62 24.05
N LEU D 617 67.39 18.11 25.24
CA LEU D 617 68.24 18.28 26.45
C LEU D 617 67.52 18.82 27.69
N THR D 618 66.18 18.86 27.65
CA THR D 618 65.31 19.12 28.82
C THR D 618 65.98 19.59 30.13
N ASN D 619 65.61 20.78 30.60
CA ASN D 619 66.14 21.30 31.88
C ASN D 619 65.08 21.90 32.81
N SER D 620 65.49 22.22 34.04
CA SER D 620 64.59 22.74 35.07
C SER D 620 64.72 24.25 35.27
N VAL D 621 65.35 24.94 34.33
CA VAL D 621 65.50 26.40 34.40
C VAL D 621 64.86 27.07 33.17
N ASN D 622 64.18 28.20 33.40
CA ASN D 622 63.67 29.02 32.31
C ASN D 622 64.75 29.84 31.58
N GLU D 623 65.93 29.24 31.44
CA GLU D 623 66.90 29.69 30.46
C GLU D 623 66.85 28.70 29.29
N ALA D 624 65.69 28.05 29.18
CA ALA D 624 65.31 27.26 28.02
C ALA D 624 64.85 28.19 26.90
N LEU D 625 64.48 29.42 27.28
CA LEU D 625 64.12 30.47 26.33
C LEU D 625 65.34 30.97 25.56
N LEU D 626 66.51 30.89 26.18
CA LEU D 626 67.76 31.35 25.55
C LEU D 626 68.28 30.40 24.47
N ASN D 627 68.21 29.10 24.73
CA ASN D 627 68.73 28.11 23.80
C ASN D 627 67.62 27.30 23.12
N PRO D 628 67.62 27.27 21.77
CA PRO D 628 66.66 26.50 20.99
C PRO D 628 66.84 24.98 21.14
N SER D 629 67.85 24.57 21.91
CA SER D 629 68.06 23.16 22.24
C SER D 629 67.82 22.87 23.73
N ARG D 630 67.27 23.83 24.46
CA ARG D 630 66.86 23.61 25.84
C ARG D 630 65.35 23.80 25.99
N VAL D 631 64.70 22.79 26.54
CA VAL D 631 63.26 22.80 26.75
C VAL D 631 62.97 22.66 28.23
N TYR D 632 62.12 23.53 28.75
CA TYR D 632 61.79 23.53 30.18
C TYR D 632 60.85 22.38 30.56
N THR D 633 61.02 21.87 31.78
CA THR D 633 60.13 20.85 32.34
C THR D 633 59.78 21.14 33.80
N PHE D 634 58.61 20.70 34.21
CA PHE D 634 58.20 20.83 35.62
C PHE D 634 58.37 19.51 36.38
N PHE D 635 59.00 18.54 35.71
CA PHE D 635 59.31 17.26 36.32
C PHE D 635 60.54 17.36 37.24
N SER D 636 60.82 16.27 37.95
CA SER D 636 61.95 16.20 38.88
C SER D 636 63.30 16.28 38.16
N SER D 637 64.34 16.60 38.92
CA SER D 637 65.70 16.65 38.39
C SER D 637 66.22 15.26 38.08
N ASP D 638 65.59 14.24 38.66
CA ASP D 638 65.91 12.84 38.35
C ASP D 638 65.38 12.45 36.97
N TYR D 639 64.25 13.03 36.58
CA TYR D 639 63.67 12.80 35.27
C TYR D 639 64.50 13.44 34.16
N VAL D 640 65.08 14.60 34.43
CA VAL D 640 65.95 15.27 33.45
C VAL D 640 67.26 14.51 33.25
N LYS D 641 67.79 13.94 34.32
CA LYS D 641 69.03 13.17 34.27
C LYS D 641 68.90 11.94 33.40
N LYS D 642 67.79 11.22 33.57
CA LYS D 642 67.54 9.97 32.87
C LYS D 642 67.23 10.18 31.39
N VAL D 643 66.46 11.24 31.09
CA VAL D 643 66.07 11.53 29.71
C VAL D 643 67.24 12.11 28.89
N ASN D 644 68.16 12.79 29.57
CA ASN D 644 69.30 13.44 28.91
C ASN D 644 70.55 12.56 28.84
N LYS D 645 70.41 11.29 29.25
CA LYS D 645 71.53 10.37 29.30
C LYS D 645 71.72 9.63 27.98
N ALA D 646 72.96 9.58 27.51
CA ALA D 646 73.32 8.80 26.32
C ALA D 646 73.11 7.32 26.59
N THR D 647 72.29 6.68 25.76
CA THR D 647 71.90 5.29 25.98
C THR D 647 72.40 4.37 24.87
N GLU D 648 73.03 3.28 25.28
CA GLU D 648 73.55 2.27 24.36
C GLU D 648 72.41 1.46 23.76
N ALA D 649 72.57 1.04 22.51
CA ALA D 649 71.54 0.28 21.78
C ALA D 649 71.12 -1.00 22.50
N ALA D 650 72.01 -1.54 23.32
CA ALA D 650 71.72 -2.73 24.13
C ALA D 650 70.73 -2.42 25.26
N MET D 651 70.64 -1.16 25.66
CA MET D 651 69.79 -0.76 26.79
C MET D 651 68.72 0.28 26.42
N PHE D 652 68.43 0.40 25.13
CA PHE D 652 67.47 1.37 24.62
C PHE D 652 66.03 1.09 25.09
N LEU D 653 65.53 -0.10 24.80
CA LEU D 653 64.14 -0.47 25.12
C LEU D 653 63.83 -0.43 26.62
N GLY D 654 64.80 -0.85 27.44
CA GLY D 654 64.67 -0.78 28.90
C GLY D 654 64.63 0.65 29.40
N TRP D 655 65.38 1.52 28.74
CA TRP D 655 65.41 2.96 29.04
C TRP D 655 64.09 3.63 28.65
N VAL D 656 63.56 3.26 27.48
CA VAL D 656 62.24 3.72 27.04
C VAL D 656 61.16 3.24 28.02
N GLU D 657 61.20 1.96 28.36
CA GLU D 657 60.28 1.36 29.32
C GLU D 657 60.33 2.07 30.67
N GLN D 658 61.54 2.48 31.07
CA GLN D 658 61.74 3.19 32.34
C GLN D 658 61.19 4.60 32.29
N LEU D 659 61.30 5.25 31.13
CA LEU D 659 60.81 6.63 30.96
C LEU D 659 59.30 6.73 30.92
N VAL D 660 58.64 5.71 30.37
CA VAL D 660 57.17 5.66 30.34
C VAL D 660 56.58 5.60 31.76
N TYR D 661 57.19 4.78 32.62
CA TYR D 661 56.80 4.71 34.03
C TYR D 661 57.01 6.04 34.72
N ASP D 662 58.23 6.59 34.59
CA ASP D 662 58.60 7.86 35.20
C ASP D 662 57.65 8.99 34.78
N PHE D 663 57.36 9.07 33.48
CA PHE D 663 56.41 10.04 32.93
C PHE D 663 55.04 9.91 33.59
N THR D 664 54.52 8.69 33.64
CA THR D 664 53.21 8.40 34.23
C THR D 664 53.21 8.62 35.74
N ASP D 665 54.32 8.28 36.40
CA ASP D 665 54.46 8.45 37.85
C ASP D 665 54.48 9.93 38.26
N GLU D 666 55.11 10.76 37.43
CA GLU D 666 55.16 12.20 37.65
C GLU D 666 53.80 12.84 37.44
N THR D 667 53.12 12.43 36.37
CA THR D 667 51.84 13.04 35.98
C THR D 667 50.63 12.58 36.80
N SER D 668 50.71 11.35 37.33
CA SER D 668 49.62 10.79 38.14
C SER D 668 49.58 11.36 39.55
N GLU D 669 50.74 11.78 40.03
CA GLU D 669 50.92 12.36 41.37
C GLU D 669 49.69 13.16 41.85
N VAL D 670 49.08 12.68 42.94
CA VAL D 670 47.94 13.35 43.56
C VAL D 670 48.10 13.39 45.09
N SER D 671 47.92 14.57 45.67
CA SER D 671 47.94 14.75 47.12
C SER D 671 46.53 15.00 47.63
N THR D 672 46.12 14.26 48.66
CA THR D 672 44.84 14.49 49.32
C THR D 672 44.98 15.50 50.45
N THR D 673 43.88 16.14 50.82
CA THR D 673 43.86 17.13 51.91
C THR D 673 42.46 17.36 52.50
N ASP D 674 42.44 17.93 53.69
CA ASP D 674 41.19 18.34 54.34
C ASP D 674 41.40 19.67 55.07
N LYS D 675 42.59 20.24 54.88
CA LYS D 675 42.98 21.49 55.56
C LYS D 675 42.53 22.74 54.82
N ILE D 676 42.09 22.56 53.56
CA ILE D 676 41.59 23.68 52.75
C ILE D 676 40.07 23.77 52.83
N ALA D 677 39.40 22.62 52.69
CA ALA D 677 37.94 22.52 52.69
C ALA D 677 37.31 23.06 51.40
N ASP D 678 36.41 22.28 50.83
CA ASP D 678 35.85 22.49 49.48
C ASP D 678 36.83 21.99 48.42
N ILE D 679 38.12 21.97 48.77
CA ILE D 679 39.15 21.38 47.93
C ILE D 679 39.74 20.19 48.69
N THR D 680 39.58 18.99 48.12
CA THR D 680 39.99 17.76 48.78
C THR D 680 41.20 17.07 48.17
N ILE D 681 41.52 17.44 46.93
CA ILE D 681 42.75 16.97 46.27
C ILE D 681 43.59 18.13 45.74
N ILE D 682 44.89 17.90 45.56
CA ILE D 682 45.80 18.89 44.99
C ILE D 682 46.77 18.19 44.02
N ILE D 683 46.94 18.78 42.84
CA ILE D 683 48.01 18.38 41.92
C ILE D 683 49.18 19.36 42.11
N PRO D 684 50.25 18.92 42.80
CA PRO D 684 51.32 19.81 43.25
C PRO D 684 52.22 20.35 42.13
N TYR D 685 52.26 19.66 40.99
CA TYR D 685 53.15 20.06 39.90
C TYR D 685 52.61 21.19 39.01
N ILE D 686 51.37 21.61 39.26
CA ILE D 686 50.77 22.75 38.57
C ILE D 686 51.54 24.04 38.88
N GLY D 687 52.11 24.11 40.08
CA GLY D 687 52.99 25.20 40.49
C GLY D 687 54.13 25.44 39.53
N PRO D 688 55.10 24.50 39.45
CA PRO D 688 56.24 24.63 38.54
C PRO D 688 55.87 24.59 37.04
N ALA D 689 54.65 24.17 36.73
CA ALA D 689 54.18 24.11 35.35
C ALA D 689 53.78 25.47 34.80
N LEU D 690 53.06 26.25 35.61
CA LEU D 690 52.51 27.53 35.15
C LEU D 690 52.96 28.74 35.99
N ASN D 691 53.86 28.50 36.94
CA ASN D 691 54.40 29.53 37.83
C ASN D 691 53.32 30.20 38.66
N ILE D 692 52.65 29.40 39.49
CA ILE D 692 51.55 29.89 40.31
C ILE D 692 52.01 30.78 41.45
N GLY D 693 51.79 32.10 41.30
CA GLY D 693 52.10 33.10 42.32
C GLY D 693 53.58 33.33 42.58
N ASN D 694 54.38 33.23 41.51
CA ASN D 694 55.85 33.30 41.58
C ASN D 694 56.42 32.53 42.78
N MET D 695 56.28 31.21 42.72
CA MET D 695 56.73 30.35 43.80
C MET D 695 57.74 29.31 43.33
N LEU D 696 57.62 28.90 42.06
CA LEU D 696 58.57 28.00 41.38
C LEU D 696 59.13 26.82 42.20
N TYR D 697 58.36 26.36 43.20
CA TYR D 697 58.71 25.19 44.02
C TYR D 697 57.49 24.35 44.32
N LYS D 698 57.64 23.03 44.23
CA LYS D 698 56.57 22.08 44.55
C LYS D 698 56.19 22.13 46.04
N ASP D 699 57.16 22.47 46.88
CA ASP D 699 56.95 22.61 48.33
C ASP D 699 56.11 23.86 48.64
N ASP D 700 56.32 24.91 47.86
CA ASP D 700 55.61 26.17 48.06
C ASP D 700 54.12 26.07 47.69
N PHE D 701 53.83 25.42 46.56
CA PHE D 701 52.47 25.42 45.99
C PHE D 701 51.41 24.77 46.88
N VAL D 702 51.73 23.60 47.43
CA VAL D 702 50.80 22.89 48.31
C VAL D 702 50.54 23.71 49.58
N GLY D 703 51.60 24.29 50.14
CA GLY D 703 51.52 25.11 51.34
C GLY D 703 50.77 26.42 51.15
N ALA D 704 50.94 27.04 49.99
CA ALA D 704 50.32 28.32 49.69
C ALA D 704 48.83 28.21 49.34
N LEU D 705 48.44 27.07 48.78
CA LEU D 705 47.04 26.79 48.49
C LEU D 705 46.25 26.60 49.79
N ILE D 706 46.90 25.99 50.78
CA ILE D 706 46.32 25.87 52.13
C ILE D 706 46.22 27.25 52.79
N PHE D 707 47.24 28.08 52.55
CA PHE D 707 47.33 29.39 53.18
C PHE D 707 46.33 30.41 52.63
N SER D 708 46.25 30.53 51.31
CA SER D 708 45.40 31.57 50.69
C SER D 708 44.20 31.07 49.89
N GLY D 709 44.09 29.76 49.69
CA GLY D 709 42.94 29.17 49.00
C GLY D 709 42.95 29.32 47.49
N ALA D 710 41.76 29.24 46.90
CA ALA D 710 41.59 29.19 45.44
C ALA D 710 42.00 30.46 44.70
N VAL D 711 42.15 31.56 45.43
CA VAL D 711 42.51 32.84 44.83
C VAL D 711 43.88 32.81 44.15
N ILE D 712 44.81 32.04 44.73
CA ILE D 712 46.20 31.99 44.27
C ILE D 712 46.34 31.51 42.83
N LEU D 713 45.30 30.85 42.32
CA LEU D 713 45.28 30.34 40.95
C LEU D 713 44.86 31.39 39.93
N LEU D 714 44.03 32.33 40.35
CA LEU D 714 43.42 33.31 39.45
C LEU D 714 44.39 34.34 38.91
N GLU D 715 44.19 34.74 37.66
CA GLU D 715 44.99 35.78 37.03
C GLU D 715 44.52 37.17 37.48
N PHE D 716 43.22 37.32 37.71
CA PHE D 716 42.65 38.55 38.26
C PHE D 716 41.50 38.28 39.23
N ILE D 717 41.41 39.09 40.27
CA ILE D 717 40.36 38.95 41.29
C ILE D 717 39.10 39.68 40.83
N PRO D 718 37.98 38.94 40.71
CA PRO D 718 36.73 39.50 40.21
C PRO D 718 36.08 40.46 41.21
N GLU D 719 35.62 41.61 40.72
CA GLU D 719 34.91 42.55 41.56
C GLU D 719 33.44 42.13 41.65
N ILE D 720 33.05 41.67 42.84
CA ILE D 720 31.66 41.31 43.11
C ILE D 720 30.99 42.44 43.91
N ALA D 721 29.97 43.05 43.32
CA ALA D 721 29.34 44.22 43.91
C ALA D 721 27.85 44.00 44.21
N ILE D 722 27.56 43.70 45.48
CA ILE D 722 26.19 43.57 45.94
C ILE D 722 25.79 44.83 46.70
N PRO D 723 24.84 45.60 46.16
CA PRO D 723 24.41 46.84 46.80
C PRO D 723 23.51 46.58 48.01
N VAL D 724 23.15 47.64 48.73
CA VAL D 724 22.20 47.53 49.84
C VAL D 724 20.84 47.13 49.27
N LEU D 725 20.36 45.96 49.69
CA LEU D 725 19.14 45.37 49.15
C LEU D 725 17.89 46.18 49.51
N GLY D 726 17.01 46.34 48.54
CA GLY D 726 15.75 47.07 48.72
C GLY D 726 14.82 46.35 49.68
N THR D 727 14.41 47.07 50.73
CA THR D 727 13.54 46.52 51.76
C THR D 727 12.10 46.42 51.28
N PHE D 728 11.27 45.72 52.06
CA PHE D 728 9.86 45.57 51.76
C PHE D 728 9.00 46.60 52.49
N ALA D 729 7.96 47.07 51.82
CA ALA D 729 6.96 47.95 52.41
C ALA D 729 5.62 47.23 52.46
N LEU D 730 5.09 47.05 53.66
CA LEU D 730 3.85 46.29 53.87
C LEU D 730 2.60 47.15 53.74
N VAL D 731 1.58 46.59 53.12
CA VAL D 731 0.27 47.24 53.01
C VAL D 731 -0.70 46.62 54.02
N SER D 732 -1.13 47.45 54.97
CA SER D 732 -2.00 46.99 56.06
C SER D 732 -3.48 47.11 55.71
N TYR D 733 -4.24 46.11 56.11
CA TYR D 733 -5.69 46.08 55.86
C TYR D 733 -6.45 46.04 57.18
N ILE D 734 -7.16 47.14 57.48
CA ILE D 734 -7.94 47.26 58.70
C ILE D 734 -9.22 46.41 58.62
N ALA D 735 -9.57 45.77 59.74
CA ALA D 735 -10.78 44.94 59.86
C ALA D 735 -10.83 43.74 58.92
N ASN D 736 -9.66 43.26 58.51
CA ASN D 736 -9.53 42.11 57.63
C ASN D 736 -8.42 41.17 58.11
N LYS D 737 -8.82 40.03 58.67
CA LYS D 737 -7.88 39.07 59.26
C LYS D 737 -7.25 38.13 58.23
N VAL D 738 -8.00 37.81 57.17
CA VAL D 738 -7.53 36.92 56.11
C VAL D 738 -6.46 37.62 55.26
N LEU D 739 -6.74 38.86 54.86
CA LEU D 739 -5.83 39.64 54.01
C LEU D 739 -4.54 40.08 54.71
N THR D 740 -4.58 40.21 56.03
CA THR D 740 -3.38 40.59 56.80
C THR D 740 -2.41 39.42 56.98
N VAL D 741 -2.94 38.21 57.10
CA VAL D 741 -2.13 37.00 57.26
C VAL D 741 -1.38 36.63 55.99
N GLN D 742 -2.08 36.67 54.85
CA GLN D 742 -1.47 36.32 53.55
C GLN D 742 -0.47 37.37 53.04
N THR D 743 -0.53 38.59 53.59
CA THR D 743 0.47 39.63 53.30
C THR D 743 1.77 39.32 54.05
N ILE D 744 1.64 38.77 55.26
CA ILE D 744 2.79 38.30 56.06
C ILE D 744 3.39 37.04 55.43
N ASP D 745 2.53 36.18 54.90
CA ASP D 745 2.96 34.96 54.21
C ASP D 745 3.67 35.28 52.89
N ASN D 746 3.14 36.25 52.15
CA ASN D 746 3.74 36.69 50.89
C ASN D 746 5.12 37.32 51.08
N ALA D 747 5.31 38.02 52.20
CA ALA D 747 6.57 38.68 52.53
C ALA D 747 7.69 37.69 52.85
N LEU D 748 7.34 36.60 53.52
CA LEU D 748 8.30 35.56 53.88
C LEU D 748 8.73 34.73 52.68
N SER D 749 7.78 34.44 51.78
CA SER D 749 8.08 33.70 50.56
C SER D 749 8.84 34.57 49.55
N LYS D 750 8.58 35.87 49.60
CA LYS D 750 9.25 36.83 48.73
C LYS D 750 10.71 37.05 49.16
N ARG D 751 11.00 36.74 50.43
CA ARG D 751 12.36 36.77 50.94
C ARG D 751 13.17 35.62 50.37
N ASN D 752 12.55 34.44 50.29
CA ASN D 752 13.18 33.26 49.69
C ASN D 752 13.56 33.50 48.23
N GLU D 753 12.73 34.26 47.52
CA GLU D 753 13.00 34.65 46.14
C GLU D 753 14.09 35.71 46.06
N LYS D 754 14.22 36.51 47.11
CA LYS D 754 15.30 37.51 47.20
C LYS D 754 16.65 36.83 47.46
N TRP D 755 16.64 35.77 48.27
CA TRP D 755 17.84 34.96 48.50
C TRP D 755 18.24 34.22 47.24
N ASP D 756 17.24 33.72 46.51
CA ASP D 756 17.45 33.07 45.23
C ASP D 756 17.99 34.07 44.20
N GLU D 757 17.47 35.30 44.24
CA GLU D 757 17.83 36.34 43.28
C GLU D 757 19.30 36.74 43.40
N VAL D 758 19.78 36.91 44.64
CA VAL D 758 21.18 37.27 44.90
C VAL D 758 22.10 36.12 44.51
N TYR D 759 21.76 34.90 44.96
CA TYR D 759 22.53 33.70 44.62
C TYR D 759 22.70 33.54 43.10
N LYS D 760 21.60 33.68 42.37
CA LYS D 760 21.61 33.59 40.91
C LYS D 760 22.52 34.65 40.28
N TYR D 761 22.47 35.86 40.83
CA TYR D 761 23.30 36.96 40.34
C TYR D 761 24.79 36.70 40.55
N ILE D 762 25.16 36.22 41.75
CA ILE D 762 26.56 35.91 42.07
C ILE D 762 27.08 34.79 41.17
N VAL D 763 26.30 33.71 41.04
CA VAL D 763 26.67 32.59 40.17
C VAL D 763 26.95 33.04 38.73
N THR D 764 26.15 34.01 38.24
CA THR D 764 26.36 34.60 36.91
C THR D 764 27.73 35.26 36.81
N ASN D 765 28.08 36.07 37.81
CA ASN D 765 29.39 36.73 37.87
C ASN D 765 30.54 35.72 37.90
N TRP D 766 30.41 34.73 38.78
CA TRP D 766 31.40 33.67 38.92
C TRP D 766 31.60 32.91 37.61
N LEU D 767 30.50 32.66 36.92
CA LEU D 767 30.49 31.86 35.71
C LEU D 767 31.25 32.52 34.56
N ALA D 768 31.37 33.84 34.61
CA ALA D 768 32.01 34.61 33.54
C ALA D 768 33.34 35.24 33.95
N LYS D 769 33.46 35.61 35.22
CA LYS D 769 34.66 36.28 35.72
C LYS D 769 35.68 35.31 36.30
N VAL D 770 35.19 34.23 36.92
CA VAL D 770 36.07 33.25 37.56
C VAL D 770 36.20 31.96 36.76
N ASN D 771 35.07 31.30 36.48
CA ASN D 771 35.06 29.98 35.86
C ASN D 771 35.73 29.94 34.49
N THR D 772 35.83 31.11 33.85
CA THR D 772 36.48 31.23 32.55
C THR D 772 38.01 31.19 32.68
N GLN D 773 38.53 31.75 33.77
CA GLN D 773 39.96 31.72 34.07
C GLN D 773 40.44 30.31 34.35
N ILE D 774 39.68 29.57 35.17
CA ILE D 774 39.97 28.16 35.44
C ILE D 774 39.93 27.37 34.13
N ASP D 775 38.92 27.63 33.30
CA ASP D 775 38.80 27.01 31.98
C ASP D 775 40.06 27.18 31.12
N LEU D 776 40.68 28.36 31.20
CA LEU D 776 41.90 28.61 30.44
C LEU D 776 43.11 27.93 31.09
N ILE D 777 43.11 27.87 32.42
CA ILE D 777 44.17 27.19 33.16
C ILE D 777 44.21 25.68 32.87
N ARG D 778 43.04 25.07 32.70
CA ARG D 778 42.99 23.64 32.35
C ARG D 778 43.41 23.38 30.90
N LYS D 779 43.04 24.27 30.01
CA LYS D 779 43.51 24.21 28.62
C LYS D 779 45.03 24.38 28.54
N LYS D 780 45.58 25.20 29.43
CA LYS D 780 47.02 25.46 29.46
C LYS D 780 47.82 24.31 30.07
N MET D 781 47.20 23.61 31.03
CA MET D 781 47.81 22.43 31.64
C MET D 781 47.87 21.25 30.68
N LYS D 782 46.84 21.12 29.85
CA LYS D 782 46.79 20.13 28.78
C LYS D 782 47.88 20.40 27.74
N GLU D 783 48.12 21.69 27.47
CA GLU D 783 49.21 22.12 26.57
C GLU D 783 50.58 21.80 27.14
N ALA D 784 50.76 22.11 28.43
CA ALA D 784 52.01 21.84 29.14
C ALA D 784 52.36 20.36 29.13
N LEU D 785 51.36 19.51 29.39
CA LEU D 785 51.54 18.05 29.38
C LEU D 785 51.91 17.53 27.99
N GLU D 786 51.26 18.06 26.96
CA GLU D 786 51.56 17.69 25.57
C GLU D 786 52.95 18.14 25.15
N ASN D 787 53.35 19.33 25.60
CA ASN D 787 54.71 19.82 25.42
C ASN D 787 55.74 18.83 25.95
N GLN D 788 55.50 18.35 27.17
CA GLN D 788 56.38 17.38 27.83
C GLN D 788 56.49 16.08 27.05
N ALA D 789 55.35 15.58 26.57
CA ALA D 789 55.31 14.37 25.76
C ALA D 789 56.07 14.52 24.44
N GLU D 790 55.87 15.65 23.77
CA GLU D 790 56.56 15.94 22.51
C GLU D 790 58.08 16.03 22.69
N ALA D 791 58.50 16.71 23.76
CA ALA D 791 59.91 16.83 24.10
C ALA D 791 60.54 15.48 24.39
N THR D 792 59.87 14.68 25.23
CA THR D 792 60.33 13.33 25.57
C THR D 792 60.40 12.41 24.35
N LYS D 793 59.41 12.48 23.47
CA LYS D 793 59.39 11.71 22.24
C LYS D 793 60.51 12.11 21.27
N ALA D 794 60.86 13.39 21.29
CA ALA D 794 61.91 13.92 20.43
C ALA D 794 63.29 13.39 20.83
N ILE D 795 63.54 13.33 22.14
CA ILE D 795 64.82 12.87 22.69
C ILE D 795 65.05 11.39 22.44
N ILE D 796 64.00 10.60 22.65
CA ILE D 796 64.04 9.15 22.44
C ILE D 796 64.22 8.80 20.96
N ASN D 797 63.44 9.44 20.09
CA ASN D 797 63.51 9.19 18.66
C ASN D 797 64.84 9.64 18.04
N TYR D 798 65.46 10.65 18.63
CA TYR D 798 66.80 11.10 18.21
C TYR D 798 67.85 10.04 18.54
N GLN D 799 67.73 9.45 19.73
CA GLN D 799 68.63 8.39 20.19
C GLN D 799 68.53 7.14 19.30
N TYR D 800 67.30 6.80 18.91
CA TYR D 800 67.03 5.68 18.03
C TYR D 800 67.62 5.90 16.64
N ASN D 801 67.62 7.14 16.19
CA ASN D 801 68.16 7.50 14.87
C ASN D 801 69.68 7.70 14.86
N GLN D 802 70.30 7.61 16.04
CA GLN D 802 71.76 7.73 16.16
C GLN D 802 72.48 6.40 15.94
N TYR D 803 71.73 5.31 16.06
CA TYR D 803 72.28 3.97 15.82
C TYR D 803 72.31 3.67 14.32
N THR D 804 72.97 2.57 13.94
CA THR D 804 73.04 2.12 12.55
C THR D 804 72.74 0.63 12.44
N GLU D 805 71.82 0.29 11.53
CA GLU D 805 71.48 -1.10 11.17
C GLU D 805 70.89 -1.97 12.26
N GLU D 806 71.29 -1.73 13.51
CA GLU D 806 70.71 -2.42 14.67
C GLU D 806 69.30 -1.93 14.96
N GLU D 807 68.88 -0.88 14.26
CA GLU D 807 67.52 -0.37 14.32
C GLU D 807 66.51 -1.37 13.75
N LYS D 808 66.90 -2.04 12.67
CA LYS D 808 66.01 -2.92 11.90
C LYS D 808 65.44 -4.06 12.74
N ASN D 809 66.29 -5.00 13.13
CA ASN D 809 65.85 -6.20 13.82
C ASN D 809 66.12 -6.16 15.33
N ASN D 810 67.31 -5.70 15.69
CA ASN D 810 67.80 -5.72 17.07
C ASN D 810 66.96 -4.90 18.05
N ILE D 811 66.44 -3.76 17.59
CA ILE D 811 65.61 -2.90 18.44
C ILE D 811 64.12 -3.10 18.18
N ASN D 812 63.71 -2.89 16.93
CA ASN D 812 62.30 -2.96 16.52
C ASN D 812 61.39 -2.06 17.37
N PHE D 813 61.48 -0.75 17.11
CA PHE D 813 60.81 0.26 17.93
C PHE D 813 59.75 1.03 17.13
N ASN D 814 58.54 1.08 17.69
CA ASN D 814 57.44 1.80 17.06
C ASN D 814 57.09 3.06 17.84
N ILE D 815 57.30 4.22 17.21
CA ILE D 815 57.07 5.52 17.84
C ILE D 815 55.59 5.79 18.13
N ASP D 816 54.71 5.18 17.33
CA ASP D 816 53.27 5.32 17.51
C ASP D 816 52.76 4.65 18.78
N ASP D 817 53.44 3.58 19.21
CA ASP D 817 53.12 2.90 20.45
C ASP D 817 53.59 3.70 21.68
N LEU D 818 54.71 4.39 21.53
CA LEU D 818 55.23 5.28 22.57
C LEU D 818 54.31 6.50 22.70
N SER D 819 53.92 7.06 21.56
CA SER D 819 53.02 8.21 21.51
C SER D 819 51.66 7.88 22.13
N SER D 820 51.16 6.68 21.82
CA SER D 820 49.88 6.21 22.34
C SER D 820 49.88 6.06 23.86
N LYS D 821 50.97 5.49 24.38
CA LYS D 821 51.13 5.26 25.82
C LYS D 821 51.22 6.57 26.60
N LEU D 822 51.99 7.52 26.10
CA LEU D 822 52.14 8.83 26.72
C LEU D 822 50.85 9.64 26.70
N ASN D 823 50.11 9.55 25.59
CA ASN D 823 48.79 10.18 25.46
C ASN D 823 47.81 9.66 26.51
N GLU D 824 47.83 8.35 26.76
CA GLU D 824 47.01 7.74 27.80
C GLU D 824 47.34 8.27 29.19
N SER D 825 48.62 8.52 29.44
CA SER D 825 49.08 9.10 30.70
C SER D 825 48.60 10.54 30.85
N ILE D 826 48.80 11.35 29.81
CA ILE D 826 48.28 12.72 29.76
C ILE D 826 46.79 12.73 30.09
N ASN D 827 46.06 11.80 29.47
CA ASN D 827 44.63 11.62 29.71
C ASN D 827 44.30 11.28 31.18
N LYS D 828 45.05 10.35 31.76
CA LYS D 828 44.85 9.97 33.16
C LYS D 828 45.29 11.07 34.13
N ALA D 829 46.18 11.94 33.68
CA ALA D 829 46.55 13.15 34.42
C ALA D 829 45.44 14.20 34.35
N MET D 830 44.89 14.41 33.16
CA MET D 830 43.84 15.41 32.95
C MET D 830 42.54 15.11 33.69
N ILE D 831 42.30 13.83 33.97
CA ILE D 831 41.18 13.42 34.83
C ILE D 831 41.34 14.06 36.22
N ASN D 832 42.54 13.97 36.77
CA ASN D 832 42.86 14.56 38.06
C ASN D 832 42.86 16.09 38.04
N ILE D 833 43.48 16.66 37.01
CA ILE D 833 43.57 18.12 36.89
C ILE D 833 42.19 18.75 36.70
N ASN D 834 41.35 18.12 35.88
CA ASN D 834 39.96 18.54 35.70
C ASN D 834 39.16 18.53 36.98
N LYS D 835 39.34 17.48 37.78
CA LYS D 835 38.68 17.33 39.07
C LYS D 835 39.15 18.41 40.05
N PHE D 836 40.46 18.64 40.08
CA PHE D 836 41.08 19.63 40.97
C PHE D 836 40.58 21.04 40.69
N LEU D 837 40.67 21.47 39.44
CA LEU D 837 40.34 22.85 39.06
C LEU D 837 38.85 23.14 39.14
N ASN D 838 38.03 22.10 38.97
CA ASN D 838 36.59 22.19 39.26
C ASN D 838 36.33 22.54 40.71
N GLN D 839 37.01 21.84 41.61
CA GLN D 839 36.90 22.08 43.04
C GLN D 839 37.30 23.51 43.41
N CYS D 840 38.43 23.97 42.85
CA CYS D 840 38.94 25.32 43.09
C CYS D 840 37.96 26.39 42.63
N SER D 841 37.41 26.21 41.44
CA SER D 841 36.43 27.12 40.87
C SER D 841 35.22 27.29 41.78
N VAL D 842 34.65 26.16 42.21
CA VAL D 842 33.51 26.15 43.13
C VAL D 842 33.90 26.65 44.52
N SER D 843 35.05 26.22 45.00
CA SER D 843 35.58 26.64 46.30
C SER D 843 35.64 28.16 46.40
N TYR D 844 36.11 28.82 45.34
CA TYR D 844 36.21 30.27 45.30
C TYR D 844 34.84 30.93 45.35
N LEU D 845 33.87 30.35 44.63
CA LEU D 845 32.49 30.80 44.66
C LEU D 845 31.90 30.70 46.07
N MET D 846 32.14 29.55 46.72
CA MET D 846 31.63 29.29 48.07
C MET D 846 32.26 30.21 49.12
N ASN D 847 33.59 30.29 49.12
CA ASN D 847 34.34 30.93 50.20
C ASN D 847 34.67 32.40 49.97
N SER D 848 34.73 32.83 48.71
CA SER D 848 35.18 34.19 48.38
C SER D 848 34.19 35.02 47.56
N MET D 849 33.03 34.45 47.26
CA MET D 849 32.01 35.18 46.50
C MET D 849 30.64 35.19 47.17
N ILE D 850 30.13 34.00 47.50
CA ILE D 850 28.84 33.85 48.18
C ILE D 850 28.71 34.64 49.50
N PRO D 851 29.77 34.65 50.36
CA PRO D 851 29.66 35.35 51.65
C PRO D 851 29.26 36.83 51.53
N TYR D 852 29.74 37.50 50.49
CA TYR D 852 29.37 38.89 50.21
C TYR D 852 27.87 39.06 50.03
N GLY D 853 27.25 38.09 49.38
CA GLY D 853 25.81 38.05 49.21
C GLY D 853 25.07 37.75 50.50
N VAL D 854 25.59 36.80 51.27
CA VAL D 854 25.00 36.38 52.54
C VAL D 854 24.87 37.55 53.54
N LYS D 855 25.94 38.32 53.67
CA LYS D 855 25.96 39.49 54.57
C LYS D 855 24.88 40.51 54.23
N ARG D 856 24.70 40.77 52.93
CA ARG D 856 23.68 41.72 52.44
C ARG D 856 22.27 41.18 52.66
N LEU D 857 22.14 39.86 52.57
CA LEU D 857 20.86 39.20 52.77
C LEU D 857 20.49 39.09 54.26
N GLU D 858 21.51 38.94 55.11
CA GLU D 858 21.31 38.90 56.57
C GLU D 858 20.93 40.27 57.12
N ASP D 859 21.44 41.31 56.48
CA ASP D 859 21.07 42.68 56.82
C ASP D 859 19.65 43.00 56.34
N PHE D 860 19.28 42.40 55.21
CA PHE D 860 17.92 42.51 54.68
C PHE D 860 16.92 41.75 55.55
N ASP D 861 17.36 40.64 56.13
CA ASP D 861 16.56 39.83 57.04
C ASP D 861 16.18 40.60 58.31
N ALA D 862 17.15 41.32 58.87
CA ALA D 862 16.96 42.10 60.09
C ALA D 862 16.00 43.26 59.90
N SER D 863 16.04 43.86 58.71
CA SER D 863 15.14 44.97 58.36
C SER D 863 13.70 44.47 58.21
N LEU D 864 13.53 43.37 57.49
CA LEU D 864 12.23 42.74 57.30
C LEU D 864 11.69 42.19 58.60
N LYS D 865 12.60 41.75 59.48
CA LYS D 865 12.26 41.24 60.80
C LYS D 865 11.52 42.29 61.64
N ASP D 866 12.13 43.46 61.79
CA ASP D 866 11.56 44.57 62.54
C ASP D 866 10.33 45.17 61.84
N ALA D 867 10.32 45.08 60.50
CA ALA D 867 9.20 45.55 59.70
C ALA D 867 7.96 44.67 59.91
N LEU D 868 8.17 43.36 60.01
CA LEU D 868 7.07 42.42 60.23
C LEU D 868 6.63 42.35 61.70
N LEU D 869 7.58 42.50 62.62
CA LEU D 869 7.29 42.52 64.05
C LEU D 869 6.43 43.72 64.43
N LYS D 870 6.70 44.86 63.78
CA LYS D 870 5.90 46.07 63.98
C LYS D 870 4.55 45.96 63.24
N TYR D 871 4.53 45.20 62.15
CA TYR D 871 3.33 44.97 61.37
C TYR D 871 2.31 44.12 62.14
N ILE D 872 2.81 43.14 62.89
CA ILE D 872 1.98 42.28 63.73
C ILE D 872 1.48 43.04 64.95
N TYR D 873 2.34 43.89 65.50
CA TYR D 873 2.01 44.71 66.67
C TYR D 873 0.95 45.78 66.35
N ASP D 874 1.00 46.31 65.12
CA ASP D 874 0.04 47.32 64.69
C ASP D 874 -1.32 46.74 64.29
N ASN D 875 -1.38 45.41 64.20
CA ASN D 875 -2.60 44.73 63.77
C ASN D 875 -2.98 43.50 64.61
N ARG D 876 -2.68 43.54 65.91
CA ARG D 876 -3.06 42.44 66.81
C ARG D 876 -4.49 42.50 67.34
N GLY D 877 -5.31 43.38 66.75
CA GLY D 877 -6.73 43.41 67.02
C GLY D 877 -7.48 42.46 66.10
N THR D 878 -7.05 42.42 64.84
CA THR D 878 -7.68 41.58 63.81
C THR D 878 -7.29 40.11 63.93
N LEU D 879 -6.09 39.84 64.44
CA LEU D 879 -5.59 38.46 64.62
C LEU D 879 -5.17 38.19 66.07
N ILE D 880 -6.16 38.13 66.96
CA ILE D 880 -5.93 37.96 68.39
C ILE D 880 -5.32 36.60 68.74
N GLY D 881 -5.97 35.52 68.31
CA GLY D 881 -5.55 34.17 68.64
C GLY D 881 -4.37 33.64 67.84
N GLN D 882 -3.91 34.41 66.87
CA GLN D 882 -2.85 33.99 65.95
C GLN D 882 -1.56 34.81 66.09
N VAL D 883 -1.57 35.81 66.96
CA VAL D 883 -0.44 36.73 67.13
C VAL D 883 0.81 36.08 67.74
N ASP D 884 0.61 35.27 68.77
CA ASP D 884 1.70 34.56 69.45
C ASP D 884 2.35 33.53 68.53
N ARG D 885 1.52 32.89 67.70
CA ARG D 885 1.97 31.89 66.71
C ARG D 885 2.80 32.54 65.59
N LEU D 886 2.26 33.57 64.96
CA LEU D 886 2.93 34.28 63.86
C LEU D 886 4.21 35.00 64.30
N LYS D 887 4.23 35.47 65.54
CA LYS D 887 5.42 36.13 66.12
C LYS D 887 6.61 35.17 66.17
N ASP D 888 6.31 33.88 66.36
CA ASP D 888 7.33 32.83 66.39
C ASP D 888 7.80 32.47 64.97
N LYS D 889 6.85 32.43 64.03
CA LYS D 889 7.14 32.08 62.63
C LYS D 889 8.10 33.08 61.99
N VAL D 890 7.83 34.37 62.22
CA VAL D 890 8.67 35.46 61.69
C VAL D 890 10.06 35.41 62.32
N ASN D 891 10.11 35.13 63.61
CA ASN D 891 11.36 35.10 64.37
C ASN D 891 12.28 33.93 64.01
N ASN D 892 11.68 32.80 63.63
CA ASN D 892 12.42 31.59 63.31
C ASN D 892 12.94 31.54 61.87
N THR D 893 12.09 31.91 60.91
CA THR D 893 12.43 31.85 59.49
C THR D 893 13.55 32.83 59.12
N LEU D 894 13.44 34.06 59.63
CA LEU D 894 14.38 35.12 59.28
C LEU D 894 15.73 35.02 60.01
N SER D 895 15.77 34.23 61.08
CA SER D 895 17.00 34.05 61.86
C SER D 895 17.96 33.06 61.20
N THR D 896 17.42 32.19 60.35
CA THR D 896 18.22 31.17 59.65
C THR D 896 18.54 31.56 58.21
N ASP D 897 19.72 31.17 57.75
CA ASP D 897 20.13 31.42 56.37
C ASP D 897 19.55 30.37 55.44
N ILE D 898 19.19 30.78 54.23
CA ILE D 898 18.75 29.82 53.21
C ILE D 898 19.99 29.15 52.61
N PRO D 899 20.06 27.80 52.72
CA PRO D 899 21.22 27.04 52.24
C PRO D 899 21.41 27.18 50.72
N PHE D 900 22.67 27.39 50.32
CA PHE D 900 23.01 27.56 48.91
C PHE D 900 23.21 26.21 48.21
N GLN D 901 22.34 25.93 47.24
CA GLN D 901 22.43 24.70 46.45
C GLN D 901 22.91 25.02 45.04
N LEU D 902 24.10 24.54 44.69
CA LEU D 902 24.70 24.81 43.39
C LEU D 902 23.90 24.20 42.23
N SER D 903 23.30 23.04 42.49
CA SER D 903 22.50 22.32 41.48
C SER D 903 21.23 23.04 41.06
N LYS D 904 20.90 24.12 41.77
CA LYS D 904 19.71 24.92 41.50
C LYS D 904 19.95 25.95 40.40
N TYR D 905 21.22 26.30 40.18
CA TYR D 905 21.59 27.38 39.25
C TYR D 905 22.46 26.90 38.09
N VAL D 906 23.22 25.84 38.32
CA VAL D 906 24.14 25.29 37.32
C VAL D 906 23.66 23.91 36.86
N ASP D 907 23.35 23.81 35.57
CA ASP D 907 22.83 22.57 34.99
C ASP D 907 23.94 21.57 34.65
N ASN D 908 25.16 22.08 34.53
CA ASN D 908 26.33 21.28 34.19
C ASN D 908 26.60 20.17 35.20
N GLN D 909 26.96 18.99 34.69
CA GLN D 909 27.06 17.78 35.51
C GLN D 909 28.38 17.66 36.26
N ARG D 910 29.47 18.03 35.59
CA ARG D 910 30.82 17.85 36.14
C ARG D 910 31.20 18.89 37.22
N LEU D 911 30.53 20.05 37.18
CA LEU D 911 30.70 21.06 38.22
C LEU D 911 30.00 20.65 39.52
N LEU D 912 28.99 19.79 39.39
CA LEU D 912 28.23 19.30 40.54
C LEU D 912 28.77 17.97 41.07
N SER D 913 29.40 17.19 40.20
CA SER D 913 29.82 15.81 40.51
C SER D 913 30.89 15.72 41.62
N THR D 914 31.83 16.65 41.62
CA THR D 914 32.96 16.64 42.57
C THR D 914 32.73 17.55 43.80
N LEU D 915 31.50 17.55 44.31
CA LEU D 915 31.18 18.28 45.54
C LEU D 915 31.58 17.49 46.78
#